data_1K0S
#
_entry.id   1K0S
#
_cell.length_a   ?
_cell.length_b   ?
_cell.length_c   ?
_cell.angle_alpha   ?
_cell.angle_beta   ?
_cell.angle_gamma   ?
#
_entity_poly.entity_id   1
_entity_poly.type   'polypeptide(L)'
_entity_poly.pdbx_seq_one_letter_code
;MKTLADALKEFEVLSFEIDEQALAFDVDNIEMVIEKSDITPVPKSRHFVEGVINLRGRIIPVVNLAKILGISFDEQKMKS
IIVARTKDVEVGFLVDRVLGVLRITENQLDLTNVSDKFGKKSKGLVKTDGRLIIYLDIDKIIEEITVKEGV
;
_entity_poly.pdbx_strand_id   A
#
# COMPACT_ATOMS: atom_id res chain seq x y z
N MET A 1 9.97 -16.86 14.49
CA MET A 1 9.64 -17.26 13.11
C MET A 1 9.20 -18.71 13.03
N LYS A 2 8.10 -18.96 12.33
CA LYS A 2 7.57 -20.31 12.20
C LYS A 2 8.56 -21.21 11.43
N THR A 3 9.13 -20.66 10.36
CA THR A 3 10.09 -21.38 9.52
C THR A 3 9.46 -22.57 8.81
N LEU A 4 8.85 -23.47 9.57
CA LEU A 4 8.21 -24.66 8.99
C LEU A 4 7.17 -24.26 7.94
N ALA A 5 6.46 -23.17 8.19
CA ALA A 5 5.43 -22.69 7.27
C ALA A 5 4.32 -23.72 7.12
N ASP A 6 3.08 -23.24 7.16
CA ASP A 6 1.92 -24.12 7.03
C ASP A 6 0.61 -23.31 7.09
N ALA A 7 -0.34 -23.70 6.25
CA ALA A 7 -1.64 -23.02 6.21
C ALA A 7 -1.49 -21.57 5.76
N LEU A 8 -2.46 -21.09 4.99
CA LEU A 8 -2.43 -19.73 4.48
C LEU A 8 -3.84 -19.17 4.37
N LYS A 9 -4.66 -19.39 5.40
CA LYS A 9 -6.03 -18.91 5.41
C LYS A 9 -6.07 -17.44 5.84
N GLU A 10 -5.54 -17.15 7.03
CA GLU A 10 -5.51 -15.79 7.54
C GLU A 10 -4.13 -15.20 7.43
N PHE A 11 -4.07 -13.89 7.55
CA PHE A 11 -2.85 -13.16 7.36
C PHE A 11 -2.87 -11.77 7.98
N GLU A 12 -1.74 -11.39 8.58
CA GLU A 12 -1.62 -10.08 9.19
C GLU A 12 -1.13 -9.08 8.17
N VAL A 13 -1.67 -7.88 8.22
CA VAL A 13 -1.37 -6.87 7.23
C VAL A 13 -1.59 -5.45 7.73
N LEU A 14 -1.10 -4.49 6.96
CA LEU A 14 -1.27 -3.08 7.27
C LEU A 14 -2.57 -2.61 6.64
N SER A 15 -3.40 -1.87 7.37
CA SER A 15 -4.69 -1.46 6.81
C SER A 15 -5.10 -0.07 7.22
N PHE A 16 -5.91 0.54 6.36
CA PHE A 16 -6.43 1.88 6.57
C PHE A 16 -7.78 2.03 5.89
N GLU A 17 -8.48 3.11 6.22
CA GLU A 17 -9.78 3.36 5.63
C GLU A 17 -9.62 4.14 4.33
N ILE A 18 -10.39 3.76 3.33
CA ILE A 18 -10.32 4.37 2.02
C ILE A 18 -11.71 4.63 1.44
N ASP A 19 -12.22 5.84 1.69
CA ASP A 19 -13.53 6.25 1.20
C ASP A 19 -14.60 5.20 1.44
N GLU A 20 -14.80 4.86 2.70
CA GLU A 20 -15.79 3.87 3.12
C GLU A 20 -15.26 2.44 3.02
N GLN A 21 -14.50 2.14 1.97
CA GLN A 21 -13.94 0.80 1.80
C GLN A 21 -12.59 0.71 2.48
N ALA A 22 -12.25 -0.48 2.97
CA ALA A 22 -10.97 -0.67 3.65
C ALA A 22 -9.87 -1.03 2.65
N LEU A 23 -8.63 -0.82 3.06
CA LEU A 23 -7.49 -1.11 2.21
C LEU A 23 -6.29 -1.57 3.04
N ALA A 24 -5.60 -2.61 2.56
CA ALA A 24 -4.47 -3.16 3.28
C ALA A 24 -3.29 -3.48 2.35
N PHE A 25 -2.07 -3.32 2.88
CA PHE A 25 -0.84 -3.60 2.14
C PHE A 25 -0.05 -4.66 2.90
N ASP A 26 0.48 -5.64 2.19
CA ASP A 26 1.26 -6.70 2.82
C ASP A 26 2.21 -6.13 3.85
N VAL A 27 1.81 -6.24 5.11
CA VAL A 27 2.58 -5.74 6.23
C VAL A 27 4.03 -6.22 6.18
N ASP A 28 4.30 -7.22 5.35
CA ASP A 28 5.66 -7.74 5.24
C ASP A 28 6.59 -6.66 4.69
N ASN A 29 6.12 -5.97 3.66
CA ASN A 29 6.89 -4.91 3.03
C ASN A 29 6.71 -3.60 3.78
N ILE A 30 5.47 -3.32 4.21
CA ILE A 30 5.16 -2.11 4.94
C ILE A 30 5.97 -2.04 6.24
N GLU A 31 6.73 -0.97 6.41
CA GLU A 31 7.56 -0.81 7.60
C GLU A 31 6.76 -0.26 8.78
N MET A 32 6.22 0.94 8.63
CA MET A 32 5.44 1.57 9.69
C MET A 32 4.71 2.81 9.19
N VAL A 33 3.64 3.17 9.89
CA VAL A 33 2.85 4.34 9.51
C VAL A 33 3.39 5.61 10.18
N ILE A 34 3.45 6.69 9.42
CA ILE A 34 3.95 7.97 9.91
C ILE A 34 2.91 9.07 9.72
N GLU A 35 2.73 9.89 10.74
CA GLU A 35 1.78 10.99 10.68
C GLU A 35 2.44 12.25 10.13
N LYS A 36 1.95 12.74 9.00
CA LYS A 36 2.51 13.93 8.38
C LYS A 36 1.61 14.43 7.24
N SER A 37 1.84 15.66 6.81
CA SER A 37 1.04 16.25 5.74
C SER A 37 1.81 17.35 5.00
N ASP A 38 1.44 17.58 3.74
CA ASP A 38 2.07 18.60 2.93
C ASP A 38 3.59 18.40 2.88
N ILE A 39 4.00 17.16 2.65
CA ILE A 39 5.42 16.82 2.56
C ILE A 39 6.05 17.40 1.30
N THR A 40 7.25 17.94 1.44
CA THR A 40 8.00 18.48 0.31
C THR A 40 7.09 19.19 -0.70
N PRO A 41 6.70 20.44 -0.40
CA PRO A 41 5.82 21.22 -1.26
C PRO A 41 6.56 22.00 -2.36
N VAL A 42 7.59 22.75 -1.97
CA VAL A 42 8.35 23.55 -2.93
C VAL A 42 9.25 22.70 -3.84
N PRO A 43 9.81 21.58 -3.32
CA PRO A 43 10.69 20.71 -4.12
C PRO A 43 9.96 19.93 -5.20
N LYS A 44 8.70 20.26 -5.44
CA LYS A 44 7.90 19.57 -6.46
C LYS A 44 8.70 19.42 -7.74
N SER A 45 8.30 18.48 -8.58
CA SER A 45 8.97 18.29 -9.84
C SER A 45 8.25 17.23 -10.68
N ARG A 46 8.03 16.07 -10.10
CA ARG A 46 7.35 14.98 -10.80
C ARG A 46 5.83 15.25 -10.85
N HIS A 47 5.04 14.36 -10.25
CA HIS A 47 3.58 14.53 -10.25
C HIS A 47 2.94 13.54 -9.27
N PHE A 48 3.32 12.27 -9.39
CA PHE A 48 2.79 11.24 -8.51
C PHE A 48 3.23 11.47 -7.07
N VAL A 49 4.53 11.63 -6.88
CA VAL A 49 5.08 11.85 -5.56
C VAL A 49 4.57 13.15 -4.97
N GLU A 50 3.68 13.04 -3.99
CA GLU A 50 3.11 14.21 -3.33
C GLU A 50 4.18 14.91 -2.50
N GLY A 51 5.13 14.13 -1.99
CA GLY A 51 6.19 14.70 -1.17
C GLY A 51 7.34 13.74 -0.95
N VAL A 52 8.30 14.16 -0.14
CA VAL A 52 9.48 13.37 0.18
C VAL A 52 10.11 13.92 1.46
N ILE A 53 11.08 13.20 2.01
CA ILE A 53 11.75 13.66 3.23
C ILE A 53 13.13 13.03 3.39
N ASN A 54 14.08 13.85 3.81
CA ASN A 54 15.46 13.39 4.01
C ASN A 54 15.65 12.87 5.42
N LEU A 55 16.33 11.73 5.55
CA LEU A 55 16.58 11.12 6.84
C LEU A 55 17.61 10.00 6.73
N ARG A 56 18.49 9.91 7.72
CA ARG A 56 19.53 8.88 7.74
C ARG A 56 20.25 8.81 6.39
N GLY A 57 20.62 9.98 5.88
CA GLY A 57 21.31 10.05 4.61
C GLY A 57 20.56 9.36 3.48
N ARG A 58 19.24 9.55 3.43
CA ARG A 58 18.42 8.95 2.39
C ARG A 58 17.03 9.56 2.37
N ILE A 59 16.62 10.06 1.20
CA ILE A 59 15.33 10.67 1.03
C ILE A 59 14.29 9.66 0.57
N ILE A 60 13.11 9.69 1.19
CA ILE A 60 12.05 8.76 0.82
C ILE A 60 10.92 9.48 0.10
N PRO A 61 10.40 8.90 -1.00
CA PRO A 61 9.32 9.48 -1.78
C PRO A 61 7.94 9.00 -1.33
N VAL A 62 7.07 9.95 -1.00
CA VAL A 62 5.73 9.62 -0.58
C VAL A 62 4.73 9.88 -1.71
N VAL A 63 3.97 8.85 -2.04
CA VAL A 63 2.96 8.93 -3.09
C VAL A 63 1.65 8.39 -2.57
N ASN A 64 0.66 8.30 -3.44
CA ASN A 64 -0.65 7.79 -3.06
C ASN A 64 -1.01 6.57 -3.89
N LEU A 65 -0.76 5.38 -3.36
CA LEU A 65 -1.09 4.16 -4.09
C LEU A 65 -2.56 4.17 -4.47
N ALA A 66 -3.37 4.77 -3.62
CA ALA A 66 -4.79 4.83 -3.89
C ALA A 66 -5.04 5.60 -5.19
N LYS A 67 -4.09 6.47 -5.54
CA LYS A 67 -4.17 7.27 -6.77
C LYS A 67 -3.70 6.44 -7.96
N ILE A 68 -2.59 5.73 -7.78
CA ILE A 68 -2.03 4.88 -8.81
C ILE A 68 -3.02 3.77 -9.12
N LEU A 69 -3.60 3.27 -8.05
CA LEU A 69 -4.59 2.23 -8.11
C LEU A 69 -5.94 2.83 -8.52
N GLY A 70 -6.35 3.86 -7.78
CA GLY A 70 -7.61 4.54 -8.04
C GLY A 70 -8.58 4.47 -6.87
N ILE A 71 -9.27 3.32 -6.73
CA ILE A 71 -10.23 3.11 -5.64
C ILE A 71 -11.16 4.30 -5.42
N SER A 72 -12.07 4.18 -4.45
CA SER A 72 -13.00 5.26 -4.12
C SER A 72 -12.20 6.51 -3.79
N PHE A 73 -11.07 6.29 -3.11
CA PHE A 73 -10.13 7.36 -2.75
C PHE A 73 -10.12 8.50 -3.76
N ASP A 74 -9.95 9.72 -3.24
CA ASP A 74 -9.90 10.91 -4.07
C ASP A 74 -9.46 12.11 -3.23
N GLU A 75 -8.50 11.86 -2.34
CA GLU A 75 -7.97 12.89 -1.45
C GLU A 75 -9.07 13.53 -0.63
N GLN A 76 -10.02 12.71 -0.18
CA GLN A 76 -11.15 13.20 0.60
C GLN A 76 -10.83 13.26 2.09
N LYS A 77 -10.58 12.10 2.70
CA LYS A 77 -10.28 12.04 4.13
C LYS A 77 -8.82 11.71 4.41
N MET A 78 -7.97 11.86 3.40
CA MET A 78 -6.53 11.59 3.56
C MET A 78 -5.95 12.38 4.75
N LYS A 79 -5.09 11.74 5.53
CA LYS A 79 -4.49 12.40 6.69
C LYS A 79 -3.20 11.71 7.16
N SER A 80 -3.24 10.40 7.31
CA SER A 80 -2.07 9.64 7.77
C SER A 80 -1.19 9.20 6.60
N ILE A 81 0.05 8.80 6.93
CA ILE A 81 1.00 8.36 5.91
C ILE A 81 1.58 7.00 6.27
N ILE A 82 2.02 6.26 5.24
CA ILE A 82 2.58 4.93 5.44
C ILE A 82 3.94 4.79 4.76
N VAL A 83 4.83 4.01 5.37
CA VAL A 83 6.16 3.79 4.82
C VAL A 83 6.33 2.32 4.42
N ALA A 84 7.14 2.07 3.39
CA ALA A 84 7.35 0.72 2.90
C ALA A 84 8.69 0.59 2.17
N ARG A 85 9.47 -0.42 2.51
CA ARG A 85 10.75 -0.66 1.83
C ARG A 85 10.50 -1.55 0.63
N THR A 86 11.05 -1.19 -0.51
CA THR A 86 10.83 -1.98 -1.71
C THR A 86 12.02 -1.96 -2.65
N LYS A 87 12.71 -3.10 -2.74
CA LYS A 87 13.86 -3.24 -3.62
C LYS A 87 14.80 -2.05 -3.49
N ASP A 88 15.13 -1.74 -2.25
CA ASP A 88 16.01 -0.62 -1.94
C ASP A 88 15.33 0.71 -2.22
N VAL A 89 14.02 0.74 -2.00
CA VAL A 89 13.23 1.95 -2.16
C VAL A 89 12.32 2.12 -0.97
N GLU A 90 12.57 3.13 -0.16
CA GLU A 90 11.71 3.35 0.97
C GLU A 90 10.59 4.26 0.50
N VAL A 91 9.53 3.58 0.09
CA VAL A 91 8.35 4.19 -0.49
C VAL A 91 7.34 4.56 0.56
N GLY A 92 6.49 5.49 0.19
CA GLY A 92 5.47 5.94 1.13
C GLY A 92 4.11 6.14 0.49
N PHE A 93 3.06 5.83 1.25
CA PHE A 93 1.68 5.98 0.77
C PHE A 93 0.82 6.68 1.82
N LEU A 94 0.23 7.80 1.43
CA LEU A 94 -0.61 8.55 2.35
C LEU A 94 -2.06 8.08 2.29
N VAL A 95 -2.64 7.85 3.46
CA VAL A 95 -4.03 7.40 3.58
C VAL A 95 -4.81 8.24 4.57
N ASP A 96 -6.05 7.85 4.81
CA ASP A 96 -6.93 8.58 5.71
C ASP A 96 -6.65 8.24 7.17
N ARG A 97 -7.10 7.07 7.56
CA ARG A 97 -6.90 6.59 8.91
C ARG A 97 -6.46 5.15 8.85
N VAL A 98 -5.19 4.94 9.12
CA VAL A 98 -4.64 3.61 9.06
C VAL A 98 -4.78 2.87 10.38
N LEU A 99 -5.54 1.80 10.30
CA LEU A 99 -5.86 0.95 11.42
C LEU A 99 -4.62 0.19 11.89
N GLY A 100 -3.71 -0.03 10.95
CA GLY A 100 -2.50 -0.76 11.26
C GLY A 100 -2.67 -2.25 11.04
N VAL A 101 -2.36 -3.05 12.06
CA VAL A 101 -2.50 -4.50 11.97
C VAL A 101 -3.90 -4.88 11.49
N LEU A 102 -3.98 -5.78 10.52
CA LEU A 102 -5.26 -6.20 9.98
C LEU A 102 -5.30 -7.71 9.77
N ARG A 103 -6.42 -8.32 10.12
CA ARG A 103 -6.59 -9.76 9.97
C ARG A 103 -7.13 -10.08 8.58
N ILE A 104 -6.27 -9.95 7.57
CA ILE A 104 -6.68 -10.23 6.20
C ILE A 104 -6.44 -11.68 5.87
N THR A 105 -7.44 -12.32 5.30
CA THR A 105 -7.28 -13.68 4.86
C THR A 105 -6.75 -13.62 3.46
N GLU A 106 -5.94 -14.57 3.07
CA GLU A 106 -5.35 -14.51 1.75
C GLU A 106 -5.40 -15.83 1.02
N ASN A 107 -6.55 -16.11 0.43
CA ASN A 107 -6.74 -17.32 -0.34
C ASN A 107 -6.05 -17.16 -1.69
N GLN A 108 -5.53 -15.95 -1.94
CA GLN A 108 -4.85 -15.65 -3.19
C GLN A 108 -3.58 -16.48 -3.32
N LEU A 109 -2.72 -16.38 -2.31
CA LEU A 109 -1.47 -17.12 -2.29
C LEU A 109 -1.67 -18.57 -1.84
N ASP A 110 -0.88 -19.46 -2.43
CA ASP A 110 -0.95 -20.87 -2.10
C ASP A 110 0.18 -21.62 -2.80
N LEU A 111 0.28 -21.43 -4.11
CA LEU A 111 1.33 -22.06 -4.90
C LEU A 111 2.49 -21.10 -5.06
N THR A 112 2.16 -19.83 -5.28
CA THR A 112 3.15 -18.77 -5.44
C THR A 112 2.46 -17.45 -5.76
N ASN A 113 1.40 -17.16 -5.01
CA ASN A 113 0.63 -15.92 -5.21
C ASN A 113 0.01 -15.89 -6.60
N VAL A 114 -1.30 -15.70 -6.65
CA VAL A 114 -2.03 -15.66 -7.89
C VAL A 114 -3.49 -15.29 -7.63
N SER A 115 -3.88 -14.11 -8.11
CA SER A 115 -5.24 -13.64 -7.93
C SER A 115 -5.49 -12.36 -8.73
N ASP A 116 -6.58 -12.33 -9.48
CA ASP A 116 -6.93 -11.16 -10.29
C ASP A 116 -8.09 -10.40 -9.69
N LYS A 117 -8.26 -10.51 -8.38
CA LYS A 117 -9.33 -9.83 -7.66
C LYS A 117 -9.35 -8.34 -7.98
N PHE A 118 -8.17 -7.77 -8.17
CA PHE A 118 -8.03 -6.35 -8.47
C PHE A 118 -6.63 -6.07 -8.97
N GLY A 119 -6.15 -6.99 -9.78
CA GLY A 119 -4.81 -6.89 -10.34
C GLY A 119 -4.71 -5.85 -11.45
N LYS A 120 -5.46 -4.77 -11.30
CA LYS A 120 -5.42 -3.70 -12.28
C LYS A 120 -4.20 -2.83 -12.06
N LYS A 121 -3.81 -2.72 -10.79
CA LYS A 121 -2.65 -1.94 -10.39
C LYS A 121 -2.12 -2.44 -9.05
N SER A 122 -2.24 -3.74 -8.81
CA SER A 122 -1.78 -4.34 -7.55
C SER A 122 -2.08 -5.84 -7.52
N LYS A 123 -2.07 -6.42 -6.32
CA LYS A 123 -2.35 -7.85 -6.18
C LYS A 123 -3.81 -8.17 -6.41
N GLY A 124 -4.71 -7.46 -5.71
CA GLY A 124 -6.12 -7.72 -5.89
C GLY A 124 -7.01 -7.30 -4.73
N LEU A 125 -8.32 -7.40 -4.96
CA LEU A 125 -9.33 -7.05 -3.97
C LEU A 125 -9.39 -8.11 -2.86
N VAL A 126 -9.64 -7.65 -1.64
CA VAL A 126 -9.73 -8.54 -0.47
C VAL A 126 -11.09 -8.44 0.21
N LYS A 127 -11.48 -9.52 0.88
CA LYS A 127 -12.76 -9.57 1.58
C LYS A 127 -12.69 -10.53 2.76
N THR A 128 -13.32 -10.16 3.86
CA THR A 128 -13.31 -10.97 5.05
C THR A 128 -14.47 -10.59 5.98
N ASP A 129 -15.03 -11.59 6.66
CA ASP A 129 -16.15 -11.38 7.58
C ASP A 129 -17.22 -10.48 6.98
N GLY A 130 -17.61 -10.79 5.75
CA GLY A 130 -18.63 -10.00 5.07
C GLY A 130 -18.27 -8.53 5.01
N ARG A 131 -17.01 -8.23 4.72
CA ARG A 131 -16.54 -6.86 4.65
C ARG A 131 -15.66 -6.67 3.43
N LEU A 132 -15.82 -5.53 2.76
CA LEU A 132 -15.04 -5.22 1.57
C LEU A 132 -13.75 -4.50 1.94
N ILE A 133 -12.66 -4.92 1.28
CA ILE A 133 -11.34 -4.34 1.53
C ILE A 133 -10.44 -4.52 0.31
N ILE A 134 -9.50 -3.62 0.12
CA ILE A 134 -8.55 -3.72 -0.98
C ILE A 134 -7.23 -4.26 -0.44
N TYR A 135 -6.52 -5.08 -1.22
CA TYR A 135 -5.26 -5.61 -0.74
C TYR A 135 -4.20 -5.64 -1.84
N LEU A 136 -2.97 -5.36 -1.44
CA LEU A 136 -1.86 -5.36 -2.39
C LEU A 136 -0.53 -5.55 -1.67
N ASP A 137 0.38 -6.27 -2.33
CA ASP A 137 1.70 -6.53 -1.78
C ASP A 137 2.72 -5.53 -2.35
N ILE A 138 2.24 -4.32 -2.58
CA ILE A 138 3.04 -3.24 -3.11
C ILE A 138 3.97 -3.66 -4.24
N ASP A 139 3.68 -4.78 -4.89
CA ASP A 139 4.53 -5.29 -5.98
C ASP A 139 4.34 -4.54 -7.29
N LYS A 140 3.09 -4.48 -7.77
CA LYS A 140 2.80 -3.80 -9.03
C LYS A 140 2.75 -2.30 -8.85
N ILE A 141 2.35 -1.87 -7.65
CA ILE A 141 2.26 -0.47 -7.33
C ILE A 141 3.65 0.14 -7.26
N ILE A 142 4.58 -0.54 -6.59
CA ILE A 142 5.95 -0.06 -6.51
C ILE A 142 6.62 -0.09 -7.88
N GLU A 143 6.44 -1.21 -8.59
CA GLU A 143 7.02 -1.36 -9.91
C GLU A 143 6.71 -0.14 -10.75
N GLU A 144 5.47 0.31 -10.65
CA GLU A 144 5.02 1.50 -11.36
C GLU A 144 5.63 2.77 -10.77
N ILE A 145 5.87 2.75 -9.45
CA ILE A 145 6.45 3.90 -8.78
C ILE A 145 7.76 4.29 -9.44
N THR A 146 8.57 3.29 -9.79
CA THR A 146 9.86 3.52 -10.43
C THR A 146 9.72 3.79 -11.94
N VAL A 147 9.03 2.89 -12.64
CA VAL A 147 8.84 3.03 -14.08
C VAL A 147 7.69 3.99 -14.43
N LYS A 148 7.23 4.74 -13.43
CA LYS A 148 6.13 5.67 -13.63
C LYS A 148 6.28 6.48 -14.92
N GLU A 149 7.50 6.96 -15.17
CA GLU A 149 7.78 7.75 -16.36
C GLU A 149 7.41 6.98 -17.63
N GLY A 150 6.60 7.60 -18.48
CA GLY A 150 6.18 6.96 -19.71
C GLY A 150 5.07 7.71 -20.41
N VAL A 151 4.05 8.07 -19.65
CA VAL A 151 2.89 8.80 -20.20
C VAL A 151 2.25 8.02 -21.33
N MET A 1 -11.77 -36.50 6.25
CA MET A 1 -11.48 -35.15 5.68
C MET A 1 -10.51 -34.38 6.57
N LYS A 2 -10.75 -34.41 7.88
CA LYS A 2 -9.88 -33.70 8.83
C LYS A 2 -9.91 -32.20 8.58
N THR A 3 -11.09 -31.61 8.70
CA THR A 3 -11.25 -30.18 8.49
C THR A 3 -10.23 -29.38 9.31
N LEU A 4 -9.75 -29.99 10.39
CA LEU A 4 -8.76 -29.34 11.26
C LEU A 4 -7.54 -28.95 10.45
N ALA A 5 -7.15 -29.82 9.52
CA ALA A 5 -6.00 -29.57 8.67
C ALA A 5 -6.21 -28.30 7.85
N ASP A 6 -5.21 -27.43 7.84
CA ASP A 6 -5.29 -26.18 7.09
C ASP A 6 -4.00 -25.38 7.22
N ALA A 7 -3.82 -24.40 6.33
CA ALA A 7 -2.63 -23.57 6.34
C ALA A 7 -2.81 -22.33 5.46
N LEU A 8 -2.33 -21.19 5.96
CA LEU A 8 -2.42 -19.92 5.25
C LEU A 8 -3.87 -19.46 5.10
N LYS A 9 -4.63 -19.57 6.19
CA LYS A 9 -6.03 -19.16 6.19
C LYS A 9 -6.15 -17.67 6.50
N GLU A 10 -5.47 -17.23 7.55
CA GLU A 10 -5.49 -15.83 7.95
C GLU A 10 -4.11 -15.23 7.85
N PHE A 11 -4.07 -13.92 7.88
CA PHE A 11 -2.84 -13.21 7.68
C PHE A 11 -2.88 -11.80 8.28
N GLU A 12 -1.79 -11.42 8.94
CA GLU A 12 -1.67 -10.10 9.53
C GLU A 12 -1.10 -9.15 8.52
N VAL A 13 -1.64 -7.94 8.51
CA VAL A 13 -1.25 -6.97 7.51
C VAL A 13 -1.49 -5.52 7.95
N LEU A 14 -1.01 -4.58 7.15
CA LEU A 14 -1.17 -3.16 7.44
C LEU A 14 -2.48 -2.71 6.79
N SER A 15 -3.29 -1.89 7.48
CA SER A 15 -4.58 -1.51 6.91
C SER A 15 -5.04 -0.12 7.34
N PHE A 16 -5.85 0.48 6.48
CA PHE A 16 -6.41 1.80 6.70
C PHE A 16 -7.79 1.89 6.07
N GLU A 17 -8.61 2.81 6.58
CA GLU A 17 -9.96 2.98 6.05
C GLU A 17 -9.94 3.97 4.90
N ILE A 18 -9.96 3.42 3.69
CA ILE A 18 -9.92 4.22 2.48
C ILE A 18 -11.32 4.60 2.02
N ASP A 19 -11.71 5.84 2.30
CA ASP A 19 -13.00 6.37 1.89
C ASP A 19 -14.15 5.41 2.19
N GLU A 20 -14.31 5.10 3.45
CA GLU A 20 -15.37 4.19 3.93
C GLU A 20 -14.95 2.73 3.86
N GLN A 21 -14.25 2.34 2.80
CA GLN A 21 -13.81 0.96 2.67
C GLN A 21 -12.45 0.79 3.34
N ALA A 22 -11.87 -0.40 3.22
CA ALA A 22 -10.57 -0.67 3.82
C ALA A 22 -9.51 -0.95 2.78
N LEU A 23 -8.26 -0.76 3.16
CA LEU A 23 -7.14 -1.00 2.27
C LEU A 23 -5.94 -1.54 3.05
N ALA A 24 -5.32 -2.60 2.52
CA ALA A 24 -4.21 -3.24 3.21
C ALA A 24 -3.03 -3.62 2.29
N PHE A 25 -1.84 -3.58 2.87
CA PHE A 25 -0.59 -3.93 2.17
C PHE A 25 0.20 -4.89 3.05
N ASP A 26 0.79 -5.92 2.46
CA ASP A 26 1.56 -6.89 3.23
C ASP A 26 2.54 -6.21 4.16
N VAL A 27 2.41 -6.51 5.46
CA VAL A 27 3.30 -5.95 6.46
C VAL A 27 4.74 -6.35 6.19
N ASP A 28 4.92 -7.35 5.32
CA ASP A 28 6.25 -7.82 4.98
C ASP A 28 7.06 -6.70 4.34
N ASN A 29 6.40 -5.92 3.50
CA ASN A 29 7.04 -4.81 2.82
C ASN A 29 6.83 -3.49 3.57
N ILE A 30 5.59 -3.25 4.01
CA ILE A 30 5.26 -2.04 4.74
C ILE A 30 6.14 -1.91 5.98
N GLU A 31 6.76 -0.74 6.16
CA GLU A 31 7.63 -0.52 7.30
C GLU A 31 6.87 0.01 8.51
N MET A 32 6.25 1.18 8.36
CA MET A 32 5.50 1.80 9.46
C MET A 32 4.67 2.98 8.97
N VAL A 33 3.64 3.31 9.74
CA VAL A 33 2.76 4.43 9.40
C VAL A 33 3.26 5.75 9.98
N ILE A 34 2.94 6.85 9.30
CA ILE A 34 3.36 8.17 9.74
C ILE A 34 2.40 9.24 9.22
N GLU A 35 2.01 10.16 10.10
CA GLU A 35 1.10 11.23 9.72
C GLU A 35 1.87 12.53 9.50
N LYS A 36 1.92 12.98 8.26
CA LYS A 36 2.63 14.21 7.93
C LYS A 36 2.32 14.65 6.48
N SER A 37 1.07 15.02 6.23
CA SER A 37 0.66 15.44 4.90
C SER A 37 1.53 16.59 4.39
N ASP A 38 1.09 17.21 3.29
CA ASP A 38 1.80 18.33 2.67
C ASP A 38 3.32 18.15 2.71
N ILE A 39 3.77 16.96 2.32
CA ILE A 39 5.19 16.65 2.31
C ILE A 39 5.88 17.26 1.08
N THR A 40 7.08 17.81 1.30
CA THR A 40 7.87 18.38 0.22
C THR A 40 7.01 19.05 -0.86
N PRO A 41 6.74 20.36 -0.73
CA PRO A 41 5.93 21.10 -1.68
C PRO A 41 6.74 21.70 -2.83
N VAL A 42 7.72 22.55 -2.49
CA VAL A 42 8.54 23.20 -3.49
C VAL A 42 9.68 22.31 -4.01
N PRO A 43 10.25 21.41 -3.18
CA PRO A 43 11.35 20.54 -3.61
C PRO A 43 10.95 19.49 -4.65
N LYS A 44 9.71 19.56 -5.14
CA LYS A 44 9.24 18.61 -6.14
C LYS A 44 10.19 18.51 -7.32
N SER A 45 10.22 17.32 -7.92
CA SER A 45 11.08 17.08 -9.07
C SER A 45 11.04 15.62 -9.48
N ARG A 46 9.85 15.13 -9.83
CA ARG A 46 9.69 13.74 -10.22
C ARG A 46 8.29 13.46 -10.80
N HIS A 47 7.29 14.19 -10.30
CA HIS A 47 5.91 14.01 -10.76
C HIS A 47 5.32 12.72 -10.20
N PHE A 48 4.02 12.75 -9.93
CA PHE A 48 3.30 11.60 -9.37
C PHE A 48 3.46 11.59 -7.84
N VAL A 49 4.70 11.79 -7.39
CA VAL A 49 5.00 11.83 -5.97
C VAL A 49 4.49 13.11 -5.33
N GLU A 50 3.73 12.96 -4.25
CA GLU A 50 3.18 14.11 -3.54
C GLU A 50 4.25 14.83 -2.73
N GLY A 51 5.16 14.05 -2.14
CA GLY A 51 6.21 14.63 -1.33
C GLY A 51 7.30 13.64 -0.98
N VAL A 52 8.26 14.09 -0.18
CA VAL A 52 9.37 13.26 0.24
C VAL A 52 9.91 13.75 1.59
N ILE A 53 10.80 12.98 2.20
CA ILE A 53 11.38 13.36 3.48
C ILE A 53 12.71 12.65 3.71
N ASN A 54 13.64 13.35 4.35
CA ASN A 54 14.96 12.79 4.63
C ASN A 54 14.98 12.03 5.96
N LEU A 55 15.71 10.93 5.98
CA LEU A 55 15.82 10.10 7.18
C LEU A 55 16.93 9.07 7.02
N ARG A 56 17.69 8.87 8.10
CA ARG A 56 18.81 7.92 8.10
C ARG A 56 19.64 8.04 6.83
N GLY A 57 19.96 9.29 6.46
CA GLY A 57 20.77 9.54 5.28
C GLY A 57 20.13 9.05 3.99
N ARG A 58 18.82 9.24 3.85
CA ARG A 58 18.12 8.83 2.64
C ARG A 58 16.71 9.39 2.61
N ILE A 59 16.35 10.00 1.49
CA ILE A 59 15.03 10.60 1.33
C ILE A 59 14.03 9.58 0.77
N ILE A 60 12.85 9.52 1.38
CA ILE A 60 11.80 8.61 0.93
C ILE A 60 10.71 9.34 0.17
N PRO A 61 10.26 8.80 -0.97
CA PRO A 61 9.22 9.42 -1.78
C PRO A 61 7.80 8.95 -1.44
N VAL A 62 7.00 9.88 -0.93
CA VAL A 62 5.62 9.58 -0.59
C VAL A 62 4.73 9.87 -1.79
N VAL A 63 3.79 8.98 -2.09
CA VAL A 63 2.93 9.16 -3.24
C VAL A 63 1.48 8.78 -2.97
N ASN A 64 0.59 9.32 -3.80
CA ASN A 64 -0.82 9.03 -3.71
C ASN A 64 -1.08 7.62 -4.24
N LEU A 65 -0.51 6.64 -3.57
CA LEU A 65 -0.63 5.24 -3.97
C LEU A 65 -2.10 4.85 -4.13
N ALA A 66 -2.96 5.44 -3.33
CA ALA A 66 -4.38 5.13 -3.41
C ALA A 66 -4.91 5.54 -4.80
N LYS A 67 -4.22 6.50 -5.42
CA LYS A 67 -4.59 6.99 -6.75
C LYS A 67 -4.02 6.07 -7.82
N ILE A 68 -2.76 5.69 -7.65
CA ILE A 68 -2.09 4.81 -8.59
C ILE A 68 -2.89 3.52 -8.66
N LEU A 69 -3.37 3.14 -7.49
CA LEU A 69 -4.21 1.98 -7.35
C LEU A 69 -5.63 2.35 -7.80
N GLY A 70 -6.10 3.49 -7.31
CA GLY A 70 -7.44 3.97 -7.66
C GLY A 70 -8.36 4.08 -6.44
N ILE A 71 -9.09 3.00 -6.14
CA ILE A 71 -10.00 2.95 -4.99
C ILE A 71 -10.92 4.16 -4.89
N SER A 72 -11.96 4.04 -4.06
CA SER A 72 -12.91 5.15 -3.84
C SER A 72 -12.14 6.43 -3.61
N PHE A 73 -11.02 6.28 -2.89
CA PHE A 73 -10.11 7.37 -2.59
C PHE A 73 -10.10 8.47 -3.66
N ASP A 74 -9.99 9.71 -3.20
CA ASP A 74 -9.97 10.87 -4.08
C ASP A 74 -9.52 12.11 -3.31
N GLU A 75 -8.57 11.92 -2.40
CA GLU A 75 -8.03 13.00 -1.59
C GLU A 75 -9.13 13.75 -0.82
N GLN A 76 -10.17 13.02 -0.43
CA GLN A 76 -11.27 13.62 0.30
C GLN A 76 -11.11 13.46 1.81
N LYS A 77 -10.73 12.26 2.25
CA LYS A 77 -10.57 11.99 3.68
C LYS A 77 -9.10 11.72 4.04
N MET A 78 -8.18 12.04 3.14
CA MET A 78 -6.76 11.82 3.39
C MET A 78 -6.28 12.60 4.61
N LYS A 79 -5.40 11.96 5.39
CA LYS A 79 -4.85 12.60 6.59
C LYS A 79 -3.88 11.65 7.29
N SER A 80 -3.09 10.93 6.50
CA SER A 80 -2.11 9.99 7.05
C SER A 80 -1.17 9.49 5.95
N ILE A 81 -0.05 8.88 6.35
CA ILE A 81 0.93 8.37 5.40
C ILE A 81 1.48 7.02 5.85
N ILE A 82 1.90 6.20 4.90
CA ILE A 82 2.45 4.88 5.19
C ILE A 82 3.77 4.67 4.46
N VAL A 83 4.78 4.23 5.19
CA VAL A 83 6.09 3.97 4.60
C VAL A 83 6.28 2.50 4.29
N ALA A 84 7.18 2.21 3.35
CA ALA A 84 7.45 0.85 2.92
C ALA A 84 8.85 0.76 2.30
N ARG A 85 9.28 -0.46 2.02
CA ARG A 85 10.58 -0.69 1.41
C ARG A 85 10.43 -1.63 0.21
N THR A 86 11.01 -1.25 -0.92
CA THR A 86 10.90 -2.06 -2.13
C THR A 86 12.17 -2.00 -2.98
N LYS A 87 12.92 -3.08 -3.01
CA LYS A 87 14.14 -3.14 -3.80
C LYS A 87 15.00 -1.92 -3.58
N ASP A 88 15.22 -1.62 -2.31
CA ASP A 88 16.02 -0.47 -1.92
C ASP A 88 15.29 0.84 -2.19
N VAL A 89 13.97 0.78 -2.09
CA VAL A 89 13.13 1.96 -2.25
C VAL A 89 12.19 2.07 -1.08
N GLU A 90 12.40 3.05 -0.23
CA GLU A 90 11.49 3.22 0.88
C GLU A 90 10.37 4.10 0.39
N VAL A 91 9.31 3.43 -0.01
CA VAL A 91 8.15 4.05 -0.63
C VAL A 91 7.13 4.52 0.36
N GLY A 92 6.38 5.53 -0.05
CA GLY A 92 5.35 6.11 0.80
C GLY A 92 3.98 6.10 0.17
N PHE A 93 2.95 6.18 1.01
CA PHE A 93 1.56 6.16 0.55
C PHE A 93 0.68 7.03 1.45
N LEU A 94 -0.08 7.94 0.83
CA LEU A 94 -0.96 8.83 1.59
C LEU A 94 -2.34 8.19 1.77
N VAL A 95 -2.80 8.15 3.01
CA VAL A 95 -4.09 7.55 3.35
C VAL A 95 -4.85 8.42 4.35
N ASP A 96 -6.00 7.92 4.80
CA ASP A 96 -6.85 8.67 5.73
C ASP A 96 -6.54 8.31 7.17
N ARG A 97 -6.95 7.12 7.56
CA ARG A 97 -6.72 6.63 8.89
C ARG A 97 -6.32 5.17 8.80
N VAL A 98 -5.14 4.89 9.30
CA VAL A 98 -4.61 3.55 9.24
C VAL A 98 -4.74 2.80 10.54
N LEU A 99 -5.53 1.72 10.44
CA LEU A 99 -5.83 0.83 11.55
C LEU A 99 -4.58 0.12 12.03
N GLY A 100 -3.65 -0.10 11.11
CA GLY A 100 -2.44 -0.80 11.43
C GLY A 100 -2.59 -2.30 11.22
N VAL A 101 -2.37 -3.08 12.27
CA VAL A 101 -2.52 -4.53 12.17
C VAL A 101 -3.90 -4.89 11.63
N LEU A 102 -3.94 -5.81 10.67
CA LEU A 102 -5.21 -6.20 10.05
C LEU A 102 -5.28 -7.71 9.90
N ARG A 103 -6.44 -8.27 10.21
CA ARG A 103 -6.65 -9.70 10.09
C ARG A 103 -7.14 -10.06 8.69
N ILE A 104 -6.24 -9.96 7.71
CA ILE A 104 -6.59 -10.28 6.34
C ILE A 104 -6.38 -11.74 6.05
N THR A 105 -7.39 -12.40 5.51
CA THR A 105 -7.23 -13.78 5.14
C THR A 105 -6.72 -13.78 3.72
N GLU A 106 -5.93 -14.76 3.37
CA GLU A 106 -5.37 -14.79 2.04
C GLU A 106 -5.39 -16.17 1.42
N ASN A 107 -6.56 -16.55 0.93
CA ASN A 107 -6.73 -17.82 0.27
C ASN A 107 -6.05 -17.78 -1.11
N GLN A 108 -5.67 -16.57 -1.51
CA GLN A 108 -5.02 -16.35 -2.79
C GLN A 108 -3.68 -17.09 -2.86
N LEU A 109 -2.87 -16.92 -1.82
CA LEU A 109 -1.56 -17.55 -1.75
C LEU A 109 -1.66 -19.08 -1.77
N ASP A 110 -0.54 -19.72 -2.02
CA ASP A 110 -0.47 -21.18 -2.07
C ASP A 110 0.98 -21.62 -2.26
N LEU A 111 1.65 -20.98 -3.21
CA LEU A 111 3.04 -21.28 -3.50
C LEU A 111 3.88 -20.01 -3.40
N THR A 112 3.26 -18.88 -3.75
CA THR A 112 3.92 -17.60 -3.72
C THR A 112 2.99 -16.50 -4.23
N ASN A 113 1.73 -16.57 -3.81
CA ASN A 113 0.73 -15.59 -4.23
C ASN A 113 0.52 -15.65 -5.75
N VAL A 114 -0.71 -15.93 -6.16
CA VAL A 114 -1.05 -16.01 -7.57
C VAL A 114 -2.54 -15.78 -7.80
N SER A 115 -2.90 -14.55 -8.15
CA SER A 115 -4.28 -14.19 -8.41
C SER A 115 -4.42 -12.70 -8.67
N ASP A 116 -5.17 -12.35 -9.72
CA ASP A 116 -5.38 -10.95 -10.07
C ASP A 116 -6.29 -10.26 -9.06
N LYS A 117 -7.56 -10.63 -9.06
CA LYS A 117 -8.55 -10.07 -8.15
C LYS A 117 -8.82 -8.59 -8.41
N PHE A 118 -7.77 -7.76 -8.40
CA PHE A 118 -7.93 -6.34 -8.63
C PHE A 118 -8.30 -6.06 -10.08
N GLY A 119 -7.45 -6.52 -10.99
CA GLY A 119 -7.68 -6.33 -12.41
C GLY A 119 -6.39 -6.24 -13.19
N LYS A 120 -5.51 -5.32 -12.78
CA LYS A 120 -4.23 -5.12 -13.44
C LYS A 120 -3.52 -3.90 -12.83
N LYS A 121 -3.25 -3.96 -11.54
CA LYS A 121 -2.60 -2.85 -10.84
C LYS A 121 -1.83 -3.32 -9.61
N SER A 122 -2.40 -4.27 -8.88
CA SER A 122 -1.77 -4.80 -7.67
C SER A 122 -1.98 -6.30 -7.57
N LYS A 123 -1.76 -6.86 -6.38
CA LYS A 123 -1.91 -8.29 -6.20
C LYS A 123 -3.38 -8.72 -6.25
N GLY A 124 -4.26 -8.04 -5.51
CA GLY A 124 -5.65 -8.43 -5.56
C GLY A 124 -6.57 -7.78 -4.53
N LEU A 125 -7.83 -7.67 -4.92
CA LEU A 125 -8.86 -7.11 -4.05
C LEU A 125 -9.22 -8.10 -2.96
N VAL A 126 -9.12 -7.67 -1.71
CA VAL A 126 -9.41 -8.52 -0.55
C VAL A 126 -10.83 -8.29 -0.01
N LYS A 127 -11.37 -9.31 0.63
CA LYS A 127 -12.71 -9.25 1.20
C LYS A 127 -12.88 -10.30 2.29
N THR A 128 -13.53 -9.93 3.38
CA THR A 128 -13.74 -10.82 4.49
C THR A 128 -14.81 -10.27 5.43
N ASP A 129 -15.58 -11.16 6.05
CA ASP A 129 -16.63 -10.75 6.98
C ASP A 129 -17.58 -9.77 6.32
N GLY A 130 -17.94 -10.05 5.08
CA GLY A 130 -18.84 -9.16 4.35
C GLY A 130 -18.32 -7.74 4.32
N ARG A 131 -17.00 -7.59 4.20
CA ARG A 131 -16.38 -6.27 4.17
C ARG A 131 -15.43 -6.16 2.99
N LEU A 132 -15.48 -5.03 2.30
CA LEU A 132 -14.63 -4.81 1.14
C LEU A 132 -13.30 -4.20 1.56
N ILE A 133 -12.21 -4.70 0.98
CA ILE A 133 -10.87 -4.21 1.29
C ILE A 133 -9.92 -4.45 0.11
N ILE A 134 -9.00 -3.52 -0.13
CA ILE A 134 -8.03 -3.70 -1.21
C ILE A 134 -6.74 -4.26 -0.64
N TYR A 135 -6.16 -5.27 -1.29
CA TYR A 135 -4.94 -5.86 -0.77
C TYR A 135 -3.87 -5.94 -1.84
N LEU A 136 -2.64 -5.65 -1.46
CA LEU A 136 -1.55 -5.71 -2.41
C LEU A 136 -0.19 -5.83 -1.70
N ASP A 137 0.75 -6.47 -2.40
CA ASP A 137 2.10 -6.69 -1.85
C ASP A 137 3.08 -5.70 -2.45
N ILE A 138 2.60 -4.48 -2.64
CA ILE A 138 3.36 -3.39 -3.20
C ILE A 138 4.29 -3.80 -4.36
N ASP A 139 4.01 -4.94 -4.99
CA ASP A 139 4.85 -5.42 -6.09
C ASP A 139 4.55 -4.74 -7.42
N LYS A 140 3.30 -4.80 -7.86
CA LYS A 140 2.92 -4.19 -9.13
C LYS A 140 2.77 -2.69 -8.96
N ILE A 141 2.35 -2.29 -7.78
CA ILE A 141 2.17 -0.89 -7.46
C ILE A 141 3.51 -0.18 -7.42
N ILE A 142 4.51 -0.77 -6.77
CA ILE A 142 5.84 -0.15 -6.73
C ILE A 142 6.42 -0.10 -8.14
N GLU A 143 6.29 -1.21 -8.87
CA GLU A 143 6.80 -1.28 -10.24
C GLU A 143 6.35 -0.05 -11.01
N GLU A 144 5.08 0.30 -10.81
CA GLU A 144 4.50 1.47 -11.45
C GLU A 144 5.09 2.76 -10.86
N ILE A 145 5.42 2.73 -9.56
CA ILE A 145 6.00 3.88 -8.90
C ILE A 145 7.26 4.34 -9.62
N THR A 146 8.06 3.38 -10.06
CA THR A 146 9.31 3.69 -10.76
C THR A 146 9.05 4.11 -12.22
N VAL A 147 8.28 3.29 -12.94
CA VAL A 147 7.98 3.56 -14.34
C VAL A 147 6.90 4.64 -14.49
N LYS A 148 6.48 5.23 -13.38
CA LYS A 148 5.45 6.26 -13.38
C LYS A 148 5.70 7.30 -14.47
N GLU A 149 6.96 7.70 -14.63
CA GLU A 149 7.33 8.69 -15.64
C GLU A 149 6.68 10.03 -15.32
N GLY A 150 7.47 11.10 -15.38
CA GLY A 150 6.96 12.42 -15.09
C GLY A 150 6.74 13.24 -16.35
N VAL A 151 7.75 13.24 -17.22
CA VAL A 151 7.67 13.99 -18.48
C VAL A 151 7.48 15.48 -18.21
N MET A 1 10.35 -25.12 2.73
CA MET A 1 9.33 -24.54 1.82
C MET A 1 8.13 -25.49 1.68
N LYS A 2 7.66 -25.99 2.81
CA LYS A 2 6.52 -26.91 2.83
C LYS A 2 5.26 -26.22 2.32
N THR A 3 5.05 -24.98 2.76
CA THR A 3 3.88 -24.20 2.36
C THR A 3 2.60 -24.72 3.02
N LEU A 4 2.37 -26.03 2.95
CA LEU A 4 1.19 -26.64 3.55
C LEU A 4 1.09 -26.30 5.03
N ALA A 5 2.24 -26.09 5.65
CA ALA A 5 2.29 -25.76 7.07
C ALA A 5 1.40 -24.56 7.40
N ASP A 6 0.58 -24.71 8.43
CA ASP A 6 -0.32 -23.64 8.85
C ASP A 6 -1.33 -23.31 7.74
N ALA A 7 -2.61 -23.40 8.08
CA ALA A 7 -3.67 -23.12 7.12
C ALA A 7 -3.66 -21.65 6.69
N LEU A 8 -3.82 -21.42 5.39
CA LEU A 8 -3.85 -20.06 4.85
C LEU A 8 -5.23 -19.44 5.00
N LYS A 9 -5.80 -19.55 6.20
CA LYS A 9 -7.13 -19.01 6.46
C LYS A 9 -7.08 -17.52 6.78
N GLU A 10 -6.26 -17.15 7.76
CA GLU A 10 -6.13 -15.75 8.17
C GLU A 10 -4.72 -15.25 8.03
N PHE A 11 -4.59 -13.94 8.06
CA PHE A 11 -3.33 -13.30 7.85
C PHE A 11 -3.29 -11.88 8.42
N GLU A 12 -2.19 -11.55 9.09
CA GLU A 12 -2.02 -10.22 9.66
C GLU A 12 -1.42 -9.29 8.65
N VAL A 13 -1.88 -8.06 8.63
CA VAL A 13 -1.46 -7.11 7.62
C VAL A 13 -1.65 -5.64 8.03
N LEU A 14 -1.11 -4.75 7.21
CA LEU A 14 -1.23 -3.31 7.44
C LEU A 14 -2.50 -2.83 6.74
N SER A 15 -3.34 -2.05 7.43
CA SER A 15 -4.59 -1.63 6.80
C SER A 15 -5.00 -0.21 7.18
N PHE A 16 -5.82 0.36 6.30
CA PHE A 16 -6.34 1.71 6.46
C PHE A 16 -7.68 1.82 5.74
N GLU A 17 -8.47 2.80 6.14
CA GLU A 17 -9.76 3.00 5.51
C GLU A 17 -9.61 3.93 4.30
N ILE A 18 -10.08 3.45 3.17
CA ILE A 18 -9.98 4.16 1.91
C ILE A 18 -11.36 4.54 1.36
N ASP A 19 -11.91 5.63 1.90
CA ASP A 19 -13.22 6.12 1.47
C ASP A 19 -14.29 5.03 1.53
N GLU A 20 -14.49 4.51 2.72
CA GLU A 20 -15.47 3.44 2.97
C GLU A 20 -14.92 2.07 2.59
N GLN A 21 -14.06 2.02 1.58
CA GLN A 21 -13.47 0.78 1.15
C GLN A 21 -12.20 0.54 1.94
N ALA A 22 -11.97 -0.69 2.37
CA ALA A 22 -10.77 -1.00 3.15
C ALA A 22 -9.61 -1.37 2.26
N LEU A 23 -8.40 -1.17 2.77
CA LEU A 23 -7.20 -1.45 1.99
C LEU A 23 -6.05 -1.90 2.90
N ALA A 24 -5.27 -2.88 2.42
CA ALA A 24 -4.16 -3.44 3.20
C ALA A 24 -2.96 -3.83 2.33
N PHE A 25 -1.77 -3.86 2.97
CA PHE A 25 -0.52 -4.24 2.32
C PHE A 25 0.26 -5.17 3.24
N ASP A 26 0.92 -6.18 2.68
CA ASP A 26 1.68 -7.11 3.47
C ASP A 26 2.64 -6.36 4.40
N VAL A 27 2.48 -6.58 5.69
CA VAL A 27 3.32 -5.94 6.69
C VAL A 27 4.78 -6.32 6.50
N ASP A 28 5.03 -7.33 5.67
CA ASP A 28 6.38 -7.77 5.40
C ASP A 28 7.19 -6.66 4.75
N ASN A 29 6.60 -6.03 3.74
CA ASN A 29 7.26 -4.94 3.03
C ASN A 29 7.01 -3.62 3.73
N ILE A 30 5.75 -3.37 4.12
CA ILE A 30 5.38 -2.14 4.80
C ILE A 30 6.20 -1.96 6.07
N GLU A 31 6.84 -0.80 6.20
CA GLU A 31 7.66 -0.51 7.38
C GLU A 31 6.80 -0.17 8.59
N MET A 32 6.09 0.95 8.53
CA MET A 32 5.23 1.38 9.63
C MET A 32 4.33 2.53 9.22
N VAL A 33 3.36 2.84 10.08
CA VAL A 33 2.41 3.92 9.82
C VAL A 33 2.93 5.25 10.35
N ILE A 34 2.56 6.33 9.67
CA ILE A 34 2.98 7.68 10.06
C ILE A 34 1.95 8.71 9.66
N GLU A 35 1.54 9.55 10.60
CA GLU A 35 0.55 10.58 10.34
C GLU A 35 1.21 11.87 9.86
N LYS A 36 1.86 11.80 8.69
CA LYS A 36 2.52 12.96 8.12
C LYS A 36 1.57 13.75 7.22
N SER A 37 1.86 15.04 7.08
CA SER A 37 1.03 15.92 6.26
C SER A 37 1.87 17.07 5.71
N ASP A 38 1.56 17.49 4.48
CA ASP A 38 2.28 18.58 3.84
C ASP A 38 3.78 18.36 3.93
N ILE A 39 4.19 17.12 3.63
CA ILE A 39 5.60 16.74 3.67
C ILE A 39 6.44 17.56 2.69
N THR A 40 6.24 17.31 1.40
CA THR A 40 7.00 17.98 0.36
C THR A 40 6.17 18.13 -0.92
N PRO A 41 5.10 18.94 -0.87
CA PRO A 41 4.22 19.17 -2.01
C PRO A 41 4.78 20.18 -3.00
N VAL A 42 5.22 21.33 -2.50
CA VAL A 42 5.76 22.39 -3.35
C VAL A 42 7.14 22.02 -3.89
N PRO A 43 8.03 21.48 -3.04
CA PRO A 43 9.40 21.10 -3.44
C PRO A 43 9.43 19.88 -4.37
N LYS A 44 8.27 19.43 -4.83
CA LYS A 44 8.20 18.27 -5.73
C LYS A 44 9.18 18.38 -6.88
N SER A 45 9.54 17.24 -7.44
CA SER A 45 10.44 17.21 -8.57
C SER A 45 10.73 15.77 -9.00
N ARG A 46 9.68 14.97 -9.15
CA ARG A 46 9.86 13.58 -9.56
C ARG A 46 8.53 12.94 -10.00
N HIS A 47 7.53 13.78 -10.27
CA HIS A 47 6.21 13.29 -10.70
C HIS A 47 5.62 12.31 -9.68
N PHE A 48 4.33 12.46 -9.39
CA PHE A 48 3.64 11.60 -8.44
C PHE A 48 4.13 11.84 -7.00
N VAL A 49 5.44 11.89 -6.81
CA VAL A 49 6.02 12.13 -5.49
C VAL A 49 5.48 13.40 -4.84
N GLU A 50 4.28 13.29 -4.27
CA GLU A 50 3.64 14.42 -3.61
C GLU A 50 4.48 14.93 -2.45
N GLY A 51 5.25 14.03 -1.85
CA GLY A 51 6.08 14.42 -0.72
C GLY A 51 7.32 13.55 -0.57
N VAL A 52 8.25 13.98 0.27
CA VAL A 52 9.49 13.25 0.52
C VAL A 52 10.11 13.70 1.83
N ILE A 53 11.08 12.95 2.32
CA ILE A 53 11.75 13.32 3.57
C ILE A 53 13.15 12.72 3.67
N ASN A 54 14.10 13.57 4.05
CA ASN A 54 15.50 13.16 4.21
C ASN A 54 15.75 12.64 5.62
N LEU A 55 16.55 11.59 5.72
CA LEU A 55 16.88 11.00 7.01
C LEU A 55 18.02 9.99 6.88
N ARG A 56 18.96 10.04 7.81
CA ARG A 56 20.11 9.13 7.81
C ARG A 56 20.71 9.02 6.41
N GLY A 57 20.92 10.17 5.77
CA GLY A 57 21.48 10.19 4.44
C GLY A 57 20.67 9.37 3.47
N ARG A 58 19.35 9.53 3.52
CA ARG A 58 18.46 8.79 2.64
C ARG A 58 17.09 9.46 2.56
N ILE A 59 16.66 9.76 1.34
CA ILE A 59 15.38 10.40 1.10
C ILE A 59 14.34 9.38 0.65
N ILE A 60 13.09 9.59 1.05
CA ILE A 60 12.02 8.69 0.68
C ILE A 60 10.85 9.44 0.02
N PRO A 61 10.29 8.88 -1.07
CA PRO A 61 9.20 9.49 -1.81
C PRO A 61 7.83 8.97 -1.39
N VAL A 62 6.94 9.88 -1.01
CA VAL A 62 5.58 9.53 -0.63
C VAL A 62 4.61 9.86 -1.76
N VAL A 63 3.70 8.95 -2.06
CA VAL A 63 2.74 9.18 -3.14
C VAL A 63 1.36 8.63 -2.81
N ASN A 64 0.36 9.20 -3.47
CA ASN A 64 -1.01 8.77 -3.31
C ASN A 64 -1.21 7.41 -3.97
N LEU A 65 -0.70 6.36 -3.33
CA LEU A 65 -0.80 5.02 -3.88
C LEU A 65 -2.25 4.66 -4.18
N ALA A 66 -3.16 5.13 -3.34
CA ALA A 66 -4.56 4.85 -3.55
C ALA A 66 -5.00 5.41 -4.91
N LYS A 67 -4.23 6.37 -5.42
CA LYS A 67 -4.50 6.99 -6.72
C LYS A 67 -3.93 6.14 -7.83
N ILE A 68 -2.66 5.74 -7.68
CA ILE A 68 -2.00 4.89 -8.65
C ILE A 68 -2.79 3.61 -8.77
N LEU A 69 -3.25 3.17 -7.62
CA LEU A 69 -4.08 1.99 -7.47
C LEU A 69 -5.53 2.34 -7.84
N GLY A 70 -5.95 3.55 -7.49
CA GLY A 70 -7.30 4.02 -7.78
C GLY A 70 -8.37 3.26 -6.99
N ILE A 71 -9.18 4.01 -6.25
CA ILE A 71 -10.24 3.43 -5.41
C ILE A 71 -11.23 4.52 -4.96
N SER A 72 -12.10 4.19 -4.01
CA SER A 72 -13.07 5.16 -3.48
C SER A 72 -12.34 6.45 -3.16
N PHE A 73 -11.10 6.28 -2.68
CA PHE A 73 -10.19 7.38 -2.37
C PHE A 73 -10.40 8.61 -3.24
N ASP A 74 -10.39 9.77 -2.59
CA ASP A 74 -10.55 11.05 -3.29
C ASP A 74 -9.44 12.00 -2.86
N GLU A 75 -9.45 12.40 -1.59
CA GLU A 75 -8.44 13.31 -1.03
C GLU A 75 -8.95 14.01 0.22
N GLN A 76 -10.27 14.16 0.33
CA GLN A 76 -10.89 14.85 1.46
C GLN A 76 -10.60 14.19 2.80
N LYS A 77 -10.76 12.87 2.88
CA LYS A 77 -10.52 12.15 4.13
C LYS A 77 -9.04 11.94 4.38
N MET A 78 -8.34 11.52 3.34
CA MET A 78 -6.90 11.25 3.41
C MET A 78 -6.18 12.22 4.35
N LYS A 79 -5.21 11.71 5.11
CA LYS A 79 -4.46 12.54 6.04
C LYS A 79 -3.23 11.82 6.60
N SER A 80 -3.30 10.49 6.70
CA SER A 80 -2.18 9.70 7.23
C SER A 80 -1.21 9.32 6.11
N ILE A 81 -0.20 8.52 6.46
CA ILE A 81 0.80 8.09 5.49
C ILE A 81 1.49 6.79 5.92
N ILE A 82 1.74 5.91 4.96
CA ILE A 82 2.39 4.64 5.22
C ILE A 82 3.77 4.58 4.56
N VAL A 83 4.69 3.85 5.16
CA VAL A 83 6.03 3.72 4.61
C VAL A 83 6.35 2.25 4.30
N ALA A 84 7.19 2.05 3.28
CA ALA A 84 7.57 0.71 2.86
C ALA A 84 8.96 0.69 2.24
N ARG A 85 9.37 -0.46 1.74
CA ARG A 85 10.68 -0.62 1.10
C ARG A 85 10.52 -1.44 -0.19
N THR A 86 11.30 -1.11 -1.21
CA THR A 86 11.21 -1.83 -2.47
C THR A 86 12.46 -1.65 -3.32
N LYS A 87 13.24 -2.72 -3.44
CA LYS A 87 14.45 -2.69 -4.26
C LYS A 87 15.28 -1.46 -3.96
N ASP A 88 15.46 -1.20 -2.67
CA ASP A 88 16.21 -0.06 -2.20
C ASP A 88 15.43 1.23 -2.37
N VAL A 89 14.11 1.11 -2.22
CA VAL A 89 13.21 2.26 -2.31
C VAL A 89 12.28 2.26 -1.12
N GLU A 90 12.45 3.21 -0.21
CA GLU A 90 11.55 3.26 0.90
C GLU A 90 10.40 4.14 0.45
N VAL A 91 9.35 3.45 0.08
CA VAL A 91 8.19 4.05 -0.53
C VAL A 91 7.16 4.52 0.47
N GLY A 92 6.41 5.52 0.05
CA GLY A 92 5.37 6.09 0.90
C GLY A 92 4.00 6.05 0.26
N PHE A 93 2.96 6.07 1.10
CA PHE A 93 1.60 6.01 0.62
C PHE A 93 0.66 6.86 1.50
N LEU A 94 -0.08 7.76 0.86
CA LEU A 94 -1.00 8.63 1.58
C LEU A 94 -2.37 7.97 1.73
N VAL A 95 -2.88 7.96 2.95
CA VAL A 95 -4.18 7.38 3.26
C VAL A 95 -4.94 8.23 4.26
N ASP A 96 -6.10 7.74 4.69
CA ASP A 96 -6.94 8.48 5.63
C ASP A 96 -6.66 8.07 7.05
N ARG A 97 -7.13 6.89 7.40
CA ARG A 97 -6.92 6.35 8.72
C ARG A 97 -6.40 4.94 8.60
N VAL A 98 -5.18 4.74 9.06
CA VAL A 98 -4.58 3.43 8.96
C VAL A 98 -4.70 2.68 10.28
N LEU A 99 -5.51 1.64 10.19
CA LEU A 99 -5.83 0.77 11.32
C LEU A 99 -4.59 0.03 11.79
N GLY A 100 -3.65 -0.18 10.88
CA GLY A 100 -2.44 -0.90 11.21
C GLY A 100 -2.66 -2.40 11.12
N VAL A 101 -2.45 -3.11 12.21
CA VAL A 101 -2.65 -4.56 12.20
C VAL A 101 -4.05 -4.89 11.69
N LEU A 102 -4.13 -5.79 10.72
CA LEU A 102 -5.41 -6.15 10.13
C LEU A 102 -5.56 -7.66 10.02
N ARG A 103 -6.76 -8.14 10.32
CA ARG A 103 -7.05 -9.55 10.25
C ARG A 103 -7.52 -9.91 8.86
N ILE A 104 -6.60 -9.89 7.89
CA ILE A 104 -6.95 -10.21 6.52
C ILE A 104 -6.82 -11.69 6.26
N THR A 105 -7.87 -12.29 5.76
CA THR A 105 -7.79 -13.68 5.39
C THR A 105 -7.30 -13.71 3.98
N GLU A 106 -6.51 -14.69 3.64
CA GLU A 106 -5.97 -14.73 2.29
C GLU A 106 -5.78 -16.14 1.77
N ASN A 107 -6.82 -16.65 1.13
CA ASN A 107 -6.77 -17.96 0.53
C ASN A 107 -6.20 -17.86 -0.89
N GLN A 108 -5.73 -16.66 -1.23
CA GLN A 108 -5.16 -16.39 -2.54
C GLN A 108 -3.84 -17.12 -2.73
N LEU A 109 -2.92 -16.93 -1.78
CA LEU A 109 -1.61 -17.57 -1.84
C LEU A 109 -1.67 -19.05 -1.46
N ASP A 110 -2.66 -19.77 -1.99
CA ASP A 110 -2.79 -21.19 -1.70
C ASP A 110 -1.73 -21.99 -2.45
N LEU A 111 -1.67 -21.78 -3.76
CA LEU A 111 -0.68 -22.46 -4.59
C LEU A 111 0.46 -21.51 -4.93
N THR A 112 0.10 -20.26 -5.19
CA THR A 112 1.06 -19.22 -5.54
C THR A 112 0.35 -17.92 -5.88
N ASN A 113 -0.70 -17.62 -5.13
CA ASN A 113 -1.48 -16.39 -5.35
C ASN A 113 -2.09 -16.39 -6.74
N VAL A 114 -3.41 -16.50 -6.82
CA VAL A 114 -4.12 -16.49 -8.08
C VAL A 114 -5.59 -16.14 -7.90
N SER A 115 -5.93 -14.87 -8.19
CA SER A 115 -7.30 -14.40 -8.06
C SER A 115 -7.45 -12.99 -8.61
N ASP A 116 -8.65 -12.43 -8.47
CA ASP A 116 -8.94 -11.08 -8.94
C ASP A 116 -8.29 -10.03 -8.05
N LYS A 117 -6.98 -10.05 -8.04
CA LYS A 117 -6.18 -9.14 -7.23
C LYS A 117 -6.65 -7.70 -7.40
N PHE A 118 -6.95 -7.32 -8.63
CA PHE A 118 -7.41 -5.97 -8.94
C PHE A 118 -7.71 -5.83 -10.42
N GLY A 119 -6.76 -6.22 -11.24
CA GLY A 119 -6.92 -6.14 -12.69
C GLY A 119 -5.59 -6.08 -13.41
N LYS A 120 -4.75 -5.12 -13.01
CA LYS A 120 -3.44 -4.93 -13.62
C LYS A 120 -2.78 -3.68 -13.04
N LYS A 121 -2.61 -3.66 -11.72
CA LYS A 121 -2.00 -2.51 -11.05
C LYS A 121 -1.32 -2.90 -9.75
N SER A 122 -1.97 -3.74 -8.96
CA SER A 122 -1.41 -4.17 -7.69
C SER A 122 -1.14 -5.68 -7.65
N LYS A 123 -1.44 -6.34 -6.53
CA LYS A 123 -1.18 -7.77 -6.42
C LYS A 123 -2.01 -8.44 -5.31
N GLY A 124 -3.06 -7.78 -4.83
CA GLY A 124 -3.86 -8.39 -3.78
C GLY A 124 -5.30 -7.92 -3.76
N LEU A 125 -6.18 -8.79 -3.26
CA LEU A 125 -7.61 -8.50 -3.16
C LEU A 125 -8.20 -9.31 -2.02
N VAL A 126 -9.12 -8.71 -1.27
CA VAL A 126 -9.73 -9.40 -0.14
C VAL A 126 -11.08 -8.80 0.24
N LYS A 127 -11.85 -9.56 1.00
CA LYS A 127 -13.16 -9.16 1.46
C LYS A 127 -13.63 -10.10 2.58
N THR A 128 -14.18 -9.52 3.64
CA THR A 128 -14.63 -10.29 4.78
C THR A 128 -15.65 -9.51 5.61
N ASP A 129 -16.52 -10.25 6.30
CA ASP A 129 -17.54 -9.63 7.14
C ASP A 129 -18.38 -8.64 6.33
N GLY A 130 -18.82 -9.07 5.16
CA GLY A 130 -19.62 -8.21 4.31
C GLY A 130 -18.93 -6.88 4.05
N ARG A 131 -17.60 -6.93 3.98
CA ARG A 131 -16.81 -5.72 3.75
C ARG A 131 -15.67 -6.02 2.77
N LEU A 132 -15.50 -5.15 1.80
CA LEU A 132 -14.45 -5.31 0.80
C LEU A 132 -13.14 -4.67 1.25
N ILE A 133 -12.03 -5.26 0.83
CA ILE A 133 -10.72 -4.75 1.18
C ILE A 133 -9.71 -5.00 0.05
N ILE A 134 -8.95 -3.98 -0.32
CA ILE A 134 -7.95 -4.13 -1.37
C ILE A 134 -6.63 -4.58 -0.75
N TYR A 135 -5.92 -5.47 -1.43
CA TYR A 135 -4.67 -5.97 -0.88
C TYR A 135 -3.52 -5.80 -1.87
N LEU A 136 -2.32 -5.57 -1.32
CA LEU A 136 -1.14 -5.37 -2.15
C LEU A 136 0.10 -6.03 -1.58
N ASP A 137 1.10 -6.12 -2.44
CA ASP A 137 2.40 -6.68 -2.10
C ASP A 137 3.47 -5.76 -2.67
N ILE A 138 3.08 -4.50 -2.81
CA ILE A 138 3.91 -3.42 -3.33
C ILE A 138 4.76 -3.82 -4.54
N ASP A 139 4.44 -4.93 -5.21
CA ASP A 139 5.22 -5.37 -6.37
C ASP A 139 4.82 -4.64 -7.65
N LYS A 140 3.56 -4.76 -8.05
CA LYS A 140 3.08 -4.11 -9.26
C LYS A 140 2.87 -2.62 -9.01
N ILE A 141 2.54 -2.30 -7.77
CA ILE A 141 2.31 -0.94 -7.37
C ILE A 141 3.62 -0.15 -7.36
N ILE A 142 4.68 -0.71 -6.77
CA ILE A 142 5.97 -0.02 -6.78
C ILE A 142 6.45 0.13 -8.23
N GLU A 143 6.32 -0.95 -9.01
CA GLU A 143 6.74 -0.93 -10.40
C GLU A 143 6.18 0.32 -11.08
N GLU A 144 4.90 0.56 -10.85
CA GLU A 144 4.23 1.73 -11.41
C GLU A 144 4.68 3.00 -10.68
N ILE A 145 5.01 2.87 -9.40
CA ILE A 145 5.48 4.01 -8.61
C ILE A 145 6.67 4.68 -9.28
N THR A 146 7.47 3.89 -9.99
CA THR A 146 8.65 4.41 -10.67
C THR A 146 8.39 4.72 -12.14
N VAL A 147 7.78 3.76 -12.86
CA VAL A 147 7.51 3.94 -14.29
C VAL A 147 6.19 4.67 -14.56
N LYS A 148 5.60 5.27 -13.53
CA LYS A 148 4.33 5.97 -13.69
C LYS A 148 4.34 6.87 -14.92
N GLU A 149 5.44 7.57 -15.16
CA GLU A 149 5.55 8.47 -16.30
C GLU A 149 5.30 7.73 -17.60
N GLY A 150 4.42 8.29 -18.44
CA GLY A 150 4.10 7.68 -19.71
C GLY A 150 2.98 8.39 -20.43
N VAL A 151 3.00 9.72 -20.42
CA VAL A 151 1.98 10.51 -21.07
C VAL A 151 1.97 10.26 -22.58
N MET A 1 8.86 -26.41 5.45
CA MET A 1 8.47 -25.32 4.53
C MET A 1 9.65 -24.79 3.74
N LYS A 2 9.46 -24.61 2.44
CA LYS A 2 10.53 -24.11 1.57
C LYS A 2 10.56 -22.58 1.57
N THR A 3 10.47 -21.99 2.76
CA THR A 3 10.48 -20.54 2.91
C THR A 3 9.23 -19.90 2.30
N LEU A 4 9.04 -20.09 1.00
CA LEU A 4 7.88 -19.55 0.31
C LEU A 4 6.58 -20.13 0.85
N ALA A 5 6.63 -21.39 1.27
CA ALA A 5 5.46 -22.06 1.81
C ALA A 5 4.89 -21.32 3.01
N ASP A 6 3.56 -21.17 3.02
CA ASP A 6 2.89 -20.48 4.11
C ASP A 6 1.41 -20.87 4.17
N ALA A 7 0.92 -21.17 5.37
CA ALA A 7 -0.47 -21.57 5.55
C ALA A 7 -1.42 -20.51 5.00
N LEU A 8 -2.38 -20.93 4.18
CA LEU A 8 -3.35 -20.01 3.59
C LEU A 8 -4.60 -19.91 4.45
N LYS A 9 -4.42 -19.78 5.75
CA LYS A 9 -5.54 -19.66 6.69
C LYS A 9 -5.81 -18.19 7.01
N GLU A 10 -4.81 -17.53 7.60
CA GLU A 10 -4.92 -16.13 7.97
C GLU A 10 -3.57 -15.46 7.90
N PHE A 11 -3.60 -14.15 7.89
CA PHE A 11 -2.41 -13.36 7.71
C PHE A 11 -2.54 -11.95 8.28
N GLU A 12 -1.47 -11.50 8.93
CA GLU A 12 -1.44 -10.18 9.53
C GLU A 12 -0.95 -9.18 8.49
N VAL A 13 -1.56 -8.01 8.45
CA VAL A 13 -1.18 -7.03 7.44
C VAL A 13 -1.53 -5.60 7.85
N LEU A 14 -0.97 -4.65 7.13
CA LEU A 14 -1.20 -3.23 7.40
C LEU A 14 -2.43 -2.78 6.64
N SER A 15 -3.35 -2.05 7.28
CA SER A 15 -4.56 -1.62 6.59
C SER A 15 -5.17 -0.35 7.15
N PHE A 16 -5.84 0.38 6.26
CA PHE A 16 -6.51 1.63 6.59
C PHE A 16 -7.87 1.71 5.92
N GLU A 17 -8.62 2.77 6.24
CA GLU A 17 -9.91 2.98 5.63
C GLU A 17 -9.72 3.78 4.35
N ILE A 18 -10.47 3.42 3.31
CA ILE A 18 -10.33 4.06 2.01
C ILE A 18 -11.66 4.14 1.27
N ASP A 19 -12.52 5.08 1.68
CA ASP A 19 -13.81 5.25 1.04
C ASP A 19 -14.63 3.97 1.09
N GLU A 20 -14.76 3.44 2.28
CA GLU A 20 -15.52 2.19 2.53
C GLU A 20 -14.64 0.96 2.31
N GLN A 21 -13.61 1.11 1.47
CA GLN A 21 -12.70 0.00 1.19
C GLN A 21 -11.56 -0.01 2.20
N ALA A 22 -11.30 -1.16 2.78
CA ALA A 22 -10.19 -1.26 3.72
C ALA A 22 -8.94 -1.61 2.93
N LEU A 23 -8.01 -0.69 2.91
CA LEU A 23 -6.78 -0.87 2.15
C LEU A 23 -5.74 -1.58 3.00
N ALA A 24 -5.04 -2.55 2.41
CA ALA A 24 -4.02 -3.31 3.13
C ALA A 24 -2.82 -3.66 2.25
N PHE A 25 -1.65 -3.60 2.86
CA PHE A 25 -0.39 -3.94 2.18
C PHE A 25 0.39 -4.89 3.07
N ASP A 26 0.99 -5.92 2.48
CA ASP A 26 1.75 -6.88 3.25
C ASP A 26 2.71 -6.19 4.21
N VAL A 27 2.55 -6.44 5.51
CA VAL A 27 3.40 -5.84 6.51
C VAL A 27 4.86 -6.18 6.27
N ASP A 28 5.10 -7.18 5.43
CA ASP A 28 6.46 -7.59 5.11
C ASP A 28 7.21 -6.45 4.44
N ASN A 29 6.48 -5.70 3.62
CA ASN A 29 7.05 -4.58 2.89
C ASN A 29 6.83 -3.26 3.63
N ILE A 30 5.60 -3.05 4.10
CA ILE A 30 5.25 -1.83 4.83
C ILE A 30 6.09 -1.70 6.10
N GLU A 31 6.66 -0.51 6.32
CA GLU A 31 7.47 -0.26 7.49
C GLU A 31 6.60 0.22 8.66
N MET A 32 5.99 1.39 8.50
CA MET A 32 5.14 1.95 9.54
C MET A 32 4.35 3.14 9.02
N VAL A 33 3.43 3.65 9.84
CA VAL A 33 2.60 4.78 9.45
C VAL A 33 3.12 6.09 10.06
N ILE A 34 3.33 7.07 9.20
CA ILE A 34 3.80 8.39 9.63
C ILE A 34 2.67 9.41 9.62
N GLU A 35 2.82 10.45 10.44
CA GLU A 35 1.81 11.50 10.55
C GLU A 35 2.05 12.60 9.52
N LYS A 36 1.23 13.65 9.60
CA LYS A 36 1.33 14.77 8.67
C LYS A 36 2.30 15.82 9.20
N SER A 37 3.08 16.40 8.29
CA SER A 37 4.05 17.42 8.64
C SER A 37 4.73 17.98 7.39
N ASP A 38 5.47 19.07 7.56
CA ASP A 38 6.16 19.71 6.44
C ASP A 38 6.89 18.67 5.60
N ILE A 39 6.87 18.85 4.28
CA ILE A 39 7.53 17.92 3.38
C ILE A 39 7.91 18.56 2.06
N THR A 40 8.91 17.96 1.42
CA THR A 40 9.41 18.42 0.13
C THR A 40 8.26 18.71 -0.84
N PRO A 41 7.88 20.00 -0.97
CA PRO A 41 6.79 20.43 -1.85
C PRO A 41 7.23 20.92 -3.24
N VAL A 42 8.15 21.88 -3.26
CA VAL A 42 8.62 22.45 -4.53
C VAL A 42 9.33 21.44 -5.41
N PRO A 43 10.31 20.69 -4.86
CA PRO A 43 11.06 19.69 -5.64
C PRO A 43 10.15 18.75 -6.42
N LYS A 44 9.28 18.04 -5.70
CA LYS A 44 8.34 17.12 -6.32
C LYS A 44 9.08 16.05 -7.13
N SER A 45 9.51 16.42 -8.33
CA SER A 45 10.24 15.53 -9.22
C SER A 45 9.45 14.25 -9.49
N ARG A 46 9.74 13.62 -10.64
CA ARG A 46 9.07 12.38 -11.06
C ARG A 46 7.72 12.64 -11.71
N HIS A 47 7.05 13.71 -11.30
CA HIS A 47 5.73 14.05 -11.85
C HIS A 47 4.68 13.03 -11.42
N PHE A 48 4.62 12.77 -10.12
CA PHE A 48 3.66 11.83 -9.56
C PHE A 48 3.72 11.88 -8.05
N VAL A 49 4.93 11.92 -7.51
CA VAL A 49 5.14 11.96 -6.08
C VAL A 49 4.73 13.31 -5.50
N GLU A 50 3.90 13.29 -4.46
CA GLU A 50 3.44 14.51 -3.81
C GLU A 50 4.57 15.20 -3.08
N GLY A 51 5.41 14.39 -2.41
CA GLY A 51 6.53 14.94 -1.67
C GLY A 51 7.53 13.88 -1.26
N VAL A 52 8.55 14.28 -0.51
CA VAL A 52 9.59 13.37 -0.06
C VAL A 52 10.24 13.90 1.22
N ILE A 53 11.04 13.07 1.88
CA ILE A 53 11.71 13.47 3.10
C ILE A 53 12.99 12.68 3.33
N ASN A 54 14.00 13.34 3.88
CA ASN A 54 15.29 12.70 4.14
C ASN A 54 15.31 12.05 5.53
N LEU A 55 15.87 10.85 5.60
CA LEU A 55 15.98 10.11 6.85
C LEU A 55 16.89 8.91 6.69
N ARG A 56 17.75 8.69 7.68
CA ARG A 56 18.69 7.57 7.65
C ARG A 56 19.49 7.58 6.35
N GLY A 57 19.99 8.75 5.97
CA GLY A 57 20.76 8.88 4.75
C GLY A 57 20.02 8.38 3.53
N ARG A 58 18.71 8.59 3.50
CA ARG A 58 17.88 8.17 2.37
C ARG A 58 16.55 8.91 2.38
N ILE A 59 16.22 9.51 1.24
CA ILE A 59 14.98 10.25 1.11
C ILE A 59 13.83 9.36 0.66
N ILE A 60 12.75 9.32 1.43
CA ILE A 60 11.60 8.51 1.09
C ILE A 60 10.54 9.31 0.35
N PRO A 61 10.14 8.85 -0.85
CA PRO A 61 9.13 9.53 -1.65
C PRO A 61 7.70 9.20 -1.22
N VAL A 62 6.98 10.21 -0.74
CA VAL A 62 5.60 10.03 -0.33
C VAL A 62 4.69 10.28 -1.53
N VAL A 63 3.72 9.39 -1.74
CA VAL A 63 2.84 9.52 -2.88
C VAL A 63 1.41 9.07 -2.59
N ASN A 64 0.50 9.58 -3.41
CA ASN A 64 -0.90 9.22 -3.32
C ASN A 64 -1.11 7.86 -3.96
N LEU A 65 -0.53 6.84 -3.33
CA LEU A 65 -0.62 5.48 -3.86
C LEU A 65 -2.06 5.06 -4.11
N ALA A 66 -2.99 5.61 -3.33
CA ALA A 66 -4.39 5.29 -3.52
C ALA A 66 -4.85 5.79 -4.89
N LYS A 67 -4.17 6.82 -5.38
CA LYS A 67 -4.46 7.43 -6.68
C LYS A 67 -3.90 6.58 -7.81
N ILE A 68 -2.61 6.25 -7.70
CA ILE A 68 -1.93 5.42 -8.69
C ILE A 68 -2.73 4.15 -8.86
N LEU A 69 -3.20 3.67 -7.73
CA LEU A 69 -4.02 2.50 -7.67
C LEU A 69 -5.44 2.84 -8.13
N GLY A 70 -5.96 3.97 -7.64
CA GLY A 70 -7.30 4.41 -8.02
C GLY A 70 -8.28 4.37 -6.86
N ILE A 71 -9.05 3.28 -6.75
CA ILE A 71 -10.05 3.10 -5.67
C ILE A 71 -10.95 4.31 -5.49
N SER A 72 -12.06 4.11 -4.77
CA SER A 72 -13.02 5.18 -4.50
C SER A 72 -12.25 6.42 -4.04
N PHE A 73 -11.19 6.18 -3.28
CA PHE A 73 -10.28 7.21 -2.80
C PHE A 73 -10.25 8.44 -3.72
N ASP A 74 -10.21 9.63 -3.12
CA ASP A 74 -10.18 10.87 -3.88
C ASP A 74 -9.65 12.03 -3.03
N GLU A 75 -8.70 11.73 -2.14
CA GLU A 75 -8.09 12.74 -1.29
C GLU A 75 -9.13 13.56 -0.52
N GLN A 76 -10.10 12.88 0.08
CA GLN A 76 -11.14 13.58 0.82
C GLN A 76 -10.87 13.61 2.33
N LYS A 77 -10.51 12.47 2.91
CA LYS A 77 -10.26 12.38 4.35
C LYS A 77 -8.78 12.21 4.67
N MET A 78 -8.03 11.65 3.72
CA MET A 78 -6.60 11.38 3.89
C MET A 78 -5.90 12.48 4.73
N LYS A 79 -4.93 12.07 5.53
CA LYS A 79 -4.17 13.01 6.38
C LYS A 79 -2.84 12.41 6.82
N SER A 80 -2.88 11.15 7.24
CA SER A 80 -1.68 10.46 7.71
C SER A 80 -0.97 9.76 6.56
N ILE A 81 0.36 9.77 6.60
CA ILE A 81 1.17 9.15 5.55
C ILE A 81 1.68 7.77 5.99
N ILE A 82 2.07 6.95 5.01
CA ILE A 82 2.57 5.61 5.27
C ILE A 82 3.96 5.43 4.67
N VAL A 83 4.70 4.45 5.18
CA VAL A 83 6.04 4.19 4.68
C VAL A 83 6.24 2.70 4.42
N ALA A 84 7.11 2.40 3.46
CA ALA A 84 7.38 1.02 3.05
C ALA A 84 8.75 0.91 2.41
N ARG A 85 9.19 -0.32 2.15
CA ARG A 85 10.48 -0.57 1.51
C ARG A 85 10.29 -1.50 0.31
N THR A 86 10.82 -1.11 -0.84
CA THR A 86 10.68 -1.90 -2.04
C THR A 86 11.91 -1.81 -2.93
N LYS A 87 12.69 -2.87 -2.99
CA LYS A 87 13.87 -2.91 -3.83
C LYS A 87 14.70 -1.65 -3.64
N ASP A 88 15.12 -1.45 -2.41
CA ASP A 88 15.90 -0.29 -2.01
C ASP A 88 15.14 1.01 -2.28
N VAL A 89 13.82 0.93 -2.16
CA VAL A 89 12.96 2.10 -2.32
C VAL A 89 12.04 2.20 -1.13
N GLU A 90 12.26 3.19 -0.28
CA GLU A 90 11.37 3.35 0.84
C GLU A 90 10.23 4.22 0.37
N VAL A 91 9.16 3.54 0.01
CA VAL A 91 8.00 4.15 -0.59
C VAL A 91 6.98 4.62 0.42
N GLY A 92 6.24 5.63 0.03
CA GLY A 92 5.24 6.21 0.91
C GLY A 92 3.85 6.28 0.30
N PHE A 93 2.82 6.15 1.14
CA PHE A 93 1.43 6.19 0.70
C PHE A 93 0.58 7.00 1.68
N LEU A 94 -0.12 8.01 1.17
CA LEU A 94 -0.94 8.87 2.02
C LEU A 94 -2.36 8.34 2.19
N VAL A 95 -2.80 8.27 3.44
CA VAL A 95 -4.15 7.82 3.79
C VAL A 95 -4.69 8.61 4.98
N ASP A 96 -5.87 8.24 5.47
CA ASP A 96 -6.51 8.98 6.56
C ASP A 96 -6.49 8.21 7.87
N ARG A 97 -7.16 7.07 7.87
CA ARG A 97 -7.24 6.26 9.07
C ARG A 97 -6.64 4.89 8.82
N VAL A 98 -5.59 4.59 9.55
CA VAL A 98 -4.92 3.32 9.40
C VAL A 98 -5.10 2.46 10.62
N LEU A 99 -5.79 1.35 10.38
CA LEU A 99 -6.12 0.36 11.38
C LEU A 99 -4.87 -0.31 11.91
N GLY A 100 -3.88 -0.43 11.02
CA GLY A 100 -2.64 -1.09 11.40
C GLY A 100 -2.72 -2.58 11.18
N VAL A 101 -2.45 -3.36 12.23
CA VAL A 101 -2.53 -4.80 12.15
C VAL A 101 -3.89 -5.23 11.59
N LEU A 102 -3.89 -6.08 10.58
CA LEU A 102 -5.11 -6.52 9.96
C LEU A 102 -5.14 -8.04 9.78
N ARG A 103 -6.30 -8.63 10.04
CA ARG A 103 -6.46 -10.06 9.92
C ARG A 103 -6.88 -10.44 8.50
N ILE A 104 -5.96 -10.29 7.55
CA ILE A 104 -6.24 -10.65 6.17
C ILE A 104 -5.88 -12.11 5.96
N THR A 105 -6.78 -12.86 5.37
CA THR A 105 -6.51 -14.24 5.09
C THR A 105 -5.85 -14.32 3.74
N GLU A 106 -5.59 -15.50 3.24
CA GLU A 106 -4.93 -15.60 1.97
C GLU A 106 -5.35 -16.82 1.18
N ASN A 107 -6.56 -16.76 0.66
CA ASN A 107 -7.10 -17.81 -0.15
C ASN A 107 -7.04 -17.39 -1.61
N GLN A 108 -6.17 -16.43 -1.89
CA GLN A 108 -6.01 -15.91 -3.24
C GLN A 108 -4.56 -16.01 -3.71
N LEU A 109 -3.63 -15.59 -2.85
CA LEU A 109 -2.21 -15.65 -3.19
C LEU A 109 -1.75 -17.11 -3.25
N ASP A 110 -0.49 -17.36 -2.86
CA ASP A 110 0.06 -18.71 -2.84
C ASP A 110 0.30 -19.24 -4.27
N LEU A 111 0.10 -20.55 -4.49
CA LEU A 111 0.31 -21.15 -5.79
C LEU A 111 -0.74 -20.70 -6.80
N THR A 112 -2.00 -20.67 -6.37
CA THR A 112 -3.08 -20.25 -7.26
C THR A 112 -2.73 -18.95 -7.97
N ASN A 113 -1.96 -18.11 -7.29
CA ASN A 113 -1.51 -16.83 -7.83
C ASN A 113 -2.65 -16.08 -8.54
N VAL A 114 -3.75 -15.86 -7.82
CA VAL A 114 -4.89 -15.15 -8.35
C VAL A 114 -4.53 -13.68 -8.57
N SER A 115 -3.58 -13.44 -9.45
CA SER A 115 -3.11 -12.10 -9.75
C SER A 115 -4.19 -11.26 -10.42
N ASP A 116 -5.26 -11.92 -10.87
CA ASP A 116 -6.34 -11.23 -11.56
C ASP A 116 -7.29 -10.49 -10.61
N LYS A 117 -6.85 -10.24 -9.38
CA LYS A 117 -7.70 -9.56 -8.40
C LYS A 117 -8.00 -8.12 -8.83
N PHE A 118 -7.12 -7.18 -8.48
CA PHE A 118 -7.33 -5.78 -8.84
C PHE A 118 -7.15 -5.57 -10.34
N GLY A 119 -5.96 -5.91 -10.84
CA GLY A 119 -5.68 -5.75 -12.25
C GLY A 119 -4.23 -5.38 -12.51
N LYS A 120 -4.03 -4.44 -13.43
CA LYS A 120 -2.68 -3.99 -13.79
C LYS A 120 -2.16 -2.97 -12.77
N LYS A 121 -2.11 -3.37 -11.51
CA LYS A 121 -1.64 -2.49 -10.44
C LYS A 121 -1.23 -3.30 -9.22
N SER A 122 -2.01 -4.33 -8.92
CA SER A 122 -1.76 -5.20 -7.78
C SER A 122 -2.58 -6.48 -7.97
N LYS A 123 -2.91 -7.17 -6.88
CA LYS A 123 -3.70 -8.39 -7.00
C LYS A 123 -4.06 -9.00 -5.65
N GLY A 124 -4.42 -8.16 -4.69
CA GLY A 124 -4.80 -8.67 -3.39
C GLY A 124 -6.20 -8.28 -3.00
N LEU A 125 -7.14 -8.39 -3.92
CA LEU A 125 -8.53 -8.05 -3.63
C LEU A 125 -9.05 -8.98 -2.55
N VAL A 126 -9.66 -8.41 -1.52
CA VAL A 126 -10.17 -9.19 -0.40
C VAL A 126 -11.47 -8.59 0.15
N LYS A 127 -12.19 -9.39 0.91
CA LYS A 127 -13.46 -8.97 1.50
C LYS A 127 -13.88 -9.92 2.61
N THR A 128 -14.46 -9.37 3.68
CA THR A 128 -14.89 -10.14 4.81
C THR A 128 -15.85 -9.33 5.70
N ASP A 129 -16.78 -10.01 6.34
CA ASP A 129 -17.75 -9.34 7.20
C ASP A 129 -18.50 -8.25 6.45
N GLY A 130 -18.97 -8.59 5.27
CA GLY A 130 -19.69 -7.62 4.46
C GLY A 130 -18.91 -6.34 4.27
N ARG A 131 -17.59 -6.47 4.19
CA ARG A 131 -16.71 -5.33 4.02
C ARG A 131 -15.61 -5.65 3.02
N LEU A 132 -15.43 -4.77 2.04
CA LEU A 132 -14.41 -4.97 1.01
C LEU A 132 -13.08 -4.38 1.43
N ILE A 133 -12.00 -5.11 1.12
CA ILE A 133 -10.66 -4.68 1.46
C ILE A 133 -9.71 -4.83 0.27
N ILE A 134 -8.98 -3.75 -0.04
CA ILE A 134 -8.00 -3.80 -1.13
C ILE A 134 -6.67 -4.26 -0.56
N TYR A 135 -6.14 -5.36 -1.05
CA TYR A 135 -4.86 -5.83 -0.57
C TYR A 135 -3.85 -5.91 -1.69
N LEU A 136 -2.60 -5.69 -1.36
CA LEU A 136 -1.55 -5.76 -2.36
C LEU A 136 -0.17 -5.93 -1.72
N ASP A 137 0.71 -6.63 -2.43
CA ASP A 137 2.07 -6.89 -1.95
C ASP A 137 3.05 -5.86 -2.51
N ILE A 138 2.53 -4.66 -2.69
CA ILE A 138 3.26 -3.52 -3.21
C ILE A 138 4.22 -3.86 -4.36
N ASP A 139 4.03 -5.02 -5.00
CA ASP A 139 4.91 -5.45 -6.09
C ASP A 139 4.57 -4.76 -7.43
N LYS A 140 3.33 -4.86 -7.85
CA LYS A 140 2.90 -4.26 -9.12
C LYS A 140 2.72 -2.76 -8.95
N ILE A 141 2.27 -2.36 -7.77
CA ILE A 141 2.05 -0.98 -7.46
C ILE A 141 3.37 -0.22 -7.43
N ILE A 142 4.38 -0.79 -6.76
CA ILE A 142 5.68 -0.15 -6.72
C ILE A 142 6.27 -0.09 -8.12
N GLU A 143 6.15 -1.21 -8.86
CA GLU A 143 6.66 -1.27 -10.22
C GLU A 143 6.19 -0.03 -10.97
N GLU A 144 4.93 0.34 -10.74
CA GLU A 144 4.34 1.51 -11.36
C GLU A 144 4.95 2.79 -10.78
N ILE A 145 5.26 2.77 -9.48
CA ILE A 145 5.83 3.92 -8.81
C ILE A 145 7.11 4.40 -9.48
N THR A 146 8.03 3.47 -9.73
CA THR A 146 9.30 3.80 -10.36
C THR A 146 9.14 4.07 -11.86
N VAL A 147 8.52 3.15 -12.57
CA VAL A 147 8.31 3.29 -14.01
C VAL A 147 7.42 4.49 -14.33
N LYS A 148 6.69 4.98 -13.32
CA LYS A 148 5.79 6.11 -13.51
C LYS A 148 6.44 7.23 -14.32
N GLU A 149 7.66 7.59 -13.94
CA GLU A 149 8.39 8.64 -14.63
C GLU A 149 8.72 8.23 -16.06
N GLY A 150 8.75 9.21 -16.96
CA GLY A 150 9.05 8.94 -18.36
C GLY A 150 9.50 10.16 -19.10
N VAL A 151 10.44 10.90 -18.53
CA VAL A 151 10.97 12.12 -19.14
C VAL A 151 11.56 11.81 -20.51
N MET A 1 9.80 -27.64 3.39
CA MET A 1 11.11 -26.94 3.42
C MET A 1 10.96 -25.49 3.89
N LYS A 2 10.25 -25.31 5.00
CA LYS A 2 10.02 -23.98 5.57
C LYS A 2 9.67 -24.09 7.05
N THR A 3 8.45 -23.73 7.43
CA THR A 3 8.02 -23.79 8.82
C THR A 3 6.50 -23.86 8.93
N LEU A 4 5.82 -22.96 8.25
CA LEU A 4 4.36 -22.92 8.26
C LEU A 4 3.78 -24.25 7.74
N ALA A 5 4.46 -24.86 6.78
CA ALA A 5 4.02 -26.14 6.22
C ALA A 5 2.59 -26.09 5.71
N ASP A 6 2.36 -25.24 4.70
CA ASP A 6 1.03 -25.09 4.10
C ASP A 6 -0.01 -24.67 5.14
N ALA A 7 -0.85 -23.71 4.76
CA ALA A 7 -1.90 -23.21 5.65
C ALA A 7 -2.62 -22.02 5.03
N LEU A 8 -1.90 -20.89 4.95
CA LEU A 8 -2.45 -19.67 4.37
C LEU A 8 -3.86 -19.39 4.88
N LYS A 9 -4.05 -19.57 6.19
CA LYS A 9 -5.35 -19.34 6.82
C LYS A 9 -5.57 -17.85 7.11
N GLU A 10 -4.60 -17.26 7.80
CA GLU A 10 -4.68 -15.86 8.17
C GLU A 10 -3.32 -15.20 8.03
N PHE A 11 -3.34 -13.89 8.03
CA PHE A 11 -2.14 -13.13 7.80
C PHE A 11 -2.23 -11.71 8.38
N GLU A 12 -1.13 -11.26 8.97
CA GLU A 12 -1.06 -9.93 9.54
C GLU A 12 -0.61 -8.96 8.47
N VAL A 13 -1.21 -7.79 8.43
CA VAL A 13 -0.87 -6.84 7.37
C VAL A 13 -1.14 -5.38 7.76
N LEU A 14 -0.67 -4.47 6.93
CA LEU A 14 -0.85 -3.05 7.15
C LEU A 14 -2.16 -2.64 6.51
N SER A 15 -3.00 -1.88 7.22
CA SER A 15 -4.31 -1.53 6.67
C SER A 15 -4.75 -0.12 7.05
N PHE A 16 -5.57 0.46 6.18
CA PHE A 16 -6.12 1.78 6.37
C PHE A 16 -7.48 1.88 5.68
N GLU A 17 -8.25 2.90 6.05
CA GLU A 17 -9.56 3.06 5.45
C GLU A 17 -9.44 3.91 4.19
N ILE A 18 -10.19 3.53 3.18
CA ILE A 18 -10.14 4.20 1.89
C ILE A 18 -11.54 4.46 1.33
N ASP A 19 -12.08 5.63 1.68
CA ASP A 19 -13.41 6.03 1.21
C ASP A 19 -14.44 4.90 1.33
N GLU A 20 -14.62 4.44 2.54
CA GLU A 20 -15.58 3.37 2.85
C GLU A 20 -14.95 1.98 2.71
N GLN A 21 -14.17 1.78 1.65
CA GLN A 21 -13.54 0.47 1.44
C GLN A 21 -12.18 0.45 2.14
N ALA A 22 -11.79 -0.72 2.65
CA ALA A 22 -10.53 -0.84 3.36
C ALA A 22 -9.40 -1.18 2.40
N LEU A 23 -8.17 -1.06 2.86
CA LEU A 23 -7.01 -1.32 2.01
C LEU A 23 -5.80 -1.80 2.84
N ALA A 24 -5.05 -2.77 2.31
CA ALA A 24 -3.91 -3.33 3.03
C ALA A 24 -2.74 -3.76 2.11
N PHE A 25 -1.53 -3.69 2.67
CA PHE A 25 -0.29 -4.06 1.96
C PHE A 25 0.54 -4.97 2.86
N ASP A 26 1.18 -5.97 2.30
CA ASP A 26 2.00 -6.88 3.10
C ASP A 26 2.95 -6.10 4.00
N VAL A 27 2.84 -6.36 5.30
CA VAL A 27 3.70 -5.70 6.28
C VAL A 27 5.17 -6.03 6.03
N ASP A 28 5.41 -7.05 5.20
CA ASP A 28 6.77 -7.44 4.89
C ASP A 28 7.47 -6.32 4.14
N ASN A 29 6.73 -5.71 3.24
CA ASN A 29 7.23 -4.61 2.44
C ASN A 29 7.03 -3.27 3.15
N ILE A 30 5.82 -3.08 3.70
CA ILE A 30 5.49 -1.87 4.43
C ILE A 30 6.33 -1.76 5.70
N GLU A 31 6.91 -0.59 5.94
CA GLU A 31 7.74 -0.37 7.12
C GLU A 31 6.89 -0.03 8.33
N MET A 32 6.20 1.10 8.28
CA MET A 32 5.35 1.53 9.39
C MET A 32 4.47 2.71 8.98
N VAL A 33 3.56 3.07 9.87
CA VAL A 33 2.64 4.18 9.62
C VAL A 33 3.23 5.52 10.09
N ILE A 34 2.89 6.59 9.38
CA ILE A 34 3.37 7.92 9.72
C ILE A 34 2.31 8.96 9.40
N GLU A 35 2.01 9.83 10.36
CA GLU A 35 1.02 10.87 10.17
C GLU A 35 1.66 12.20 9.81
N LYS A 36 1.25 12.78 8.68
CA LYS A 36 1.77 14.06 8.22
C LYS A 36 0.83 14.72 7.23
N SER A 37 1.26 15.86 6.69
CA SER A 37 0.46 16.60 5.71
C SER A 37 1.32 17.67 5.04
N ASP A 38 1.06 17.93 3.76
CA ASP A 38 1.82 18.91 3.02
C ASP A 38 3.32 18.69 3.23
N ILE A 39 3.71 17.41 3.14
CA ILE A 39 5.10 17.01 3.34
C ILE A 39 6.09 17.85 2.52
N THR A 40 6.05 17.68 1.21
CA THR A 40 6.97 18.39 0.33
C THR A 40 6.29 18.77 -0.98
N PRO A 41 6.41 20.06 -1.38
CA PRO A 41 5.81 20.59 -2.60
C PRO A 41 6.73 20.52 -3.81
N VAL A 42 6.21 19.98 -4.90
CA VAL A 42 6.97 19.85 -6.14
C VAL A 42 8.23 19.02 -5.93
N PRO A 43 8.14 17.90 -5.19
CA PRO A 43 9.28 17.03 -4.92
C PRO A 43 9.60 16.10 -6.09
N LYS A 44 8.85 16.26 -7.19
CA LYS A 44 9.04 15.43 -8.38
C LYS A 44 10.50 15.36 -8.80
N SER A 45 10.87 14.26 -9.42
CA SER A 45 12.23 14.08 -9.88
C SER A 45 12.40 12.81 -10.69
N ARG A 46 11.79 12.78 -11.88
CA ARG A 46 11.87 11.61 -12.76
C ARG A 46 11.15 10.41 -12.16
N HIS A 47 9.94 10.65 -11.65
CA HIS A 47 9.15 9.58 -11.05
C HIS A 47 7.68 10.00 -10.93
N PHE A 48 7.20 10.16 -9.71
CA PHE A 48 5.82 10.55 -9.46
C PHE A 48 5.60 10.81 -7.97
N VAL A 49 6.61 11.38 -7.33
CA VAL A 49 6.55 11.67 -5.90
C VAL A 49 5.86 13.00 -5.62
N GLU A 50 4.86 12.97 -4.74
CA GLU A 50 4.13 14.17 -4.37
C GLU A 50 4.75 14.80 -3.12
N GLY A 51 5.43 13.99 -2.33
CA GLY A 51 6.06 14.46 -1.10
C GLY A 51 7.26 13.62 -0.72
N VAL A 52 8.10 14.12 0.18
CA VAL A 52 9.28 13.39 0.60
C VAL A 52 9.66 13.75 2.04
N ILE A 53 10.49 12.92 2.65
CA ILE A 53 10.95 13.15 4.02
C ILE A 53 12.22 12.38 4.32
N ASN A 54 13.08 12.97 5.16
CA ASN A 54 14.33 12.33 5.52
C ASN A 54 14.15 11.44 6.75
N LEU A 55 14.71 10.23 6.68
CA LEU A 55 14.61 9.28 7.78
C LEU A 55 15.54 8.10 7.55
N ARG A 56 16.13 7.60 8.64
CA ARG A 56 17.06 6.47 8.56
C ARG A 56 18.14 6.74 7.53
N GLY A 57 18.71 7.95 7.58
CA GLY A 57 19.75 8.33 6.66
C GLY A 57 19.34 8.17 5.21
N ARG A 58 18.07 8.47 4.91
CA ARG A 58 17.57 8.35 3.55
C ARG A 58 16.20 9.01 3.41
N ILE A 59 15.99 9.71 2.31
CA ILE A 59 14.73 10.39 2.06
C ILE A 59 13.75 9.47 1.34
N ILE A 60 12.53 9.35 1.90
CA ILE A 60 11.50 8.51 1.30
C ILE A 60 10.52 9.32 0.47
N PRO A 61 10.09 8.79 -0.70
CA PRO A 61 9.15 9.46 -1.58
C PRO A 61 7.71 9.03 -1.35
N VAL A 62 6.87 9.95 -0.91
CA VAL A 62 5.47 9.67 -0.67
C VAL A 62 4.65 9.91 -1.93
N VAL A 63 3.68 9.04 -2.18
CA VAL A 63 2.84 9.16 -3.37
C VAL A 63 1.39 8.77 -3.08
N ASN A 64 0.48 9.28 -3.90
CA ASN A 64 -0.94 8.98 -3.75
C ASN A 64 -1.22 7.58 -4.30
N LEU A 65 -0.58 6.59 -3.71
CA LEU A 65 -0.72 5.21 -4.15
C LEU A 65 -2.19 4.81 -4.33
N ALA A 66 -3.09 5.47 -3.61
CA ALA A 66 -4.48 5.12 -3.72
C ALA A 66 -5.05 5.53 -5.08
N LYS A 67 -4.45 6.55 -5.73
CA LYS A 67 -4.92 6.98 -7.05
C LYS A 67 -4.24 6.19 -8.15
N ILE A 68 -2.97 5.83 -7.94
CA ILE A 68 -2.26 5.02 -8.93
C ILE A 68 -3.05 3.75 -9.10
N LEU A 69 -3.51 3.26 -7.96
CA LEU A 69 -4.36 2.10 -7.89
C LEU A 69 -5.79 2.51 -8.24
N GLY A 70 -6.23 3.61 -7.63
CA GLY A 70 -7.57 4.13 -7.87
C GLY A 70 -8.44 4.09 -6.63
N ILE A 71 -9.08 2.94 -6.36
CA ILE A 71 -9.94 2.77 -5.18
C ILE A 71 -10.91 3.93 -4.97
N SER A 72 -11.90 3.72 -4.11
CA SER A 72 -12.90 4.76 -3.81
C SER A 72 -12.19 6.08 -3.54
N PHE A 73 -11.01 5.98 -2.92
CA PHE A 73 -10.15 7.12 -2.64
C PHE A 73 -10.27 8.23 -3.67
N ASP A 74 -10.17 9.47 -3.20
CA ASP A 74 -10.27 10.64 -4.07
C ASP A 74 -9.94 11.91 -3.30
N GLU A 75 -8.91 11.84 -2.46
CA GLU A 75 -8.48 12.98 -1.66
C GLU A 75 -9.62 13.51 -0.79
N GLN A 76 -10.43 12.61 -0.26
CA GLN A 76 -11.56 13.00 0.57
C GLN A 76 -11.20 13.09 2.04
N LYS A 77 -11.00 11.94 2.67
CA LYS A 77 -10.68 11.88 4.09
C LYS A 77 -9.18 11.91 4.35
N MET A 78 -8.39 11.56 3.33
CA MET A 78 -6.91 11.52 3.43
C MET A 78 -6.36 12.39 4.56
N LYS A 79 -5.36 11.86 5.26
CA LYS A 79 -4.73 12.59 6.36
C LYS A 79 -3.49 11.86 6.88
N SER A 80 -3.56 10.53 6.94
CA SER A 80 -2.44 9.72 7.42
C SER A 80 -1.50 9.35 6.27
N ILE A 81 -0.31 8.85 6.60
CA ILE A 81 0.68 8.47 5.60
C ILE A 81 1.36 7.15 5.98
N ILE A 82 1.90 6.46 4.97
CA ILE A 82 2.56 5.18 5.19
C ILE A 82 3.92 5.10 4.47
N VAL A 83 4.77 4.22 4.94
CA VAL A 83 6.08 4.02 4.35
C VAL A 83 6.34 2.52 4.11
N ALA A 84 7.01 2.21 3.01
CA ALA A 84 7.29 0.82 2.64
C ALA A 84 8.69 0.67 2.07
N ARG A 85 9.06 -0.56 1.74
CA ARG A 85 10.36 -0.87 1.16
C ARG A 85 10.17 -1.77 -0.03
N THR A 86 10.77 -1.44 -1.15
CA THR A 86 10.65 -2.25 -2.33
C THR A 86 11.97 -2.39 -3.05
N LYS A 87 12.58 -3.56 -2.87
CA LYS A 87 13.85 -3.87 -3.52
C LYS A 87 14.83 -2.72 -3.35
N ASP A 88 14.93 -2.24 -2.14
CA ASP A 88 15.81 -1.14 -1.78
C ASP A 88 15.20 0.21 -2.11
N VAL A 89 13.88 0.26 -2.09
CA VAL A 89 13.14 1.50 -2.33
C VAL A 89 12.20 1.75 -1.17
N GLU A 90 12.48 2.73 -0.34
CA GLU A 90 11.58 3.01 0.75
C GLU A 90 10.55 3.97 0.22
N VAL A 91 9.41 3.39 -0.11
CA VAL A 91 8.30 4.08 -0.74
C VAL A 91 7.35 4.70 0.27
N GLY A 92 6.62 5.69 -0.19
CA GLY A 92 5.66 6.38 0.65
C GLY A 92 4.27 6.39 0.05
N PHE A 93 3.26 6.58 0.90
CA PHE A 93 1.87 6.59 0.42
C PHE A 93 0.93 7.32 1.38
N LEU A 94 0.17 8.25 0.83
CA LEU A 94 -0.78 9.03 1.62
C LEU A 94 -2.15 8.33 1.70
N VAL A 95 -2.63 8.17 2.92
CA VAL A 95 -3.94 7.55 3.17
C VAL A 95 -4.71 8.34 4.21
N ASP A 96 -5.87 7.85 4.60
CA ASP A 96 -6.70 8.55 5.57
C ASP A 96 -6.34 8.18 7.00
N ARG A 97 -6.83 7.03 7.43
CA ARG A 97 -6.55 6.53 8.76
C ARG A 97 -6.10 5.10 8.67
N VAL A 98 -4.83 4.89 8.90
CA VAL A 98 -4.28 3.56 8.81
C VAL A 98 -4.37 2.83 10.14
N LEU A 99 -5.17 1.78 10.11
CA LEU A 99 -5.45 0.93 11.25
C LEU A 99 -4.18 0.23 11.72
N GLY A 100 -3.27 0.00 10.79
CA GLY A 100 -2.05 -0.69 11.11
C GLY A 100 -2.19 -2.19 10.97
N VAL A 101 -1.86 -2.93 12.03
CA VAL A 101 -1.97 -4.39 12.00
C VAL A 101 -3.37 -4.81 11.54
N LEU A 102 -3.43 -5.73 10.58
CA LEU A 102 -4.69 -6.18 10.05
C LEU A 102 -4.73 -7.69 9.93
N ARG A 103 -5.86 -8.27 10.28
CA ARG A 103 -6.05 -9.71 10.21
C ARG A 103 -6.57 -10.12 8.84
N ILE A 104 -5.70 -10.05 7.84
CA ILE A 104 -6.08 -10.43 6.48
C ILE A 104 -5.84 -11.89 6.25
N THR A 105 -6.83 -12.59 5.74
CA THR A 105 -6.65 -13.98 5.40
C THR A 105 -6.15 -14.02 3.99
N GLU A 106 -5.35 -15.01 3.65
CA GLU A 106 -4.77 -15.03 2.34
C GLU A 106 -4.85 -16.38 1.65
N ASN A 107 -6.01 -16.65 1.08
CA ASN A 107 -6.23 -17.85 0.32
C ASN A 107 -5.84 -17.56 -1.13
N GLN A 108 -5.55 -16.28 -1.39
CA GLN A 108 -5.16 -15.81 -2.72
C GLN A 108 -3.72 -16.20 -3.03
N LEU A 109 -2.80 -15.84 -2.14
CA LEU A 109 -1.38 -16.12 -2.30
C LEU A 109 -1.07 -17.62 -2.20
N ASP A 110 -1.86 -18.46 -2.85
CA ASP A 110 -1.62 -19.89 -2.82
C ASP A 110 -0.45 -20.24 -3.73
N LEU A 111 0.65 -20.69 -3.14
CA LEU A 111 1.85 -21.05 -3.89
C LEU A 111 2.53 -19.82 -4.49
N THR A 112 1.75 -18.94 -5.12
CA THR A 112 2.29 -17.74 -5.73
C THR A 112 1.18 -16.87 -6.32
N ASN A 113 0.34 -16.30 -5.45
CA ASN A 113 -0.77 -15.44 -5.88
C ASN A 113 -1.51 -16.05 -7.06
N VAL A 114 -2.26 -17.12 -6.79
CA VAL A 114 -3.02 -17.79 -7.82
C VAL A 114 -4.31 -17.06 -8.18
N SER A 115 -4.24 -15.73 -8.26
CA SER A 115 -5.41 -14.92 -8.60
C SER A 115 -5.10 -13.44 -8.45
N ASP A 116 -5.41 -12.67 -9.49
CA ASP A 116 -5.16 -11.23 -9.46
C ASP A 116 -6.15 -10.52 -8.55
N LYS A 117 -7.43 -10.75 -8.79
CA LYS A 117 -8.51 -10.15 -8.00
C LYS A 117 -8.58 -8.64 -8.17
N PHE A 118 -7.46 -7.96 -7.92
CA PHE A 118 -7.39 -6.52 -8.03
C PHE A 118 -6.07 -6.14 -8.70
N GLY A 119 -5.66 -6.96 -9.63
CA GLY A 119 -4.41 -6.74 -10.35
C GLY A 119 -4.49 -5.63 -11.36
N LYS A 120 -5.36 -4.67 -11.13
CA LYS A 120 -5.49 -3.53 -12.02
C LYS A 120 -4.25 -2.65 -11.88
N LYS A 121 -3.74 -2.61 -10.66
CA LYS A 121 -2.56 -1.84 -10.33
C LYS A 121 -1.95 -2.39 -9.04
N SER A 122 -2.00 -3.71 -8.89
CA SER A 122 -1.48 -4.38 -7.69
C SER A 122 -1.59 -5.90 -7.84
N LYS A 123 -1.88 -6.62 -6.73
CA LYS A 123 -2.00 -8.08 -6.79
C LYS A 123 -2.75 -8.67 -5.60
N GLY A 124 -3.65 -7.90 -4.97
CA GLY A 124 -4.37 -8.45 -3.84
C GLY A 124 -5.76 -7.86 -3.67
N LEU A 125 -6.63 -8.64 -3.04
CA LEU A 125 -7.99 -8.23 -2.78
C LEU A 125 -8.57 -9.07 -1.65
N VAL A 126 -9.31 -8.43 -0.77
CA VAL A 126 -9.90 -9.12 0.38
C VAL A 126 -11.21 -8.49 0.82
N LYS A 127 -11.98 -9.25 1.57
CA LYS A 127 -13.27 -8.78 2.07
C LYS A 127 -13.70 -9.61 3.28
N THR A 128 -14.12 -8.91 4.33
CA THR A 128 -14.56 -9.54 5.55
C THR A 128 -15.34 -8.55 6.39
N ASP A 129 -16.41 -9.01 7.04
CA ASP A 129 -17.23 -8.14 7.86
C ASP A 129 -17.85 -7.05 7.01
N GLY A 130 -18.39 -7.44 5.86
CA GLY A 130 -18.98 -6.47 4.96
C GLY A 130 -17.99 -5.39 4.60
N ARG A 131 -16.71 -5.74 4.69
CA ARG A 131 -15.64 -4.81 4.38
C ARG A 131 -14.95 -5.15 3.06
N LEU A 132 -14.97 -4.21 2.12
CA LEU A 132 -14.32 -4.42 0.84
C LEU A 132 -12.87 -3.95 0.93
N ILE A 133 -12.00 -4.82 1.45
CA ILE A 133 -10.61 -4.46 1.64
C ILE A 133 -9.74 -4.76 0.41
N ILE A 134 -8.95 -3.77 0.00
CA ILE A 134 -8.03 -3.96 -1.12
C ILE A 134 -6.71 -4.49 -0.56
N TYR A 135 -6.01 -5.31 -1.33
CA TYR A 135 -4.75 -5.85 -0.83
C TYR A 135 -3.69 -5.90 -1.94
N LEU A 136 -2.43 -5.82 -1.54
CA LEU A 136 -1.37 -5.85 -2.52
C LEU A 136 0.03 -6.01 -1.92
N ASP A 137 0.92 -6.63 -2.70
CA ASP A 137 2.29 -6.88 -2.30
C ASP A 137 3.20 -5.82 -2.92
N ILE A 138 2.64 -4.62 -3.08
CA ILE A 138 3.31 -3.47 -3.65
C ILE A 138 4.20 -3.80 -4.85
N ASP A 139 3.92 -4.91 -5.54
CA ASP A 139 4.72 -5.31 -6.70
C ASP A 139 4.41 -4.50 -7.96
N LYS A 140 3.17 -4.57 -8.42
CA LYS A 140 2.77 -3.85 -9.62
C LYS A 140 2.64 -2.37 -9.35
N ILE A 141 2.31 -2.03 -8.11
CA ILE A 141 2.14 -0.66 -7.73
C ILE A 141 3.48 0.06 -7.69
N ILE A 142 4.50 -0.56 -7.08
CA ILE A 142 5.83 0.07 -7.05
C ILE A 142 6.39 0.20 -8.45
N GLU A 143 6.30 -0.87 -9.23
CA GLU A 143 6.79 -0.84 -10.61
C GLU A 143 6.20 0.37 -11.32
N GLU A 144 4.93 0.63 -11.03
CA GLU A 144 4.23 1.76 -11.61
C GLU A 144 4.62 3.07 -10.90
N ILE A 145 5.02 2.97 -9.63
CA ILE A 145 5.43 4.15 -8.88
C ILE A 145 6.52 4.90 -9.63
N THR A 146 7.54 4.16 -10.07
CA THR A 146 8.64 4.75 -10.82
C THR A 146 8.30 4.91 -12.30
N VAL A 147 7.73 3.85 -12.88
CA VAL A 147 7.35 3.86 -14.29
C VAL A 147 6.37 4.98 -14.62
N LYS A 148 5.55 5.36 -13.65
CA LYS A 148 4.54 6.41 -13.86
C LYS A 148 5.07 7.55 -14.73
N GLU A 149 6.26 8.05 -14.40
CA GLU A 149 6.85 9.14 -15.16
C GLU A 149 5.97 10.39 -15.11
N GLY A 150 6.59 11.55 -15.22
CA GLY A 150 5.84 12.80 -15.19
C GLY A 150 6.63 13.97 -15.77
N VAL A 151 7.91 14.06 -15.42
CA VAL A 151 8.75 15.14 -15.91
C VAL A 151 8.87 15.09 -17.42
N MET A 1 5.99 -23.68 12.72
CA MET A 1 5.46 -22.78 11.65
C MET A 1 6.51 -22.50 10.60
N LYS A 2 6.11 -22.57 9.33
CA LYS A 2 7.03 -22.33 8.22
C LYS A 2 7.62 -20.92 8.30
N THR A 3 6.76 -19.94 8.56
CA THR A 3 7.18 -18.54 8.66
C THR A 3 7.55 -17.97 7.30
N LEU A 4 8.38 -18.69 6.54
CA LEU A 4 8.79 -18.22 5.22
C LEU A 4 7.60 -18.19 4.28
N ALA A 5 6.75 -19.20 4.36
CA ALA A 5 5.57 -19.27 3.51
C ALA A 5 4.34 -18.69 4.21
N ASP A 6 3.64 -17.80 3.52
CA ASP A 6 2.44 -17.18 4.07
C ASP A 6 1.33 -18.21 4.22
N ALA A 7 0.67 -18.23 5.36
CA ALA A 7 -0.40 -19.17 5.63
C ALA A 7 -1.53 -19.03 4.60
N LEU A 8 -1.98 -20.16 4.06
CA LEU A 8 -3.06 -20.16 3.07
C LEU A 8 -4.42 -20.21 3.75
N LYS A 9 -4.63 -19.36 4.75
CA LYS A 9 -5.90 -19.31 5.47
C LYS A 9 -6.13 -17.93 6.07
N GLU A 10 -5.16 -17.47 6.85
CA GLU A 10 -5.24 -16.16 7.47
C GLU A 10 -3.89 -15.47 7.42
N PHE A 11 -3.90 -14.17 7.64
CA PHE A 11 -2.69 -13.40 7.49
C PHE A 11 -2.77 -12.02 8.14
N GLU A 12 -1.68 -11.62 8.79
CA GLU A 12 -1.59 -10.31 9.43
C GLU A 12 -1.09 -9.29 8.42
N VAL A 13 -1.72 -8.14 8.39
CA VAL A 13 -1.41 -7.12 7.42
C VAL A 13 -1.71 -5.70 7.91
N LEU A 14 -1.25 -4.71 7.17
CA LEU A 14 -1.48 -3.31 7.50
C LEU A 14 -2.79 -2.88 6.85
N SER A 15 -3.62 -2.11 7.56
CA SER A 15 -4.91 -1.73 6.98
C SER A 15 -5.38 -0.34 7.40
N PHE A 16 -6.19 0.25 6.52
CA PHE A 16 -6.74 1.59 6.72
C PHE A 16 -8.07 1.72 5.98
N GLU A 17 -8.88 2.68 6.41
CA GLU A 17 -10.17 2.90 5.76
C GLU A 17 -10.01 3.86 4.60
N ILE A 18 -10.44 3.41 3.43
CA ILE A 18 -10.34 4.19 2.21
C ILE A 18 -11.73 4.45 1.62
N ASP A 19 -12.29 5.62 1.96
CA ASP A 19 -13.60 6.02 1.48
C ASP A 19 -14.63 4.90 1.54
N GLU A 20 -14.86 4.41 2.75
CA GLU A 20 -15.83 3.34 3.00
C GLU A 20 -15.22 1.94 2.88
N GLN A 21 -14.41 1.73 1.84
CA GLN A 21 -13.78 0.42 1.66
C GLN A 21 -12.47 0.34 2.41
N ALA A 22 -12.07 -0.86 2.80
CA ALA A 22 -10.82 -1.05 3.53
C ALA A 22 -9.67 -1.27 2.57
N LEU A 23 -8.46 -0.95 3.02
CA LEU A 23 -7.28 -1.12 2.19
C LEU A 23 -6.11 -1.64 3.03
N ALA A 24 -5.41 -2.64 2.50
CA ALA A 24 -4.30 -3.27 3.21
C ALA A 24 -3.12 -3.61 2.30
N PHE A 25 -1.93 -3.65 2.91
CA PHE A 25 -0.69 -3.98 2.21
C PHE A 25 0.13 -4.89 3.10
N ASP A 26 0.85 -5.84 2.52
CA ASP A 26 1.66 -6.75 3.30
C ASP A 26 2.41 -6.01 4.38
N VAL A 27 1.87 -6.09 5.59
CA VAL A 27 2.47 -5.44 6.74
C VAL A 27 3.96 -5.71 6.81
N ASP A 28 4.42 -6.74 6.11
CA ASP A 28 5.84 -7.09 6.09
C ASP A 28 6.62 -5.97 5.40
N ASN A 29 6.08 -5.49 4.29
CA ASN A 29 6.70 -4.41 3.52
C ASN A 29 6.44 -3.06 4.18
N ILE A 30 5.20 -2.86 4.62
CA ILE A 30 4.82 -1.61 5.28
C ILE A 30 5.60 -1.44 6.58
N GLU A 31 6.28 -0.31 6.72
CA GLU A 31 7.07 -0.04 7.91
C GLU A 31 6.21 0.55 9.04
N MET A 32 5.88 1.84 8.92
CA MET A 32 5.07 2.52 9.92
C MET A 32 4.38 3.75 9.32
N VAL A 33 3.22 4.10 9.88
CA VAL A 33 2.46 5.25 9.40
C VAL A 33 2.88 6.53 10.13
N ILE A 34 3.21 7.56 9.35
CA ILE A 34 3.62 8.84 9.91
C ILE A 34 2.46 9.85 9.90
N GLU A 35 2.74 11.05 10.39
CA GLU A 35 1.73 12.11 10.45
C GLU A 35 1.75 12.93 9.16
N LYS A 36 0.59 13.48 8.81
CA LYS A 36 0.45 14.29 7.60
C LYS A 36 0.76 15.76 7.88
N SER A 37 1.55 16.38 7.01
CA SER A 37 1.92 17.78 7.15
C SER A 37 2.87 18.20 6.02
N ASP A 38 3.37 19.43 6.11
CA ASP A 38 4.28 19.95 5.10
C ASP A 38 5.48 19.02 4.93
N ILE A 39 5.97 18.88 3.70
CA ILE A 39 7.11 18.01 3.44
C ILE A 39 7.88 18.41 2.19
N THR A 40 7.27 18.21 1.03
CA THR A 40 7.91 18.51 -0.23
C THR A 40 6.90 19.01 -1.27
N PRO A 41 6.32 20.20 -1.03
CA PRO A 41 5.34 20.79 -1.93
C PRO A 41 5.98 21.57 -3.09
N VAL A 42 6.91 22.45 -2.75
CA VAL A 42 7.59 23.26 -3.76
C VAL A 42 8.68 22.47 -4.48
N PRO A 43 9.62 21.86 -3.75
CA PRO A 43 10.71 21.07 -4.35
C PRO A 43 10.20 19.89 -5.18
N LYS A 44 8.92 19.56 -5.03
CA LYS A 44 8.32 18.45 -5.76
C LYS A 44 8.82 18.42 -7.20
N SER A 45 8.73 17.26 -7.82
CA SER A 45 9.13 17.12 -9.20
C SER A 45 8.90 15.69 -9.69
N ARG A 46 7.63 15.29 -9.78
CA ARG A 46 7.28 13.94 -10.21
C ARG A 46 5.91 13.90 -10.88
N HIS A 47 4.98 14.74 -10.40
CA HIS A 47 3.63 14.78 -10.94
C HIS A 47 2.87 13.51 -10.57
N PHE A 48 2.97 13.14 -9.31
CA PHE A 48 2.29 11.95 -8.78
C PHE A 48 2.61 11.82 -7.30
N VAL A 49 3.87 12.07 -6.97
CA VAL A 49 4.35 12.00 -5.60
C VAL A 49 3.85 13.19 -4.78
N GLU A 50 3.26 12.90 -3.62
CA GLU A 50 2.74 13.94 -2.74
C GLU A 50 3.89 14.69 -2.08
N GLY A 51 4.92 13.95 -1.68
CA GLY A 51 6.06 14.57 -1.03
C GLY A 51 7.24 13.62 -0.90
N VAL A 52 8.30 14.08 -0.24
CA VAL A 52 9.49 13.27 -0.03
C VAL A 52 10.30 13.81 1.14
N ILE A 53 11.34 13.07 1.54
CA ILE A 53 12.19 13.49 2.66
C ILE A 53 13.53 12.77 2.63
N ASN A 54 14.59 13.47 3.01
CA ASN A 54 15.93 12.90 3.04
C ASN A 54 16.22 12.23 4.37
N LEU A 55 16.85 11.06 4.32
CA LEU A 55 17.18 10.31 5.53
C LEU A 55 18.11 9.15 5.21
N ARG A 56 19.08 8.93 6.10
CA ARG A 56 20.05 7.85 5.93
C ARG A 56 20.65 7.87 4.52
N GLY A 57 21.06 9.04 4.08
CA GLY A 57 21.64 9.18 2.76
C GLY A 57 20.73 8.65 1.66
N ARG A 58 19.44 8.91 1.78
CA ARG A 58 18.47 8.45 0.79
C ARG A 58 17.12 9.12 1.02
N ILE A 59 16.57 9.72 -0.03
CA ILE A 59 15.29 10.40 0.07
C ILE A 59 14.14 9.44 -0.21
N ILE A 60 13.21 9.33 0.74
CA ILE A 60 12.05 8.45 0.58
C ILE A 60 10.90 9.19 -0.10
N PRO A 61 10.26 8.58 -1.10
CA PRO A 61 9.17 9.17 -1.84
C PRO A 61 7.78 8.73 -1.35
N VAL A 62 7.00 9.69 -0.87
CA VAL A 62 5.65 9.41 -0.42
C VAL A 62 4.67 9.74 -1.55
N VAL A 63 3.72 8.85 -1.81
CA VAL A 63 2.78 9.07 -2.89
C VAL A 63 1.36 8.61 -2.56
N ASN A 64 0.41 9.14 -3.31
CA ASN A 64 -0.99 8.79 -3.14
C ASN A 64 -1.23 7.42 -3.77
N LEU A 65 -0.63 6.40 -3.18
CA LEU A 65 -0.74 5.04 -3.69
C LEU A 65 -2.20 4.67 -3.95
N ALA A 66 -3.11 5.29 -3.23
CA ALA A 66 -4.52 5.00 -3.39
C ALA A 66 -5.00 5.41 -4.79
N LYS A 67 -4.35 6.41 -5.41
CA LYS A 67 -4.73 6.85 -6.76
C LYS A 67 -3.97 6.03 -7.79
N ILE A 68 -2.70 5.71 -7.49
CA ILE A 68 -1.93 4.88 -8.40
C ILE A 68 -2.66 3.55 -8.51
N LEU A 69 -3.20 3.16 -7.36
CA LEU A 69 -3.98 1.95 -7.22
C LEU A 69 -5.39 2.20 -7.76
N GLY A 70 -5.94 3.39 -7.46
CA GLY A 70 -7.28 3.74 -7.91
C GLY A 70 -8.28 3.86 -6.78
N ILE A 71 -9.13 2.84 -6.61
CA ILE A 71 -10.14 2.79 -5.54
C ILE A 71 -10.92 4.09 -5.40
N SER A 72 -11.84 4.12 -4.45
CA SER A 72 -12.62 5.33 -4.17
C SER A 72 -11.61 6.42 -3.83
N PHE A 73 -11.38 6.69 -2.55
CA PHE A 73 -10.34 7.65 -2.20
C PHE A 73 -10.46 8.98 -2.97
N ASP A 74 -10.24 10.09 -2.26
CA ASP A 74 -10.34 11.41 -2.88
C ASP A 74 -9.58 12.47 -2.08
N GLU A 75 -8.56 12.05 -1.34
CA GLU A 75 -7.73 12.95 -0.53
C GLU A 75 -8.49 13.58 0.64
N GLN A 76 -9.68 14.13 0.37
CA GLN A 76 -10.49 14.78 1.39
C GLN A 76 -10.44 14.05 2.74
N LYS A 77 -10.51 12.72 2.69
CA LYS A 77 -10.47 11.92 3.90
C LYS A 77 -9.04 11.76 4.43
N MET A 78 -8.11 11.56 3.50
CA MET A 78 -6.70 11.38 3.85
C MET A 78 -6.19 12.41 4.86
N LYS A 79 -5.46 11.90 5.85
CA LYS A 79 -4.87 12.73 6.90
C LYS A 79 -3.80 11.92 7.63
N SER A 80 -3.13 11.05 6.90
CA SER A 80 -2.08 10.21 7.46
C SER A 80 -1.30 9.50 6.35
N ILE A 81 -0.04 9.20 6.61
CA ILE A 81 0.80 8.54 5.60
C ILE A 81 1.33 7.19 6.10
N ILE A 82 1.41 6.23 5.18
CA ILE A 82 1.91 4.91 5.49
C ILE A 82 3.24 4.67 4.80
N VAL A 83 4.27 4.34 5.57
CA VAL A 83 5.58 4.10 5.00
C VAL A 83 5.78 2.61 4.70
N ALA A 84 6.55 2.33 3.66
CA ALA A 84 6.81 0.97 3.23
C ALA A 84 8.24 0.84 2.72
N ARG A 85 8.58 -0.34 2.22
CA ARG A 85 9.91 -0.62 1.69
C ARG A 85 9.77 -1.32 0.34
N THR A 86 10.83 -1.30 -0.45
CA THR A 86 10.80 -1.96 -1.73
C THR A 86 12.17 -2.04 -2.37
N LYS A 87 12.78 -3.20 -2.24
CA LYS A 87 14.10 -3.45 -2.81
C LYS A 87 15.03 -2.28 -2.55
N ASP A 88 15.01 -1.82 -1.32
CA ASP A 88 15.82 -0.70 -0.87
C ASP A 88 15.17 0.63 -1.20
N VAL A 89 13.85 0.63 -1.19
CA VAL A 89 13.06 1.85 -1.43
C VAL A 89 12.02 1.99 -0.34
N GLU A 90 12.17 3.00 0.50
CA GLU A 90 11.17 3.19 1.54
C GLU A 90 10.10 4.08 0.93
N VAL A 91 9.04 3.41 0.51
CA VAL A 91 7.95 4.03 -0.21
C VAL A 91 6.88 4.58 0.74
N GLY A 92 6.10 5.51 0.24
CA GLY A 92 5.06 6.12 1.04
C GLY A 92 3.68 6.09 0.39
N PHE A 93 2.64 6.11 1.22
CA PHE A 93 1.26 6.07 0.75
C PHE A 93 0.36 6.92 1.62
N LEU A 94 -0.41 7.82 1.01
CA LEU A 94 -1.31 8.70 1.77
C LEU A 94 -2.68 8.05 1.99
N VAL A 95 -3.17 8.15 3.22
CA VAL A 95 -4.46 7.59 3.61
C VAL A 95 -5.12 8.43 4.70
N ASP A 96 -6.25 7.98 5.22
CA ASP A 96 -6.99 8.74 6.22
C ASP A 96 -6.84 8.16 7.61
N ARG A 97 -7.36 6.95 7.78
CA ARG A 97 -7.30 6.28 9.06
C ARG A 97 -6.79 4.87 8.86
N VAL A 98 -5.68 4.57 9.51
CA VAL A 98 -5.08 3.26 9.38
C VAL A 98 -5.25 2.46 10.65
N LEU A 99 -6.00 1.38 10.49
CA LEU A 99 -6.34 0.45 11.55
C LEU A 99 -5.10 -0.26 12.08
N GLY A 100 -4.14 -0.44 11.19
CA GLY A 100 -2.92 -1.13 11.56
C GLY A 100 -3.02 -2.62 11.28
N VAL A 101 -2.79 -3.44 12.29
CA VAL A 101 -2.87 -4.88 12.13
C VAL A 101 -4.23 -5.28 11.55
N LEU A 102 -4.22 -6.17 10.55
CA LEU A 102 -5.45 -6.58 9.91
C LEU A 102 -5.47 -8.09 9.69
N ARG A 103 -6.63 -8.68 9.92
CA ARG A 103 -6.80 -10.10 9.75
C ARG A 103 -7.19 -10.43 8.32
N ILE A 104 -6.25 -10.29 7.39
CA ILE A 104 -6.53 -10.60 6.00
C ILE A 104 -6.24 -12.06 5.76
N THR A 105 -7.14 -12.74 5.10
CA THR A 105 -6.93 -14.13 4.80
C THR A 105 -6.21 -14.24 3.49
N GLU A 106 -6.00 -15.43 3.01
CA GLU A 106 -5.25 -15.57 1.78
C GLU A 106 -5.71 -16.75 0.95
N ASN A 107 -6.82 -16.55 0.28
CA ASN A 107 -7.38 -17.55 -0.60
C ASN A 107 -7.07 -17.18 -2.04
N GLN A 108 -6.09 -16.29 -2.20
CA GLN A 108 -5.68 -15.84 -3.53
C GLN A 108 -4.24 -16.20 -3.82
N LEU A 109 -3.34 -15.89 -2.88
CA LEU A 109 -1.93 -16.19 -3.04
C LEU A 109 -1.72 -17.71 -3.13
N ASP A 110 -0.81 -18.13 -4.00
CA ASP A 110 -0.52 -19.55 -4.17
C ASP A 110 0.78 -19.74 -4.94
N LEU A 111 1.62 -20.65 -4.44
CA LEU A 111 2.92 -20.94 -5.07
C LEU A 111 3.88 -19.77 -4.88
N THR A 112 3.42 -18.57 -5.19
CA THR A 112 4.23 -17.37 -5.05
C THR A 112 3.39 -16.14 -5.39
N ASN A 113 2.18 -16.09 -4.82
CA ASN A 113 1.27 -14.98 -5.06
C ASN A 113 0.81 -14.96 -6.51
N VAL A 114 -0.50 -14.97 -6.72
CA VAL A 114 -1.06 -14.95 -8.05
C VAL A 114 -0.91 -13.57 -8.69
N SER A 115 -1.31 -12.54 -7.96
CA SER A 115 -1.24 -11.17 -8.43
C SER A 115 -2.28 -10.94 -9.52
N ASP A 116 -3.46 -11.49 -9.30
CA ASP A 116 -4.55 -11.33 -10.25
C ASP A 116 -5.90 -11.28 -9.54
N LYS A 117 -6.34 -10.06 -9.25
CA LYS A 117 -7.61 -9.83 -8.60
C LYS A 117 -8.09 -8.40 -8.83
N PHE A 118 -7.18 -7.45 -8.65
CA PHE A 118 -7.49 -6.04 -8.83
C PHE A 118 -7.78 -5.76 -10.31
N GLY A 119 -6.83 -6.15 -11.17
CA GLY A 119 -6.97 -5.94 -12.59
C GLY A 119 -5.65 -5.61 -13.24
N LYS A 120 -4.61 -6.38 -12.89
CA LYS A 120 -3.28 -6.15 -13.43
C LYS A 120 -2.77 -4.77 -13.04
N LYS A 121 -2.82 -4.49 -11.74
CA LYS A 121 -2.36 -3.20 -11.22
C LYS A 121 -1.64 -3.36 -9.89
N SER A 122 -2.08 -4.32 -9.07
CA SER A 122 -1.47 -4.56 -7.77
C SER A 122 -1.56 -6.03 -7.40
N LYS A 123 -1.42 -6.34 -6.12
CA LYS A 123 -1.49 -7.73 -5.68
C LYS A 123 -2.86 -8.30 -5.93
N GLY A 124 -3.90 -7.62 -5.44
CA GLY A 124 -5.24 -8.13 -5.66
C GLY A 124 -6.26 -7.65 -4.64
N LEU A 125 -7.53 -7.64 -5.09
CA LEU A 125 -8.64 -7.24 -4.25
C LEU A 125 -8.88 -8.28 -3.17
N VAL A 126 -9.19 -7.82 -1.95
CA VAL A 126 -9.42 -8.72 -0.82
C VAL A 126 -10.81 -8.50 -0.20
N LYS A 127 -11.33 -9.55 0.41
CA LYS A 127 -12.63 -9.49 1.05
C LYS A 127 -12.64 -10.29 2.36
N THR A 128 -13.22 -9.70 3.40
CA THR A 128 -13.30 -10.33 4.68
C THR A 128 -14.34 -9.62 5.55
N ASP A 129 -15.13 -10.39 6.27
CA ASP A 129 -16.17 -9.82 7.12
C ASP A 129 -17.16 -9.02 6.30
N GLY A 130 -17.53 -9.56 5.15
CA GLY A 130 -18.47 -8.86 4.27
C GLY A 130 -17.95 -7.47 3.95
N ARG A 131 -16.62 -7.35 3.91
CA ARG A 131 -15.97 -6.08 3.64
C ARG A 131 -15.15 -6.16 2.35
N LEU A 132 -15.30 -5.14 1.50
CA LEU A 132 -14.57 -5.09 0.24
C LEU A 132 -13.23 -4.38 0.44
N ILE A 133 -12.27 -5.12 0.97
CA ILE A 133 -10.94 -4.58 1.24
C ILE A 133 -10.01 -4.72 0.03
N ILE A 134 -9.09 -3.78 -0.14
CA ILE A 134 -8.12 -3.85 -1.23
C ILE A 134 -6.78 -4.31 -0.67
N TYR A 135 -6.16 -5.32 -1.27
CA TYR A 135 -4.89 -5.80 -0.75
C TYR A 135 -3.77 -5.63 -1.77
N LEU A 136 -2.59 -5.32 -1.25
CA LEU A 136 -1.42 -5.12 -2.09
C LEU A 136 -0.19 -5.78 -1.49
N ASP A 137 0.85 -5.82 -2.31
CA ASP A 137 2.15 -6.37 -1.91
C ASP A 137 3.23 -5.45 -2.43
N ILE A 138 2.83 -4.21 -2.67
CA ILE A 138 3.70 -3.15 -3.16
C ILE A 138 4.64 -3.60 -4.27
N ASP A 139 4.35 -4.73 -4.92
CA ASP A 139 5.21 -5.24 -5.99
C ASP A 139 4.93 -4.56 -7.34
N LYS A 140 3.70 -4.66 -7.82
CA LYS A 140 3.33 -4.05 -9.09
C LYS A 140 3.16 -2.55 -8.91
N ILE A 141 2.67 -2.18 -7.74
CA ILE A 141 2.46 -0.80 -7.39
C ILE A 141 3.79 -0.06 -7.29
N ILE A 142 4.78 -0.65 -6.62
CA ILE A 142 6.09 -0.03 -6.53
C ILE A 142 6.69 0.09 -7.93
N GLU A 143 6.57 -0.99 -8.71
CA GLU A 143 7.09 -1.00 -10.07
C GLU A 143 6.68 0.26 -10.79
N GLU A 144 5.42 0.62 -10.64
CA GLU A 144 4.89 1.82 -11.25
C GLU A 144 5.54 3.06 -10.62
N ILE A 145 5.79 3.00 -9.32
CA ILE A 145 6.43 4.09 -8.60
C ILE A 145 7.75 4.48 -9.27
N THR A 146 8.51 3.48 -9.68
CA THR A 146 9.81 3.70 -10.33
C THR A 146 9.63 4.06 -11.81
N VAL A 147 8.86 3.25 -12.53
CA VAL A 147 8.64 3.49 -13.95
C VAL A 147 7.60 4.59 -14.20
N LYS A 148 7.21 5.29 -13.13
CA LYS A 148 6.22 6.36 -13.23
C LYS A 148 6.52 7.29 -14.40
N GLU A 149 7.77 7.73 -14.50
CA GLU A 149 8.17 8.64 -15.58
C GLU A 149 7.44 9.97 -15.47
N GLY A 150 8.14 11.06 -15.75
CA GLY A 150 7.53 12.37 -15.67
C GLY A 150 8.42 13.46 -16.25
N VAL A 151 8.94 13.21 -17.44
CA VAL A 151 9.81 14.18 -18.12
C VAL A 151 10.18 13.71 -19.51
N MET A 1 -7.77 -34.32 12.75
CA MET A 1 -6.80 -34.98 11.84
C MET A 1 -5.37 -34.56 12.19
N LYS A 2 -4.62 -34.03 11.22
CA LYS A 2 -3.25 -33.61 11.46
C LYS A 2 -3.20 -32.40 12.40
N THR A 3 -4.04 -31.41 12.10
CA THR A 3 -4.13 -30.16 12.87
C THR A 3 -2.82 -29.38 12.92
N LEU A 4 -1.69 -30.07 13.03
CA LEU A 4 -0.39 -29.41 13.07
C LEU A 4 -0.16 -28.59 11.82
N ALA A 5 -0.72 -29.07 10.70
CA ALA A 5 -0.57 -28.38 9.43
C ALA A 5 -1.25 -27.01 9.47
N ASP A 6 -0.60 -26.02 8.88
CA ASP A 6 -1.15 -24.66 8.84
C ASP A 6 -0.34 -23.77 7.90
N ALA A 7 -1.04 -23.09 6.99
CA ALA A 7 -0.40 -22.21 6.03
C ALA A 7 -1.40 -21.78 4.96
N LEU A 8 -1.32 -20.51 4.55
CA LEU A 8 -2.22 -19.98 3.52
C LEU A 8 -3.68 -20.03 3.99
N LYS A 9 -3.94 -19.44 5.15
CA LYS A 9 -5.29 -19.40 5.71
C LYS A 9 -5.57 -18.00 6.26
N GLU A 10 -4.61 -17.46 7.02
CA GLU A 10 -4.71 -16.14 7.58
C GLU A 10 -3.39 -15.43 7.52
N PHE A 11 -3.42 -14.12 7.71
CA PHE A 11 -2.24 -13.34 7.54
C PHE A 11 -2.34 -11.98 8.24
N GLU A 12 -1.24 -11.57 8.87
CA GLU A 12 -1.16 -10.30 9.55
C GLU A 12 -0.71 -9.26 8.54
N VAL A 13 -1.37 -8.12 8.52
CA VAL A 13 -1.06 -7.12 7.50
C VAL A 13 -1.36 -5.69 7.94
N LEU A 14 -0.86 -4.74 7.16
CA LEU A 14 -1.07 -3.33 7.40
C LEU A 14 -2.34 -2.89 6.68
N SER A 15 -3.21 -2.13 7.34
CA SER A 15 -4.45 -1.71 6.69
C SER A 15 -4.93 -0.35 7.16
N PHE A 16 -5.75 0.27 6.32
CA PHE A 16 -6.30 1.59 6.56
C PHE A 16 -7.68 1.71 5.93
N GLU A 17 -8.41 2.74 6.33
CA GLU A 17 -9.74 2.95 5.78
C GLU A 17 -9.62 3.80 4.51
N ILE A 18 -10.30 3.36 3.47
CA ILE A 18 -10.27 4.04 2.19
C ILE A 18 -11.67 4.26 1.63
N ASP A 19 -12.22 5.45 1.87
CA ASP A 19 -13.55 5.81 1.39
C ASP A 19 -14.56 4.69 1.55
N GLU A 20 -14.75 4.27 2.78
CA GLU A 20 -15.69 3.20 3.13
C GLU A 20 -15.05 1.83 3.02
N GLN A 21 -14.32 1.59 1.94
CA GLN A 21 -13.65 0.31 1.75
C GLN A 21 -12.26 0.36 2.39
N ALA A 22 -11.81 -0.74 2.94
CA ALA A 22 -10.50 -0.77 3.60
C ALA A 22 -9.41 -1.11 2.61
N LEU A 23 -8.16 -0.93 3.02
CA LEU A 23 -7.01 -1.19 2.16
C LEU A 23 -5.83 -1.69 2.98
N ALA A 24 -5.16 -2.74 2.50
CA ALA A 24 -4.05 -3.34 3.22
C ALA A 24 -2.87 -3.70 2.30
N PHE A 25 -1.67 -3.70 2.89
CA PHE A 25 -0.44 -4.05 2.19
C PHE A 25 0.38 -4.99 3.07
N ASP A 26 1.05 -5.96 2.46
CA ASP A 26 1.84 -6.91 3.22
C ASP A 26 2.81 -6.21 4.15
N VAL A 27 2.69 -6.50 5.44
CA VAL A 27 3.56 -5.91 6.44
C VAL A 27 5.01 -6.30 6.19
N ASP A 28 5.21 -7.30 5.33
CA ASP A 28 6.55 -7.76 5.00
C ASP A 28 7.32 -6.63 4.30
N ASN A 29 6.64 -5.98 3.37
CA ASN A 29 7.24 -4.89 2.63
C ASN A 29 6.99 -3.56 3.34
N ILE A 30 5.77 -3.38 3.83
CA ILE A 30 5.39 -2.17 4.54
C ILE A 30 6.23 -1.99 5.81
N GLU A 31 6.79 -0.81 5.98
CA GLU A 31 7.62 -0.52 7.15
C GLU A 31 6.76 -0.06 8.33
N MET A 32 6.19 1.13 8.22
CA MET A 32 5.35 1.69 9.27
C MET A 32 4.59 2.93 8.81
N VAL A 33 3.48 3.21 9.47
CA VAL A 33 2.66 4.37 9.14
C VAL A 33 3.11 5.61 9.91
N ILE A 34 2.75 6.78 9.40
CA ILE A 34 3.11 8.04 10.03
C ILE A 34 2.08 9.12 9.74
N GLU A 35 2.10 10.19 10.53
CA GLU A 35 1.16 11.30 10.36
C GLU A 35 1.71 12.34 9.39
N LYS A 36 0.80 12.97 8.64
CA LYS A 36 1.19 13.99 7.66
C LYS A 36 1.23 15.36 8.30
N SER A 37 2.34 16.07 8.07
CA SER A 37 2.53 17.43 8.61
C SER A 37 3.90 17.96 8.24
N ASP A 38 3.96 19.22 7.82
CA ASP A 38 5.22 19.85 7.45
C ASP A 38 6.06 18.93 6.56
N ILE A 39 5.60 18.73 5.32
CA ILE A 39 6.30 17.86 4.39
C ILE A 39 6.30 18.40 2.96
N THR A 40 7.27 17.92 2.19
CA THR A 40 7.41 18.28 0.79
C THR A 40 6.06 18.40 0.09
N PRO A 41 5.71 19.61 -0.42
CA PRO A 41 4.43 19.84 -1.10
C PRO A 41 4.33 19.12 -2.44
N VAL A 42 5.17 19.52 -3.40
CA VAL A 42 5.16 18.90 -4.72
C VAL A 42 6.27 19.48 -5.61
N PRO A 43 7.53 19.40 -5.16
CA PRO A 43 8.68 19.90 -5.91
C PRO A 43 9.00 19.01 -7.12
N LYS A 44 8.77 17.71 -6.96
CA LYS A 44 9.03 16.76 -8.03
C LYS A 44 10.52 16.78 -8.37
N SER A 45 10.88 16.77 -9.65
CA SER A 45 12.27 16.80 -10.06
C SER A 45 12.98 15.53 -9.64
N ARG A 46 12.37 14.38 -9.93
CA ARG A 46 12.95 13.09 -9.57
C ARG A 46 12.15 11.95 -10.22
N HIS A 47 10.94 11.73 -9.71
CA HIS A 47 10.06 10.68 -10.23
C HIS A 47 8.60 10.99 -9.93
N PHE A 48 7.73 10.02 -10.21
CA PHE A 48 6.31 10.17 -9.97
C PHE A 48 5.99 10.20 -8.47
N VAL A 49 6.54 11.18 -7.77
CA VAL A 49 6.33 11.30 -6.34
C VAL A 49 5.84 12.70 -5.97
N GLU A 50 4.75 12.76 -5.22
CA GLU A 50 4.17 14.02 -4.79
C GLU A 50 4.98 14.65 -3.65
N GLY A 51 5.46 13.82 -2.73
CA GLY A 51 6.22 14.33 -1.61
C GLY A 51 7.35 13.40 -1.19
N VAL A 52 8.05 13.79 -0.12
CA VAL A 52 9.16 12.99 0.40
C VAL A 52 9.45 13.39 1.84
N ILE A 53 10.38 12.69 2.49
CA ILE A 53 10.74 13.01 3.87
C ILE A 53 12.14 12.53 4.20
N ASN A 54 12.90 13.36 4.91
CA ASN A 54 14.27 13.04 5.28
C ASN A 54 14.33 12.29 6.61
N LEU A 55 15.14 11.24 6.64
CA LEU A 55 15.32 10.43 7.84
C LEU A 55 16.60 9.60 7.73
N ARG A 56 17.37 9.57 8.82
CA ARG A 56 18.63 8.81 8.86
C ARG A 56 19.46 9.06 7.60
N GLY A 57 19.59 10.34 7.23
CA GLY A 57 20.35 10.70 6.05
C GLY A 57 19.87 10.01 4.79
N ARG A 58 18.55 9.92 4.64
CA ARG A 58 17.96 9.28 3.47
C ARG A 58 16.52 9.76 3.28
N ILE A 59 16.23 10.29 2.09
CA ILE A 59 14.91 10.78 1.77
C ILE A 59 14.07 9.72 1.08
N ILE A 60 12.83 9.54 1.52
CA ILE A 60 11.93 8.56 0.93
C ILE A 60 10.79 9.25 0.19
N PRO A 61 10.45 8.76 -1.01
CA PRO A 61 9.38 9.33 -1.82
C PRO A 61 7.98 8.84 -1.43
N VAL A 62 7.13 9.78 -1.02
CA VAL A 62 5.76 9.45 -0.66
C VAL A 62 4.85 9.68 -1.86
N VAL A 63 3.90 8.78 -2.08
CA VAL A 63 3.00 8.91 -3.22
C VAL A 63 1.58 8.53 -2.88
N ASN A 64 0.66 9.15 -3.60
CA ASN A 64 -0.76 8.89 -3.43
C ASN A 64 -1.13 7.58 -4.13
N LEU A 65 -0.62 6.48 -3.59
CA LEU A 65 -0.85 5.16 -4.15
C LEU A 65 -2.35 4.89 -4.33
N ALA A 66 -3.14 5.35 -3.38
CA ALA A 66 -4.57 5.15 -3.48
C ALA A 66 -5.08 5.66 -4.83
N LYS A 67 -4.33 6.61 -5.41
CA LYS A 67 -4.66 7.19 -6.71
C LYS A 67 -4.10 6.32 -7.83
N ILE A 68 -2.82 5.94 -7.72
CA ILE A 68 -2.19 5.08 -8.73
C ILE A 68 -3.04 3.84 -8.89
N LEU A 69 -3.53 3.39 -7.75
CA LEU A 69 -4.41 2.25 -7.68
C LEU A 69 -5.82 2.66 -8.06
N GLY A 70 -6.32 3.71 -7.42
CA GLY A 70 -7.66 4.21 -7.68
C GLY A 70 -8.55 4.14 -6.45
N ILE A 71 -9.20 2.99 -6.22
CA ILE A 71 -10.08 2.80 -5.05
C ILE A 71 -11.06 3.95 -4.85
N SER A 72 -12.07 3.73 -4.00
CA SER A 72 -13.07 4.75 -3.70
C SER A 72 -12.34 6.05 -3.37
N PHE A 73 -11.20 5.91 -2.72
CA PHE A 73 -10.31 7.03 -2.37
C PHE A 73 -10.45 8.20 -3.35
N ASP A 74 -10.40 9.43 -2.80
CA ASP A 74 -10.52 10.62 -3.62
C ASP A 74 -9.64 11.75 -3.08
N GLU A 75 -8.53 11.36 -2.47
CA GLU A 75 -7.56 12.30 -1.90
C GLU A 75 -8.10 13.10 -0.71
N GLN A 76 -9.26 13.72 -0.90
CA GLN A 76 -9.88 14.54 0.14
C GLN A 76 -9.85 13.89 1.53
N LYS A 77 -10.14 12.59 1.61
CA LYS A 77 -10.17 11.90 2.89
C LYS A 77 -8.78 11.48 3.39
N MET A 78 -7.72 11.96 2.75
CA MET A 78 -6.36 11.62 3.17
C MET A 78 -6.05 12.25 4.53
N LYS A 79 -5.25 11.54 5.34
CA LYS A 79 -4.87 12.04 6.66
C LYS A 79 -3.60 11.36 7.18
N SER A 80 -3.59 10.03 7.15
CA SER A 80 -2.44 9.25 7.61
C SER A 80 -1.43 9.02 6.50
N ILE A 81 -0.38 8.25 6.82
CA ILE A 81 0.67 7.94 5.84
C ILE A 81 1.20 6.53 6.06
N ILE A 82 1.84 5.97 5.02
CA ILE A 82 2.39 4.62 5.10
C ILE A 82 3.77 4.57 4.47
N VAL A 83 4.67 3.80 5.08
CA VAL A 83 6.03 3.66 4.57
C VAL A 83 6.30 2.20 4.20
N ALA A 84 7.22 1.99 3.26
CA ALA A 84 7.55 0.65 2.79
C ALA A 84 8.93 0.63 2.15
N ARG A 85 9.35 -0.57 1.74
CA ARG A 85 10.64 -0.76 1.08
C ARG A 85 10.48 -1.66 -0.14
N THR A 86 11.09 -1.29 -1.26
CA THR A 86 10.96 -2.07 -2.48
C THR A 86 12.21 -1.99 -3.35
N LYS A 87 12.95 -3.08 -3.44
CA LYS A 87 14.15 -3.14 -4.29
C LYS A 87 15.03 -1.92 -4.04
N ASP A 88 15.27 -1.64 -2.78
CA ASP A 88 16.08 -0.51 -2.36
C ASP A 88 15.35 0.80 -2.56
N VAL A 89 14.04 0.75 -2.40
CA VAL A 89 13.19 1.94 -2.52
C VAL A 89 12.29 2.01 -1.31
N GLU A 90 12.51 2.99 -0.45
CA GLU A 90 11.62 3.10 0.69
C GLU A 90 10.48 3.98 0.24
N VAL A 91 9.41 3.29 -0.13
CA VAL A 91 8.24 3.91 -0.71
C VAL A 91 7.23 4.36 0.32
N GLY A 92 6.46 5.35 -0.07
CA GLY A 92 5.45 5.90 0.82
C GLY A 92 4.08 5.98 0.18
N PHE A 93 3.04 5.73 0.97
CA PHE A 93 1.66 5.78 0.49
C PHE A 93 0.80 6.59 1.44
N LEU A 94 0.12 7.59 0.90
CA LEU A 94 -0.73 8.45 1.71
C LEU A 94 -2.15 7.88 1.81
N VAL A 95 -2.66 7.81 3.03
CA VAL A 95 -3.99 7.28 3.30
C VAL A 95 -4.74 8.15 4.31
N ASP A 96 -5.92 7.71 4.69
CA ASP A 96 -6.75 8.46 5.63
C ASP A 96 -6.43 8.08 7.07
N ARG A 97 -6.92 6.93 7.46
CA ARG A 97 -6.69 6.43 8.81
C ARG A 97 -6.25 4.98 8.72
N VAL A 98 -5.02 4.75 9.09
CA VAL A 98 -4.47 3.42 9.04
C VAL A 98 -4.56 2.71 10.37
N LEU A 99 -5.35 1.64 10.33
CA LEU A 99 -5.63 0.81 11.47
C LEU A 99 -4.40 0.05 11.92
N GLY A 100 -3.51 -0.21 10.96
CA GLY A 100 -2.31 -0.95 11.27
C GLY A 100 -2.50 -2.44 11.10
N VAL A 101 -2.23 -3.20 12.17
CA VAL A 101 -2.39 -4.65 12.13
C VAL A 101 -3.77 -5.04 11.60
N LEU A 102 -3.80 -5.99 10.67
CA LEU A 102 -5.06 -6.43 10.07
C LEU A 102 -5.10 -7.93 9.93
N ARG A 103 -6.26 -8.50 10.21
CA ARG A 103 -6.45 -9.93 10.10
C ARG A 103 -6.90 -10.31 8.70
N ILE A 104 -5.98 -10.25 7.74
CA ILE A 104 -6.27 -10.62 6.38
C ILE A 104 -6.03 -12.10 6.21
N THR A 105 -6.53 -12.68 5.13
CA THR A 105 -6.32 -14.08 4.88
C THR A 105 -5.69 -14.21 3.51
N GLU A 106 -5.48 -15.42 3.03
CA GLU A 106 -4.87 -15.57 1.74
C GLU A 106 -5.55 -16.63 0.91
N ASN A 107 -6.77 -16.34 0.55
CA ASN A 107 -7.57 -17.21 -0.28
C ASN A 107 -7.63 -16.64 -1.68
N GLN A 108 -6.61 -15.87 -2.04
CA GLN A 108 -6.56 -15.25 -3.36
C GLN A 108 -5.14 -14.93 -3.83
N LEU A 109 -4.23 -14.64 -2.91
CA LEU A 109 -2.86 -14.30 -3.27
C LEU A 109 -2.15 -15.47 -3.95
N ASP A 110 -2.26 -16.67 -3.37
CA ASP A 110 -1.60 -17.84 -3.95
C ASP A 110 -2.26 -19.14 -3.46
N LEU A 111 -1.46 -20.11 -3.00
CA LEU A 111 -2.00 -21.40 -2.53
C LEU A 111 -2.54 -22.24 -3.69
N THR A 112 -3.31 -21.62 -4.56
CA THR A 112 -3.89 -22.30 -5.70
C THR A 112 -4.74 -21.34 -6.51
N ASN A 113 -5.37 -20.40 -5.81
CA ASN A 113 -6.23 -19.41 -6.44
C ASN A 113 -5.46 -18.62 -7.50
N VAL A 114 -4.63 -17.67 -7.07
CA VAL A 114 -3.84 -16.88 -8.00
C VAL A 114 -4.75 -16.10 -8.94
N SER A 115 -4.75 -14.78 -8.77
CA SER A 115 -5.58 -13.91 -9.59
C SER A 115 -5.33 -12.44 -9.25
N ASP A 116 -5.29 -11.59 -10.27
CA ASP A 116 -5.07 -10.17 -10.09
C ASP A 116 -6.08 -9.58 -9.10
N LYS A 117 -7.31 -10.05 -9.20
CA LYS A 117 -8.40 -9.60 -8.33
C LYS A 117 -8.79 -8.16 -8.65
N PHE A 118 -7.84 -7.25 -8.54
CA PHE A 118 -8.10 -5.84 -8.82
C PHE A 118 -8.27 -5.63 -10.32
N GLY A 119 -7.30 -6.13 -11.09
CA GLY A 119 -7.35 -6.00 -12.52
C GLY A 119 -6.01 -6.33 -13.17
N LYS A 120 -4.94 -5.73 -12.63
CA LYS A 120 -3.59 -5.95 -13.14
C LYS A 120 -2.61 -4.98 -12.48
N LYS A 121 -3.09 -3.79 -12.19
CA LYS A 121 -2.28 -2.75 -11.56
C LYS A 121 -1.64 -3.25 -10.26
N SER A 122 -2.44 -3.90 -9.42
CA SER A 122 -1.95 -4.42 -8.15
C SER A 122 -2.05 -5.96 -8.12
N LYS A 123 -2.65 -6.53 -7.08
CA LYS A 123 -2.75 -7.98 -7.00
C LYS A 123 -3.62 -8.45 -5.83
N GLY A 124 -3.57 -7.74 -4.70
CA GLY A 124 -4.35 -8.14 -3.55
C GLY A 124 -5.76 -7.63 -3.54
N LEU A 125 -6.66 -8.41 -2.95
CA LEU A 125 -8.06 -8.06 -2.83
C LEU A 125 -8.70 -8.89 -1.74
N VAL A 126 -9.59 -8.29 -0.98
CA VAL A 126 -10.24 -8.98 0.13
C VAL A 126 -11.54 -8.29 0.53
N LYS A 127 -12.36 -9.01 1.30
CA LYS A 127 -13.64 -8.48 1.77
C LYS A 127 -14.16 -9.32 2.94
N THR A 128 -14.63 -8.65 3.98
CA THR A 128 -15.15 -9.31 5.15
C THR A 128 -15.89 -8.31 6.03
N ASP A 129 -16.80 -8.80 6.86
CA ASP A 129 -17.58 -7.94 7.75
C ASP A 129 -18.38 -6.92 6.95
N GLY A 130 -19.04 -7.39 5.90
CA GLY A 130 -19.83 -6.51 5.06
C GLY A 130 -19.04 -5.29 4.64
N ARG A 131 -17.72 -5.45 4.54
CA ARG A 131 -16.84 -4.36 4.17
C ARG A 131 -15.75 -4.87 3.22
N LEU A 132 -15.54 -4.15 2.12
CA LEU A 132 -14.53 -4.55 1.14
C LEU A 132 -13.17 -3.96 1.47
N ILE A 133 -12.14 -4.79 1.34
CA ILE A 133 -10.77 -4.36 1.61
C ILE A 133 -9.86 -4.66 0.42
N ILE A 134 -9.10 -3.66 -0.02
CA ILE A 134 -8.17 -3.84 -1.13
C ILE A 134 -6.82 -4.30 -0.58
N TYR A 135 -6.15 -5.20 -1.27
CA TYR A 135 -4.87 -5.71 -0.79
C TYR A 135 -3.77 -5.52 -1.84
N LEU A 136 -2.56 -5.27 -1.37
CA LEU A 136 -1.45 -5.05 -2.28
C LEU A 136 -0.12 -5.61 -1.76
N ASP A 137 0.65 -6.18 -2.67
CA ASP A 137 1.97 -6.72 -2.32
C ASP A 137 3.04 -5.78 -2.87
N ILE A 138 2.65 -4.51 -3.01
CA ILE A 138 3.49 -3.44 -3.51
C ILE A 138 4.39 -3.85 -4.70
N ASP A 139 4.08 -4.97 -5.36
CA ASP A 139 4.90 -5.43 -6.49
C ASP A 139 4.60 -4.69 -7.78
N LYS A 140 3.37 -4.79 -8.26
CA LYS A 140 2.98 -4.14 -9.50
C LYS A 140 2.81 -2.65 -9.29
N ILE A 141 2.43 -2.29 -8.08
CA ILE A 141 2.22 -0.91 -7.71
C ILE A 141 3.55 -0.17 -7.67
N ILE A 142 4.56 -0.75 -7.01
CA ILE A 142 5.86 -0.10 -6.98
C ILE A 142 6.44 0.02 -8.39
N GLU A 143 6.35 -1.08 -9.15
CA GLU A 143 6.84 -1.07 -10.52
C GLU A 143 6.31 0.17 -11.22
N GLU A 144 5.04 0.45 -11.00
CA GLU A 144 4.40 1.61 -11.58
C GLU A 144 4.90 2.89 -10.88
N ILE A 145 5.08 2.83 -9.56
CA ILE A 145 5.57 3.97 -8.82
C ILE A 145 6.75 4.64 -9.51
N THR A 146 7.62 3.82 -10.10
CA THR A 146 8.80 4.34 -10.80
C THR A 146 8.61 4.45 -12.31
N VAL A 147 8.21 3.36 -12.96
CA VAL A 147 8.04 3.36 -14.42
C VAL A 147 6.68 3.90 -14.88
N LYS A 148 5.94 4.53 -13.99
CA LYS A 148 4.62 5.06 -14.37
C LYS A 148 4.75 6.09 -15.49
N GLU A 149 5.76 6.95 -15.38
CA GLU A 149 5.99 7.99 -16.37
C GLU A 149 7.32 8.69 -16.13
N GLY A 150 8.08 8.89 -17.21
CA GLY A 150 9.37 9.54 -17.11
C GLY A 150 10.04 9.71 -18.45
N VAL A 151 9.95 8.66 -19.27
CA VAL A 151 10.55 8.68 -20.60
C VAL A 151 10.29 7.37 -21.34
N MET A 1 4.35 -31.56 6.38
CA MET A 1 5.23 -32.24 5.42
C MET A 1 5.20 -31.56 4.05
N LYS A 2 4.00 -31.22 3.60
CA LYS A 2 3.84 -30.55 2.31
C LYS A 2 4.59 -29.22 2.28
N THR A 3 4.46 -28.45 3.34
CA THR A 3 5.12 -27.15 3.45
C THR A 3 4.49 -26.11 2.52
N LEU A 4 4.29 -26.47 1.26
CA LEU A 4 3.69 -25.57 0.29
C LEU A 4 2.27 -25.20 0.70
N ALA A 5 1.57 -26.17 1.27
CA ALA A 5 0.20 -25.97 1.71
C ALA A 5 0.17 -25.41 3.14
N ASP A 6 0.97 -24.39 3.39
CA ASP A 6 1.03 -23.77 4.71
C ASP A 6 1.01 -22.25 4.60
N ALA A 7 0.36 -21.60 5.57
CA ALA A 7 0.26 -20.14 5.59
C ALA A 7 -0.67 -19.65 4.49
N LEU A 8 -1.90 -20.17 4.46
CA LEU A 8 -2.88 -19.79 3.47
C LEU A 8 -4.28 -19.80 4.05
N LYS A 9 -4.45 -19.11 5.18
CA LYS A 9 -5.75 -19.05 5.85
C LYS A 9 -5.93 -17.67 6.50
N GLU A 10 -4.94 -17.26 7.29
CA GLU A 10 -4.98 -15.96 7.95
C GLU A 10 -3.63 -15.31 7.89
N PHE A 11 -3.61 -14.01 8.10
CA PHE A 11 -2.41 -13.24 7.94
C PHE A 11 -2.50 -11.85 8.55
N GLU A 12 -1.42 -11.42 9.19
CA GLU A 12 -1.35 -10.10 9.79
C GLU A 12 -0.84 -9.13 8.75
N VAL A 13 -1.49 -7.98 8.65
CA VAL A 13 -1.16 -7.01 7.62
C VAL A 13 -1.41 -5.57 8.05
N LEU A 14 -0.94 -4.65 7.23
CA LEU A 14 -1.12 -3.22 7.48
C LEU A 14 -2.44 -2.80 6.82
N SER A 15 -3.28 -2.05 7.51
CA SER A 15 -4.57 -1.66 6.94
C SER A 15 -4.99 -0.25 7.33
N PHE A 16 -5.80 0.33 6.47
CA PHE A 16 -6.30 1.68 6.64
C PHE A 16 -7.67 1.82 5.98
N GLU A 17 -8.41 2.83 6.39
CA GLU A 17 -9.73 3.04 5.82
C GLU A 17 -9.60 3.92 4.59
N ILE A 18 -10.32 3.53 3.54
CA ILE A 18 -10.26 4.22 2.27
C ILE A 18 -11.67 4.53 1.73
N ASP A 19 -12.27 5.61 2.24
CA ASP A 19 -13.61 6.03 1.81
C ASP A 19 -14.61 4.88 1.89
N GLU A 20 -14.78 4.36 3.09
CA GLU A 20 -15.70 3.26 3.36
C GLU A 20 -15.08 1.92 3.01
N GLN A 21 -14.28 1.89 1.95
CA GLN A 21 -13.62 0.69 1.53
C GLN A 21 -12.28 0.57 2.25
N ALA A 22 -11.94 -0.61 2.73
CA ALA A 22 -10.68 -0.80 3.46
C ALA A 22 -9.55 -1.15 2.51
N LEU A 23 -8.32 -0.97 3.00
CA LEU A 23 -7.15 -1.25 2.17
C LEU A 23 -5.98 -1.74 3.03
N ALA A 24 -5.25 -2.73 2.52
CA ALA A 24 -4.13 -3.32 3.26
C ALA A 24 -2.95 -3.71 2.35
N PHE A 25 -1.76 -3.71 2.95
CA PHE A 25 -0.52 -4.09 2.26
C PHE A 25 0.30 -5.01 3.14
N ASP A 26 0.92 -6.03 2.56
CA ASP A 26 1.72 -6.97 3.33
C ASP A 26 2.68 -6.25 4.25
N VAL A 27 2.58 -6.54 5.54
CA VAL A 27 3.45 -5.94 6.54
C VAL A 27 4.91 -6.32 6.27
N ASP A 28 5.10 -7.31 5.40
CA ASP A 28 6.45 -7.76 5.06
C ASP A 28 7.23 -6.62 4.42
N ASN A 29 6.59 -5.93 3.48
CA ASN A 29 7.21 -4.81 2.81
C ASN A 29 6.95 -3.51 3.55
N ILE A 30 5.71 -3.31 3.98
CA ILE A 30 5.34 -2.11 4.72
C ILE A 30 6.13 -2.04 6.02
N GLU A 31 6.90 -0.97 6.20
CA GLU A 31 7.72 -0.81 7.40
C GLU A 31 6.92 -0.29 8.58
N MET A 32 6.30 0.88 8.44
CA MET A 32 5.50 1.45 9.52
C MET A 32 4.69 2.65 9.04
N VAL A 33 3.62 2.95 9.77
CA VAL A 33 2.75 4.08 9.44
C VAL A 33 3.22 5.37 10.10
N ILE A 34 2.91 6.48 9.47
CA ILE A 34 3.28 7.80 9.98
C ILE A 34 2.25 8.85 9.61
N GLU A 35 1.80 9.62 10.59
CA GLU A 35 0.82 10.67 10.34
C GLU A 35 1.52 11.97 9.98
N LYS A 36 1.10 12.58 8.87
CA LYS A 36 1.70 13.83 8.42
C LYS A 36 0.88 14.45 7.29
N SER A 37 1.16 15.72 7.01
CA SER A 37 0.45 16.44 5.96
C SER A 37 1.34 17.57 5.41
N ASP A 38 1.17 17.89 4.14
CA ASP A 38 1.96 18.93 3.51
C ASP A 38 3.45 18.66 3.72
N ILE A 39 3.84 17.41 3.48
CA ILE A 39 5.23 16.98 3.66
C ILE A 39 6.20 17.77 2.79
N THR A 40 6.12 17.55 1.48
CA THR A 40 7.02 18.21 0.54
C THR A 40 6.37 18.33 -0.84
N PRO A 41 5.32 19.14 -0.95
CA PRO A 41 4.59 19.34 -2.20
C PRO A 41 5.22 20.38 -3.12
N VAL A 42 5.54 21.55 -2.57
CA VAL A 42 6.12 22.63 -3.38
C VAL A 42 7.60 22.39 -3.72
N PRO A 43 8.38 21.77 -2.82
CA PRO A 43 9.80 21.50 -3.07
C PRO A 43 10.02 20.46 -4.16
N LYS A 44 9.88 19.18 -3.82
CA LYS A 44 10.05 18.13 -4.79
C LYS A 44 8.88 18.16 -5.73
N SER A 45 9.17 18.15 -7.02
CA SER A 45 8.09 18.18 -7.96
C SER A 45 8.61 18.04 -9.39
N ARG A 46 8.19 16.98 -10.07
CA ARG A 46 8.59 16.73 -11.45
C ARG A 46 8.05 15.38 -11.93
N HIS A 47 8.20 14.35 -11.11
CA HIS A 47 7.72 13.02 -11.45
C HIS A 47 6.38 12.72 -10.78
N PHE A 48 6.11 11.44 -10.53
CA PHE A 48 4.88 11.01 -9.90
C PHE A 48 4.88 11.37 -8.41
N VAL A 49 6.04 11.29 -7.79
CA VAL A 49 6.18 11.58 -6.36
C VAL A 49 5.63 12.96 -6.02
N GLU A 50 4.75 13.01 -5.03
CA GLU A 50 4.15 14.26 -4.59
C GLU A 50 4.98 14.90 -3.49
N GLY A 51 5.37 14.09 -2.52
CA GLY A 51 6.16 14.59 -1.40
C GLY A 51 7.35 13.69 -1.09
N VAL A 52 8.12 14.08 -0.07
CA VAL A 52 9.29 13.33 0.35
C VAL A 52 9.69 13.70 1.78
N ILE A 53 10.59 12.92 2.35
CA ILE A 53 11.07 13.18 3.71
C ILE A 53 12.44 12.53 3.94
N ASN A 54 13.27 13.17 4.74
CA ASN A 54 14.60 12.66 5.02
C ASN A 54 14.60 11.70 6.21
N LEU A 55 15.33 10.60 6.07
CA LEU A 55 15.42 9.59 7.11
C LEU A 55 16.53 8.60 6.79
N ARG A 56 17.25 8.16 7.81
CA ARG A 56 18.35 7.22 7.62
C ARG A 56 19.30 7.70 6.53
N GLY A 57 19.65 8.98 6.60
CA GLY A 57 20.54 9.56 5.61
C GLY A 57 20.06 9.36 4.20
N ARG A 58 18.75 9.49 3.98
CA ARG A 58 18.17 9.33 2.65
C ARG A 58 16.72 9.79 2.62
N ILE A 59 16.35 10.49 1.56
CA ILE A 59 15.00 11.01 1.41
C ILE A 59 14.10 9.99 0.72
N ILE A 60 12.91 9.77 1.29
CA ILE A 60 11.97 8.82 0.73
C ILE A 60 10.84 9.51 -0.02
N PRO A 61 10.42 8.96 -1.18
CA PRO A 61 9.35 9.53 -1.99
C PRO A 61 7.97 9.06 -1.56
N VAL A 62 7.13 9.99 -1.13
CA VAL A 62 5.77 9.67 -0.72
C VAL A 62 4.81 9.92 -1.88
N VAL A 63 3.92 8.98 -2.11
CA VAL A 63 2.97 9.11 -3.22
C VAL A 63 1.58 8.64 -2.85
N ASN A 64 0.61 9.16 -3.58
CA ASN A 64 -0.78 8.79 -3.38
C ASN A 64 -1.05 7.43 -4.00
N LEU A 65 -0.52 6.38 -3.37
CA LEU A 65 -0.70 5.02 -3.88
C LEU A 65 -2.18 4.72 -4.10
N ALA A 66 -3.01 5.21 -3.21
CA ALA A 66 -4.45 4.98 -3.33
C ALA A 66 -4.93 5.49 -4.69
N LYS A 67 -4.20 6.47 -5.24
CA LYS A 67 -4.51 7.06 -6.54
C LYS A 67 -3.97 6.21 -7.68
N ILE A 68 -2.75 5.71 -7.51
CA ILE A 68 -2.13 4.87 -8.53
C ILE A 68 -2.98 3.62 -8.66
N LEU A 69 -3.48 3.19 -7.52
CA LEU A 69 -4.36 2.04 -7.43
C LEU A 69 -5.76 2.48 -7.86
N GLY A 70 -6.25 3.54 -7.24
CA GLY A 70 -7.57 4.07 -7.54
C GLY A 70 -8.51 4.01 -6.35
N ILE A 71 -9.13 2.84 -6.11
CA ILE A 71 -10.06 2.65 -4.98
C ILE A 71 -11.06 3.79 -4.81
N SER A 72 -12.00 3.62 -3.88
CA SER A 72 -13.00 4.64 -3.60
C SER A 72 -12.32 5.99 -3.39
N PHE A 73 -11.18 5.92 -2.71
CA PHE A 73 -10.34 7.09 -2.45
C PHE A 73 -10.45 8.18 -3.50
N ASP A 74 -10.34 9.41 -3.04
CA ASP A 74 -10.40 10.58 -3.91
C ASP A 74 -9.34 11.59 -3.49
N GLU A 75 -9.34 11.95 -2.20
CA GLU A 75 -8.36 12.92 -1.66
C GLU A 75 -8.80 13.47 -0.31
N GLN A 76 -10.08 13.81 -0.20
CA GLN A 76 -10.64 14.37 1.02
C GLN A 76 -10.33 13.55 2.27
N LYS A 77 -10.34 12.22 2.14
CA LYS A 77 -10.07 11.36 3.28
C LYS A 77 -8.59 11.33 3.66
N MET A 78 -7.72 11.53 2.69
CA MET A 78 -6.28 11.52 2.94
C MET A 78 -5.91 12.28 4.21
N LYS A 79 -5.12 11.65 5.06
CA LYS A 79 -4.67 12.25 6.32
C LYS A 79 -3.45 11.50 6.87
N SER A 80 -3.53 10.17 6.85
CA SER A 80 -2.43 9.33 7.33
C SER A 80 -1.46 9.03 6.19
N ILE A 81 -0.26 8.55 6.55
CA ILE A 81 0.76 8.25 5.55
C ILE A 81 1.53 6.97 5.90
N ILE A 82 1.56 6.02 4.97
CA ILE A 82 2.27 4.75 5.20
C ILE A 82 3.63 4.76 4.51
N VAL A 83 4.55 3.94 5.02
CA VAL A 83 5.89 3.84 4.46
C VAL A 83 6.25 2.38 4.22
N ALA A 84 7.02 2.14 3.16
CA ALA A 84 7.42 0.79 2.79
C ALA A 84 8.85 0.76 2.23
N ARG A 85 9.28 -0.43 1.81
CA ARG A 85 10.61 -0.61 1.24
C ARG A 85 10.53 -1.56 0.04
N THR A 86 11.08 -1.15 -1.08
CA THR A 86 11.06 -1.98 -2.28
C THR A 86 12.35 -1.87 -3.07
N LYS A 87 13.13 -2.94 -3.07
CA LYS A 87 14.38 -3.00 -3.81
C LYS A 87 15.21 -1.75 -3.56
N ASP A 88 15.37 -1.44 -2.29
CA ASP A 88 16.13 -0.28 -1.85
C ASP A 88 15.36 1.01 -2.12
N VAL A 89 14.05 0.92 -2.06
CA VAL A 89 13.18 2.08 -2.24
C VAL A 89 12.23 2.18 -1.07
N GLU A 90 12.41 3.16 -0.21
CA GLU A 90 11.49 3.31 0.88
C GLU A 90 10.37 4.18 0.36
N VAL A 91 9.31 3.49 -0.01
CA VAL A 91 8.17 4.08 -0.66
C VAL A 91 7.13 4.59 0.32
N GLY A 92 6.41 5.60 -0.14
CA GLY A 92 5.38 6.21 0.69
C GLY A 92 4.00 6.11 0.08
N PHE A 93 2.98 6.13 0.93
CA PHE A 93 1.59 6.04 0.50
C PHE A 93 0.69 6.89 1.37
N LEU A 94 -0.06 7.80 0.75
CA LEU A 94 -0.95 8.67 1.49
C LEU A 94 -2.33 8.01 1.65
N VAL A 95 -2.77 7.92 2.90
CA VAL A 95 -4.05 7.31 3.23
C VAL A 95 -4.83 8.18 4.20
N ASP A 96 -5.97 7.68 4.65
CA ASP A 96 -6.84 8.45 5.56
C ASP A 96 -6.44 8.22 7.01
N ARG A 97 -6.74 7.03 7.47
CA ARG A 97 -6.41 6.64 8.83
C ARG A 97 -6.10 5.15 8.83
N VAL A 98 -4.85 4.86 9.07
CA VAL A 98 -4.39 3.49 9.07
C VAL A 98 -4.53 2.80 10.41
N LEU A 99 -5.34 1.75 10.36
CA LEU A 99 -5.66 0.93 11.52
C LEU A 99 -4.43 0.18 12.00
N GLY A 100 -3.54 -0.12 11.07
CA GLY A 100 -2.34 -0.85 11.40
C GLY A 100 -2.53 -2.35 11.19
N VAL A 101 -2.30 -3.13 12.23
CA VAL A 101 -2.46 -4.58 12.16
C VAL A 101 -3.84 -4.94 11.62
N LEU A 102 -3.89 -5.92 10.72
CA LEU A 102 -5.16 -6.32 10.12
C LEU A 102 -5.24 -7.84 9.98
N ARG A 103 -6.43 -8.37 10.22
CA ARG A 103 -6.66 -9.80 10.13
C ARG A 103 -7.04 -10.21 8.71
N ILE A 104 -6.09 -10.16 7.79
CA ILE A 104 -6.36 -10.53 6.41
C ILE A 104 -6.13 -12.01 6.23
N THR A 105 -7.03 -12.67 5.52
CA THR A 105 -6.88 -14.08 5.27
C THR A 105 -6.07 -14.24 4.02
N GLU A 106 -5.89 -15.46 3.55
CA GLU A 106 -5.07 -15.64 2.39
C GLU A 106 -5.56 -16.75 1.49
N ASN A 107 -6.59 -16.44 0.75
CA ASN A 107 -7.16 -17.33 -0.22
C ASN A 107 -6.82 -16.81 -1.60
N GLN A 108 -5.76 -16.00 -1.66
CA GLN A 108 -5.32 -15.40 -2.89
C GLN A 108 -3.89 -14.86 -2.79
N LEU A 109 -2.99 -15.77 -2.49
CA LEU A 109 -1.56 -15.48 -2.36
C LEU A 109 -0.77 -16.78 -2.29
N ASP A 110 -1.25 -17.81 -2.97
CA ASP A 110 -0.57 -19.10 -2.97
C ASP A 110 0.87 -18.95 -3.43
N LEU A 111 1.72 -19.89 -3.02
CA LEU A 111 3.14 -19.85 -3.40
C LEU A 111 3.29 -19.50 -4.87
N THR A 112 2.53 -20.19 -5.71
CA THR A 112 2.55 -19.95 -7.14
C THR A 112 1.81 -18.66 -7.47
N ASN A 113 0.80 -18.36 -6.66
CA ASN A 113 0.00 -17.15 -6.85
C ASN A 113 -0.70 -17.18 -8.21
N VAL A 114 -2.02 -17.09 -8.20
CA VAL A 114 -2.79 -17.11 -9.43
C VAL A 114 -4.14 -16.42 -9.28
N SER A 115 -4.18 -15.11 -9.53
CA SER A 115 -5.41 -14.35 -9.43
C SER A 115 -5.16 -12.85 -9.64
N ASP A 116 -5.87 -12.27 -10.59
CA ASP A 116 -5.74 -10.85 -10.88
C ASP A 116 -6.29 -10.03 -9.72
N LYS A 117 -7.52 -10.34 -9.33
CA LYS A 117 -8.20 -9.69 -8.22
C LYS A 117 -8.49 -8.22 -8.50
N PHE A 118 -7.44 -7.45 -8.77
CA PHE A 118 -7.62 -6.01 -9.06
C PHE A 118 -7.48 -5.75 -10.55
N GLY A 119 -6.26 -5.91 -11.06
CA GLY A 119 -6.01 -5.69 -12.47
C GLY A 119 -4.54 -5.51 -12.77
N LYS A 120 -4.24 -4.63 -13.73
CA LYS A 120 -2.85 -4.36 -14.11
C LYS A 120 -2.25 -3.30 -13.20
N LYS A 121 -2.23 -3.57 -11.90
CA LYS A 121 -1.69 -2.61 -10.93
C LYS A 121 -1.20 -3.30 -9.67
N SER A 122 -1.95 -4.30 -9.20
CA SER A 122 -1.56 -5.01 -7.99
C SER A 122 -1.97 -6.49 -8.09
N LYS A 123 -2.42 -7.09 -6.98
CA LYS A 123 -2.81 -8.50 -6.98
C LYS A 123 -3.78 -8.84 -5.85
N GLY A 124 -3.64 -8.17 -4.70
CA GLY A 124 -4.51 -8.46 -3.57
C GLY A 124 -5.85 -7.78 -3.64
N LEU A 125 -6.87 -8.47 -3.17
CA LEU A 125 -8.24 -7.94 -3.13
C LEU A 125 -9.08 -8.76 -2.16
N VAL A 126 -8.99 -8.38 -0.89
CA VAL A 126 -9.70 -9.08 0.17
C VAL A 126 -11.10 -8.52 0.40
N LYS A 127 -11.94 -9.32 1.06
CA LYS A 127 -13.32 -8.94 1.36
C LYS A 127 -13.78 -9.67 2.63
N THR A 128 -14.38 -8.94 3.56
CA THR A 128 -14.85 -9.51 4.79
C THR A 128 -15.73 -8.53 5.57
N ASP A 129 -16.65 -9.07 6.37
CA ASP A 129 -17.56 -8.24 7.15
C ASP A 129 -18.35 -7.30 6.26
N GLY A 130 -18.92 -7.85 5.19
CA GLY A 130 -19.70 -7.04 4.27
C GLY A 130 -18.97 -5.78 3.86
N ARG A 131 -17.64 -5.86 3.81
CA ARG A 131 -16.82 -4.72 3.44
C ARG A 131 -15.69 -5.17 2.52
N LEU A 132 -15.45 -4.40 1.46
CA LEU A 132 -14.41 -4.72 0.50
C LEU A 132 -13.08 -4.12 0.92
N ILE A 133 -12.02 -4.91 0.82
CA ILE A 133 -10.68 -4.46 1.18
C ILE A 133 -9.69 -4.74 0.06
N ILE A 134 -8.90 -3.73 -0.31
CA ILE A 134 -7.90 -3.91 -1.36
C ILE A 134 -6.60 -4.39 -0.72
N TYR A 135 -5.90 -5.32 -1.38
CA TYR A 135 -4.66 -5.84 -0.82
C TYR A 135 -3.54 -5.78 -1.85
N LEU A 136 -2.34 -5.45 -1.38
CA LEU A 136 -1.18 -5.33 -2.26
C LEU A 136 0.06 -5.97 -1.68
N ASP A 137 1.09 -6.03 -2.51
CA ASP A 137 2.39 -6.56 -2.14
C ASP A 137 3.45 -5.62 -2.70
N ILE A 138 3.02 -4.37 -2.89
CA ILE A 138 3.86 -3.29 -3.40
C ILE A 138 4.74 -3.70 -4.59
N ASP A 139 4.43 -4.82 -5.25
CA ASP A 139 5.23 -5.29 -6.38
C ASP A 139 4.86 -4.59 -7.69
N LYS A 140 3.64 -4.77 -8.14
CA LYS A 140 3.18 -4.16 -9.38
C LYS A 140 2.95 -2.67 -9.16
N ILE A 141 2.57 -2.34 -7.95
CA ILE A 141 2.31 -0.97 -7.57
C ILE A 141 3.62 -0.18 -7.52
N ILE A 142 4.66 -0.70 -6.89
CA ILE A 142 5.95 0.01 -6.86
C ILE A 142 6.47 0.20 -8.28
N GLU A 143 6.44 -0.88 -9.07
CA GLU A 143 6.90 -0.82 -10.45
C GLU A 143 6.26 0.38 -11.14
N GLU A 144 4.97 0.55 -10.90
CA GLU A 144 4.23 1.65 -11.47
C GLU A 144 4.60 2.97 -10.79
N ILE A 145 4.89 2.91 -9.49
CA ILE A 145 5.28 4.11 -8.73
C ILE A 145 6.36 4.90 -9.48
N THR A 146 7.37 4.18 -9.96
CA THR A 146 8.48 4.82 -10.67
C THR A 146 8.21 5.00 -12.16
N VAL A 147 7.79 3.94 -12.84
CA VAL A 147 7.54 3.99 -14.28
C VAL A 147 6.17 4.57 -14.66
N LYS A 148 5.49 5.19 -13.70
CA LYS A 148 4.17 5.74 -13.99
C LYS A 148 4.24 6.77 -15.12
N GLU A 149 5.02 7.83 -14.90
CA GLU A 149 5.17 8.88 -15.89
C GLU A 149 6.34 8.59 -16.82
N GLY A 150 6.37 7.37 -17.36
CA GLY A 150 7.44 6.98 -18.26
C GLY A 150 7.22 5.60 -18.85
N VAL A 151 5.99 5.32 -19.27
CA VAL A 151 5.66 4.03 -19.85
C VAL A 151 6.48 3.75 -21.11
N MET A 1 -5.90 -31.59 16.20
CA MET A 1 -4.69 -32.45 16.27
C MET A 1 -3.70 -32.10 15.17
N LYS A 2 -4.21 -31.90 13.96
CA LYS A 2 -3.36 -31.56 12.82
C LYS A 2 -2.63 -30.25 13.06
N THR A 3 -3.37 -29.25 13.55
CA THR A 3 -2.81 -27.92 13.84
C THR A 3 -2.37 -27.18 12.56
N LEU A 4 -1.57 -27.85 11.73
CA LEU A 4 -1.10 -27.24 10.49
C LEU A 4 -2.22 -26.57 9.71
N ALA A 5 -3.41 -27.17 9.74
CA ALA A 5 -4.57 -26.62 9.04
C ALA A 5 -4.24 -26.25 7.60
N ASP A 6 -5.15 -25.53 6.95
CA ASP A 6 -4.96 -25.10 5.57
C ASP A 6 -3.85 -24.04 5.47
N ALA A 7 -2.98 -24.21 4.49
CA ALA A 7 -1.88 -23.29 4.28
C ALA A 7 -2.37 -21.87 4.01
N LEU A 8 -1.71 -20.89 4.62
CA LEU A 8 -2.07 -19.49 4.44
C LEU A 8 -3.51 -19.23 4.86
N LYS A 9 -3.89 -19.72 6.04
CA LYS A 9 -5.25 -19.53 6.54
C LYS A 9 -5.52 -18.05 6.80
N GLU A 10 -4.56 -17.39 7.43
CA GLU A 10 -4.66 -15.98 7.76
C GLU A 10 -3.31 -15.31 7.67
N PHE A 11 -3.34 -14.01 7.63
CA PHE A 11 -2.15 -13.22 7.44
C PHE A 11 -2.27 -11.82 8.03
N GLU A 12 -1.17 -11.35 8.62
CA GLU A 12 -1.11 -10.02 9.21
C GLU A 12 -0.70 -9.01 8.16
N VAL A 13 -1.33 -7.85 8.17
CA VAL A 13 -1.05 -6.85 7.15
C VAL A 13 -1.33 -5.42 7.62
N LEU A 14 -0.88 -4.46 6.82
CA LEU A 14 -1.10 -3.05 7.11
C LEU A 14 -2.43 -2.65 6.48
N SER A 15 -3.28 -1.96 7.22
CA SER A 15 -4.60 -1.61 6.69
C SER A 15 -5.07 -0.22 7.07
N PHE A 16 -5.87 0.36 6.18
CA PHE A 16 -6.43 1.69 6.36
C PHE A 16 -7.77 1.79 5.65
N GLU A 17 -8.55 2.80 6.02
CA GLU A 17 -9.85 2.99 5.40
C GLU A 17 -9.71 3.88 4.17
N ILE A 18 -10.41 3.50 3.11
CA ILE A 18 -10.34 4.22 1.84
C ILE A 18 -11.73 4.41 1.24
N ASP A 19 -12.28 5.61 1.44
CA ASP A 19 -13.60 5.96 0.92
C ASP A 19 -14.62 4.84 1.07
N GLU A 20 -14.85 4.45 2.31
CA GLU A 20 -15.82 3.41 2.66
C GLU A 20 -15.21 2.01 2.61
N GLN A 21 -14.42 1.72 1.58
CA GLN A 21 -13.81 0.40 1.48
C GLN A 21 -12.47 0.38 2.21
N ALA A 22 -12.04 -0.81 2.63
CA ALA A 22 -10.78 -0.94 3.34
C ALA A 22 -9.63 -1.15 2.36
N LEU A 23 -8.41 -0.99 2.85
CA LEU A 23 -7.23 -1.15 2.01
C LEU A 23 -6.03 -1.60 2.84
N ALA A 24 -5.32 -2.61 2.36
CA ALA A 24 -4.18 -3.16 3.07
C ALA A 24 -3.03 -3.57 2.13
N PHE A 25 -1.80 -3.31 2.58
CA PHE A 25 -0.58 -3.66 1.83
C PHE A 25 0.20 -4.65 2.68
N ASP A 26 0.80 -5.66 2.05
CA ASP A 26 1.55 -6.65 2.81
C ASP A 26 2.45 -5.98 3.84
N VAL A 27 2.04 -6.09 5.09
CA VAL A 27 2.78 -5.51 6.20
C VAL A 27 4.24 -5.93 6.14
N ASP A 28 4.53 -6.99 5.38
CA ASP A 28 5.89 -7.47 5.24
C ASP A 28 6.73 -6.40 4.58
N ASN A 29 6.13 -5.73 3.60
CA ASN A 29 6.78 -4.66 2.87
C ASN A 29 6.65 -3.34 3.62
N ILE A 30 5.44 -3.06 4.10
CA ILE A 30 5.15 -1.83 4.83
C ILE A 30 5.94 -1.79 6.15
N GLU A 31 6.60 -0.65 6.41
CA GLU A 31 7.39 -0.50 7.62
C GLU A 31 6.60 0.15 8.75
N MET A 32 6.13 1.37 8.53
CA MET A 32 5.37 2.08 9.55
C MET A 32 4.72 3.34 8.98
N VAL A 33 3.72 3.85 9.70
CA VAL A 33 3.00 5.04 9.27
C VAL A 33 3.65 6.32 9.80
N ILE A 34 3.63 7.37 8.97
CA ILE A 34 4.20 8.66 9.33
C ILE A 34 3.17 9.77 9.16
N GLU A 35 3.37 10.88 9.85
CA GLU A 35 2.45 12.00 9.78
C GLU A 35 2.85 12.97 8.66
N LYS A 36 1.84 13.47 7.95
CA LYS A 36 2.08 14.41 6.84
C LYS A 36 2.11 15.85 7.35
N SER A 37 3.09 16.60 6.88
CA SER A 37 3.24 18.01 7.26
C SER A 37 4.27 18.71 6.39
N ASP A 38 3.88 19.84 5.82
CA ASP A 38 4.75 20.65 4.95
C ASP A 38 5.85 19.81 4.29
N ILE A 39 5.47 18.67 3.75
CA ILE A 39 6.42 17.78 3.09
C ILE A 39 7.04 18.42 1.86
N THR A 40 8.23 17.91 1.50
CA THR A 40 8.98 18.37 0.35
C THR A 40 8.07 18.69 -0.84
N PRO A 41 7.67 19.97 -0.99
CA PRO A 41 6.79 20.41 -2.07
C PRO A 41 7.55 20.92 -3.30
N VAL A 42 8.31 21.99 -3.11
CA VAL A 42 9.06 22.59 -4.23
C VAL A 42 10.32 21.79 -4.59
N PRO A 43 10.99 21.15 -3.60
CA PRO A 43 12.21 20.37 -3.86
C PRO A 43 11.94 19.07 -4.63
N LYS A 44 10.74 18.90 -5.15
CA LYS A 44 10.38 17.70 -5.88
C LYS A 44 11.46 17.30 -6.87
N SER A 45 11.44 16.04 -7.28
CA SER A 45 12.42 15.54 -8.23
C SER A 45 12.21 14.06 -8.52
N ARG A 46 11.71 13.32 -7.52
CA ARG A 46 11.48 11.89 -7.67
C ARG A 46 10.35 11.57 -8.66
N HIS A 47 10.43 12.17 -9.85
CA HIS A 47 9.43 11.94 -10.90
C HIS A 47 7.99 12.01 -10.37
N PHE A 48 7.19 10.99 -10.69
CA PHE A 48 5.78 10.93 -10.29
C PHE A 48 5.59 11.24 -8.80
N VAL A 49 6.53 10.82 -7.97
CA VAL A 49 6.44 11.04 -6.54
C VAL A 49 6.02 12.47 -6.21
N GLU A 50 4.99 12.60 -5.39
CA GLU A 50 4.46 13.91 -5.01
C GLU A 50 5.39 14.62 -4.02
N GLY A 51 5.95 13.87 -3.08
CA GLY A 51 6.83 14.47 -2.09
C GLY A 51 7.88 13.50 -1.57
N VAL A 52 8.67 13.96 -0.60
CA VAL A 52 9.72 13.13 -0.01
C VAL A 52 10.06 13.61 1.40
N ILE A 53 10.87 12.84 2.10
CA ILE A 53 11.29 13.19 3.46
C ILE A 53 12.60 12.49 3.82
N ASN A 54 13.44 13.18 4.59
CA ASN A 54 14.73 12.63 5.00
C ASN A 54 14.61 11.84 6.30
N LEU A 55 15.19 10.64 6.31
CA LEU A 55 15.17 9.78 7.47
C LEU A 55 16.28 8.72 7.37
N ARG A 56 16.92 8.43 8.50
CA ARG A 56 17.99 7.45 8.53
C ARG A 56 19.02 7.72 7.43
N GLY A 57 19.40 8.99 7.29
CA GLY A 57 20.36 9.36 6.29
C GLY A 57 19.92 8.97 4.88
N ARG A 58 18.64 9.13 4.60
CA ARG A 58 18.11 8.79 3.28
C ARG A 58 16.70 9.35 3.11
N ILE A 59 16.44 9.94 1.95
CA ILE A 59 15.15 10.52 1.65
C ILE A 59 14.20 9.49 1.03
N ILE A 60 12.97 9.45 1.51
CA ILE A 60 11.99 8.50 1.00
C ILE A 60 10.89 9.22 0.20
N PRO A 61 10.56 8.70 -1.00
CA PRO A 61 9.53 9.30 -1.85
C PRO A 61 8.12 8.92 -1.41
N VAL A 62 7.32 9.95 -1.11
CA VAL A 62 5.94 9.75 -0.72
C VAL A 62 5.03 9.84 -1.93
N VAL A 63 4.13 8.88 -2.07
CA VAL A 63 3.21 8.84 -3.19
C VAL A 63 1.83 8.37 -2.76
N ASN A 64 0.85 8.63 -3.60
CA ASN A 64 -0.52 8.24 -3.32
C ASN A 64 -0.90 7.01 -4.13
N LEU A 65 -0.59 5.81 -3.63
CA LEU A 65 -0.93 4.59 -4.34
C LEU A 65 -2.40 4.56 -4.69
N ALA A 66 -3.24 4.98 -3.78
CA ALA A 66 -4.67 5.00 -4.03
C ALA A 66 -4.96 5.81 -5.30
N LYS A 67 -4.05 6.73 -5.63
CA LYS A 67 -4.17 7.56 -6.82
C LYS A 67 -3.57 6.84 -8.03
N ILE A 68 -2.46 6.13 -7.80
CA ILE A 68 -1.81 5.36 -8.86
C ILE A 68 -2.76 4.27 -9.28
N LEU A 69 -3.46 3.77 -8.27
CA LEU A 69 -4.45 2.74 -8.42
C LEU A 69 -5.76 3.38 -8.86
N GLY A 70 -6.18 4.38 -8.09
CA GLY A 70 -7.42 5.11 -8.36
C GLY A 70 -8.45 4.93 -7.26
N ILE A 71 -9.10 3.75 -7.23
CA ILE A 71 -10.11 3.44 -6.22
C ILE A 71 -11.05 4.61 -5.95
N SER A 72 -11.95 4.44 -4.97
CA SER A 72 -12.89 5.50 -4.60
C SER A 72 -12.11 6.73 -4.16
N PHE A 73 -11.04 6.46 -3.41
CA PHE A 73 -10.12 7.51 -2.93
C PHE A 73 -10.12 8.75 -3.81
N ASP A 74 -10.14 9.91 -3.17
CA ASP A 74 -10.14 11.19 -3.86
C ASP A 74 -9.63 12.27 -2.91
N GLU A 75 -8.55 11.95 -2.20
CA GLU A 75 -7.92 12.85 -1.23
C GLU A 75 -8.95 13.69 -0.48
N GLN A 76 -10.07 13.07 -0.15
CA GLN A 76 -11.14 13.73 0.57
C GLN A 76 -10.94 13.65 2.09
N LYS A 77 -10.67 12.45 2.59
CA LYS A 77 -10.48 12.25 4.03
C LYS A 77 -9.01 11.98 4.40
N MET A 78 -8.14 11.94 3.39
CA MET A 78 -6.71 11.69 3.62
C MET A 78 -6.19 12.48 4.83
N LYS A 79 -5.33 11.84 5.63
CA LYS A 79 -4.77 12.49 6.81
C LYS A 79 -3.77 11.58 7.53
N SER A 80 -3.02 10.80 6.76
CA SER A 80 -2.02 9.89 7.33
C SER A 80 -1.13 9.31 6.23
N ILE A 81 0.16 9.13 6.54
CA ILE A 81 1.10 8.59 5.57
C ILE A 81 1.62 7.21 5.99
N ILE A 82 2.00 6.40 5.02
CA ILE A 82 2.50 5.06 5.28
C ILE A 82 3.88 4.87 4.66
N VAL A 83 4.81 4.32 5.43
CA VAL A 83 6.17 4.08 4.94
C VAL A 83 6.37 2.60 4.61
N ALA A 84 7.24 2.34 3.65
CA ALA A 84 7.52 0.99 3.19
C ALA A 84 8.88 0.89 2.52
N ARG A 85 9.28 -0.33 2.18
CA ARG A 85 10.54 -0.58 1.49
C ARG A 85 10.28 -1.46 0.27
N THR A 86 11.06 -1.27 -0.79
CA THR A 86 10.87 -2.06 -2.00
C THR A 86 12.11 -2.01 -2.90
N LYS A 87 12.81 -3.13 -2.98
CA LYS A 87 13.99 -3.24 -3.84
C LYS A 87 14.91 -2.03 -3.65
N ASP A 88 15.18 -1.72 -2.40
CA ASP A 88 16.02 -0.59 -2.04
C ASP A 88 15.31 0.73 -2.29
N VAL A 89 14.00 0.72 -2.09
CA VAL A 89 13.18 1.92 -2.24
C VAL A 89 12.28 2.05 -1.03
N GLU A 90 12.49 3.05 -0.21
CA GLU A 90 11.63 3.23 0.92
C GLU A 90 10.48 4.08 0.46
N VAL A 91 9.43 3.39 0.07
CA VAL A 91 8.25 3.99 -0.52
C VAL A 91 7.23 4.42 0.49
N GLY A 92 6.47 5.43 0.12
CA GLY A 92 5.44 5.94 1.02
C GLY A 92 4.10 6.12 0.34
N PHE A 93 3.02 5.84 1.08
CA PHE A 93 1.66 5.98 0.55
C PHE A 93 0.77 6.75 1.52
N LEU A 94 0.11 7.78 1.01
CA LEU A 94 -0.77 8.61 1.83
C LEU A 94 -2.20 8.05 1.87
N VAL A 95 -2.71 7.86 3.08
CA VAL A 95 -4.07 7.37 3.29
C VAL A 95 -4.81 8.21 4.32
N ASP A 96 -6.02 7.80 4.66
CA ASP A 96 -6.85 8.55 5.61
C ASP A 96 -6.57 8.14 7.03
N ARG A 97 -7.07 6.97 7.39
CA ARG A 97 -6.87 6.42 8.72
C ARG A 97 -6.39 5.00 8.58
N VAL A 98 -5.20 4.75 9.05
CA VAL A 98 -4.63 3.43 8.95
C VAL A 98 -4.74 2.66 10.25
N LEU A 99 -5.50 1.58 10.14
CA LEU A 99 -5.79 0.68 11.24
C LEU A 99 -4.52 -0.01 11.72
N GLY A 100 -3.59 -0.20 10.78
CA GLY A 100 -2.36 -0.87 11.10
C GLY A 100 -2.46 -2.37 10.92
N VAL A 101 -2.10 -3.14 11.94
CA VAL A 101 -2.17 -4.60 11.86
C VAL A 101 -3.55 -5.04 11.38
N LEU A 102 -3.58 -5.95 10.41
CA LEU A 102 -4.85 -6.41 9.86
C LEU A 102 -4.84 -7.92 9.67
N ARG A 103 -5.96 -8.54 10.00
CA ARG A 103 -6.09 -9.98 9.85
C ARG A 103 -6.61 -10.35 8.46
N ILE A 104 -5.75 -10.21 7.45
CA ILE A 104 -6.13 -10.54 6.08
C ILE A 104 -5.84 -11.99 5.82
N THR A 105 -6.79 -12.69 5.23
CA THR A 105 -6.58 -14.08 4.88
C THR A 105 -5.98 -14.13 3.51
N GLU A 106 -5.19 -15.14 3.25
CA GLU A 106 -4.49 -15.21 1.99
C GLU A 106 -4.67 -16.53 1.27
N ASN A 107 -5.81 -16.66 0.63
CA ASN A 107 -6.11 -17.81 -0.17
C ASN A 107 -5.81 -17.47 -1.63
N GLN A 108 -5.29 -16.24 -1.82
CA GLN A 108 -4.95 -15.75 -3.14
C GLN A 108 -3.57 -16.22 -3.55
N LEU A 109 -2.55 -15.86 -2.75
CA LEU A 109 -1.18 -16.24 -3.04
C LEU A 109 -1.05 -17.76 -3.15
N ASP A 110 -1.36 -18.45 -2.06
CA ASP A 110 -1.28 -19.91 -2.00
C ASP A 110 0.02 -20.42 -2.64
N LEU A 111 0.97 -20.77 -1.78
CA LEU A 111 2.27 -21.26 -2.22
C LEU A 111 3.08 -20.15 -2.89
N THR A 112 2.55 -19.60 -3.98
CA THR A 112 3.21 -18.52 -4.71
C THR A 112 2.56 -18.28 -6.07
N ASN A 113 1.24 -18.29 -6.12
CA ASN A 113 0.53 -18.07 -7.38
C ASN A 113 0.67 -16.62 -7.85
N VAL A 114 0.36 -15.68 -6.97
CA VAL A 114 0.46 -14.27 -7.30
C VAL A 114 -0.58 -13.89 -8.34
N SER A 115 -1.54 -13.08 -7.93
CA SER A 115 -2.60 -12.64 -8.80
C SER A 115 -2.67 -11.12 -8.86
N ASP A 116 -2.84 -10.59 -10.08
CA ASP A 116 -2.91 -9.15 -10.28
C ASP A 116 -4.07 -8.53 -9.50
N LYS A 117 -5.26 -9.09 -9.68
CA LYS A 117 -6.45 -8.59 -8.98
C LYS A 117 -6.74 -7.13 -9.37
N PHE A 118 -6.42 -6.78 -10.60
CA PHE A 118 -6.64 -5.43 -11.09
C PHE A 118 -6.30 -5.35 -12.57
N GLY A 119 -5.19 -5.99 -12.94
CA GLY A 119 -4.75 -5.98 -14.32
C GLY A 119 -4.09 -4.67 -14.69
N LYS A 120 -3.37 -4.09 -13.73
CA LYS A 120 -2.68 -2.84 -13.96
C LYS A 120 -1.93 -2.36 -12.71
N LYS A 121 -2.51 -2.61 -11.54
CA LYS A 121 -1.87 -2.16 -10.30
C LYS A 121 -1.78 -3.28 -9.26
N SER A 122 -2.92 -3.71 -8.72
CA SER A 122 -2.95 -4.78 -7.72
C SER A 122 -4.36 -4.98 -7.19
N LYS A 123 -4.78 -4.10 -6.28
CA LYS A 123 -6.11 -4.16 -5.69
C LYS A 123 -6.53 -5.59 -5.34
N GLY A 124 -5.64 -6.32 -4.65
CA GLY A 124 -5.96 -7.67 -4.25
C GLY A 124 -7.23 -7.71 -3.42
N LEU A 125 -8.36 -7.51 -4.08
CA LEU A 125 -9.65 -7.47 -3.42
C LEU A 125 -9.79 -8.57 -2.36
N VAL A 126 -10.36 -8.19 -1.23
CA VAL A 126 -10.56 -9.10 -0.10
C VAL A 126 -11.84 -8.76 0.64
N LYS A 127 -12.34 -9.73 1.40
CA LYS A 127 -13.57 -9.55 2.17
C LYS A 127 -13.64 -10.59 3.29
N THR A 128 -13.98 -10.13 4.49
CA THR A 128 -14.08 -10.99 5.64
C THR A 128 -14.92 -10.32 6.74
N ASP A 129 -15.62 -11.14 7.52
CA ASP A 129 -16.45 -10.61 8.60
C ASP A 129 -17.45 -9.59 8.07
N GLY A 130 -18.06 -9.92 6.93
CA GLY A 130 -19.03 -9.02 6.33
C GLY A 130 -18.48 -7.62 6.15
N ARG A 131 -17.19 -7.54 5.82
CA ARG A 131 -16.54 -6.25 5.63
C ARG A 131 -15.72 -6.26 4.34
N LEU A 132 -15.76 -5.16 3.61
CA LEU A 132 -15.02 -5.05 2.35
C LEU A 132 -13.61 -4.52 2.59
N ILE A 133 -12.64 -5.09 1.89
CA ILE A 133 -11.26 -4.69 2.02
C ILE A 133 -10.48 -4.90 0.73
N ILE A 134 -9.56 -3.98 0.44
CA ILE A 134 -8.73 -4.08 -0.74
C ILE A 134 -7.28 -4.35 -0.32
N TYR A 135 -6.69 -5.44 -0.78
CA TYR A 135 -5.32 -5.75 -0.41
C TYR A 135 -4.38 -5.35 -1.53
N LEU A 136 -3.08 -5.43 -1.29
CA LEU A 136 -2.12 -5.05 -2.32
C LEU A 136 -0.70 -5.48 -1.93
N ASP A 137 -0.02 -6.19 -2.84
CA ASP A 137 1.34 -6.68 -2.57
C ASP A 137 2.41 -5.68 -3.04
N ILE A 138 1.99 -4.44 -3.26
CA ILE A 138 2.87 -3.36 -3.70
C ILE A 138 3.90 -3.78 -4.75
N ASP A 139 3.66 -4.90 -5.44
CA ASP A 139 4.59 -5.39 -6.45
C ASP A 139 4.51 -4.59 -7.77
N LYS A 140 3.31 -4.54 -8.35
CA LYS A 140 3.13 -3.84 -9.61
C LYS A 140 3.01 -2.34 -9.39
N ILE A 141 2.52 -1.96 -8.22
CA ILE A 141 2.37 -0.56 -7.88
C ILE A 141 3.73 0.07 -7.70
N ILE A 142 4.63 -0.58 -6.97
CA ILE A 142 5.97 -0.06 -6.80
C ILE A 142 6.70 -0.04 -8.14
N GLU A 143 6.63 -1.14 -8.88
CA GLU A 143 7.26 -1.23 -10.18
C GLU A 143 6.91 0.02 -10.98
N GLU A 144 5.65 0.43 -10.86
CA GLU A 144 5.15 1.61 -11.53
C GLU A 144 5.63 2.87 -10.82
N ILE A 145 5.74 2.81 -9.49
CA ILE A 145 6.20 3.95 -8.71
C ILE A 145 7.47 4.54 -9.32
N THR A 146 8.35 3.65 -9.78
CA THR A 146 9.63 4.07 -10.37
C THR A 146 9.54 4.34 -11.87
N VAL A 147 9.00 3.38 -12.63
CA VAL A 147 8.89 3.51 -14.08
C VAL A 147 7.66 4.30 -14.52
N LYS A 148 6.99 4.98 -13.61
CA LYS A 148 5.79 5.73 -13.96
C LYS A 148 6.09 6.76 -15.04
N GLU A 149 7.22 7.45 -14.92
CA GLU A 149 7.61 8.47 -15.89
C GLU A 149 9.08 8.85 -15.72
N GLY A 150 9.76 9.04 -16.84
CA GLY A 150 11.17 9.40 -16.81
C GLY A 150 11.71 9.65 -18.19
N VAL A 151 10.93 10.33 -19.02
CA VAL A 151 11.33 10.63 -20.38
C VAL A 151 11.51 9.35 -21.20
N MET A 1 12.37 -27.97 9.22
CA MET A 1 13.17 -26.84 8.67
C MET A 1 12.39 -26.09 7.60
N LYS A 2 11.11 -25.84 7.86
CA LYS A 2 10.26 -25.14 6.91
C LYS A 2 10.77 -23.72 6.67
N THR A 3 11.07 -23.01 7.76
CA THR A 3 11.57 -21.64 7.68
C THR A 3 10.48 -20.69 7.17
N LEU A 4 10.00 -20.94 5.96
CA LEU A 4 8.97 -20.10 5.36
C LEU A 4 7.69 -20.12 6.19
N ALA A 5 7.31 -21.32 6.66
CA ALA A 5 6.12 -21.48 7.50
C ALA A 5 4.93 -20.69 6.95
N ASP A 6 4.46 -21.08 5.77
CA ASP A 6 3.32 -20.40 5.14
C ASP A 6 2.02 -20.76 5.86
N ALA A 7 1.29 -19.75 6.31
CA ALA A 7 0.04 -19.97 7.01
C ALA A 7 -1.02 -20.56 6.08
N LEU A 8 -1.24 -19.90 4.95
CA LEU A 8 -2.22 -20.36 3.98
C LEU A 8 -3.58 -20.59 4.64
N LYS A 9 -3.97 -19.66 5.50
CA LYS A 9 -5.23 -19.74 6.21
C LYS A 9 -5.67 -18.35 6.68
N GLU A 10 -4.73 -17.62 7.29
CA GLU A 10 -5.00 -16.28 7.76
C GLU A 10 -3.81 -15.38 7.52
N PHE A 11 -4.03 -14.09 7.61
CA PHE A 11 -3.00 -13.15 7.26
C PHE A 11 -2.93 -11.93 8.18
N GLU A 12 -1.75 -11.71 8.74
CA GLU A 12 -1.49 -10.53 9.55
C GLU A 12 -1.03 -9.46 8.58
N VAL A 13 -1.68 -8.30 8.58
CA VAL A 13 -1.33 -7.30 7.59
C VAL A 13 -1.56 -5.86 8.04
N LEU A 14 -1.02 -4.92 7.26
CA LEU A 14 -1.17 -3.49 7.52
C LEU A 14 -2.44 -3.01 6.84
N SER A 15 -3.29 -2.24 7.52
CA SER A 15 -4.54 -1.80 6.91
C SER A 15 -4.95 -0.40 7.33
N PHE A 16 -5.78 0.19 6.50
CA PHE A 16 -6.29 1.54 6.70
C PHE A 16 -7.64 1.69 6.02
N GLU A 17 -8.43 2.65 6.49
CA GLU A 17 -9.74 2.88 5.91
C GLU A 17 -9.64 3.86 4.76
N ILE A 18 -9.77 3.32 3.55
CA ILE A 18 -9.70 4.12 2.34
C ILE A 18 -11.07 4.66 1.94
N ASP A 19 -11.28 5.94 2.23
CA ASP A 19 -12.53 6.63 1.93
C ASP A 19 -13.77 5.76 2.01
N GLU A 20 -14.00 5.22 3.20
CA GLU A 20 -15.16 4.36 3.51
C GLU A 20 -14.80 2.88 3.56
N GLN A 21 -14.14 2.37 2.53
CA GLN A 21 -13.76 0.97 2.52
C GLN A 21 -12.39 0.78 3.16
N ALA A 22 -11.90 -0.44 3.13
CA ALA A 22 -10.60 -0.75 3.73
C ALA A 22 -9.56 -1.12 2.69
N LEU A 23 -8.29 -1.01 3.08
CA LEU A 23 -7.18 -1.34 2.20
C LEU A 23 -5.99 -1.83 3.02
N ALA A 24 -5.34 -2.89 2.53
CA ALA A 24 -4.21 -3.47 3.27
C ALA A 24 -3.03 -3.88 2.37
N PHE A 25 -1.83 -3.88 2.96
CA PHE A 25 -0.60 -4.26 2.27
C PHE A 25 0.18 -5.23 3.15
N ASP A 26 0.82 -6.22 2.52
CA ASP A 26 1.60 -7.18 3.28
C ASP A 26 2.59 -6.49 4.18
N VAL A 27 2.50 -6.79 5.48
CA VAL A 27 3.36 -6.19 6.47
C VAL A 27 4.83 -6.56 6.26
N ASP A 28 5.09 -7.49 5.34
CA ASP A 28 6.46 -7.91 5.07
C ASP A 28 7.23 -6.75 4.45
N ASN A 29 6.62 -6.12 3.46
CA ASN A 29 7.24 -5.00 2.76
C ASN A 29 6.97 -3.70 3.52
N ILE A 30 5.74 -3.51 3.97
CA ILE A 30 5.35 -2.33 4.71
C ILE A 30 6.17 -2.22 5.99
N GLU A 31 6.82 -1.08 6.18
CA GLU A 31 7.65 -0.87 7.37
C GLU A 31 6.82 -0.36 8.55
N MET A 32 6.23 0.82 8.39
CA MET A 32 5.41 1.40 9.44
C MET A 32 4.63 2.62 8.94
N VAL A 33 3.54 2.93 9.61
CA VAL A 33 2.69 4.06 9.25
C VAL A 33 3.16 5.35 9.93
N ILE A 34 2.72 6.48 9.38
CA ILE A 34 3.07 7.78 9.90
C ILE A 34 2.05 8.83 9.46
N GLU A 35 1.60 9.65 10.41
CA GLU A 35 0.63 10.70 10.11
C GLU A 35 1.33 11.98 9.68
N LYS A 36 2.04 11.92 8.55
CA LYS A 36 2.75 13.06 8.03
C LYS A 36 1.88 13.89 7.10
N SER A 37 2.19 15.19 7.00
CA SER A 37 1.43 16.11 6.17
C SER A 37 2.29 17.31 5.80
N ASP A 38 2.03 17.90 4.63
CA ASP A 38 2.79 19.05 4.16
C ASP A 38 4.28 18.78 4.23
N ILE A 39 4.65 17.57 3.81
CA ILE A 39 6.05 17.13 3.82
C ILE A 39 6.89 17.83 2.75
N THR A 40 6.51 17.64 1.50
CA THR A 40 7.23 18.21 0.37
C THR A 40 6.28 18.58 -0.77
N PRO A 41 5.59 19.71 -0.64
CA PRO A 41 4.62 20.19 -1.63
C PRO A 41 5.25 20.88 -2.84
N VAL A 42 6.04 21.93 -2.59
CA VAL A 42 6.66 22.69 -3.68
C VAL A 42 7.82 21.94 -4.33
N PRO A 43 8.62 21.17 -3.56
CA PRO A 43 9.76 20.42 -4.11
C PRO A 43 9.34 19.15 -4.86
N LYS A 44 8.06 19.05 -5.16
CA LYS A 44 7.52 17.88 -5.86
C LYS A 44 8.38 17.49 -7.06
N SER A 45 8.28 18.29 -8.11
CA SER A 45 9.03 18.06 -9.34
C SER A 45 8.99 16.58 -9.76
N ARG A 46 7.82 15.98 -9.64
CA ARG A 46 7.63 14.56 -9.98
C ARG A 46 6.17 14.23 -10.28
N HIS A 47 5.26 15.18 -10.02
CA HIS A 47 3.84 14.97 -10.26
C HIS A 47 3.25 13.96 -9.27
N PHE A 48 3.74 12.72 -9.31
CA PHE A 48 3.25 11.68 -8.42
C PHE A 48 3.79 11.87 -7.00
N VAL A 49 5.10 12.09 -6.90
CA VAL A 49 5.75 12.27 -5.61
C VAL A 49 5.20 13.49 -4.87
N GLU A 50 4.05 13.30 -4.23
CA GLU A 50 3.40 14.37 -3.48
C GLU A 50 4.32 14.90 -2.40
N GLY A 51 5.06 13.99 -1.78
CA GLY A 51 5.96 14.39 -0.70
C GLY A 51 7.20 13.51 -0.61
N VAL A 52 8.19 13.99 0.14
CA VAL A 52 9.45 13.26 0.33
C VAL A 52 10.18 13.81 1.55
N ILE A 53 11.22 13.12 1.99
CA ILE A 53 11.99 13.59 3.13
C ILE A 53 13.41 13.03 3.11
N ASN A 54 14.37 13.91 3.43
CA ASN A 54 15.78 13.54 3.47
C ASN A 54 16.38 13.90 4.83
N LEU A 55 16.88 12.89 5.54
CA LEU A 55 17.47 13.11 6.85
C LEU A 55 18.37 11.93 7.25
N ARG A 56 19.50 12.26 7.89
CA ARG A 56 20.45 11.24 8.34
C ARG A 56 20.72 10.21 7.24
N GLY A 57 20.97 10.72 6.03
CA GLY A 57 21.24 9.84 4.92
C GLY A 57 20.10 8.88 4.64
N ARG A 58 18.87 9.40 4.70
CA ARG A 58 17.69 8.58 4.44
C ARG A 58 16.66 9.38 3.63
N ILE A 59 16.36 8.88 2.43
CA ILE A 59 15.41 9.54 1.56
C ILE A 59 14.23 8.64 1.24
N ILE A 60 13.02 9.18 1.31
CA ILE A 60 11.82 8.40 1.01
C ILE A 60 10.77 9.25 0.29
N PRO A 61 10.14 8.68 -0.76
CA PRO A 61 9.12 9.35 -1.54
C PRO A 61 7.71 8.88 -1.21
N VAL A 62 6.86 9.82 -0.81
CA VAL A 62 5.48 9.50 -0.48
C VAL A 62 4.57 9.86 -1.65
N VAL A 63 3.68 8.94 -2.01
CA VAL A 63 2.77 9.17 -3.13
C VAL A 63 1.37 8.63 -2.84
N ASN A 64 0.40 9.20 -3.53
CA ASN A 64 -0.98 8.77 -3.37
C ASN A 64 -1.16 7.40 -4.00
N LEU A 65 -0.53 6.39 -3.40
CA LEU A 65 -0.62 5.03 -3.91
C LEU A 65 -2.08 4.60 -4.10
N ALA A 66 -3.01 5.29 -3.48
CA ALA A 66 -4.41 4.95 -3.62
C ALA A 66 -4.92 5.41 -5.00
N LYS A 67 -4.30 6.46 -5.55
CA LYS A 67 -4.68 6.97 -6.88
C LYS A 67 -3.99 6.15 -7.96
N ILE A 68 -2.73 5.79 -7.71
CA ILE A 68 -1.98 4.96 -8.65
C ILE A 68 -2.77 3.68 -8.84
N LEU A 69 -3.31 3.23 -7.72
CA LEU A 69 -4.15 2.06 -7.69
C LEU A 69 -5.54 2.47 -8.18
N GLY A 70 -6.00 3.61 -7.66
CA GLY A 70 -7.30 4.15 -8.02
C GLY A 70 -8.28 4.14 -6.86
N ILE A 71 -8.98 3.01 -6.67
CA ILE A 71 -9.95 2.86 -5.57
C ILE A 71 -10.90 4.05 -5.43
N SER A 72 -11.96 3.85 -4.64
CA SER A 72 -12.94 4.91 -4.39
C SER A 72 -12.23 6.19 -4.03
N PHE A 73 -11.16 6.04 -3.25
CA PHE A 73 -10.29 7.15 -2.85
C PHE A 73 -10.36 8.37 -3.77
N ASP A 74 -10.31 9.54 -3.15
CA ASP A 74 -10.34 10.79 -3.87
C ASP A 74 -9.22 11.70 -3.34
N GLU A 75 -9.27 11.99 -2.03
CA GLU A 75 -8.25 12.84 -1.36
C GLU A 75 -8.83 13.53 -0.14
N GLN A 76 -10.05 14.04 -0.26
CA GLN A 76 -10.72 14.75 0.82
C GLN A 76 -10.63 13.99 2.15
N LYS A 77 -10.79 12.67 2.10
CA LYS A 77 -10.74 11.86 3.31
C LYS A 77 -9.31 11.64 3.76
N MET A 78 -8.42 11.39 2.81
CA MET A 78 -7.02 11.15 3.10
C MET A 78 -6.45 12.15 4.12
N LYS A 79 -5.55 11.68 4.97
CA LYS A 79 -4.92 12.52 6.00
C LYS A 79 -3.91 11.71 6.82
N SER A 80 -3.03 10.99 6.13
CA SER A 80 -2.00 10.18 6.78
C SER A 80 -1.00 9.68 5.75
N ILE A 81 -0.03 8.88 6.18
CA ILE A 81 0.99 8.36 5.27
C ILE A 81 1.58 7.04 5.74
N ILE A 82 1.82 6.13 4.81
CA ILE A 82 2.40 4.82 5.11
C ILE A 82 3.83 4.75 4.59
N VAL A 83 4.60 3.80 5.09
CA VAL A 83 5.98 3.62 4.65
C VAL A 83 6.28 2.16 4.34
N ALA A 84 7.16 1.94 3.37
CA ALA A 84 7.52 0.60 2.94
C ALA A 84 8.92 0.57 2.32
N ARG A 85 9.38 -0.62 1.97
CA ARG A 85 10.68 -0.80 1.33
C ARG A 85 10.55 -1.70 0.12
N THR A 86 11.09 -1.29 -1.02
CA THR A 86 11.00 -2.08 -2.23
C THR A 86 12.25 -1.96 -3.10
N LYS A 87 13.01 -3.03 -3.16
CA LYS A 87 14.23 -3.06 -3.98
C LYS A 87 15.07 -1.81 -3.75
N ASP A 88 15.32 -1.53 -2.48
CA ASP A 88 16.09 -0.37 -2.08
C ASP A 88 15.32 0.92 -2.32
N VAL A 89 14.01 0.83 -2.17
CA VAL A 89 13.13 1.99 -2.30
C VAL A 89 12.21 2.06 -1.11
N GLU A 90 12.41 3.03 -0.24
CA GLU A 90 11.51 3.13 0.89
C GLU A 90 10.37 4.00 0.43
N VAL A 91 9.31 3.30 0.05
CA VAL A 91 8.14 3.90 -0.55
C VAL A 91 7.11 4.36 0.47
N GLY A 92 6.33 5.34 0.06
CA GLY A 92 5.29 5.88 0.92
C GLY A 92 3.94 5.97 0.24
N PHE A 93 2.88 6.03 1.04
CA PHE A 93 1.52 6.08 0.51
C PHE A 93 0.61 6.96 1.38
N LEU A 94 -0.17 7.83 0.73
CA LEU A 94 -1.06 8.74 1.46
C LEU A 94 -2.43 8.08 1.70
N VAL A 95 -2.82 8.00 2.97
CA VAL A 95 -4.10 7.40 3.35
C VAL A 95 -4.86 8.28 4.35
N ASP A 96 -5.98 7.78 4.84
CA ASP A 96 -6.83 8.56 5.76
C ASP A 96 -6.60 8.15 7.21
N ARG A 97 -6.77 6.88 7.48
CA ARG A 97 -6.58 6.33 8.80
C ARG A 97 -6.13 4.91 8.68
N VAL A 98 -5.00 4.62 9.27
CA VAL A 98 -4.45 3.29 9.20
C VAL A 98 -4.57 2.54 10.50
N LEU A 99 -5.40 1.51 10.44
CA LEU A 99 -5.69 0.63 11.56
C LEU A 99 -4.46 -0.11 12.02
N GLY A 100 -3.54 -0.33 11.08
CA GLY A 100 -2.34 -1.06 11.40
C GLY A 100 -2.56 -2.55 11.23
N VAL A 101 -2.39 -3.31 12.32
CA VAL A 101 -2.61 -4.74 12.26
C VAL A 101 -4.02 -5.06 11.76
N LEU A 102 -4.11 -5.94 10.77
CA LEU A 102 -5.41 -6.30 10.20
C LEU A 102 -5.51 -7.80 10.01
N ARG A 103 -6.72 -8.33 10.24
CA ARG A 103 -6.96 -9.75 10.12
C ARG A 103 -7.35 -10.14 8.70
N ILE A 104 -6.37 -10.23 7.82
CA ILE A 104 -6.60 -10.63 6.44
C ILE A 104 -6.48 -12.16 6.41
N THR A 105 -6.69 -12.78 5.26
CA THR A 105 -6.58 -14.22 5.15
C THR A 105 -5.92 -14.54 3.83
N GLU A 106 -5.80 -15.81 3.49
CA GLU A 106 -5.16 -16.15 2.24
C GLU A 106 -6.00 -17.08 1.39
N ASN A 107 -7.03 -16.51 0.84
CA ASN A 107 -7.92 -17.19 -0.06
C ASN A 107 -7.69 -16.64 -1.45
N GLN A 108 -6.53 -16.01 -1.62
CA GLN A 108 -6.16 -15.40 -2.89
C GLN A 108 -4.82 -15.91 -3.40
N LEU A 109 -3.76 -15.58 -2.66
CA LEU A 109 -2.41 -15.98 -3.02
C LEU A 109 -2.10 -17.40 -2.56
N ASP A 110 -3.00 -18.34 -2.86
CA ASP A 110 -2.80 -19.74 -2.48
C ASP A 110 -1.61 -20.33 -3.22
N LEU A 111 -0.76 -21.05 -2.48
CA LEU A 111 0.43 -21.69 -3.06
C LEU A 111 1.48 -20.66 -3.51
N THR A 112 1.07 -19.72 -4.35
CA THR A 112 1.98 -18.70 -4.84
C THR A 112 1.28 -17.73 -5.79
N ASN A 113 0.25 -17.06 -5.27
CA ASN A 113 -0.53 -16.10 -6.05
C ASN A 113 -1.32 -16.81 -7.15
N VAL A 114 -2.65 -16.76 -7.04
CA VAL A 114 -3.52 -17.39 -8.01
C VAL A 114 -3.77 -16.46 -9.20
N SER A 115 -4.00 -15.18 -8.91
CA SER A 115 -4.27 -14.19 -9.94
C SER A 115 -4.21 -12.79 -9.37
N ASP A 116 -3.88 -11.81 -10.22
CA ASP A 116 -3.79 -10.41 -9.82
C ASP A 116 -5.05 -9.96 -9.09
N LYS A 117 -6.20 -10.49 -9.51
CA LYS A 117 -7.49 -10.15 -8.91
C LYS A 117 -7.89 -8.71 -9.23
N PHE A 118 -7.04 -7.76 -8.88
CA PHE A 118 -7.33 -6.35 -9.15
C PHE A 118 -7.55 -6.15 -10.65
N GLY A 119 -6.63 -6.72 -11.43
CA GLY A 119 -6.72 -6.61 -12.88
C GLY A 119 -5.34 -6.52 -13.51
N LYS A 120 -4.55 -5.57 -13.02
CA LYS A 120 -3.18 -5.35 -13.53
C LYS A 120 -2.61 -4.09 -12.92
N LYS A 121 -2.60 -4.01 -11.60
CA LYS A 121 -2.10 -2.81 -10.92
C LYS A 121 -1.59 -3.13 -9.50
N SER A 122 -2.17 -4.13 -8.84
CA SER A 122 -1.76 -4.46 -7.49
C SER A 122 -1.83 -5.96 -7.22
N LYS A 123 -1.80 -6.33 -5.95
CA LYS A 123 -1.84 -7.73 -5.55
C LYS A 123 -3.23 -8.33 -5.77
N GLY A 124 -4.26 -7.66 -5.26
CA GLY A 124 -5.61 -8.18 -5.43
C GLY A 124 -6.65 -7.45 -4.60
N LEU A 125 -7.78 -8.13 -4.41
CA LEU A 125 -8.89 -7.57 -3.65
C LEU A 125 -9.38 -8.55 -2.58
N VAL A 126 -9.62 -8.04 -1.38
CA VAL A 126 -10.09 -8.86 -0.25
C VAL A 126 -11.47 -8.43 0.22
N LYS A 127 -12.14 -9.34 0.92
CA LYS A 127 -13.48 -9.09 1.46
C LYS A 127 -13.83 -10.09 2.54
N THR A 128 -14.43 -9.61 3.63
CA THR A 128 -14.80 -10.45 4.74
C THR A 128 -15.78 -9.72 5.66
N ASP A 129 -16.65 -10.47 6.32
CA ASP A 129 -17.64 -9.89 7.22
C ASP A 129 -18.49 -8.86 6.49
N GLY A 130 -18.94 -9.22 5.28
CA GLY A 130 -19.75 -8.31 4.50
C GLY A 130 -19.12 -6.94 4.36
N ARG A 131 -17.80 -6.92 4.30
CA ARG A 131 -17.06 -5.66 4.18
C ARG A 131 -16.00 -5.78 3.09
N LEU A 132 -15.89 -4.76 2.26
CA LEU A 132 -14.92 -4.76 1.17
C LEU A 132 -13.57 -4.18 1.62
N ILE A 133 -12.49 -4.81 1.16
CA ILE A 133 -11.15 -4.37 1.49
C ILE A 133 -10.21 -4.61 0.32
N ILE A 134 -9.42 -3.60 -0.02
CA ILE A 134 -8.44 -3.73 -1.10
C ILE A 134 -7.15 -4.27 -0.52
N TYR A 135 -6.39 -5.02 -1.31
CA TYR A 135 -5.14 -5.57 -0.80
C TYR A 135 -4.00 -5.41 -1.80
N LEU A 136 -2.80 -5.19 -1.28
CA LEU A 136 -1.62 -5.01 -2.12
C LEU A 136 -0.40 -5.72 -1.55
N ASP A 137 0.59 -5.87 -2.42
CA ASP A 137 1.86 -6.48 -2.07
C ASP A 137 2.99 -5.63 -2.62
N ILE A 138 2.68 -4.34 -2.77
CA ILE A 138 3.59 -3.33 -3.28
C ILE A 138 4.44 -3.80 -4.47
N ASP A 139 4.04 -4.88 -5.14
CA ASP A 139 4.81 -5.41 -6.28
C ASP A 139 4.50 -4.66 -7.58
N LYS A 140 3.26 -4.72 -8.02
CA LYS A 140 2.85 -4.04 -9.25
C LYS A 140 2.72 -2.55 -9.00
N ILE A 141 2.33 -2.22 -7.78
CA ILE A 141 2.16 -0.85 -7.37
C ILE A 141 3.51 -0.14 -7.31
N ILE A 142 4.52 -0.77 -6.72
CA ILE A 142 5.84 -0.15 -6.69
C ILE A 142 6.39 -0.01 -8.11
N GLU A 143 6.21 -1.07 -8.91
CA GLU A 143 6.68 -1.07 -10.29
C GLU A 143 6.25 0.22 -10.98
N GLU A 144 4.99 0.57 -10.79
CA GLU A 144 4.45 1.79 -11.38
C GLU A 144 5.08 3.02 -10.74
N ILE A 145 5.35 2.94 -9.43
CA ILE A 145 5.98 4.04 -8.71
C ILE A 145 7.28 4.47 -9.39
N THR A 146 8.03 3.49 -9.89
CA THR A 146 9.29 3.75 -10.57
C THR A 146 9.05 4.33 -11.97
N VAL A 147 8.18 3.68 -12.74
CA VAL A 147 7.87 4.12 -14.09
C VAL A 147 6.90 5.30 -14.11
N LYS A 148 6.57 5.82 -12.93
CA LYS A 148 5.64 6.93 -12.82
C LYS A 148 6.02 8.09 -13.75
N GLU A 149 7.33 8.27 -13.95
CA GLU A 149 7.84 9.34 -14.81
C GLU A 149 7.50 10.71 -14.23
N GLY A 150 8.46 11.63 -14.28
CA GLY A 150 8.25 12.96 -13.76
C GLY A 150 9.45 13.86 -13.98
N VAL A 151 10.01 13.81 -15.19
CA VAL A 151 11.16 14.62 -15.54
C VAL A 151 10.87 16.12 -15.34
N MET A 1 -10.21 -26.13 -2.30
CA MET A 1 -10.34 -27.61 -2.25
C MET A 1 -8.98 -28.29 -2.33
N LYS A 2 -8.83 -29.37 -1.59
CA LYS A 2 -7.58 -30.12 -1.56
C LYS A 2 -7.79 -31.50 -0.94
N THR A 3 -8.53 -31.53 0.15
CA THR A 3 -8.86 -32.78 0.85
C THR A 3 -7.69 -33.31 1.69
N LEU A 4 -6.48 -33.34 1.11
CA LEU A 4 -5.32 -33.86 1.82
C LEU A 4 -5.14 -33.17 3.17
N ALA A 5 -5.30 -31.84 3.19
CA ALA A 5 -5.16 -31.08 4.43
C ALA A 5 -5.40 -29.59 4.20
N ASP A 6 -6.18 -28.99 5.09
CA ASP A 6 -6.49 -27.57 5.00
C ASP A 6 -5.24 -26.72 5.24
N ALA A 7 -5.18 -25.56 4.60
CA ALA A 7 -4.04 -24.66 4.73
C ALA A 7 -4.31 -23.32 4.07
N LEU A 8 -3.85 -22.26 4.73
CA LEU A 8 -4.05 -20.90 4.22
C LEU A 8 -5.51 -20.50 4.32
N LYS A 9 -5.77 -19.49 5.15
CA LYS A 9 -7.12 -18.99 5.36
C LYS A 9 -7.11 -17.55 5.84
N GLU A 10 -6.44 -17.29 6.95
CA GLU A 10 -6.37 -15.95 7.51
C GLU A 10 -4.95 -15.44 7.52
N PHE A 11 -4.83 -14.14 7.69
CA PHE A 11 -3.55 -13.49 7.62
C PHE A 11 -3.56 -12.09 8.22
N GLU A 12 -2.50 -11.77 8.97
CA GLU A 12 -2.37 -10.47 9.59
C GLU A 12 -1.68 -9.52 8.63
N VAL A 13 -2.18 -8.29 8.59
CA VAL A 13 -1.67 -7.32 7.63
C VAL A 13 -1.88 -5.87 8.07
N LEU A 14 -1.32 -4.94 7.30
CA LEU A 14 -1.46 -3.51 7.59
C LEU A 14 -2.72 -3.00 6.90
N SER A 15 -3.53 -2.18 7.59
CA SER A 15 -4.78 -1.72 6.98
C SER A 15 -5.22 -0.35 7.41
N PHE A 16 -6.05 0.26 6.57
CA PHE A 16 -6.60 1.58 6.77
C PHE A 16 -7.98 1.68 6.12
N GLU A 17 -8.79 2.64 6.58
CA GLU A 17 -10.13 2.80 6.02
C GLU A 17 -10.12 3.75 4.83
N ILE A 18 -9.90 3.17 3.66
CA ILE A 18 -9.86 3.91 2.40
C ILE A 18 -11.25 4.04 1.77
N ASP A 19 -11.65 5.28 1.52
CA ASP A 19 -12.93 5.57 0.88
C ASP A 19 -14.02 4.61 1.32
N GLU A 20 -14.28 4.62 2.61
CA GLU A 20 -15.31 3.77 3.22
C GLU A 20 -14.86 2.31 3.37
N GLN A 21 -14.23 1.76 2.34
CA GLN A 21 -13.77 0.37 2.40
C GLN A 21 -12.36 0.28 2.98
N ALA A 22 -11.93 -0.91 3.36
CA ALA A 22 -10.61 -1.08 3.96
C ALA A 22 -9.52 -1.33 2.92
N LEU A 23 -8.31 -0.90 3.23
CA LEU A 23 -7.17 -1.09 2.33
C LEU A 23 -5.99 -1.62 3.12
N ALA A 24 -5.37 -2.69 2.62
CA ALA A 24 -4.25 -3.31 3.32
C ALA A 24 -3.09 -3.72 2.41
N PHE A 25 -1.90 -3.77 3.01
CA PHE A 25 -0.67 -4.18 2.33
C PHE A 25 0.08 -5.13 3.26
N ASP A 26 0.72 -6.15 2.70
CA ASP A 26 1.44 -7.11 3.51
C ASP A 26 2.40 -6.38 4.45
N VAL A 27 2.23 -6.66 5.74
CA VAL A 27 3.06 -6.03 6.77
C VAL A 27 4.53 -6.35 6.58
N ASP A 28 4.84 -7.31 5.71
CA ASP A 28 6.23 -7.68 5.45
C ASP A 28 6.98 -6.50 4.85
N ASN A 29 6.33 -5.83 3.91
CA ASN A 29 6.93 -4.68 3.24
C ASN A 29 6.64 -3.41 4.03
N ILE A 30 5.40 -3.23 4.47
CA ILE A 30 5.00 -2.06 5.24
C ILE A 30 5.71 -2.07 6.59
N GLU A 31 6.19 -0.91 7.03
CA GLU A 31 6.89 -0.82 8.31
C GLU A 31 6.12 -0.02 9.35
N MET A 32 5.67 1.18 8.98
CA MET A 32 4.94 2.04 9.91
C MET A 32 4.20 3.15 9.18
N VAL A 33 3.56 4.03 9.95
CA VAL A 33 2.82 5.16 9.38
C VAL A 33 3.25 6.48 9.99
N ILE A 34 3.61 7.43 9.13
CA ILE A 34 4.04 8.76 9.56
C ILE A 34 2.88 9.76 9.51
N GLU A 35 3.10 10.94 10.06
CA GLU A 35 2.08 11.98 10.07
C GLU A 35 2.15 12.84 8.81
N LYS A 36 1.01 13.33 8.36
CA LYS A 36 0.94 14.16 7.17
C LYS A 36 1.13 15.63 7.50
N SER A 37 1.92 16.31 6.69
CA SER A 37 2.21 17.73 6.88
C SER A 37 3.17 18.24 5.81
N ASP A 38 3.71 19.44 6.02
CA ASP A 38 4.64 20.03 5.07
C ASP A 38 5.79 19.05 4.78
N ILE A 39 6.21 19.00 3.53
CA ILE A 39 7.29 18.08 3.15
C ILE A 39 8.03 18.55 1.89
N THR A 40 7.48 18.22 0.73
CA THR A 40 8.10 18.57 -0.54
C THR A 40 7.06 19.03 -1.57
N PRO A 41 6.47 20.22 -1.36
CA PRO A 41 5.46 20.77 -2.26
C PRO A 41 6.05 21.56 -3.43
N VAL A 42 6.96 22.50 -3.14
CA VAL A 42 7.58 23.32 -4.18
C VAL A 42 8.61 22.54 -5.00
N PRO A 43 9.35 21.59 -4.39
CA PRO A 43 10.37 20.80 -5.10
C PRO A 43 9.77 19.77 -6.06
N LYS A 44 8.47 19.87 -6.31
CA LYS A 44 7.79 18.94 -7.19
C LYS A 44 8.57 18.71 -8.47
N SER A 45 8.27 17.61 -9.13
CA SER A 45 8.90 17.26 -10.38
C SER A 45 8.41 15.91 -10.89
N ARG A 46 7.09 15.71 -10.83
CA ARG A 46 6.48 14.47 -11.29
C ARG A 46 4.96 14.55 -11.16
N HIS A 47 4.48 15.25 -10.14
CA HIS A 47 3.05 15.42 -9.88
C HIS A 47 2.46 14.22 -9.14
N PHE A 48 2.78 13.01 -9.59
CA PHE A 48 2.27 11.80 -8.96
C PHE A 48 2.64 11.77 -7.48
N VAL A 49 3.92 11.99 -7.20
CA VAL A 49 4.42 11.99 -5.83
C VAL A 49 3.99 13.26 -5.10
N GLU A 50 3.44 13.07 -3.90
CA GLU A 50 2.99 14.20 -3.09
C GLU A 50 4.17 14.92 -2.45
N GLY A 51 5.16 14.15 -2.01
CA GLY A 51 6.32 14.75 -1.37
C GLY A 51 7.47 13.76 -1.19
N VAL A 52 8.54 14.22 -0.54
CA VAL A 52 9.72 13.39 -0.29
C VAL A 52 10.51 13.97 0.88
N ILE A 53 11.53 13.25 1.34
CA ILE A 53 12.35 13.74 2.45
C ILE A 53 13.72 13.05 2.50
N ASN A 54 14.75 13.87 2.63
CA ASN A 54 16.13 13.36 2.72
C ASN A 54 16.53 13.18 4.18
N LEU A 55 17.15 12.05 4.50
CA LEU A 55 17.57 11.78 5.86
C LEU A 55 18.48 10.55 5.92
N ARG A 56 19.53 10.64 6.73
CA ARG A 56 20.48 9.55 6.90
C ARG A 56 20.93 9.00 5.54
N GLY A 57 21.29 9.89 4.64
CA GLY A 57 21.73 9.49 3.32
C GLY A 57 20.73 8.60 2.62
N ARG A 58 19.44 8.93 2.74
CA ARG A 58 18.39 8.15 2.11
C ARG A 58 17.12 8.99 1.95
N ILE A 59 16.66 9.13 0.72
CA ILE A 59 15.48 9.90 0.42
C ILE A 59 14.28 8.99 0.20
N ILE A 60 13.15 9.32 0.83
CA ILE A 60 11.93 8.53 0.69
C ILE A 60 10.85 9.33 -0.02
N PRO A 61 10.18 8.72 -1.02
CA PRO A 61 9.13 9.37 -1.78
C PRO A 61 7.73 8.98 -1.33
N VAL A 62 7.00 9.95 -0.79
CA VAL A 62 5.63 9.72 -0.36
C VAL A 62 4.69 9.99 -1.53
N VAL A 63 3.75 9.08 -1.77
CA VAL A 63 2.84 9.24 -2.90
C VAL A 63 1.44 8.78 -2.58
N ASN A 64 0.49 9.32 -3.33
CA ASN A 64 -0.90 8.95 -3.20
C ASN A 64 -1.12 7.57 -3.82
N LEU A 65 -0.55 6.55 -3.20
CA LEU A 65 -0.67 5.18 -3.69
C LEU A 65 -2.13 4.80 -3.93
N ALA A 66 -3.01 5.38 -3.14
CA ALA A 66 -4.43 5.09 -3.29
C ALA A 66 -4.90 5.57 -4.67
N LYS A 67 -4.20 6.57 -5.21
CA LYS A 67 -4.50 7.13 -6.52
C LYS A 67 -3.85 6.31 -7.63
N ILE A 68 -2.61 5.88 -7.41
CA ILE A 68 -1.92 5.06 -8.39
C ILE A 68 -2.74 3.82 -8.60
N LEU A 69 -3.23 3.31 -7.48
CA LEU A 69 -4.10 2.16 -7.48
C LEU A 69 -5.47 2.59 -7.97
N GLY A 70 -5.94 3.73 -7.46
CA GLY A 70 -7.24 4.26 -7.86
C GLY A 70 -8.26 4.26 -6.73
N ILE A 71 -9.03 3.16 -6.62
CA ILE A 71 -10.05 3.02 -5.57
C ILE A 71 -10.95 4.25 -5.45
N SER A 72 -12.10 4.10 -4.76
CA SER A 72 -13.03 5.21 -4.57
C SER A 72 -12.26 6.43 -4.10
N PHE A 73 -11.19 6.18 -3.35
CA PHE A 73 -10.29 7.23 -2.88
C PHE A 73 -10.15 8.38 -3.89
N ASP A 74 -10.08 9.59 -3.36
CA ASP A 74 -9.95 10.79 -4.19
C ASP A 74 -9.69 12.01 -3.30
N GLU A 75 -8.83 11.84 -2.31
CA GLU A 75 -8.48 12.92 -1.39
C GLU A 75 -9.71 13.37 -0.59
N GLN A 76 -10.48 12.40 -0.12
CA GLN A 76 -11.69 12.70 0.63
C GLN A 76 -11.39 13.17 2.06
N LYS A 77 -10.59 12.40 2.80
CA LYS A 77 -10.24 12.77 4.17
C LYS A 77 -8.83 12.34 4.55
N MET A 78 -8.00 12.07 3.56
CA MET A 78 -6.62 11.65 3.81
C MET A 78 -5.95 12.56 4.85
N LYS A 79 -5.07 11.99 5.66
CA LYS A 79 -4.38 12.76 6.70
C LYS A 79 -3.33 11.90 7.41
N SER A 80 -2.65 11.06 6.63
CA SER A 80 -1.61 10.18 7.16
C SER A 80 -0.82 9.55 6.01
N ILE A 81 0.35 9.02 6.30
CA ILE A 81 1.17 8.41 5.26
C ILE A 81 1.84 7.12 5.75
N ILE A 82 1.59 6.03 5.02
CA ILE A 82 2.18 4.73 5.36
C ILE A 82 3.53 4.57 4.67
N VAL A 83 4.54 4.17 5.42
CA VAL A 83 5.87 3.97 4.86
C VAL A 83 6.14 2.49 4.62
N ALA A 84 6.90 2.21 3.58
CA ALA A 84 7.25 0.84 3.20
C ALA A 84 8.67 0.78 2.63
N ARG A 85 9.09 -0.41 2.22
CA ARG A 85 10.41 -0.61 1.64
C ARG A 85 10.31 -1.57 0.45
N THR A 86 10.90 -1.19 -0.67
CA THR A 86 10.83 -2.02 -1.86
C THR A 86 12.12 -1.95 -2.67
N LYS A 87 12.86 -3.05 -2.69
CA LYS A 87 14.11 -3.13 -3.45
C LYS A 87 14.98 -1.91 -3.19
N ASP A 88 15.14 -1.60 -1.91
CA ASP A 88 15.93 -0.47 -1.48
C ASP A 88 15.21 0.85 -1.75
N VAL A 89 13.90 0.80 -1.67
CA VAL A 89 13.06 1.98 -1.85
C VAL A 89 12.10 2.12 -0.68
N GLU A 90 12.30 3.11 0.15
CA GLU A 90 11.38 3.29 1.25
C GLU A 90 10.28 4.17 0.73
N VAL A 91 9.21 3.48 0.36
CA VAL A 91 8.06 4.07 -0.30
C VAL A 91 7.02 4.60 0.66
N GLY A 92 6.28 5.57 0.19
CA GLY A 92 5.24 6.19 1.01
C GLY A 92 3.87 6.15 0.36
N PHE A 93 2.82 6.15 1.18
CA PHE A 93 1.45 6.10 0.71
C PHE A 93 0.55 7.00 1.58
N LEU A 94 -0.24 7.86 0.94
CA LEU A 94 -1.11 8.77 1.67
C LEU A 94 -2.47 8.14 1.95
N VAL A 95 -2.92 8.28 3.20
CA VAL A 95 -4.20 7.73 3.63
C VAL A 95 -4.80 8.58 4.75
N ASP A 96 -5.92 8.14 5.31
CA ASP A 96 -6.59 8.93 6.35
C ASP A 96 -6.52 8.26 7.72
N ARG A 97 -7.00 7.04 7.79
CA ARG A 97 -7.00 6.30 9.03
C ARG A 97 -6.50 4.91 8.81
N VAL A 98 -5.48 4.54 9.55
CA VAL A 98 -4.89 3.24 9.41
C VAL A 98 -5.05 2.41 10.67
N LEU A 99 -5.85 1.35 10.51
CA LEU A 99 -6.18 0.41 11.56
C LEU A 99 -4.95 -0.33 12.04
N GLY A 100 -3.99 -0.52 11.15
CA GLY A 100 -2.79 -1.25 11.49
C GLY A 100 -3.00 -2.74 11.26
N VAL A 101 -2.85 -3.54 12.33
CA VAL A 101 -3.05 -4.96 12.23
C VAL A 101 -4.42 -5.26 11.63
N LEU A 102 -4.47 -6.14 10.63
CA LEU A 102 -5.72 -6.47 9.98
C LEU A 102 -5.87 -7.97 9.77
N ARG A 103 -7.07 -8.47 9.99
CA ARG A 103 -7.36 -9.88 9.83
C ARG A 103 -7.78 -10.16 8.40
N ILE A 104 -6.83 -10.10 7.48
CA ILE A 104 -7.12 -10.36 6.07
C ILE A 104 -6.98 -11.84 5.77
N THR A 105 -7.97 -12.38 5.09
CA THR A 105 -7.91 -13.77 4.71
C THR A 105 -7.21 -13.82 3.38
N GLU A 106 -6.48 -14.90 3.12
CA GLU A 106 -5.75 -14.98 1.87
C GLU A 106 -5.80 -16.38 1.29
N ASN A 107 -6.81 -16.61 0.47
CA ASN A 107 -6.97 -17.87 -0.20
C ASN A 107 -6.27 -17.84 -1.55
N GLN A 108 -5.39 -16.86 -1.72
CA GLN A 108 -4.64 -16.68 -2.95
C GLN A 108 -3.14 -16.82 -2.70
N LEU A 109 -2.53 -15.74 -2.20
CA LEU A 109 -1.10 -15.72 -1.88
C LEU A 109 -0.26 -15.91 -3.15
N ASP A 110 0.59 -16.94 -3.16
CA ASP A 110 1.45 -17.21 -4.31
C ASP A 110 1.77 -18.70 -4.43
N LEU A 111 2.10 -19.32 -3.30
CA LEU A 111 2.43 -20.74 -3.27
C LEU A 111 1.20 -21.57 -3.65
N THR A 112 0.04 -21.18 -3.17
CA THR A 112 -1.19 -21.89 -3.44
C THR A 112 -1.93 -21.27 -4.63
N ASN A 113 -2.03 -19.96 -4.61
CA ASN A 113 -2.69 -19.21 -5.66
C ASN A 113 -2.23 -17.76 -5.65
N VAL A 114 -3.04 -16.85 -6.22
CA VAL A 114 -2.70 -15.44 -6.27
C VAL A 114 -3.94 -14.61 -6.57
N SER A 115 -4.58 -14.90 -7.71
CA SER A 115 -5.77 -14.20 -8.13
C SER A 115 -5.49 -12.71 -8.27
N ASP A 116 -5.63 -12.20 -9.48
CA ASP A 116 -5.37 -10.79 -9.73
C ASP A 116 -6.29 -9.92 -8.88
N LYS A 117 -7.58 -10.24 -8.91
CA LYS A 117 -8.59 -9.52 -8.15
C LYS A 117 -8.74 -8.08 -8.61
N PHE A 118 -7.66 -7.31 -8.58
CA PHE A 118 -7.69 -5.92 -9.00
C PHE A 118 -7.40 -5.81 -10.51
N GLY A 119 -6.25 -6.35 -10.90
CA GLY A 119 -5.86 -6.32 -12.30
C GLY A 119 -4.37 -6.02 -12.48
N LYS A 120 -4.04 -5.32 -13.55
CA LYS A 120 -2.66 -4.96 -13.84
C LYS A 120 -2.31 -3.63 -13.17
N LYS A 121 -2.52 -3.54 -11.86
CA LYS A 121 -2.23 -2.32 -11.13
C LYS A 121 -1.60 -2.61 -9.76
N SER A 122 -2.08 -3.64 -9.08
CA SER A 122 -1.55 -3.99 -7.77
C SER A 122 -1.73 -5.48 -7.50
N LYS A 123 -1.62 -5.87 -6.24
CA LYS A 123 -1.76 -7.27 -5.87
C LYS A 123 -3.16 -7.76 -6.20
N GLY A 124 -4.17 -7.08 -5.68
CA GLY A 124 -5.53 -7.50 -5.96
C GLY A 124 -6.54 -7.20 -4.85
N LEU A 125 -7.81 -7.11 -5.25
CA LEU A 125 -8.91 -6.85 -4.33
C LEU A 125 -9.00 -7.95 -3.28
N VAL A 126 -9.38 -7.58 -2.06
CA VAL A 126 -9.51 -8.54 -0.96
C VAL A 126 -10.88 -8.44 -0.28
N LYS A 127 -11.29 -9.51 0.37
CA LYS A 127 -12.58 -9.57 1.06
C LYS A 127 -12.50 -10.44 2.30
N THR A 128 -13.16 -10.01 3.37
CA THR A 128 -13.16 -10.73 4.62
C THR A 128 -14.30 -10.25 5.52
N ASP A 129 -14.92 -11.19 6.24
CA ASP A 129 -16.02 -10.86 7.13
C ASP A 129 -17.14 -10.13 6.39
N GLY A 130 -17.47 -10.62 5.21
CA GLY A 130 -18.51 -10.00 4.41
C GLY A 130 -18.31 -8.52 4.26
N ARG A 131 -17.03 -8.11 4.18
CA ARG A 131 -16.70 -6.71 4.03
C ARG A 131 -15.65 -6.53 2.93
N LEU A 132 -15.68 -5.39 2.24
CA LEU A 132 -14.77 -5.13 1.14
C LEU A 132 -13.46 -4.49 1.60
N ILE A 133 -12.36 -4.95 1.01
CA ILE A 133 -11.02 -4.44 1.32
C ILE A 133 -10.10 -4.58 0.12
N ILE A 134 -9.12 -3.68 0.00
CA ILE A 134 -8.16 -3.75 -1.10
C ILE A 134 -6.85 -4.30 -0.56
N TYR A 135 -6.26 -5.29 -1.22
CA TYR A 135 -5.01 -5.87 -0.73
C TYR A 135 -3.88 -5.67 -1.71
N LEU A 136 -2.70 -5.34 -1.18
CA LEU A 136 -1.53 -5.11 -2.00
C LEU A 136 -0.29 -5.77 -1.43
N ASP A 137 0.73 -5.85 -2.27
CA ASP A 137 2.02 -6.41 -1.89
C ASP A 137 3.12 -5.50 -2.41
N ILE A 138 2.73 -4.23 -2.61
CA ILE A 138 3.61 -3.18 -3.09
C ILE A 138 4.53 -3.62 -4.23
N ASP A 139 4.21 -4.74 -4.90
CA ASP A 139 5.04 -5.25 -6.00
C ASP A 139 4.73 -4.56 -7.34
N LYS A 140 3.49 -4.68 -7.81
CA LYS A 140 3.10 -4.05 -9.06
C LYS A 140 2.94 -2.55 -8.87
N ILE A 141 2.48 -2.20 -7.68
CA ILE A 141 2.27 -0.83 -7.30
C ILE A 141 3.60 -0.09 -7.22
N ILE A 142 4.60 -0.68 -6.57
CA ILE A 142 5.91 -0.05 -6.49
C ILE A 142 6.51 0.10 -7.89
N GLU A 143 6.44 -0.97 -8.69
CA GLU A 143 6.97 -0.95 -10.04
C GLU A 143 6.49 0.31 -10.75
N GLU A 144 5.21 0.60 -10.60
CA GLU A 144 4.61 1.77 -11.20
C GLU A 144 5.12 3.05 -10.54
N ILE A 145 5.44 2.96 -9.25
CA ILE A 145 5.95 4.11 -8.49
C ILE A 145 7.21 4.68 -9.14
N THR A 146 8.21 3.82 -9.34
CA THR A 146 9.47 4.23 -9.94
C THR A 146 9.32 4.60 -11.41
N VAL A 147 8.72 3.71 -12.19
CA VAL A 147 8.53 3.95 -13.61
C VAL A 147 7.53 5.08 -13.87
N LYS A 148 6.81 5.50 -12.82
CA LYS A 148 5.83 6.56 -12.96
C LYS A 148 6.40 7.74 -13.75
N GLU A 149 7.55 8.24 -13.32
CA GLU A 149 8.20 9.36 -13.98
C GLU A 149 9.53 9.70 -13.30
N GLY A 150 10.33 8.68 -13.02
CA GLY A 150 11.60 8.88 -12.38
C GLY A 150 11.47 9.05 -10.87
N VAL A 151 10.62 8.23 -10.27
CA VAL A 151 10.39 8.30 -8.83
C VAL A 151 10.83 7.01 -8.16
N MET A 1 8.06 -27.58 17.36
CA MET A 1 7.24 -27.14 16.19
C MET A 1 5.80 -26.84 16.62
N LYS A 2 5.27 -25.71 16.18
CA LYS A 2 3.91 -25.32 16.52
C LYS A 2 2.90 -26.32 15.96
N THR A 3 3.00 -26.59 14.66
CA THR A 3 2.13 -27.54 13.99
C THR A 3 0.67 -27.06 13.91
N LEU A 4 0.10 -26.73 15.06
CA LEU A 4 -1.29 -26.25 15.12
C LEU A 4 -1.50 -25.06 14.19
N ALA A 5 -0.42 -24.35 13.89
CA ALA A 5 -0.51 -23.18 13.01
C ALA A 5 -1.22 -23.50 11.71
N ASP A 6 -2.19 -22.68 11.35
CA ASP A 6 -2.96 -22.88 10.12
C ASP A 6 -2.09 -22.66 8.89
N ALA A 7 -2.29 -23.47 7.86
CA ALA A 7 -1.51 -23.36 6.63
C ALA A 7 -1.55 -21.94 6.07
N LEU A 8 -2.73 -21.50 5.63
CA LEU A 8 -2.91 -20.16 5.07
C LEU A 8 -4.37 -19.73 5.10
N LYS A 9 -5.02 -19.99 6.21
CA LYS A 9 -6.43 -19.62 6.37
C LYS A 9 -6.56 -18.12 6.57
N GLU A 10 -5.81 -17.59 7.53
CA GLU A 10 -5.83 -16.17 7.84
C GLU A 10 -4.44 -15.59 7.77
N PHE A 11 -4.38 -14.28 7.69
CA PHE A 11 -3.14 -13.58 7.51
C PHE A 11 -3.17 -12.17 8.07
N GLU A 12 -2.07 -11.79 8.74
CA GLU A 12 -1.94 -10.47 9.31
C GLU A 12 -1.35 -9.52 8.29
N VAL A 13 -1.91 -8.33 8.24
CA VAL A 13 -1.51 -7.36 7.24
C VAL A 13 -1.72 -5.92 7.72
N LEU A 14 -1.21 -4.97 6.94
CA LEU A 14 -1.35 -3.56 7.24
C LEU A 14 -2.64 -3.06 6.60
N SER A 15 -3.44 -2.28 7.32
CA SER A 15 -4.72 -1.84 6.76
C SER A 15 -5.14 -0.47 7.26
N PHE A 16 -5.92 0.20 6.42
CA PHE A 16 -6.44 1.52 6.70
C PHE A 16 -7.79 1.71 6.02
N GLU A 17 -8.50 2.78 6.39
CA GLU A 17 -9.79 3.07 5.79
C GLU A 17 -9.59 3.91 4.53
N ILE A 18 -10.21 3.47 3.45
CA ILE A 18 -10.07 4.15 2.17
C ILE A 18 -11.42 4.25 1.45
N ASP A 19 -11.84 5.49 1.24
CA ASP A 19 -13.09 5.78 0.56
C ASP A 19 -14.20 4.80 0.93
N GLU A 20 -14.51 4.77 2.20
CA GLU A 20 -15.56 3.91 2.75
C GLU A 20 -15.10 2.45 2.91
N GLN A 21 -14.38 1.92 1.93
CA GLN A 21 -13.92 0.53 2.01
C GLN A 21 -12.55 0.46 2.68
N ALA A 22 -12.16 -0.74 3.13
CA ALA A 22 -10.88 -0.91 3.80
C ALA A 22 -9.78 -1.23 2.81
N LEU A 23 -8.56 -0.85 3.14
CA LEU A 23 -7.43 -1.07 2.25
C LEU A 23 -6.25 -1.67 3.05
N ALA A 24 -5.62 -2.70 2.49
CA ALA A 24 -4.52 -3.36 3.18
C ALA A 24 -3.33 -3.68 2.25
N PHE A 25 -2.12 -3.51 2.80
CA PHE A 25 -0.87 -3.80 2.08
C PHE A 25 -0.13 -4.88 2.86
N ASP A 26 0.41 -5.87 2.19
CA ASP A 26 1.13 -6.95 2.88
C ASP A 26 2.17 -6.37 3.83
N VAL A 27 2.07 -6.74 5.11
CA VAL A 27 3.01 -6.26 6.12
C VAL A 27 4.43 -6.77 5.86
N ASP A 28 4.56 -7.67 4.89
CA ASP A 28 5.87 -8.21 4.55
C ASP A 28 6.83 -7.09 4.15
N ASN A 29 6.27 -6.05 3.55
CA ASN A 29 7.06 -4.92 3.09
C ASN A 29 6.89 -3.68 3.98
N ILE A 30 5.63 -3.31 4.23
CA ILE A 30 5.33 -2.14 5.03
C ILE A 30 6.11 -2.16 6.35
N GLU A 31 6.70 -1.02 6.73
CA GLU A 31 7.50 -0.95 7.94
C GLU A 31 6.83 -0.11 9.05
N MET A 32 6.43 1.11 8.71
CA MET A 32 5.80 1.99 9.71
C MET A 32 5.17 3.23 9.06
N VAL A 33 4.22 3.83 9.76
CA VAL A 33 3.54 5.02 9.27
C VAL A 33 4.25 6.30 9.69
N ILE A 34 3.70 7.43 9.22
CA ILE A 34 4.24 8.75 9.53
C ILE A 34 3.18 9.82 9.30
N GLU A 35 3.35 10.98 9.95
CA GLU A 35 2.38 12.06 9.81
C GLU A 35 2.73 12.98 8.64
N LYS A 36 1.72 13.35 7.87
CA LYS A 36 1.90 14.22 6.72
C LYS A 36 1.79 15.67 7.15
N SER A 37 2.76 16.49 6.74
CA SER A 37 2.75 17.90 7.09
C SER A 37 3.91 18.66 6.44
N ASP A 38 3.58 19.76 5.79
CA ASP A 38 4.57 20.62 5.13
C ASP A 38 5.63 19.80 4.42
N ILE A 39 5.20 18.76 3.71
CA ILE A 39 6.12 17.91 2.98
C ILE A 39 6.59 18.56 1.68
N THR A 40 7.74 18.12 1.20
CA THR A 40 8.34 18.60 -0.04
C THR A 40 7.28 18.89 -1.11
N PRO A 41 6.81 20.14 -1.19
CA PRO A 41 5.79 20.55 -2.15
C PRO A 41 6.35 21.16 -3.44
N VAL A 42 7.22 22.17 -3.31
CA VAL A 42 7.79 22.85 -4.47
C VAL A 42 8.73 21.95 -5.27
N PRO A 43 9.66 21.24 -4.60
CA PRO A 43 10.62 20.37 -5.29
C PRO A 43 9.92 19.35 -6.20
N LYS A 44 9.03 18.55 -5.61
CA LYS A 44 8.28 17.54 -6.37
C LYS A 44 9.23 16.57 -7.07
N SER A 45 9.78 17.01 -8.19
CA SER A 45 10.69 16.21 -8.98
C SER A 45 10.24 14.76 -9.11
N ARG A 46 8.95 14.55 -9.37
CA ARG A 46 8.40 13.21 -9.50
C ARG A 46 7.06 13.23 -10.25
N HIS A 47 6.26 14.27 -10.00
CA HIS A 47 4.96 14.43 -10.63
C HIS A 47 3.95 13.44 -10.05
N PHE A 48 4.25 12.15 -10.13
CA PHE A 48 3.36 11.13 -9.59
C PHE A 48 3.31 11.23 -8.07
N VAL A 49 4.49 11.20 -7.46
CA VAL A 49 4.60 11.29 -6.01
C VAL A 49 4.17 12.68 -5.52
N GLU A 50 3.34 12.71 -4.48
CA GLU A 50 2.86 13.98 -3.94
C GLU A 50 3.96 14.71 -3.17
N GLY A 51 4.83 13.97 -2.47
CA GLY A 51 5.88 14.62 -1.71
C GLY A 51 7.06 13.71 -1.40
N VAL A 52 8.02 14.24 -0.64
CA VAL A 52 9.21 13.49 -0.24
C VAL A 52 9.81 14.10 1.03
N ILE A 53 10.77 13.41 1.63
CA ILE A 53 11.41 13.90 2.85
C ILE A 53 12.78 13.25 3.05
N ASN A 54 13.75 14.06 3.47
CA ASN A 54 15.10 13.57 3.72
C ASN A 54 15.24 13.09 5.15
N LEU A 55 15.52 11.80 5.32
CA LEU A 55 15.69 11.21 6.64
C LEU A 55 16.76 10.12 6.61
N ARG A 56 17.57 10.08 7.67
CA ARG A 56 18.64 9.09 7.76
C ARG A 56 19.53 9.14 6.52
N GLY A 57 19.91 10.34 6.13
CA GLY A 57 20.75 10.52 4.96
C GLY A 57 20.17 9.88 3.72
N ARG A 58 18.84 9.93 3.60
CA ARG A 58 18.17 9.35 2.44
C ARG A 58 16.76 9.95 2.29
N ILE A 59 16.44 10.38 1.07
CA ILE A 59 15.14 10.96 0.79
C ILE A 59 14.14 9.88 0.38
N ILE A 60 12.94 9.94 0.97
CA ILE A 60 11.90 8.96 0.65
C ILE A 60 10.70 9.62 -0.02
N PRO A 61 10.22 9.03 -1.13
CA PRO A 61 9.07 9.58 -1.85
C PRO A 61 7.74 9.13 -1.26
N VAL A 62 6.96 10.09 -0.77
CA VAL A 62 5.66 9.79 -0.21
C VAL A 62 4.61 9.85 -1.33
N VAL A 63 4.26 8.68 -1.82
CA VAL A 63 3.29 8.54 -2.91
C VAL A 63 1.93 8.18 -2.35
N ASN A 64 0.99 7.95 -3.24
CA ASN A 64 -0.36 7.58 -2.84
C ASN A 64 -0.84 6.38 -3.64
N LEU A 65 -0.54 5.17 -3.17
CA LEU A 65 -0.96 3.97 -3.90
C LEU A 65 -2.43 4.03 -4.24
N ALA A 66 -3.20 4.78 -3.48
CA ALA A 66 -4.62 4.89 -3.72
C ALA A 66 -4.90 5.60 -5.04
N LYS A 67 -4.00 6.51 -5.45
CA LYS A 67 -4.16 7.24 -6.73
C LYS A 67 -3.58 6.43 -7.88
N ILE A 68 -2.46 5.75 -7.61
CA ILE A 68 -1.83 4.91 -8.61
C ILE A 68 -2.77 3.77 -8.91
N LEU A 69 -3.40 3.31 -7.83
CA LEU A 69 -4.37 2.25 -7.88
C LEU A 69 -5.69 2.82 -8.40
N GLY A 70 -6.08 3.96 -7.82
CA GLY A 70 -7.32 4.62 -8.22
C GLY A 70 -8.33 4.66 -7.10
N ILE A 71 -9.18 3.62 -7.01
CA ILE A 71 -10.21 3.51 -5.97
C ILE A 71 -11.01 4.80 -5.79
N SER A 72 -12.16 4.70 -5.12
CA SER A 72 -13.00 5.88 -4.86
C SER A 72 -12.13 7.01 -4.33
N PHE A 73 -11.10 6.62 -3.57
CA PHE A 73 -10.11 7.57 -3.04
C PHE A 73 -9.89 8.78 -3.95
N ASP A 74 -9.64 9.94 -3.33
CA ASP A 74 -9.42 11.16 -4.08
C ASP A 74 -8.82 12.26 -3.20
N GLU A 75 -8.00 11.86 -2.23
CA GLU A 75 -7.35 12.80 -1.32
C GLU A 75 -8.37 13.70 -0.61
N GLN A 76 -9.45 13.10 -0.12
CA GLN A 76 -10.49 13.86 0.56
C GLN A 76 -10.30 13.87 2.08
N LYS A 77 -10.17 12.68 2.68
CA LYS A 77 -10.01 12.58 4.12
C LYS A 77 -8.56 12.32 4.54
N MET A 78 -7.83 11.59 3.69
CA MET A 78 -6.43 11.23 3.95
C MET A 78 -5.70 12.28 4.82
N LYS A 79 -4.84 11.81 5.70
CA LYS A 79 -4.08 12.68 6.59
C LYS A 79 -3.06 11.89 7.42
N SER A 80 -2.43 10.91 6.78
CA SER A 80 -1.43 10.07 7.43
C SER A 80 -0.70 9.23 6.37
N ILE A 81 0.63 9.28 6.36
CA ILE A 81 1.40 8.53 5.37
C ILE A 81 1.92 7.21 5.93
N ILE A 82 2.10 6.23 5.03
CA ILE A 82 2.60 4.92 5.42
C ILE A 82 3.95 4.68 4.76
N VAL A 83 4.98 4.39 5.56
CA VAL A 83 6.31 4.15 5.02
C VAL A 83 6.54 2.67 4.72
N ALA A 84 7.34 2.42 3.69
CA ALA A 84 7.65 1.08 3.25
C ALA A 84 9.04 1.04 2.60
N ARG A 85 9.53 -0.16 2.31
CA ARG A 85 10.83 -0.33 1.66
C ARG A 85 10.68 -1.21 0.43
N THR A 86 11.43 -0.91 -0.63
CA THR A 86 11.34 -1.70 -1.84
C THR A 86 12.57 -1.56 -2.72
N LYS A 87 13.36 -2.63 -2.78
CA LYS A 87 14.56 -2.65 -3.61
C LYS A 87 15.38 -1.39 -3.42
N ASP A 88 15.59 -1.05 -2.16
CA ASP A 88 16.34 0.14 -1.78
C ASP A 88 15.54 1.40 -2.06
N VAL A 89 14.23 1.29 -1.89
CA VAL A 89 13.32 2.41 -2.06
C VAL A 89 12.38 2.47 -0.88
N GLU A 90 12.52 3.48 -0.03
CA GLU A 90 11.60 3.58 1.07
C GLU A 90 10.43 4.38 0.58
N VAL A 91 9.42 3.63 0.18
CA VAL A 91 8.23 4.17 -0.45
C VAL A 91 7.17 4.55 0.55
N GLY A 92 6.35 5.50 0.16
CA GLY A 92 5.29 5.96 1.04
C GLY A 92 3.93 6.05 0.37
N PHE A 93 2.87 5.93 1.18
CA PHE A 93 1.49 6.00 0.68
C PHE A 93 0.63 6.80 1.66
N LEU A 94 -0.09 7.78 1.16
CA LEU A 94 -0.94 8.62 2.02
C LEU A 94 -2.34 8.04 2.19
N VAL A 95 -2.81 8.08 3.43
CA VAL A 95 -4.13 7.59 3.79
C VAL A 95 -4.68 8.39 4.97
N ASP A 96 -5.84 8.01 5.49
CA ASP A 96 -6.45 8.78 6.57
C ASP A 96 -6.35 8.10 7.92
N ARG A 97 -6.87 6.90 8.02
CA ARG A 97 -6.82 6.16 9.26
C ARG A 97 -6.38 4.75 9.00
N VAL A 98 -5.24 4.41 9.56
CA VAL A 98 -4.69 3.11 9.37
C VAL A 98 -4.85 2.26 10.62
N LEU A 99 -5.62 1.20 10.42
CA LEU A 99 -5.96 0.23 11.44
C LEU A 99 -4.73 -0.53 11.89
N GLY A 100 -3.79 -0.68 10.97
CA GLY A 100 -2.58 -1.42 11.26
C GLY A 100 -2.77 -2.90 11.04
N VAL A 101 -2.56 -3.71 12.07
CA VAL A 101 -2.74 -5.15 11.96
C VAL A 101 -4.14 -5.47 11.42
N LEU A 102 -4.19 -6.31 10.39
CA LEU A 102 -5.46 -6.65 9.77
C LEU A 102 -5.60 -8.16 9.60
N ARG A 103 -6.79 -8.67 9.81
CA ARG A 103 -7.07 -10.09 9.67
C ARG A 103 -7.47 -10.43 8.24
N ILE A 104 -6.52 -10.33 7.31
CA ILE A 104 -6.81 -10.67 5.93
C ILE A 104 -6.55 -12.14 5.71
N THR A 105 -7.49 -12.82 5.09
CA THR A 105 -7.33 -14.22 4.82
C THR A 105 -6.63 -14.37 3.49
N GLU A 106 -6.46 -15.58 3.01
CA GLU A 106 -5.77 -15.76 1.78
C GLU A 106 -6.29 -16.94 0.99
N ASN A 107 -7.44 -16.74 0.38
CA ASN A 107 -8.06 -17.74 -0.44
C ASN A 107 -7.85 -17.39 -1.91
N GLN A 108 -6.85 -16.56 -2.16
CA GLN A 108 -6.54 -16.13 -3.52
C GLN A 108 -5.08 -16.39 -3.88
N LEU A 109 -4.17 -15.97 -3.00
CA LEU A 109 -2.76 -16.16 -3.22
C LEU A 109 -2.41 -17.64 -3.29
N ASP A 110 -3.17 -18.46 -2.54
CA ASP A 110 -2.96 -19.91 -2.50
C ASP A 110 -1.72 -20.24 -1.70
N LEU A 111 -0.58 -19.71 -2.13
CA LEU A 111 0.69 -19.93 -1.46
C LEU A 111 1.82 -19.35 -2.31
N THR A 112 1.65 -19.45 -3.63
CA THR A 112 2.62 -18.94 -4.56
C THR A 112 2.34 -17.49 -4.95
N ASN A 113 1.30 -16.91 -4.35
CA ASN A 113 0.94 -15.53 -4.65
C ASN A 113 0.64 -15.37 -6.15
N VAL A 114 -0.54 -15.84 -6.56
CA VAL A 114 -0.95 -15.77 -7.94
C VAL A 114 -2.46 -15.82 -8.07
N SER A 115 -3.05 -14.67 -8.35
CA SER A 115 -4.48 -14.56 -8.50
C SER A 115 -4.89 -13.16 -8.95
N ASP A 116 -4.22 -12.15 -8.39
CA ASP A 116 -4.49 -10.75 -8.71
C ASP A 116 -5.98 -10.49 -8.92
N LYS A 117 -6.64 -10.08 -7.85
CA LYS A 117 -8.06 -9.80 -7.87
C LYS A 117 -8.35 -8.45 -8.52
N PHE A 118 -7.35 -7.56 -8.55
CA PHE A 118 -7.54 -6.24 -9.13
C PHE A 118 -7.63 -6.31 -10.66
N GLY A 119 -6.56 -6.82 -11.27
CA GLY A 119 -6.52 -6.93 -12.71
C GLY A 119 -5.12 -6.73 -13.26
N LYS A 120 -4.16 -7.49 -12.73
CA LYS A 120 -2.77 -7.38 -13.16
C LYS A 120 -2.16 -6.05 -12.73
N LYS A 121 -2.24 -5.78 -11.44
CA LYS A 121 -1.71 -4.54 -10.88
C LYS A 121 -1.20 -4.76 -9.45
N SER A 122 -1.92 -5.58 -8.69
CA SER A 122 -1.55 -5.89 -7.32
C SER A 122 -2.28 -7.15 -6.85
N LYS A 123 -2.36 -7.36 -5.54
CA LYS A 123 -3.05 -8.54 -5.01
C LYS A 123 -4.50 -8.56 -5.47
N GLY A 124 -5.16 -7.40 -5.40
CA GLY A 124 -6.53 -7.30 -5.84
C GLY A 124 -7.53 -7.07 -4.72
N LEU A 125 -8.81 -7.21 -5.07
CA LEU A 125 -9.89 -7.00 -4.12
C LEU A 125 -9.91 -8.08 -3.05
N VAL A 126 -10.24 -7.68 -1.83
CA VAL A 126 -10.30 -8.58 -0.68
C VAL A 126 -11.60 -8.40 0.10
N LYS A 127 -12.00 -9.42 0.84
CA LYS A 127 -13.23 -9.36 1.62
C LYS A 127 -13.15 -10.28 2.83
N THR A 128 -13.69 -9.82 3.96
CA THR A 128 -13.68 -10.59 5.18
C THR A 128 -14.63 -9.97 6.22
N ASP A 129 -15.22 -10.81 7.05
CA ASP A 129 -16.14 -10.33 8.08
C ASP A 129 -17.28 -9.53 7.46
N GLY A 130 -17.82 -10.04 6.35
CA GLY A 130 -18.90 -9.36 5.68
C GLY A 130 -18.59 -7.90 5.43
N ARG A 131 -17.33 -7.61 5.16
CA ARG A 131 -16.89 -6.25 4.90
C ARG A 131 -16.00 -6.20 3.66
N LEU A 132 -16.06 -5.09 2.94
CA LEU A 132 -15.27 -4.92 1.72
C LEU A 132 -13.90 -4.34 2.03
N ILE A 133 -12.88 -4.87 1.35
CA ILE A 133 -11.51 -4.41 1.55
C ILE A 133 -10.68 -4.62 0.28
N ILE A 134 -9.62 -3.85 0.14
CA ILE A 134 -8.73 -3.97 -1.00
C ILE A 134 -7.34 -4.37 -0.53
N TYR A 135 -6.79 -5.44 -1.10
CA TYR A 135 -5.48 -5.92 -0.71
C TYR A 135 -4.50 -5.81 -1.85
N LEU A 136 -3.25 -5.54 -1.53
CA LEU A 136 -2.24 -5.41 -2.56
C LEU A 136 -0.82 -5.55 -2.01
N ASP A 137 0.08 -5.97 -2.89
CA ASP A 137 1.48 -6.13 -2.56
C ASP A 137 2.26 -4.99 -3.20
N ILE A 138 3.14 -4.37 -2.44
CA ILE A 138 3.92 -3.25 -2.94
C ILE A 138 4.90 -3.66 -4.03
N ASP A 139 4.85 -4.90 -4.49
CA ASP A 139 5.76 -5.38 -5.53
C ASP A 139 5.36 -4.83 -6.91
N LYS A 140 4.07 -4.94 -7.24
CA LYS A 140 3.60 -4.46 -8.52
C LYS A 140 3.29 -2.97 -8.46
N ILE A 141 2.83 -2.52 -7.31
CA ILE A 141 2.54 -1.12 -7.12
C ILE A 141 3.82 -0.30 -7.10
N ILE A 142 4.88 -0.86 -6.55
CA ILE A 142 6.17 -0.18 -6.54
C ILE A 142 6.75 -0.18 -7.95
N GLU A 143 6.66 -1.33 -8.62
CA GLU A 143 7.16 -1.44 -9.99
C GLU A 143 6.66 -0.25 -10.79
N GLU A 144 5.38 0.07 -10.58
CA GLU A 144 4.78 1.21 -11.26
C GLU A 144 5.32 2.52 -10.70
N ILE A 145 5.61 2.55 -9.40
CA ILE A 145 6.15 3.74 -8.75
C ILE A 145 7.40 4.24 -9.47
N THR A 146 8.23 3.30 -9.92
CA THR A 146 9.46 3.63 -10.62
C THR A 146 9.21 3.97 -12.09
N VAL A 147 8.49 3.08 -12.78
CA VAL A 147 8.19 3.29 -14.20
C VAL A 147 7.08 4.33 -14.41
N LYS A 148 6.64 4.96 -13.33
CA LYS A 148 5.59 5.97 -13.39
C LYS A 148 5.82 6.96 -14.53
N GLU A 149 7.08 7.25 -14.81
CA GLU A 149 7.43 8.19 -15.87
C GLU A 149 8.72 7.78 -16.58
N GLY A 150 8.69 7.83 -17.90
CA GLY A 150 9.86 7.46 -18.69
C GLY A 150 9.61 7.56 -20.18
N VAL A 151 8.96 8.65 -20.59
CA VAL A 151 8.65 8.88 -22.00
C VAL A 151 9.93 8.96 -22.82
N MET A 1 -6.87 -25.73 13.63
CA MET A 1 -6.52 -25.22 14.99
C MET A 1 -5.57 -24.03 14.91
N LYS A 2 -5.88 -22.98 15.65
CA LYS A 2 -5.06 -21.76 15.67
C LYS A 2 -5.15 -20.99 14.35
N THR A 3 -5.02 -21.70 13.23
CA THR A 3 -5.06 -21.08 11.92
C THR A 3 -4.00 -19.99 11.81
N LEU A 4 -2.89 -20.18 12.53
CA LEU A 4 -1.79 -19.24 12.53
C LEU A 4 -0.60 -19.81 11.78
N ALA A 5 -0.21 -21.02 12.16
CA ALA A 5 0.91 -21.71 11.53
C ALA A 5 0.52 -22.28 10.18
N ASP A 6 1.37 -22.06 9.17
CA ASP A 6 1.13 -22.57 7.82
C ASP A 6 -0.32 -22.36 7.39
N ALA A 7 -0.71 -22.96 6.28
CA ALA A 7 -2.07 -22.82 5.76
C ALA A 7 -2.37 -21.39 5.38
N LEU A 8 -2.92 -21.19 4.18
CA LEU A 8 -3.26 -19.86 3.69
C LEU A 8 -4.67 -19.46 4.13
N LYS A 9 -4.98 -19.69 5.41
CA LYS A 9 -6.30 -19.35 5.94
C LYS A 9 -6.37 -17.90 6.38
N GLU A 10 -5.47 -17.49 7.26
CA GLU A 10 -5.45 -16.13 7.77
C GLU A 10 -4.07 -15.53 7.66
N PHE A 11 -4.01 -14.22 7.78
CA PHE A 11 -2.79 -13.50 7.58
C PHE A 11 -2.83 -12.10 8.20
N GLU A 12 -1.71 -11.72 8.82
CA GLU A 12 -1.60 -10.39 9.42
C GLU A 12 -1.06 -9.41 8.41
N VAL A 13 -1.61 -8.21 8.44
CA VAL A 13 -1.26 -7.21 7.44
C VAL A 13 -1.50 -5.78 7.91
N LEU A 14 -1.00 -4.83 7.13
CA LEU A 14 -1.17 -3.40 7.42
C LEU A 14 -2.46 -2.94 6.76
N SER A 15 -3.30 -2.18 7.47
CA SER A 15 -4.58 -1.78 6.88
C SER A 15 -5.02 -0.40 7.32
N PHE A 16 -5.81 0.21 6.46
CA PHE A 16 -6.35 1.56 6.69
C PHE A 16 -7.68 1.72 5.97
N GLU A 17 -8.41 2.76 6.33
CA GLU A 17 -9.70 3.03 5.71
C GLU A 17 -9.50 3.89 4.47
N ILE A 18 -10.15 3.52 3.39
CA ILE A 18 -10.03 4.23 2.13
C ILE A 18 -11.39 4.53 1.51
N ASP A 19 -11.91 5.71 1.80
CA ASP A 19 -13.20 6.15 1.26
C ASP A 19 -14.26 5.06 1.29
N GLU A 20 -14.55 4.58 2.50
CA GLU A 20 -15.55 3.55 2.74
C GLU A 20 -14.98 2.14 2.65
N GLN A 21 -14.14 1.87 1.65
CA GLN A 21 -13.56 0.55 1.52
C GLN A 21 -12.26 0.46 2.29
N ALA A 22 -11.92 -0.74 2.75
CA ALA A 22 -10.69 -0.95 3.51
C ALA A 22 -9.54 -1.26 2.57
N LEU A 23 -8.32 -1.01 3.04
CA LEU A 23 -7.15 -1.26 2.21
C LEU A 23 -5.98 -1.74 3.06
N ALA A 24 -5.30 -2.77 2.57
CA ALA A 24 -4.19 -3.36 3.30
C ALA A 24 -3.04 -3.79 2.37
N PHE A 25 -1.82 -3.78 2.91
CA PHE A 25 -0.62 -4.19 2.18
C PHE A 25 0.14 -5.21 3.00
N ASP A 26 0.71 -6.21 2.35
CA ASP A 26 1.47 -7.22 3.07
C ASP A 26 2.43 -6.54 4.02
N VAL A 27 2.04 -6.53 5.28
CA VAL A 27 2.82 -5.91 6.33
C VAL A 27 4.29 -6.29 6.30
N ASP A 28 4.64 -7.33 5.53
CA ASP A 28 6.04 -7.74 5.44
C ASP A 28 6.88 -6.61 4.85
N ASN A 29 6.33 -5.98 3.83
CA ASN A 29 7.01 -4.88 3.15
C ASN A 29 6.83 -3.57 3.91
N ILE A 30 5.58 -3.27 4.28
CA ILE A 30 5.28 -2.05 5.01
C ILE A 30 6.05 -2.01 6.32
N GLU A 31 6.84 -0.95 6.52
CA GLU A 31 7.65 -0.83 7.73
C GLU A 31 6.88 -0.18 8.88
N MET A 32 6.33 1.01 8.67
CA MET A 32 5.59 1.71 9.71
C MET A 32 4.82 2.91 9.18
N VAL A 33 3.80 3.31 9.92
CA VAL A 33 2.98 4.46 9.55
C VAL A 33 3.56 5.75 10.13
N ILE A 34 3.36 6.85 9.41
CA ILE A 34 3.86 8.15 9.84
C ILE A 34 2.84 9.25 9.55
N GLU A 35 2.92 10.34 10.32
CA GLU A 35 2.01 11.47 10.16
C GLU A 35 2.54 12.47 9.13
N LYS A 36 1.62 13.20 8.49
CA LYS A 36 1.99 14.18 7.48
C LYS A 36 2.25 15.53 8.12
N SER A 37 3.41 16.09 7.85
CA SER A 37 3.80 17.40 8.39
C SER A 37 5.21 17.77 7.95
N ASP A 38 5.40 19.04 7.56
CA ASP A 38 6.69 19.54 7.13
C ASP A 38 7.40 18.53 6.22
N ILE A 39 6.64 17.97 5.29
CA ILE A 39 7.16 16.97 4.36
C ILE A 39 7.64 17.60 3.05
N THR A 40 6.69 17.96 2.20
CA THR A 40 6.99 18.52 0.89
C THR A 40 5.70 19.06 0.23
N PRO A 41 5.64 20.38 -0.03
CA PRO A 41 4.47 21.02 -0.63
C PRO A 41 4.19 20.56 -2.05
N VAL A 42 4.82 21.20 -3.04
CA VAL A 42 4.62 20.84 -4.43
C VAL A 42 5.86 21.07 -5.29
N PRO A 43 7.04 20.61 -4.82
CA PRO A 43 8.29 20.75 -5.58
C PRO A 43 8.18 20.13 -6.98
N LYS A 44 7.19 19.26 -7.15
CA LYS A 44 6.99 18.60 -8.43
C LYS A 44 8.25 17.81 -8.78
N SER A 45 8.73 17.98 -10.01
CA SER A 45 9.93 17.29 -10.42
C SER A 45 9.78 15.78 -10.24
N ARG A 46 8.53 15.31 -10.25
CA ARG A 46 8.22 13.89 -10.08
C ARG A 46 6.79 13.60 -10.54
N HIS A 47 5.88 14.54 -10.28
CA HIS A 47 4.47 14.41 -10.66
C HIS A 47 3.71 13.53 -9.65
N PHE A 48 4.19 12.31 -9.46
CA PHE A 48 3.54 11.39 -8.51
C PHE A 48 3.93 11.75 -7.08
N VAL A 49 5.23 11.92 -6.86
CA VAL A 49 5.75 12.25 -5.54
C VAL A 49 5.13 13.52 -4.98
N GLU A 50 3.97 13.38 -4.33
CA GLU A 50 3.30 14.52 -3.74
C GLU A 50 4.12 15.07 -2.59
N GLY A 51 4.87 14.20 -1.92
CA GLY A 51 5.68 14.62 -0.80
C GLY A 51 6.90 13.73 -0.59
N VAL A 52 7.81 14.18 0.26
CA VAL A 52 9.03 13.43 0.54
C VAL A 52 9.62 13.87 1.89
N ILE A 53 10.64 13.16 2.34
CA ILE A 53 11.31 13.48 3.60
C ILE A 53 12.70 12.85 3.67
N ASN A 54 13.64 13.57 4.25
CA ASN A 54 15.01 13.08 4.37
C ASN A 54 15.21 12.28 5.65
N LEU A 55 16.01 11.22 5.55
CA LEU A 55 16.29 10.36 6.70
C LEU A 55 17.43 9.40 6.38
N ARG A 56 18.38 9.29 7.31
CA ARG A 56 19.53 8.40 7.13
C ARG A 56 20.18 8.62 5.76
N GLY A 57 20.39 9.89 5.41
CA GLY A 57 21.00 10.22 4.14
C GLY A 57 20.25 9.64 2.96
N ARG A 58 18.92 9.66 3.03
CA ARG A 58 18.08 9.14 1.95
C ARG A 58 16.67 9.71 2.04
N ILE A 59 16.21 10.32 0.96
CA ILE A 59 14.88 10.92 0.91
C ILE A 59 13.85 9.91 0.40
N ILE A 60 12.77 9.77 1.15
CA ILE A 60 11.70 8.85 0.76
C ILE A 60 10.56 9.59 0.08
N PRO A 61 9.98 8.99 -0.99
CA PRO A 61 8.89 9.59 -1.75
C PRO A 61 7.52 9.09 -1.34
N VAL A 62 6.63 10.02 -0.97
CA VAL A 62 5.27 9.67 -0.60
C VAL A 62 4.32 9.99 -1.75
N VAL A 63 3.41 9.09 -2.06
CA VAL A 63 2.49 9.29 -3.17
C VAL A 63 1.10 8.73 -2.88
N ASN A 64 0.12 9.25 -3.60
CA ASN A 64 -1.25 8.81 -3.48
C ASN A 64 -1.39 7.40 -4.06
N LEU A 65 -0.78 6.43 -3.41
CA LEU A 65 -0.84 5.06 -3.89
C LEU A 65 -2.29 4.64 -4.16
N ALA A 66 -3.20 5.20 -3.40
CA ALA A 66 -4.60 4.87 -3.56
C ALA A 66 -5.09 5.29 -4.96
N LYS A 67 -4.40 6.25 -5.59
CA LYS A 67 -4.77 6.70 -6.94
C LYS A 67 -4.05 5.84 -7.97
N ILE A 68 -2.78 5.53 -7.72
CA ILE A 68 -2.00 4.67 -8.61
C ILE A 68 -2.75 3.34 -8.67
N LEU A 69 -3.22 2.95 -7.50
CA LEU A 69 -4.00 1.76 -7.32
C LEU A 69 -5.44 2.06 -7.77
N GLY A 70 -5.89 3.26 -7.41
CA GLY A 70 -7.23 3.72 -7.76
C GLY A 70 -8.32 3.00 -6.97
N ILE A 71 -9.12 3.78 -6.24
CA ILE A 71 -10.21 3.28 -5.42
C ILE A 71 -11.17 4.41 -5.06
N SER A 72 -12.08 4.16 -4.11
CA SER A 72 -13.02 5.20 -3.68
C SER A 72 -12.24 6.49 -3.37
N PHE A 73 -11.02 6.28 -2.88
CA PHE A 73 -10.08 7.35 -2.56
C PHE A 73 -10.18 8.52 -3.53
N ASP A 74 -10.01 9.74 -2.98
CA ASP A 74 -10.07 10.96 -3.78
C ASP A 74 -9.61 12.16 -2.95
N GLU A 75 -8.62 11.93 -2.09
CA GLU A 75 -8.07 12.99 -1.24
C GLU A 75 -9.16 13.66 -0.41
N GLN A 76 -10.12 12.86 0.06
CA GLN A 76 -11.22 13.37 0.86
C GLN A 76 -10.81 13.52 2.33
N LYS A 77 -10.65 12.39 3.02
CA LYS A 77 -10.29 12.39 4.43
C LYS A 77 -8.78 12.25 4.63
N MET A 78 -8.13 11.54 3.69
CA MET A 78 -6.68 11.29 3.72
C MET A 78 -5.93 12.34 4.55
N LYS A 79 -4.93 11.89 5.31
CA LYS A 79 -4.14 12.80 6.15
C LYS A 79 -2.84 12.15 6.63
N SER A 80 -2.88 10.86 6.93
CA SER A 80 -1.70 10.13 7.39
C SER A 80 -0.90 9.57 6.23
N ILE A 81 0.35 9.18 6.48
CA ILE A 81 1.21 8.63 5.43
C ILE A 81 1.91 7.36 5.89
N ILE A 82 1.81 6.31 5.07
CA ILE A 82 2.45 5.03 5.38
C ILE A 82 3.82 4.94 4.73
N VAL A 83 4.73 4.19 5.35
CA VAL A 83 6.08 4.03 4.82
C VAL A 83 6.39 2.56 4.56
N ALA A 84 7.10 2.29 3.47
CA ALA A 84 7.45 0.94 3.07
C ALA A 84 8.83 0.91 2.43
N ARG A 85 9.28 -0.30 2.11
CA ARG A 85 10.58 -0.50 1.45
C ARG A 85 10.40 -1.36 0.21
N THR A 86 11.19 -1.11 -0.83
CA THR A 86 11.07 -1.88 -2.06
C THR A 86 12.31 -1.79 -2.93
N LYS A 87 13.06 -2.87 -3.00
CA LYS A 87 14.25 -2.95 -3.83
C LYS A 87 15.13 -1.72 -3.62
N ASP A 88 15.36 -1.40 -2.36
CA ASP A 88 16.16 -0.25 -1.97
C ASP A 88 15.41 1.05 -2.23
N VAL A 89 14.10 0.99 -2.07
CA VAL A 89 13.24 2.16 -2.23
C VAL A 89 12.31 2.25 -1.04
N GLU A 90 12.49 3.26 -0.21
CA GLU A 90 11.59 3.40 0.90
C GLU A 90 10.44 4.23 0.40
N VAL A 91 9.39 3.52 0.05
CA VAL A 91 8.21 4.09 -0.57
C VAL A 91 7.19 4.55 0.44
N GLY A 92 6.39 5.50 0.01
CA GLY A 92 5.37 6.07 0.89
C GLY A 92 4.01 6.15 0.23
N PHE A 93 2.97 6.18 1.06
CA PHE A 93 1.60 6.25 0.56
C PHE A 93 0.72 7.06 1.51
N LEU A 94 -0.06 7.99 0.96
CA LEU A 94 -0.93 8.84 1.76
C LEU A 94 -2.31 8.21 1.96
N VAL A 95 -2.71 8.11 3.23
CA VAL A 95 -4.01 7.56 3.61
C VAL A 95 -4.64 8.41 4.70
N ASP A 96 -5.78 8.00 5.23
CA ASP A 96 -6.47 8.79 6.25
C ASP A 96 -6.31 8.21 7.64
N ARG A 97 -6.81 7.00 7.82
CA ARG A 97 -6.73 6.33 9.10
C ARG A 97 -6.28 4.91 8.89
N VAL A 98 -5.14 4.59 9.45
CA VAL A 98 -4.58 3.26 9.31
C VAL A 98 -4.74 2.45 10.58
N LEU A 99 -5.53 1.39 10.41
CA LEU A 99 -5.85 0.46 11.47
C LEU A 99 -4.61 -0.27 11.96
N GLY A 100 -3.67 -0.46 11.04
CA GLY A 100 -2.46 -1.16 11.37
C GLY A 100 -2.63 -2.66 11.19
N VAL A 101 -2.35 -3.43 12.25
CA VAL A 101 -2.50 -4.87 12.19
C VAL A 101 -3.89 -5.25 11.67
N LEU A 102 -3.94 -6.10 10.65
CA LEU A 102 -5.21 -6.50 10.07
C LEU A 102 -5.28 -8.01 9.91
N ARG A 103 -6.44 -8.57 10.21
CA ARG A 103 -6.64 -10.01 10.09
C ARG A 103 -7.12 -10.34 8.68
N ILE A 104 -6.21 -10.27 7.72
CA ILE A 104 -6.55 -10.56 6.34
C ILE A 104 -6.37 -12.03 6.05
N THR A 105 -7.41 -12.66 5.54
CA THR A 105 -7.30 -14.04 5.15
C THR A 105 -6.83 -14.04 3.72
N GLU A 106 -6.04 -15.02 3.36
CA GLU A 106 -5.51 -15.02 2.01
C GLU A 106 -5.67 -16.36 1.31
N ASN A 107 -6.90 -16.65 0.98
CA ASN A 107 -7.23 -17.85 0.25
C ASN A 107 -6.97 -17.61 -1.22
N GLN A 108 -6.70 -16.33 -1.55
CA GLN A 108 -6.43 -15.92 -2.92
C GLN A 108 -4.93 -15.92 -3.20
N LEU A 109 -4.17 -15.27 -2.32
CA LEU A 109 -2.72 -15.20 -2.45
C LEU A 109 -2.29 -15.04 -3.92
N ASP A 110 -1.16 -15.65 -4.29
CA ASP A 110 -0.67 -15.56 -5.65
C ASP A 110 -0.33 -16.94 -6.19
N LEU A 111 -1.18 -17.92 -5.88
CA LEU A 111 -0.98 -19.29 -6.32
C LEU A 111 -2.12 -20.19 -5.83
N THR A 112 -2.57 -19.96 -4.61
CA THR A 112 -3.64 -20.75 -4.02
C THR A 112 -4.90 -20.70 -4.87
N ASN A 113 -5.22 -19.52 -5.37
CA ASN A 113 -6.42 -19.32 -6.19
C ASN A 113 -6.35 -18.00 -6.97
N VAL A 114 -5.83 -16.96 -6.33
CA VAL A 114 -5.72 -15.64 -6.94
C VAL A 114 -7.08 -14.96 -7.04
N SER A 115 -8.02 -15.61 -7.72
CA SER A 115 -9.38 -15.08 -7.88
C SER A 115 -9.38 -13.86 -8.80
N ASP A 116 -8.68 -12.82 -8.41
CA ASP A 116 -8.63 -11.61 -9.20
C ASP A 116 -7.48 -10.69 -8.75
N LYS A 117 -7.36 -10.50 -7.44
CA LYS A 117 -6.32 -9.64 -6.87
C LYS A 117 -6.59 -8.16 -7.13
N PHE A 118 -6.84 -7.82 -8.39
CA PHE A 118 -7.10 -6.44 -8.77
C PHE A 118 -7.33 -6.34 -10.28
N GLY A 119 -6.37 -6.87 -11.02
CA GLY A 119 -6.45 -6.85 -12.47
C GLY A 119 -5.11 -6.59 -13.12
N LYS A 120 -4.51 -5.44 -12.79
CA LYS A 120 -3.21 -5.07 -13.33
C LYS A 120 -2.59 -3.95 -12.49
N LYS A 121 -2.43 -4.19 -11.19
CA LYS A 121 -1.86 -3.17 -10.30
C LYS A 121 -1.11 -3.77 -9.12
N SER A 122 -1.66 -4.84 -8.53
CA SER A 122 -1.02 -5.47 -7.38
C SER A 122 -1.32 -6.97 -7.32
N LYS A 123 -1.67 -7.49 -6.14
CA LYS A 123 -1.95 -8.91 -6.02
C LYS A 123 -2.92 -9.22 -4.87
N GLY A 124 -3.77 -8.26 -4.48
CA GLY A 124 -4.69 -8.53 -3.40
C GLY A 124 -6.03 -7.82 -3.53
N LEU A 125 -7.09 -8.53 -3.19
CA LEU A 125 -8.45 -8.01 -3.22
C LEU A 125 -9.30 -8.78 -2.24
N VAL A 126 -9.17 -8.43 -0.96
CA VAL A 126 -9.87 -9.11 0.11
C VAL A 126 -11.24 -8.50 0.39
N LYS A 127 -12.09 -9.30 1.04
CA LYS A 127 -13.44 -8.90 1.40
C LYS A 127 -14.00 -9.87 2.44
N THR A 128 -14.58 -9.33 3.51
CA THR A 128 -15.12 -10.14 4.57
C THR A 128 -16.13 -9.38 5.40
N ASP A 129 -17.12 -10.10 5.94
CA ASP A 129 -18.16 -9.48 6.76
C ASP A 129 -18.86 -8.37 5.99
N GLY A 130 -19.22 -8.65 4.74
CA GLY A 130 -19.87 -7.66 3.93
C GLY A 130 -19.07 -6.37 3.84
N ARG A 131 -17.75 -6.50 3.88
CA ARG A 131 -16.86 -5.36 3.81
C ARG A 131 -15.78 -5.58 2.76
N LEU A 132 -15.58 -4.59 1.91
CA LEU A 132 -14.57 -4.69 0.85
C LEU A 132 -13.21 -4.20 1.33
N ILE A 133 -12.16 -4.91 0.95
CA ILE A 133 -10.81 -4.55 1.33
C ILE A 133 -9.82 -4.78 0.18
N ILE A 134 -9.05 -3.76 -0.17
CA ILE A 134 -8.07 -3.87 -1.24
C ILE A 134 -6.75 -4.36 -0.64
N TYR A 135 -6.09 -5.30 -1.29
CA TYR A 135 -4.83 -5.82 -0.76
C TYR A 135 -3.73 -5.79 -1.82
N LEU A 136 -2.53 -5.45 -1.38
CA LEU A 136 -1.39 -5.36 -2.28
C LEU A 136 -0.18 -6.10 -1.74
N ASP A 137 0.87 -6.08 -2.54
CA ASP A 137 2.15 -6.69 -2.19
C ASP A 137 3.26 -5.78 -2.69
N ILE A 138 2.89 -4.50 -2.86
CA ILE A 138 3.77 -3.45 -3.34
C ILE A 138 4.70 -3.87 -4.48
N ASP A 139 4.40 -4.99 -5.14
CA ASP A 139 5.23 -5.47 -6.24
C ASP A 139 4.96 -4.74 -7.56
N LYS A 140 3.74 -4.83 -8.06
CA LYS A 140 3.38 -4.17 -9.31
C LYS A 140 3.14 -2.69 -9.07
N ILE A 141 2.69 -2.37 -7.86
CA ILE A 141 2.43 -1.00 -7.48
C ILE A 141 3.74 -0.23 -7.39
N ILE A 142 4.76 -0.82 -6.75
CA ILE A 142 6.05 -0.14 -6.68
C ILE A 142 6.64 -0.02 -8.09
N GLU A 143 6.53 -1.10 -8.86
CA GLU A 143 7.03 -1.12 -10.22
C GLU A 143 6.55 0.13 -10.96
N GLU A 144 5.29 0.46 -10.74
CA GLU A 144 4.70 1.63 -11.36
C GLU A 144 5.27 2.90 -10.74
N ILE A 145 5.59 2.84 -9.45
CA ILE A 145 6.16 3.97 -8.73
C ILE A 145 7.46 4.43 -9.41
N THR A 146 8.21 3.48 -9.93
CA THR A 146 9.47 3.79 -10.60
C THR A 146 9.25 4.24 -12.05
N VAL A 147 8.47 3.47 -12.80
CA VAL A 147 8.20 3.79 -14.19
C VAL A 147 7.24 4.97 -14.33
N LYS A 148 6.74 5.47 -13.20
CA LYS A 148 5.81 6.59 -13.18
C LYS A 148 6.24 7.68 -14.17
N GLU A 149 7.54 7.99 -14.17
CA GLU A 149 8.08 9.01 -15.06
C GLU A 149 7.84 8.65 -16.52
N GLY A 150 7.40 9.64 -17.30
CA GLY A 150 7.14 9.39 -18.70
C GLY A 150 6.66 10.64 -19.42
N VAL A 151 5.71 11.35 -18.79
CA VAL A 151 5.16 12.57 -19.37
C VAL A 151 6.24 13.62 -19.56
N MET A 1 4.42 -20.52 1.87
CA MET A 1 5.71 -20.47 2.61
C MET A 1 6.45 -21.80 2.53
N LYS A 2 5.70 -22.90 2.70
CA LYS A 2 6.28 -24.23 2.65
C LYS A 2 5.20 -25.29 2.74
N THR A 3 4.51 -25.34 3.88
CA THR A 3 3.44 -26.30 4.11
C THR A 3 2.96 -26.26 5.57
N LEU A 4 3.92 -26.33 6.49
CA LEU A 4 3.60 -26.29 7.91
C LEU A 4 3.36 -24.87 8.40
N ALA A 5 4.33 -24.00 8.14
CA ALA A 5 4.24 -22.60 8.54
C ALA A 5 3.28 -21.83 7.63
N ASP A 6 2.42 -21.01 8.24
CA ASP A 6 1.47 -20.22 7.47
C ASP A 6 0.52 -21.13 6.70
N ALA A 7 -0.67 -20.62 6.40
CA ALA A 7 -1.67 -21.37 5.67
C ALA A 7 -2.82 -20.47 5.23
N LEU A 8 -3.66 -20.98 4.34
CA LEU A 8 -4.81 -20.24 3.83
C LEU A 8 -5.86 -20.03 4.92
N LYS A 9 -5.47 -19.40 6.02
CA LYS A 9 -6.38 -19.15 7.13
C LYS A 9 -6.42 -17.68 7.54
N GLU A 10 -5.28 -17.15 7.95
CA GLU A 10 -5.20 -15.77 8.40
C GLU A 10 -3.81 -15.22 8.26
N PHE A 11 -3.73 -13.90 8.32
CA PHE A 11 -2.50 -13.21 8.10
C PHE A 11 -2.49 -11.81 8.69
N GLU A 12 -1.36 -11.42 9.26
CA GLU A 12 -1.21 -10.09 9.84
C GLU A 12 -0.73 -9.15 8.76
N VAL A 13 -1.39 -8.02 8.64
CA VAL A 13 -1.09 -7.10 7.56
C VAL A 13 -1.34 -5.63 7.93
N LEU A 14 -0.82 -4.74 7.11
CA LEU A 14 -0.98 -3.30 7.31
C LEU A 14 -2.26 -2.85 6.61
N SER A 15 -3.05 -1.96 7.20
CA SER A 15 -4.30 -1.54 6.57
C SER A 15 -4.76 -0.16 7.02
N PHE A 16 -5.59 0.44 6.17
CA PHE A 16 -6.14 1.75 6.42
C PHE A 16 -7.51 1.88 5.76
N GLU A 17 -8.25 2.91 6.14
CA GLU A 17 -9.57 3.13 5.56
C GLU A 17 -9.45 3.97 4.30
N ILE A 18 -10.27 3.64 3.31
CA ILE A 18 -10.22 4.32 2.03
C ILE A 18 -11.63 4.55 1.46
N ASP A 19 -12.18 5.72 1.74
CA ASP A 19 -13.52 6.08 1.27
C ASP A 19 -14.52 4.93 1.42
N GLU A 20 -14.70 4.51 2.65
CA GLU A 20 -15.63 3.43 3.00
C GLU A 20 -14.98 2.05 2.86
N GLN A 21 -14.23 1.83 1.79
CA GLN A 21 -13.59 0.54 1.59
C GLN A 21 -12.21 0.53 2.26
N ALA A 22 -11.80 -0.64 2.76
CA ALA A 22 -10.52 -0.76 3.44
C ALA A 22 -9.39 -1.09 2.47
N LEU A 23 -8.17 -0.94 2.96
CA LEU A 23 -6.99 -1.21 2.15
C LEU A 23 -5.91 -1.92 2.98
N ALA A 24 -5.17 -2.84 2.35
CA ALA A 24 -4.13 -3.60 3.06
C ALA A 24 -2.92 -3.90 2.17
N PHE A 25 -1.75 -3.98 2.81
CA PHE A 25 -0.49 -4.29 2.13
C PHE A 25 0.31 -5.25 3.00
N ASP A 26 0.92 -6.24 2.37
CA ASP A 26 1.70 -7.21 3.14
C ASP A 26 2.77 -6.50 3.96
N VAL A 27 2.74 -6.73 5.26
CA VAL A 27 3.68 -6.11 6.18
C VAL A 27 5.12 -6.46 5.84
N ASP A 28 5.33 -7.42 4.94
CA ASP A 28 6.67 -7.83 4.56
C ASP A 28 7.42 -6.64 3.97
N ASN A 29 6.72 -5.86 3.16
CA ASN A 29 7.32 -4.69 2.52
C ASN A 29 7.08 -3.43 3.35
N ILE A 30 5.85 -3.22 3.79
CA ILE A 30 5.52 -2.06 4.60
C ILE A 30 6.38 -2.03 5.86
N GLU A 31 7.13 -0.94 6.04
CA GLU A 31 8.02 -0.83 7.20
C GLU A 31 7.28 -0.30 8.43
N MET A 32 6.57 0.80 8.28
CA MET A 32 5.84 1.40 9.40
C MET A 32 4.89 2.50 8.94
N VAL A 33 3.85 2.72 9.74
CA VAL A 33 2.85 3.74 9.44
C VAL A 33 3.25 5.09 10.04
N ILE A 34 2.82 6.16 9.37
CA ILE A 34 3.11 7.52 9.81
C ILE A 34 1.93 8.44 9.52
N GLU A 35 2.08 9.71 9.84
CA GLU A 35 1.02 10.68 9.62
C GLU A 35 1.59 12.10 9.49
N LYS A 36 1.66 12.59 8.26
CA LYS A 36 2.19 13.92 8.00
C LYS A 36 1.90 14.34 6.56
N SER A 37 0.63 14.53 6.23
CA SER A 37 0.23 14.93 4.88
C SER A 37 0.98 16.18 4.42
N ASP A 38 0.55 16.73 3.29
CA ASP A 38 1.17 17.93 2.73
C ASP A 38 2.70 17.87 2.80
N ILE A 39 3.26 16.71 2.48
CA ILE A 39 4.70 16.52 2.49
C ILE A 39 5.39 17.22 1.33
N THR A 40 6.58 17.74 1.59
CA THR A 40 7.40 18.41 0.57
C THR A 40 6.54 18.99 -0.56
N PRO A 41 5.80 20.07 -0.27
CA PRO A 41 4.93 20.74 -1.25
C PRO A 41 5.67 21.77 -2.09
N VAL A 42 6.43 22.65 -1.43
CA VAL A 42 7.17 23.69 -2.12
C VAL A 42 8.29 23.13 -2.99
N PRO A 43 9.06 22.15 -2.48
CA PRO A 43 10.17 21.55 -3.23
C PRO A 43 9.70 20.89 -4.51
N LYS A 44 8.74 19.96 -4.39
CA LYS A 44 8.19 19.25 -5.55
C LYS A 44 9.28 18.91 -6.56
N SER A 45 8.89 18.67 -7.80
CA SER A 45 9.82 18.34 -8.86
C SER A 45 10.43 16.96 -8.66
N ARG A 46 9.58 15.94 -8.51
CA ARG A 46 10.05 14.58 -8.31
C ARG A 46 9.19 13.60 -9.10
N HIS A 47 8.82 13.99 -10.31
CA HIS A 47 8.00 13.16 -11.19
C HIS A 47 6.70 12.74 -10.49
N PHE A 48 6.34 11.45 -10.60
CA PHE A 48 5.12 10.94 -9.99
C PHE A 48 5.05 11.30 -8.51
N VAL A 49 6.20 11.27 -7.85
CA VAL A 49 6.28 11.56 -6.43
C VAL A 49 5.74 12.96 -6.12
N GLU A 50 4.79 13.03 -5.19
CA GLU A 50 4.19 14.29 -4.79
C GLU A 50 5.04 14.97 -3.73
N GLY A 51 5.48 14.19 -2.75
CA GLY A 51 6.29 14.72 -1.67
C GLY A 51 7.42 13.78 -1.29
N VAL A 52 8.18 14.17 -0.26
CA VAL A 52 9.30 13.37 0.22
C VAL A 52 9.66 13.78 1.65
N ILE A 53 10.51 12.99 2.28
CA ILE A 53 10.96 13.28 3.64
C ILE A 53 12.26 12.56 3.96
N ASN A 54 13.13 13.23 4.72
CA ASN A 54 14.42 12.67 5.11
C ASN A 54 14.31 11.87 6.40
N LEU A 55 14.91 10.68 6.40
CA LEU A 55 14.91 9.80 7.56
C LEU A 55 16.05 8.80 7.47
N ARG A 56 16.74 8.58 8.58
CA ARG A 56 17.85 7.64 8.62
C ARG A 56 18.85 7.95 7.49
N GLY A 57 19.18 9.23 7.36
CA GLY A 57 20.11 9.64 6.32
C GLY A 57 19.68 9.21 4.93
N ARG A 58 18.38 9.25 4.68
CA ARG A 58 17.84 8.87 3.37
C ARG A 58 16.45 9.46 3.17
N ILE A 59 16.25 10.09 2.01
CA ILE A 59 14.98 10.70 1.69
C ILE A 59 14.06 9.70 0.99
N ILE A 60 12.83 9.60 1.49
CA ILE A 60 11.86 8.68 0.92
C ILE A 60 10.77 9.41 0.15
N PRO A 61 10.49 8.99 -1.09
CA PRO A 61 9.46 9.62 -1.94
C PRO A 61 8.06 9.17 -1.54
N VAL A 62 7.23 10.12 -1.11
CA VAL A 62 5.86 9.82 -0.73
C VAL A 62 4.92 10.06 -1.90
N VAL A 63 3.97 9.15 -2.10
CA VAL A 63 3.03 9.27 -3.19
C VAL A 63 1.62 8.86 -2.80
N ASN A 64 0.65 9.40 -3.50
CA ASN A 64 -0.74 9.07 -3.25
C ASN A 64 -1.04 7.71 -3.86
N LEU A 65 -0.41 6.67 -3.32
CA LEU A 65 -0.58 5.32 -3.82
C LEU A 65 -2.06 4.96 -3.97
N ALA A 66 -2.91 5.59 -3.18
CA ALA A 66 -4.33 5.31 -3.27
C ALA A 66 -4.90 5.76 -4.62
N LYS A 67 -4.30 6.80 -5.22
CA LYS A 67 -4.76 7.29 -6.52
C LYS A 67 -4.07 6.54 -7.66
N ILE A 68 -2.80 6.16 -7.47
CA ILE A 68 -2.11 5.38 -8.50
C ILE A 68 -2.94 4.15 -8.75
N LEU A 69 -3.42 3.62 -7.64
CA LEU A 69 -4.30 2.47 -7.63
C LEU A 69 -5.69 2.94 -8.01
N GLY A 70 -6.15 4.00 -7.31
CA GLY A 70 -7.46 4.57 -7.55
C GLY A 70 -8.39 4.43 -6.35
N ILE A 71 -8.96 3.24 -6.16
CA ILE A 71 -9.88 2.97 -5.04
C ILE A 71 -10.91 4.08 -4.84
N SER A 72 -11.86 3.85 -3.92
CA SER A 72 -12.90 4.85 -3.63
C SER A 72 -12.23 6.19 -3.35
N PHE A 73 -11.08 6.13 -2.69
CA PHE A 73 -10.26 7.30 -2.37
C PHE A 73 -10.39 8.42 -3.40
N ASP A 74 -10.31 9.65 -2.89
CA ASP A 74 -10.40 10.84 -3.73
C ASP A 74 -9.31 11.83 -3.34
N GLU A 75 -9.27 12.19 -2.06
CA GLU A 75 -8.27 13.15 -1.54
C GLU A 75 -8.65 13.68 -0.16
N GLN A 76 -9.92 14.05 -0.01
CA GLN A 76 -10.42 14.60 1.24
C GLN A 76 -10.17 13.68 2.44
N LYS A 77 -10.29 12.39 2.23
CA LYS A 77 -10.09 11.42 3.32
C LYS A 77 -8.63 11.38 3.74
N MET A 78 -7.73 11.72 2.83
CA MET A 78 -6.30 11.70 3.12
C MET A 78 -5.99 12.41 4.44
N LYS A 79 -5.14 11.78 5.25
CA LYS A 79 -4.75 12.35 6.54
C LYS A 79 -3.45 11.69 7.04
N SER A 80 -3.44 10.36 7.06
CA SER A 80 -2.27 9.61 7.52
C SER A 80 -1.32 9.30 6.36
N ILE A 81 -0.26 8.55 6.66
CA ILE A 81 0.73 8.18 5.65
C ILE A 81 1.39 6.85 6.02
N ILE A 82 2.01 6.20 5.05
CA ILE A 82 2.67 4.91 5.29
C ILE A 82 3.95 4.79 4.48
N VAL A 83 4.98 4.21 5.11
CA VAL A 83 6.27 4.03 4.45
C VAL A 83 6.53 2.56 4.16
N ALA A 84 7.27 2.30 3.09
CA ALA A 84 7.61 0.94 2.68
C ALA A 84 8.98 0.90 2.03
N ARG A 85 9.44 -0.30 1.68
CA ARG A 85 10.73 -0.49 1.02
C ARG A 85 10.58 -1.42 -0.16
N THR A 86 11.08 -1.03 -1.33
CA THR A 86 10.95 -1.86 -2.51
C THR A 86 12.18 -1.76 -3.41
N LYS A 87 12.96 -2.83 -3.46
CA LYS A 87 14.14 -2.88 -4.32
C LYS A 87 14.97 -1.61 -4.17
N ASP A 88 15.26 -1.29 -2.92
CA ASP A 88 16.04 -0.10 -2.59
C ASP A 88 15.25 1.18 -2.83
N VAL A 89 13.94 1.07 -2.65
CA VAL A 89 13.05 2.21 -2.78
C VAL A 89 12.18 2.30 -1.55
N GLU A 90 12.42 3.28 -0.71
CA GLU A 90 11.58 3.41 0.44
C GLU A 90 10.43 4.27 0.01
N VAL A 91 9.34 3.60 -0.27
CA VAL A 91 8.16 4.20 -0.84
C VAL A 91 7.21 4.72 0.21
N GLY A 92 6.51 5.76 -0.16
CA GLY A 92 5.57 6.40 0.73
C GLY A 92 4.15 6.37 0.19
N PHE A 93 3.17 6.49 1.09
CA PHE A 93 1.79 6.46 0.68
C PHE A 93 0.90 7.30 1.59
N LEU A 94 0.19 8.24 0.99
CA LEU A 94 -0.72 9.11 1.72
C LEU A 94 -2.10 8.47 1.79
N VAL A 95 -2.57 8.23 3.01
CA VAL A 95 -3.88 7.62 3.24
C VAL A 95 -4.67 8.41 4.26
N ASP A 96 -5.84 7.91 4.63
CA ASP A 96 -6.69 8.61 5.57
C ASP A 96 -6.30 8.29 6.99
N ARG A 97 -6.73 7.14 7.46
CA ARG A 97 -6.41 6.67 8.78
C ARG A 97 -6.04 5.22 8.70
N VAL A 98 -4.78 4.95 8.93
CA VAL A 98 -4.28 3.60 8.86
C VAL A 98 -4.39 2.89 10.19
N LEU A 99 -5.23 1.88 10.18
CA LEU A 99 -5.54 1.06 11.34
C LEU A 99 -4.29 0.33 11.82
N GLY A 100 -3.40 0.06 10.89
CA GLY A 100 -2.18 -0.65 11.22
C GLY A 100 -2.38 -2.15 11.08
N VAL A 101 -2.17 -2.88 12.17
CA VAL A 101 -2.35 -4.32 12.16
C VAL A 101 -3.75 -4.68 11.64
N LEU A 102 -3.81 -5.55 10.64
CA LEU A 102 -5.07 -5.94 10.06
C LEU A 102 -5.22 -7.46 10.04
N ARG A 103 -6.42 -7.92 10.36
CA ARG A 103 -6.69 -9.35 10.38
C ARG A 103 -7.14 -9.83 9.00
N ILE A 104 -6.17 -9.98 8.09
CA ILE A 104 -6.49 -10.45 6.75
C ILE A 104 -6.45 -11.96 6.71
N THR A 105 -7.07 -12.54 5.71
CA THR A 105 -7.09 -13.97 5.56
C THR A 105 -6.50 -14.32 4.21
N GLU A 106 -5.85 -15.45 4.16
CA GLU A 106 -5.20 -15.85 2.94
C GLU A 106 -5.96 -16.94 2.22
N ASN A 107 -7.13 -16.57 1.75
CA ASN A 107 -7.97 -17.47 1.00
C ASN A 107 -7.73 -17.22 -0.48
N GLN A 108 -6.61 -16.55 -0.79
CA GLN A 108 -6.28 -16.24 -2.17
C GLN A 108 -4.76 -16.09 -2.37
N LEU A 109 -4.11 -15.36 -1.49
CA LEU A 109 -2.66 -15.16 -1.59
C LEU A 109 -1.92 -16.48 -1.82
N ASP A 110 -1.11 -16.51 -2.88
CA ASP A 110 -0.30 -17.68 -3.24
C ASP A 110 -1.12 -18.71 -4.02
N LEU A 111 -2.29 -19.08 -3.50
CA LEU A 111 -3.15 -20.04 -4.18
C LEU A 111 -3.82 -19.40 -5.40
N THR A 112 -3.44 -18.16 -5.71
CA THR A 112 -3.97 -17.42 -6.85
C THR A 112 -5.49 -17.50 -6.94
N ASN A 113 -6.17 -17.35 -5.82
CA ASN A 113 -7.65 -17.37 -5.83
C ASN A 113 -8.19 -16.02 -6.27
N VAL A 114 -7.45 -14.96 -5.93
CA VAL A 114 -7.84 -13.59 -6.25
C VAL A 114 -8.66 -13.52 -7.54
N SER A 115 -8.20 -14.21 -8.58
CA SER A 115 -8.88 -14.23 -9.87
C SER A 115 -8.59 -12.97 -10.67
N ASP A 116 -8.64 -11.82 -10.00
CA ASP A 116 -8.38 -10.55 -10.66
C ASP A 116 -7.45 -9.68 -9.83
N LYS A 117 -7.63 -9.70 -8.51
CA LYS A 117 -6.81 -8.91 -7.59
C LYS A 117 -7.26 -7.46 -7.53
N PHE A 118 -7.51 -6.87 -8.69
CA PHE A 118 -7.93 -5.49 -8.79
C PHE A 118 -8.11 -5.09 -10.24
N GLY A 119 -7.13 -5.47 -11.05
CA GLY A 119 -7.15 -5.18 -12.47
C GLY A 119 -5.88 -5.60 -13.14
N LYS A 120 -4.75 -5.10 -12.64
CA LYS A 120 -3.44 -5.44 -13.19
C LYS A 120 -2.36 -4.58 -12.52
N LYS A 121 -2.42 -4.45 -11.19
CA LYS A 121 -1.45 -3.64 -10.48
C LYS A 121 -1.45 -3.92 -8.97
N SER A 122 -1.40 -5.19 -8.58
CA SER A 122 -1.38 -5.56 -7.17
C SER A 122 -1.51 -7.07 -6.97
N LYS A 123 -1.32 -7.51 -5.72
CA LYS A 123 -1.39 -8.93 -5.38
C LYS A 123 -2.80 -9.50 -5.41
N GLY A 124 -3.74 -8.88 -4.71
CA GLY A 124 -5.10 -9.41 -4.69
C GLY A 124 -6.15 -8.47 -4.12
N LEU A 125 -7.30 -9.05 -3.80
CA LEU A 125 -8.42 -8.31 -3.23
C LEU A 125 -9.08 -9.11 -2.12
N VAL A 126 -9.19 -8.51 -0.94
CA VAL A 126 -9.79 -9.17 0.21
C VAL A 126 -11.22 -8.68 0.48
N LYS A 127 -12.00 -9.53 1.10
CA LYS A 127 -13.38 -9.24 1.45
C LYS A 127 -13.81 -10.08 2.66
N THR A 128 -14.46 -9.46 3.63
CA THR A 128 -14.89 -10.14 4.81
C THR A 128 -15.95 -9.34 5.57
N ASP A 129 -16.84 -10.05 6.26
CA ASP A 129 -17.92 -9.42 7.02
C ASP A 129 -18.60 -8.33 6.22
N GLY A 130 -18.97 -8.65 4.98
CA GLY A 130 -19.64 -7.70 4.13
C GLY A 130 -18.87 -6.40 4.00
N ARG A 131 -17.55 -6.52 3.84
CA ARG A 131 -16.70 -5.35 3.72
C ARG A 131 -15.64 -5.55 2.64
N LEU A 132 -15.46 -4.55 1.80
CA LEU A 132 -14.49 -4.63 0.72
C LEU A 132 -13.12 -4.13 1.19
N ILE A 133 -12.08 -4.84 0.80
CA ILE A 133 -10.71 -4.46 1.17
C ILE A 133 -9.74 -4.79 0.03
N ILE A 134 -8.91 -3.81 -0.33
CA ILE A 134 -7.92 -4.01 -1.37
C ILE A 134 -6.63 -4.54 -0.74
N TYR A 135 -5.99 -5.52 -1.36
CA TYR A 135 -4.77 -6.07 -0.79
C TYR A 135 -3.67 -6.15 -1.84
N LEU A 136 -2.45 -5.88 -1.43
CA LEU A 136 -1.34 -5.92 -2.36
C LEU A 136 0.02 -5.96 -1.64
N ASP A 137 0.98 -6.64 -2.26
CA ASP A 137 2.33 -6.77 -1.71
C ASP A 137 3.25 -5.73 -2.34
N ILE A 138 2.66 -4.58 -2.63
CA ILE A 138 3.34 -3.43 -3.22
C ILE A 138 4.34 -3.80 -4.32
N ASP A 139 4.21 -4.99 -4.91
CA ASP A 139 5.13 -5.41 -5.97
C ASP A 139 4.80 -4.80 -7.33
N LYS A 140 3.58 -5.00 -7.81
CA LYS A 140 3.19 -4.47 -9.11
C LYS A 140 2.87 -2.99 -9.00
N ILE A 141 2.33 -2.61 -7.85
CA ILE A 141 1.99 -1.23 -7.60
C ILE A 141 3.26 -0.39 -7.56
N ILE A 142 4.30 -0.87 -6.86
CA ILE A 142 5.56 -0.13 -6.83
C ILE A 142 6.11 -0.02 -8.23
N GLU A 143 6.08 -1.13 -8.98
CA GLU A 143 6.56 -1.12 -10.36
C GLU A 143 5.99 0.09 -11.09
N GLU A 144 4.71 0.34 -10.83
CA GLU A 144 4.04 1.48 -11.44
C GLU A 144 4.48 2.80 -10.81
N ILE A 145 4.84 2.75 -9.52
CA ILE A 145 5.30 3.94 -8.81
C ILE A 145 6.46 4.59 -9.56
N THR A 146 7.44 3.77 -9.94
CA THR A 146 8.61 4.25 -10.66
C THR A 146 8.34 4.29 -12.16
N VAL A 147 7.74 3.22 -12.68
CA VAL A 147 7.43 3.13 -14.10
C VAL A 147 6.55 4.28 -14.56
N LYS A 148 5.71 4.78 -13.66
CA LYS A 148 4.80 5.88 -13.98
C LYS A 148 5.51 6.95 -14.80
N GLU A 149 6.69 7.34 -14.34
CA GLU A 149 7.49 8.36 -15.01
C GLU A 149 8.80 8.59 -14.26
N GLY A 150 9.91 8.49 -14.98
CA GLY A 150 11.21 8.69 -14.36
C GLY A 150 12.36 8.37 -15.29
N VAL A 151 12.25 8.82 -16.53
CA VAL A 151 13.29 8.57 -17.53
C VAL A 151 14.63 9.16 -17.08
N MET A 1 7.00 -26.96 11.17
CA MET A 1 5.66 -26.95 10.56
C MET A 1 4.57 -27.24 11.59
N LYS A 2 3.52 -26.43 11.58
CA LYS A 2 2.42 -26.60 12.53
C LYS A 2 1.70 -27.91 12.29
N THR A 3 1.46 -28.22 11.02
CA THR A 3 0.77 -29.46 10.64
C THR A 3 -0.73 -29.38 10.96
N LEU A 4 -1.05 -29.03 12.21
CA LEU A 4 -2.44 -28.93 12.63
C LEU A 4 -3.14 -27.79 11.90
N ALA A 5 -2.42 -26.69 11.71
CA ALA A 5 -2.98 -25.52 11.02
C ALA A 5 -3.07 -25.76 9.51
N ASP A 6 -4.25 -25.52 8.95
CA ASP A 6 -4.46 -25.70 7.52
C ASP A 6 -3.76 -24.60 6.72
N ALA A 7 -3.09 -24.99 5.64
CA ALA A 7 -2.38 -24.03 4.80
C ALA A 7 -3.32 -22.94 4.30
N LEU A 8 -2.90 -21.69 4.45
CA LEU A 8 -3.70 -20.56 4.01
C LEU A 8 -5.01 -20.49 4.79
N LYS A 9 -5.12 -19.49 5.65
CA LYS A 9 -6.30 -19.32 6.47
C LYS A 9 -6.42 -17.87 6.93
N GLU A 10 -5.33 -17.35 7.48
CA GLU A 10 -5.29 -15.98 7.97
C GLU A 10 -3.91 -15.41 7.83
N PHE A 11 -3.83 -14.10 7.92
CA PHE A 11 -2.60 -13.41 7.69
C PHE A 11 -2.57 -12.03 8.34
N GLU A 12 -1.43 -11.67 8.91
CA GLU A 12 -1.25 -10.38 9.54
C GLU A 12 -0.77 -9.40 8.49
N VAL A 13 -1.43 -8.26 8.42
CA VAL A 13 -1.12 -7.28 7.39
C VAL A 13 -1.34 -5.84 7.83
N LEU A 14 -0.87 -4.90 7.03
CA LEU A 14 -1.03 -3.48 7.30
C LEU A 14 -2.36 -3.03 6.68
N SER A 15 -3.12 -2.18 7.37
CA SER A 15 -4.41 -1.77 6.82
C SER A 15 -4.80 -0.35 7.24
N PHE A 16 -5.62 0.25 6.40
CA PHE A 16 -6.10 1.60 6.61
C PHE A 16 -7.49 1.79 6.03
N GLU A 17 -8.13 2.88 6.38
CA GLU A 17 -9.46 3.17 5.87
C GLU A 17 -9.34 3.94 4.57
N ILE A 18 -9.94 3.41 3.52
CA ILE A 18 -9.87 4.02 2.20
C ILE A 18 -11.23 4.07 1.53
N ASP A 19 -11.71 5.28 1.30
CA ASP A 19 -12.99 5.49 0.62
C ASP A 19 -14.04 4.48 1.06
N GLU A 20 -14.33 4.49 2.34
CA GLU A 20 -15.32 3.61 2.94
C GLU A 20 -14.79 2.18 3.15
N GLN A 21 -14.07 1.64 2.16
CA GLN A 21 -13.53 0.30 2.26
C GLN A 21 -12.12 0.32 2.84
N ALA A 22 -11.67 -0.81 3.40
CA ALA A 22 -10.35 -0.88 4.00
C ALA A 22 -9.27 -1.28 2.98
N LEU A 23 -8.06 -0.78 3.18
CA LEU A 23 -6.97 -1.09 2.25
C LEU A 23 -5.79 -1.68 3.02
N ALA A 24 -5.23 -2.79 2.50
CA ALA A 24 -4.12 -3.46 3.17
C ALA A 24 -2.97 -3.83 2.22
N PHE A 25 -1.77 -3.90 2.80
CA PHE A 25 -0.55 -4.27 2.08
C PHE A 25 0.25 -5.25 2.94
N ASP A 26 0.83 -6.26 2.31
CA ASP A 26 1.60 -7.25 3.04
C ASP A 26 2.61 -6.58 3.96
N VAL A 27 2.52 -6.90 5.25
CA VAL A 27 3.44 -6.34 6.23
C VAL A 27 4.87 -6.75 5.93
N ASP A 28 5.03 -7.73 5.03
CA ASP A 28 6.35 -8.20 4.66
C ASP A 28 7.14 -7.05 4.05
N ASN A 29 6.47 -6.27 3.22
CA ASN A 29 7.10 -5.12 2.57
C ASN A 29 6.89 -3.85 3.40
N ILE A 30 5.64 -3.63 3.82
CA ILE A 30 5.30 -2.46 4.63
C ILE A 30 6.08 -2.48 5.94
N GLU A 31 6.74 -1.37 6.27
CA GLU A 31 7.51 -1.30 7.51
C GLU A 31 6.75 -0.56 8.62
N MET A 32 6.29 0.65 8.32
CA MET A 32 5.56 1.45 9.29
C MET A 32 4.90 2.66 8.66
N VAL A 33 3.85 3.16 9.30
CA VAL A 33 3.13 4.33 8.80
C VAL A 33 3.54 5.61 9.53
N ILE A 34 3.87 6.64 8.76
CA ILE A 34 4.26 7.92 9.31
C ILE A 34 3.15 8.95 9.15
N GLU A 35 2.92 9.74 10.18
CA GLU A 35 1.88 10.76 10.14
C GLU A 35 2.45 12.08 9.64
N LYS A 36 1.91 12.57 8.53
CA LYS A 36 2.36 13.84 7.95
C LYS A 36 1.30 14.40 7.01
N SER A 37 1.59 15.55 6.40
CA SER A 37 0.66 16.19 5.48
C SER A 37 1.35 17.30 4.70
N ASP A 38 0.88 17.54 3.47
CA ASP A 38 1.45 18.57 2.61
C ASP A 38 2.97 18.46 2.56
N ILE A 39 3.44 17.23 2.40
CA ILE A 39 4.87 16.96 2.34
C ILE A 39 5.52 17.62 1.13
N THR A 40 6.83 17.85 1.25
CA THR A 40 7.65 18.46 0.19
C THR A 40 7.02 18.33 -1.20
N PRO A 41 6.07 19.24 -1.54
CA PRO A 41 5.38 19.23 -2.82
C PRO A 41 6.06 20.07 -3.90
N VAL A 42 6.36 21.33 -3.57
CA VAL A 42 6.98 22.24 -4.52
C VAL A 42 8.39 21.80 -4.92
N PRO A 43 9.23 21.38 -3.95
CA PRO A 43 10.60 20.95 -4.23
C PRO A 43 10.66 19.83 -5.28
N LYS A 44 9.86 18.80 -5.09
CA LYS A 44 9.82 17.66 -6.01
C LYS A 44 11.24 17.24 -6.43
N SER A 45 11.46 17.13 -7.73
CA SER A 45 12.74 16.76 -8.30
C SER A 45 13.16 15.35 -7.86
N ARG A 46 12.43 14.35 -8.34
CA ARG A 46 12.72 12.96 -8.01
C ARG A 46 12.07 12.00 -9.02
N HIS A 47 10.76 12.09 -9.15
CA HIS A 47 10.01 11.24 -10.08
C HIS A 47 8.51 11.38 -9.84
N PHE A 48 7.75 10.34 -10.19
CA PHE A 48 6.31 10.33 -10.01
C PHE A 48 5.97 10.31 -8.52
N VAL A 49 6.37 11.37 -7.81
CA VAL A 49 6.13 11.45 -6.38
C VAL A 49 5.54 12.80 -5.98
N GLU A 50 4.50 12.75 -5.16
CA GLU A 50 3.84 13.97 -4.70
C GLU A 50 4.80 14.79 -3.85
N GLY A 51 5.46 14.12 -2.92
CA GLY A 51 6.42 14.78 -2.06
C GLY A 51 7.47 13.85 -1.50
N VAL A 52 8.32 14.35 -0.65
CA VAL A 52 9.39 13.54 -0.05
C VAL A 52 9.71 14.02 1.36
N ILE A 53 10.51 13.23 2.07
CA ILE A 53 10.90 13.58 3.44
C ILE A 53 12.25 12.97 3.80
N ASN A 54 13.07 13.73 4.51
CA ASN A 54 14.38 13.28 4.91
C ASN A 54 14.32 12.56 6.26
N LEU A 55 14.98 11.40 6.33
CA LEU A 55 15.01 10.60 7.55
C LEU A 55 16.20 9.64 7.52
N ARG A 56 16.88 9.51 8.66
CA ARG A 56 18.03 8.62 8.77
C ARG A 56 18.99 8.85 7.61
N GLY A 57 19.27 10.12 7.32
CA GLY A 57 20.16 10.46 6.23
C GLY A 57 19.72 9.88 4.91
N ARG A 58 18.42 9.95 4.63
CA ARG A 58 17.87 9.44 3.39
C ARG A 58 16.46 9.95 3.15
N ILE A 59 16.22 10.50 1.96
CA ILE A 59 14.92 11.03 1.60
C ILE A 59 14.03 9.95 0.98
N ILE A 60 12.79 9.87 1.45
CA ILE A 60 11.85 8.88 0.94
C ILE A 60 10.72 9.54 0.15
N PRO A 61 10.37 8.98 -1.02
CA PRO A 61 9.31 9.50 -1.88
C PRO A 61 7.91 9.10 -1.42
N VAL A 62 7.12 10.10 -1.05
CA VAL A 62 5.74 9.87 -0.63
C VAL A 62 4.82 10.09 -1.82
N VAL A 63 3.88 9.17 -2.03
CA VAL A 63 2.98 9.28 -3.17
C VAL A 63 1.56 8.85 -2.86
N ASN A 64 0.63 9.36 -3.65
CA ASN A 64 -0.77 9.00 -3.51
C ASN A 64 -0.98 7.61 -4.09
N LEU A 65 -0.31 6.63 -3.50
CA LEU A 65 -0.41 5.26 -3.96
C LEU A 65 -1.86 4.80 -4.09
N ALA A 66 -2.78 5.48 -3.42
CA ALA A 66 -4.19 5.11 -3.51
C ALA A 66 -4.74 5.49 -4.89
N LYS A 67 -4.19 6.57 -5.49
CA LYS A 67 -4.62 7.00 -6.82
C LYS A 67 -3.92 6.20 -7.91
N ILE A 68 -2.65 5.85 -7.69
CA ILE A 68 -1.93 5.02 -8.66
C ILE A 68 -2.76 3.77 -8.84
N LEU A 69 -3.26 3.30 -7.71
CA LEU A 69 -4.14 2.15 -7.67
C LEU A 69 -5.53 2.58 -8.11
N GLY A 70 -5.93 3.78 -7.70
CA GLY A 70 -7.23 4.33 -8.06
C GLY A 70 -8.24 4.31 -6.93
N ILE A 71 -9.03 3.23 -6.83
CA ILE A 71 -10.05 3.09 -5.78
C ILE A 71 -10.92 4.34 -5.63
N SER A 72 -12.06 4.19 -4.95
CA SER A 72 -12.97 5.31 -4.71
C SER A 72 -12.17 6.50 -4.20
N PHE A 73 -11.08 6.19 -3.48
CA PHE A 73 -10.15 7.20 -2.96
C PHE A 73 -10.07 8.45 -3.86
N ASP A 74 -9.96 9.60 -3.22
CA ASP A 74 -9.87 10.88 -3.93
C ASP A 74 -9.61 12.01 -2.95
N GLU A 75 -8.72 11.77 -1.98
CA GLU A 75 -8.39 12.77 -0.98
C GLU A 75 -9.63 13.21 -0.20
N GLN A 76 -10.50 12.25 0.09
CA GLN A 76 -11.72 12.53 0.81
C GLN A 76 -11.46 12.82 2.28
N LYS A 77 -10.57 12.05 2.90
CA LYS A 77 -10.26 12.24 4.32
C LYS A 77 -8.80 11.92 4.62
N MET A 78 -7.95 12.01 3.61
CA MET A 78 -6.53 11.74 3.77
C MET A 78 -5.96 12.47 5.00
N LYS A 79 -5.19 11.75 5.82
CA LYS A 79 -4.60 12.33 7.02
C LYS A 79 -3.63 11.37 7.69
N SER A 80 -2.91 10.60 6.87
CA SER A 80 -1.95 9.63 7.37
C SER A 80 -1.10 9.11 6.21
N ILE A 81 0.11 8.66 6.50
CA ILE A 81 0.99 8.17 5.45
C ILE A 81 1.63 6.84 5.82
N ILE A 82 1.83 5.98 4.82
CA ILE A 82 2.43 4.67 5.03
C ILE A 82 3.82 4.61 4.42
N VAL A 83 4.72 3.90 5.06
CA VAL A 83 6.08 3.76 4.53
C VAL A 83 6.42 2.29 4.30
N ALA A 84 7.11 2.04 3.19
CA ALA A 84 7.49 0.69 2.82
C ALA A 84 8.88 0.66 2.21
N ARG A 85 9.30 -0.52 1.76
CA ARG A 85 10.60 -0.70 1.13
C ARG A 85 10.45 -1.55 -0.13
N THR A 86 11.20 -1.25 -1.16
CA THR A 86 11.12 -2.01 -2.40
C THR A 86 12.37 -1.86 -3.25
N LYS A 87 13.14 -2.93 -3.33
CA LYS A 87 14.36 -2.94 -4.14
C LYS A 87 15.18 -1.69 -3.87
N ASP A 88 15.35 -1.40 -2.60
CA ASP A 88 16.10 -0.24 -2.15
C ASP A 88 15.31 1.05 -2.36
N VAL A 89 14.01 0.94 -2.22
CA VAL A 89 13.11 2.09 -2.34
C VAL A 89 12.18 2.15 -1.14
N GLU A 90 12.36 3.13 -0.29
CA GLU A 90 11.45 3.27 0.83
C GLU A 90 10.31 4.11 0.33
N VAL A 91 9.25 3.41 0.00
CA VAL A 91 8.09 4.00 -0.64
C VAL A 91 7.07 4.51 0.35
N GLY A 92 6.38 5.54 -0.09
CA GLY A 92 5.36 6.18 0.74
C GLY A 92 3.99 6.17 0.10
N PHE A 93 2.96 6.13 0.94
CA PHE A 93 1.57 6.10 0.47
C PHE A 93 0.67 6.94 1.38
N LEU A 94 -0.09 7.85 0.79
CA LEU A 94 -0.99 8.72 1.55
C LEU A 94 -2.36 8.07 1.75
N VAL A 95 -2.83 8.07 2.99
CA VAL A 95 -4.12 7.47 3.35
C VAL A 95 -4.82 8.29 4.43
N ASP A 96 -5.96 7.79 4.90
CA ASP A 96 -6.77 8.50 5.89
C ASP A 96 -6.38 8.13 7.31
N ARG A 97 -6.71 6.92 7.70
CA ARG A 97 -6.39 6.42 9.01
C ARG A 97 -6.00 4.97 8.89
N VAL A 98 -4.75 4.71 9.17
CA VAL A 98 -4.23 3.37 9.06
C VAL A 98 -4.35 2.61 10.37
N LEU A 99 -5.19 1.59 10.31
CA LEU A 99 -5.49 0.71 11.42
C LEU A 99 -4.25 -0.03 11.88
N GLY A 100 -3.35 -0.27 10.96
CA GLY A 100 -2.15 -1.00 11.27
C GLY A 100 -2.33 -2.49 11.08
N VAL A 101 -2.09 -3.28 12.13
CA VAL A 101 -2.27 -4.72 12.06
C VAL A 101 -3.67 -5.07 11.56
N LEU A 102 -3.75 -5.98 10.60
CA LEU A 102 -5.04 -6.37 10.03
C LEU A 102 -5.15 -7.87 9.91
N ARG A 103 -6.33 -8.38 10.22
CA ARG A 103 -6.59 -9.81 10.15
C ARG A 103 -7.10 -10.17 8.76
N ILE A 104 -6.19 -10.17 7.77
CA ILE A 104 -6.57 -10.52 6.42
C ILE A 104 -6.43 -12.01 6.22
N THR A 105 -7.44 -12.62 5.63
CA THR A 105 -7.39 -14.03 5.36
C THR A 105 -6.75 -14.20 4.01
N GLU A 106 -6.00 -15.26 3.84
CA GLU A 106 -5.29 -15.43 2.59
C GLU A 106 -5.50 -16.78 1.95
N ASN A 107 -6.67 -16.94 1.36
CA ASN A 107 -7.00 -18.12 0.62
C ASN A 107 -6.76 -17.82 -0.85
N GLN A 108 -6.25 -16.61 -1.10
CA GLN A 108 -5.95 -16.14 -2.45
C GLN A 108 -4.67 -16.76 -2.96
N LEU A 109 -3.57 -16.47 -2.27
CA LEU A 109 -2.26 -16.98 -2.63
C LEU A 109 -2.30 -18.49 -2.84
N ASP A 110 -1.47 -18.97 -3.76
CA ASP A 110 -1.40 -20.40 -4.07
C ASP A 110 -0.03 -20.76 -4.60
N LEU A 111 0.98 -20.66 -3.72
CA LEU A 111 2.38 -20.96 -4.05
C LEU A 111 3.13 -19.67 -4.36
N THR A 112 2.42 -18.68 -4.88
CA THR A 112 3.02 -17.39 -5.22
C THR A 112 1.99 -16.42 -5.80
N ASN A 113 0.82 -16.34 -5.17
CA ASN A 113 -0.24 -15.45 -5.64
C ASN A 113 -0.70 -15.86 -7.03
N VAL A 114 -1.99 -16.12 -7.18
CA VAL A 114 -2.53 -16.53 -8.45
C VAL A 114 -3.88 -15.89 -8.76
N SER A 115 -3.93 -14.56 -8.76
CA SER A 115 -5.17 -13.84 -9.05
C SER A 115 -4.98 -12.33 -8.96
N ASP A 116 -5.47 -11.63 -9.97
CA ASP A 116 -5.37 -10.17 -10.01
C ASP A 116 -6.35 -9.54 -9.03
N LYS A 117 -7.61 -9.96 -9.12
CA LYS A 117 -8.67 -9.46 -8.24
C LYS A 117 -9.02 -8.02 -8.56
N PHE A 118 -8.04 -7.13 -8.44
CA PHE A 118 -8.26 -5.72 -8.72
C PHE A 118 -8.26 -5.48 -10.22
N GLY A 119 -7.20 -5.95 -10.88
CA GLY A 119 -7.07 -5.80 -12.31
C GLY A 119 -5.64 -5.89 -12.77
N LYS A 120 -5.29 -5.11 -13.78
CA LYS A 120 -3.93 -5.10 -14.31
C LYS A 120 -3.10 -4.03 -13.61
N LYS A 121 -3.02 -4.10 -12.28
CA LYS A 121 -2.25 -3.13 -11.52
C LYS A 121 -1.58 -3.78 -10.30
N SER A 122 -2.33 -4.60 -9.57
CA SER A 122 -1.79 -5.29 -8.40
C SER A 122 -2.26 -6.75 -8.37
N LYS A 123 -2.64 -7.27 -7.19
CA LYS A 123 -3.08 -8.66 -7.10
C LYS A 123 -3.95 -8.96 -5.88
N GLY A 124 -3.76 -8.23 -4.78
CA GLY A 124 -4.53 -8.51 -3.57
C GLY A 124 -5.92 -7.92 -3.56
N LEU A 125 -6.82 -8.64 -2.90
CA LEU A 125 -8.21 -8.21 -2.74
C LEU A 125 -8.84 -9.01 -1.61
N VAL A 126 -9.63 -8.34 -0.79
CA VAL A 126 -10.27 -8.98 0.35
C VAL A 126 -11.61 -8.33 0.70
N LYS A 127 -12.43 -9.09 1.42
CA LYS A 127 -13.75 -8.64 1.84
C LYS A 127 -14.23 -9.49 3.02
N THR A 128 -14.80 -8.83 4.03
CA THR A 128 -15.28 -9.53 5.19
C THR A 128 -16.21 -8.65 6.02
N ASP A 129 -17.18 -9.27 6.69
CA ASP A 129 -18.13 -8.55 7.52
C ASP A 129 -18.84 -7.47 6.71
N GLY A 130 -19.30 -7.85 5.52
CA GLY A 130 -19.99 -6.90 4.66
C GLY A 130 -19.16 -5.66 4.43
N ARG A 131 -17.85 -5.83 4.36
CA ARG A 131 -16.93 -4.72 4.15
C ARG A 131 -15.86 -5.09 3.14
N LEU A 132 -15.59 -4.19 2.21
CA LEU A 132 -14.60 -4.44 1.16
C LEU A 132 -13.21 -4.00 1.61
N ILE A 133 -12.19 -4.64 1.06
CA ILE A 133 -10.81 -4.32 1.40
C ILE A 133 -9.88 -4.61 0.22
N ILE A 134 -9.04 -3.65 -0.13
CA ILE A 134 -8.09 -3.83 -1.23
C ILE A 134 -6.78 -4.39 -0.68
N TYR A 135 -6.10 -5.24 -1.42
CA TYR A 135 -4.85 -5.82 -0.93
C TYR A 135 -3.76 -5.77 -2.00
N LEU A 136 -2.55 -5.38 -1.59
CA LEU A 136 -1.43 -5.29 -2.53
C LEU A 136 -0.14 -5.84 -1.93
N ASP A 137 0.68 -6.40 -2.80
CA ASP A 137 1.98 -6.93 -2.41
C ASP A 137 3.06 -5.97 -2.92
N ILE A 138 2.67 -4.71 -3.06
CA ILE A 138 3.52 -3.62 -3.53
C ILE A 138 4.49 -4.01 -4.66
N ASP A 139 4.25 -5.14 -5.33
CA ASP A 139 5.13 -5.58 -6.40
C ASP A 139 4.86 -4.85 -7.72
N LYS A 140 3.66 -5.02 -8.25
CA LYS A 140 3.28 -4.38 -9.51
C LYS A 140 3.05 -2.90 -9.30
N ILE A 141 2.59 -2.55 -8.11
CA ILE A 141 2.32 -1.19 -7.76
C ILE A 141 3.60 -0.39 -7.65
N ILE A 142 4.61 -0.93 -6.95
CA ILE A 142 5.89 -0.23 -6.85
C ILE A 142 6.49 -0.05 -8.24
N GLU A 143 6.48 -1.12 -9.03
CA GLU A 143 7.00 -1.05 -10.40
C GLU A 143 6.40 0.15 -11.10
N GLU A 144 5.12 0.36 -10.86
CA GLU A 144 4.41 1.48 -11.43
C GLU A 144 4.86 2.79 -10.78
N ILE A 145 5.08 2.76 -9.47
CA ILE A 145 5.53 3.93 -8.74
C ILE A 145 6.70 4.62 -9.45
N THR A 146 7.65 3.82 -9.90
CA THR A 146 8.84 4.36 -10.59
C THR A 146 8.60 4.62 -12.08
N VAL A 147 8.14 3.59 -12.79
CA VAL A 147 7.90 3.71 -14.23
C VAL A 147 6.83 4.74 -14.58
N LYS A 148 5.96 5.06 -13.61
CA LYS A 148 4.88 6.03 -13.84
C LYS A 148 5.35 7.21 -14.69
N GLU A 149 6.55 7.70 -14.41
CA GLU A 149 7.11 8.81 -15.16
C GLU A 149 7.35 8.43 -16.62
N GLY A 150 6.93 9.29 -17.54
CA GLY A 150 7.12 9.01 -18.95
C GLY A 150 6.47 10.06 -19.82
N VAL A 151 6.61 11.33 -19.41
CA VAL A 151 6.04 12.43 -20.17
C VAL A 151 4.51 12.34 -20.19
N MET A 1 7.35 -20.55 12.13
CA MET A 1 8.02 -19.91 13.28
C MET A 1 7.15 -19.97 14.53
N LYS A 2 5.87 -19.65 14.37
CA LYS A 2 4.94 -19.67 15.48
C LYS A 2 4.84 -21.07 16.09
N THR A 3 4.51 -22.04 15.24
CA THR A 3 4.39 -23.43 15.66
C THR A 3 3.87 -24.29 14.51
N LEU A 4 2.79 -23.85 13.87
CA LEU A 4 2.20 -24.57 12.75
C LEU A 4 3.00 -24.31 11.48
N ALA A 5 3.47 -23.08 11.33
CA ALA A 5 4.25 -22.69 10.15
C ALA A 5 3.43 -22.85 8.87
N ASP A 6 3.30 -21.76 8.12
CA ASP A 6 2.55 -21.77 6.88
C ASP A 6 1.09 -22.17 7.11
N ALA A 7 0.17 -21.45 6.47
CA ALA A 7 -1.25 -21.72 6.60
C ALA A 7 -2.08 -20.64 5.90
N LEU A 8 -3.02 -21.06 5.08
CA LEU A 8 -3.88 -20.12 4.35
C LEU A 8 -5.16 -19.84 5.14
N LYS A 9 -5.01 -19.65 6.45
CA LYS A 9 -6.15 -19.36 7.30
C LYS A 9 -6.27 -17.87 7.57
N GLU A 10 -5.14 -17.22 7.81
CA GLU A 10 -5.13 -15.78 8.09
C GLU A 10 -3.74 -15.21 7.95
N PHE A 11 -3.71 -13.91 7.85
CA PHE A 11 -2.49 -13.17 7.59
C PHE A 11 -2.51 -11.77 8.19
N GLU A 12 -1.38 -11.38 8.78
CA GLU A 12 -1.23 -10.07 9.38
C GLU A 12 -0.76 -9.09 8.31
N VAL A 13 -1.41 -7.95 8.24
CA VAL A 13 -1.10 -6.97 7.21
C VAL A 13 -1.37 -5.53 7.66
N LEU A 14 -0.87 -4.59 6.87
CA LEU A 14 -1.05 -3.18 7.14
C LEU A 14 -2.33 -2.71 6.46
N SER A 15 -3.21 -2.00 7.19
CA SER A 15 -4.47 -1.56 6.61
C SER A 15 -4.89 -0.19 7.10
N PHE A 16 -5.69 0.46 6.28
CA PHE A 16 -6.20 1.80 6.55
C PHE A 16 -7.56 1.98 5.91
N GLU A 17 -8.28 3.00 6.33
CA GLU A 17 -9.58 3.29 5.76
C GLU A 17 -9.42 4.19 4.55
N ILE A 18 -10.02 3.78 3.45
CA ILE A 18 -9.93 4.51 2.19
C ILE A 18 -11.32 4.88 1.67
N ASP A 19 -11.82 6.04 2.11
CA ASP A 19 -13.13 6.53 1.69
C ASP A 19 -14.21 5.48 1.89
N GLU A 20 -14.39 5.06 3.13
CA GLU A 20 -15.38 4.05 3.50
C GLU A 20 -14.92 2.64 3.14
N GLN A 21 -14.16 2.52 2.05
CA GLN A 21 -13.64 1.25 1.61
C GLN A 21 -12.30 0.99 2.29
N ALA A 22 -12.03 -0.26 2.66
CA ALA A 22 -10.79 -0.58 3.35
C ALA A 22 -9.67 -0.91 2.37
N LEU A 23 -8.43 -0.78 2.86
CA LEU A 23 -7.27 -1.05 2.03
C LEU A 23 -6.07 -1.49 2.90
N ALA A 24 -5.33 -2.49 2.39
CA ALA A 24 -4.19 -3.04 3.11
C ALA A 24 -3.02 -3.37 2.19
N PHE A 25 -1.80 -3.18 2.70
CA PHE A 25 -0.56 -3.48 1.98
C PHE A 25 0.22 -4.53 2.78
N ASP A 26 0.79 -5.52 2.10
CA ASP A 26 1.54 -6.57 2.78
C ASP A 26 2.58 -5.98 3.74
N VAL A 27 2.49 -6.38 5.00
CA VAL A 27 3.40 -5.90 6.04
C VAL A 27 4.83 -6.34 5.78
N ASP A 28 5.03 -7.25 4.83
CA ASP A 28 6.37 -7.71 4.52
C ASP A 28 7.17 -6.58 3.88
N ASN A 29 6.49 -5.83 3.02
CA ASN A 29 7.10 -4.72 2.33
C ASN A 29 6.94 -3.43 3.15
N ILE A 30 5.73 -3.22 3.66
CA ILE A 30 5.43 -2.05 4.48
C ILE A 30 6.23 -2.11 5.78
N GLU A 31 6.93 -1.02 6.11
CA GLU A 31 7.74 -0.98 7.32
C GLU A 31 6.98 -0.33 8.49
N MET A 32 6.42 0.84 8.27
CA MET A 32 5.68 1.54 9.33
C MET A 32 4.90 2.73 8.78
N VAL A 33 3.85 3.10 9.50
CA VAL A 33 3.00 4.23 9.12
C VAL A 33 3.51 5.53 9.74
N ILE A 34 3.16 6.65 9.10
CA ILE A 34 3.58 7.97 9.57
C ILE A 34 2.56 9.03 9.20
N GLU A 35 2.28 9.94 10.13
CA GLU A 35 1.33 11.01 9.88
C GLU A 35 2.05 12.33 9.63
N LYS A 36 1.98 12.82 8.40
CA LYS A 36 2.64 14.07 8.04
C LYS A 36 2.20 14.54 6.66
N SER A 37 0.91 14.85 6.51
CA SER A 37 0.37 15.30 5.23
C SER A 37 1.14 16.51 4.70
N ASP A 38 0.66 17.09 3.62
CA ASP A 38 1.28 18.25 3.01
C ASP A 38 2.79 18.07 2.87
N ILE A 39 3.19 16.89 2.40
CA ILE A 39 4.60 16.59 2.22
C ILE A 39 5.16 17.23 0.96
N THR A 40 6.49 17.43 0.97
CA THR A 40 7.24 18.01 -0.16
C THR A 40 6.45 18.01 -1.47
N PRO A 41 5.53 18.97 -1.65
CA PRO A 41 4.70 19.07 -2.84
C PRO A 41 5.32 19.93 -3.96
N VAL A 42 5.75 21.14 -3.60
CA VAL A 42 6.34 22.06 -4.58
C VAL A 42 7.65 21.53 -5.16
N PRO A 43 8.55 21.00 -4.30
CA PRO A 43 9.84 20.47 -4.76
C PRO A 43 9.68 19.37 -5.80
N LYS A 44 8.91 18.34 -5.48
CA LYS A 44 8.67 17.22 -6.37
C LYS A 44 9.97 16.76 -7.06
N SER A 45 9.92 16.63 -8.39
CA SER A 45 11.06 16.21 -9.18
C SER A 45 11.45 14.76 -8.90
N ARG A 46 10.48 13.86 -9.04
CA ARG A 46 10.73 12.44 -8.81
C ARG A 46 9.67 11.57 -9.49
N HIS A 47 9.33 11.92 -10.72
CA HIS A 47 8.34 11.17 -11.48
C HIS A 47 6.99 11.10 -10.74
N PHE A 48 6.40 9.90 -10.67
CA PHE A 48 5.12 9.72 -10.00
C PHE A 48 5.17 10.22 -8.55
N VAL A 49 6.31 10.07 -7.91
CA VAL A 49 6.48 10.49 -6.53
C VAL A 49 5.92 11.91 -6.32
N GLU A 50 4.89 12.02 -5.49
CA GLU A 50 4.27 13.30 -5.21
C GLU A 50 5.08 14.10 -4.20
N GLY A 51 5.68 13.40 -3.24
CA GLY A 51 6.46 14.06 -2.21
C GLY A 51 7.59 13.21 -1.67
N VAL A 52 8.29 13.73 -0.66
CA VAL A 52 9.39 13.02 -0.04
C VAL A 52 9.57 13.49 1.40
N ILE A 53 10.40 12.78 2.15
CA ILE A 53 10.67 13.15 3.55
C ILE A 53 11.98 12.57 4.02
N ASN A 54 12.71 13.35 4.82
CA ASN A 54 14.00 12.92 5.34
C ASN A 54 13.85 12.18 6.66
N LEU A 55 14.61 11.10 6.83
CA LEU A 55 14.54 10.30 8.04
C LEU A 55 15.70 9.30 8.06
N ARG A 56 16.31 9.13 9.24
CA ARG A 56 17.44 8.22 9.42
C ARG A 56 18.47 8.45 8.32
N GLY A 57 18.84 9.70 8.11
CA GLY A 57 19.82 10.03 7.09
C GLY A 57 19.46 9.48 5.72
N ARG A 58 18.18 9.56 5.37
CA ARG A 58 17.72 9.07 4.07
C ARG A 58 16.32 9.59 3.76
N ILE A 59 16.16 10.17 2.58
CA ILE A 59 14.88 10.71 2.16
C ILE A 59 14.05 9.65 1.45
N ILE A 60 12.78 9.54 1.84
CA ILE A 60 11.88 8.56 1.23
C ILE A 60 10.78 9.23 0.42
N PRO A 61 10.61 8.83 -0.86
CA PRO A 61 9.59 9.39 -1.74
C PRO A 61 8.19 8.84 -1.44
N VAL A 62 7.27 9.74 -1.13
CA VAL A 62 5.90 9.36 -0.83
C VAL A 62 5.07 9.33 -2.11
N VAL A 63 4.36 8.22 -2.32
CA VAL A 63 3.52 8.05 -3.51
C VAL A 63 2.05 7.99 -3.12
N ASN A 64 1.20 7.76 -4.10
CA ASN A 64 -0.24 7.69 -3.88
C ASN A 64 -0.83 6.46 -4.57
N LEU A 65 -0.52 5.28 -4.05
CA LEU A 65 -1.01 4.04 -4.63
C LEU A 65 -2.52 4.07 -4.76
N ALA A 66 -3.19 4.66 -3.80
CA ALA A 66 -4.64 4.73 -3.84
C ALA A 66 -5.08 5.27 -5.20
N LYS A 67 -4.23 6.11 -5.79
CA LYS A 67 -4.49 6.70 -7.10
C LYS A 67 -4.11 5.74 -8.22
N ILE A 68 -2.95 5.09 -8.06
CA ILE A 68 -2.47 4.13 -9.05
C ILE A 68 -3.48 3.00 -9.17
N LEU A 69 -4.02 2.66 -8.01
CA LEU A 69 -5.02 1.64 -7.88
C LEU A 69 -6.39 2.22 -8.22
N GLY A 70 -6.74 3.32 -7.54
CA GLY A 70 -8.01 3.99 -7.76
C GLY A 70 -8.86 4.01 -6.49
N ILE A 71 -9.50 2.87 -6.17
CA ILE A 71 -10.34 2.76 -4.96
C ILE A 71 -11.27 3.95 -4.75
N SER A 72 -12.08 3.87 -3.69
CA SER A 72 -13.01 4.95 -3.35
C SER A 72 -12.24 6.25 -3.22
N PHE A 73 -11.04 6.13 -2.63
CA PHE A 73 -10.11 7.24 -2.46
C PHE A 73 -10.32 8.37 -3.47
N ASP A 74 -10.19 9.60 -2.98
CA ASP A 74 -10.34 10.79 -3.80
C ASP A 74 -9.95 12.03 -3.01
N GLU A 75 -8.92 11.90 -2.18
CA GLU A 75 -8.44 13.00 -1.35
C GLU A 75 -9.56 13.61 -0.51
N GLN A 76 -10.48 12.75 -0.07
CA GLN A 76 -11.60 13.20 0.73
C GLN A 76 -11.22 13.38 2.20
N LYS A 77 -10.79 12.30 2.84
CA LYS A 77 -10.40 12.34 4.24
C LYS A 77 -8.88 12.33 4.41
N MET A 78 -8.17 11.78 3.42
CA MET A 78 -6.71 11.68 3.43
C MET A 78 -6.03 12.63 4.42
N LYS A 79 -5.04 12.11 5.13
CA LYS A 79 -4.31 12.89 6.12
C LYS A 79 -3.06 12.16 6.64
N SER A 80 -3.15 10.83 6.75
CA SER A 80 -2.04 10.03 7.24
C SER A 80 -1.10 9.61 6.10
N ILE A 81 -0.10 8.80 6.43
CA ILE A 81 0.88 8.33 5.44
C ILE A 81 1.47 6.98 5.85
N ILE A 82 1.99 6.23 4.88
CA ILE A 82 2.58 4.93 5.15
C ILE A 82 3.95 4.79 4.46
N VAL A 83 4.89 4.17 5.17
CA VAL A 83 6.23 3.98 4.62
C VAL A 83 6.47 2.51 4.30
N ALA A 84 7.35 2.27 3.33
CA ALA A 84 7.66 0.91 2.88
C ALA A 84 9.05 0.84 2.26
N ARG A 85 9.52 -0.38 2.00
CA ARG A 85 10.81 -0.60 1.37
C ARG A 85 10.65 -1.54 0.18
N THR A 86 11.23 -1.18 -0.95
CA THR A 86 11.13 -1.99 -2.15
C THR A 86 12.36 -1.89 -3.02
N LYS A 87 13.14 -2.96 -3.08
CA LYS A 87 14.34 -2.97 -3.92
C LYS A 87 15.17 -1.71 -3.68
N ASP A 88 15.60 -1.56 -2.43
CA ASP A 88 16.36 -0.40 -2.00
C ASP A 88 15.64 0.90 -2.30
N VAL A 89 14.32 0.83 -2.24
CA VAL A 89 13.46 2.01 -2.44
C VAL A 89 12.54 2.14 -1.25
N GLU A 90 12.76 3.14 -0.41
CA GLU A 90 11.88 3.30 0.72
C GLU A 90 10.73 4.18 0.25
N VAL A 91 9.69 3.47 -0.15
CA VAL A 91 8.51 4.08 -0.75
C VAL A 91 7.48 4.48 0.28
N GLY A 92 6.67 5.43 -0.10
CA GLY A 92 5.62 5.92 0.78
C GLY A 92 4.26 5.94 0.11
N PHE A 93 3.21 6.10 0.90
CA PHE A 93 1.85 6.14 0.38
C PHE A 93 0.94 6.97 1.28
N LEU A 94 0.16 7.86 0.67
CA LEU A 94 -0.74 8.73 1.42
C LEU A 94 -2.11 8.07 1.65
N VAL A 95 -2.51 8.04 2.91
CA VAL A 95 -3.79 7.48 3.31
C VAL A 95 -4.47 8.38 4.32
N ASP A 96 -5.61 7.96 4.86
CA ASP A 96 -6.35 8.80 5.80
C ASP A 96 -6.11 8.38 7.24
N ARG A 97 -6.46 7.14 7.53
CA ARG A 97 -6.28 6.58 8.85
C ARG A 97 -5.91 5.12 8.72
N VAL A 98 -4.73 4.79 9.18
CA VAL A 98 -4.25 3.43 9.07
C VAL A 98 -4.39 2.68 10.37
N LEU A 99 -5.18 1.62 10.28
CA LEU A 99 -5.48 0.74 11.39
C LEU A 99 -4.24 -0.01 11.83
N GLY A 100 -3.34 -0.23 10.88
CA GLY A 100 -2.12 -0.97 11.16
C GLY A 100 -2.32 -2.46 10.98
N VAL A 101 -2.01 -3.24 12.00
CA VAL A 101 -2.18 -4.69 11.92
C VAL A 101 -3.58 -5.04 11.46
N LEU A 102 -3.68 -5.93 10.48
CA LEU A 102 -4.97 -6.33 9.94
C LEU A 102 -5.05 -7.83 9.75
N ARG A 103 -6.21 -8.38 10.05
CA ARG A 103 -6.44 -9.81 9.91
C ARG A 103 -6.93 -10.16 8.51
N ILE A 104 -6.03 -10.04 7.53
CA ILE A 104 -6.38 -10.39 6.16
C ILE A 104 -6.10 -11.87 5.97
N THR A 105 -7.00 -12.58 5.31
CA THR A 105 -6.80 -13.99 5.08
C THR A 105 -6.04 -14.16 3.78
N GLU A 106 -5.84 -15.38 3.34
CA GLU A 106 -5.08 -15.57 2.12
C GLU A 106 -5.50 -16.80 1.35
N ASN A 107 -6.61 -16.67 0.68
CA ASN A 107 -7.13 -17.70 -0.18
C ASN A 107 -7.03 -17.19 -1.60
N GLN A 108 -6.13 -16.23 -1.81
CA GLN A 108 -5.91 -15.63 -3.11
C GLN A 108 -4.55 -14.97 -3.21
N LEU A 109 -3.54 -15.79 -3.04
CA LEU A 109 -2.15 -15.34 -3.11
C LEU A 109 -1.21 -16.48 -3.50
N ASP A 110 -1.42 -17.65 -2.91
CA ASP A 110 -0.57 -18.81 -3.20
C ASP A 110 -1.16 -20.08 -2.62
N LEU A 111 -0.76 -21.21 -3.20
CA LEU A 111 -1.26 -22.52 -2.76
C LEU A 111 -2.74 -22.63 -3.05
N THR A 112 -3.07 -23.27 -4.18
CA THR A 112 -4.44 -23.46 -4.59
C THR A 112 -5.23 -22.14 -4.53
N ASN A 113 -4.64 -21.09 -5.08
CA ASN A 113 -5.26 -19.78 -5.10
C ASN A 113 -4.67 -18.91 -6.21
N VAL A 114 -5.53 -18.23 -6.95
CA VAL A 114 -5.14 -17.38 -8.04
C VAL A 114 -6.36 -16.74 -8.68
N SER A 115 -6.42 -15.41 -8.61
CA SER A 115 -7.53 -14.67 -9.18
C SER A 115 -7.23 -13.18 -9.22
N ASP A 116 -7.75 -12.49 -10.23
CA ASP A 116 -7.53 -11.06 -10.39
C ASP A 116 -7.87 -10.31 -9.11
N LYS A 117 -9.03 -10.59 -8.54
CA LYS A 117 -9.47 -9.95 -7.30
C LYS A 117 -9.90 -8.50 -7.54
N PHE A 118 -8.98 -7.68 -8.03
CA PHE A 118 -9.30 -6.27 -8.29
C PHE A 118 -9.67 -6.06 -9.76
N GLY A 119 -8.70 -6.24 -10.63
CA GLY A 119 -8.93 -6.05 -12.06
C GLY A 119 -7.68 -5.70 -12.83
N LYS A 120 -6.80 -4.91 -12.20
CA LYS A 120 -5.57 -4.48 -12.81
C LYS A 120 -4.85 -3.52 -11.89
N LYS A 121 -3.61 -3.85 -11.58
CA LYS A 121 -2.77 -3.04 -10.70
C LYS A 121 -3.23 -3.18 -9.26
N SER A 122 -2.34 -3.71 -8.42
CA SER A 122 -2.66 -3.93 -7.02
C SER A 122 -3.92 -4.76 -6.94
N LYS A 123 -3.94 -5.82 -7.74
CA LYS A 123 -5.09 -6.68 -7.84
C LYS A 123 -5.26 -7.64 -6.65
N GLY A 124 -5.17 -7.12 -5.42
CA GLY A 124 -5.35 -7.99 -4.27
C GLY A 124 -6.68 -7.73 -3.55
N LEU A 125 -7.75 -7.64 -4.31
CA LEU A 125 -9.07 -7.39 -3.72
C LEU A 125 -9.38 -8.39 -2.60
N VAL A 126 -10.00 -7.91 -1.54
CA VAL A 126 -10.35 -8.75 -0.39
C VAL A 126 -11.64 -8.27 0.29
N LYS A 127 -12.25 -9.16 1.05
CA LYS A 127 -13.48 -8.86 1.76
C LYS A 127 -13.74 -9.92 2.84
N THR A 128 -14.14 -9.48 4.03
CA THR A 128 -14.40 -10.37 5.13
C THR A 128 -15.24 -9.68 6.20
N ASP A 129 -16.04 -10.48 6.91
CA ASP A 129 -16.90 -9.95 7.97
C ASP A 129 -17.80 -8.85 7.43
N GLY A 130 -18.43 -9.12 6.30
CA GLY A 130 -19.30 -8.13 5.68
C GLY A 130 -18.62 -6.79 5.53
N ARG A 131 -17.32 -6.83 5.25
CA ARG A 131 -16.55 -5.61 5.09
C ARG A 131 -15.61 -5.73 3.89
N LEU A 132 -15.58 -4.72 3.04
CA LEU A 132 -14.73 -4.73 1.86
C LEU A 132 -13.35 -4.17 2.16
N ILE A 133 -12.32 -4.80 1.61
CA ILE A 133 -10.94 -4.36 1.80
C ILE A 133 -10.12 -4.62 0.55
N ILE A 134 -9.30 -3.63 0.17
CA ILE A 134 -8.43 -3.77 -0.98
C ILE A 134 -7.05 -4.22 -0.52
N TYR A 135 -6.48 -5.23 -1.17
CA TYR A 135 -5.16 -5.72 -0.78
C TYR A 135 -4.17 -5.58 -1.93
N LEU A 136 -2.94 -5.27 -1.58
CA LEU A 136 -1.91 -5.06 -2.57
C LEU A 136 -0.52 -5.40 -2.01
N ASP A 137 0.24 -6.19 -2.78
CA ASP A 137 1.59 -6.62 -2.36
C ASP A 137 2.66 -5.69 -2.93
N ILE A 138 2.31 -4.41 -3.02
CA ILE A 138 3.17 -3.35 -3.53
C ILE A 138 4.05 -3.75 -4.73
N ASP A 139 3.69 -4.82 -5.42
CA ASP A 139 4.48 -5.29 -6.56
C ASP A 139 4.27 -4.45 -7.82
N LYS A 140 3.03 -4.36 -8.27
CA LYS A 140 2.71 -3.61 -9.49
C LYS A 140 2.73 -2.12 -9.24
N ILE A 141 2.44 -1.73 -8.01
CA ILE A 141 2.42 -0.35 -7.61
C ILE A 141 3.83 0.22 -7.57
N ILE A 142 4.76 -0.50 -6.96
CA ILE A 142 6.14 -0.03 -6.90
C ILE A 142 6.78 -0.01 -8.28
N GLU A 143 6.63 -1.11 -9.04
CA GLU A 143 7.18 -1.17 -10.38
C GLU A 143 6.76 0.07 -11.16
N GLU A 144 5.49 0.42 -11.00
CA GLU A 144 4.94 1.60 -11.65
C GLU A 144 5.42 2.88 -10.98
N ILE A 145 5.72 2.80 -9.69
CA ILE A 145 6.20 3.96 -8.94
C ILE A 145 7.42 4.57 -9.63
N THR A 146 8.33 3.71 -10.06
CA THR A 146 9.55 4.17 -10.74
C THR A 146 9.35 4.37 -12.24
N VAL A 147 8.84 3.35 -12.91
CA VAL A 147 8.63 3.40 -14.37
C VAL A 147 7.30 4.06 -14.76
N LYS A 148 6.65 4.72 -13.81
CA LYS A 148 5.35 5.35 -14.06
C LYS A 148 5.31 6.01 -15.44
N GLU A 149 6.25 6.93 -15.69
CA GLU A 149 6.33 7.63 -16.97
C GLU A 149 7.46 8.64 -16.97
N GLY A 150 8.24 8.64 -18.03
CA GLY A 150 9.36 9.56 -18.13
C GLY A 150 8.91 11.00 -18.29
N VAL A 151 7.94 11.22 -19.19
CA VAL A 151 7.41 12.56 -19.44
C VAL A 151 8.51 13.60 -19.55
N MET A 1 15.30 -25.25 4.52
CA MET A 1 14.12 -25.27 5.43
C MET A 1 13.11 -24.20 5.03
N LYS A 2 11.84 -24.58 5.01
CA LYS A 2 10.76 -23.65 4.64
C LYS A 2 10.74 -22.44 5.58
N THR A 3 10.87 -22.70 6.88
CA THR A 3 10.86 -21.64 7.89
C THR A 3 9.48 -21.00 8.02
N LEU A 4 8.94 -20.51 6.91
CA LEU A 4 7.63 -19.88 6.91
C LEU A 4 6.56 -20.84 7.45
N ALA A 5 6.78 -22.14 7.24
CA ALA A 5 5.85 -23.15 7.68
C ALA A 5 4.53 -23.08 6.93
N ASP A 6 4.06 -24.24 6.48
CA ASP A 6 2.80 -24.32 5.73
C ASP A 6 1.63 -23.80 6.57
N ALA A 7 0.75 -23.05 5.93
CA ALA A 7 -0.42 -22.49 6.62
C ALA A 7 -1.26 -21.65 5.68
N LEU A 8 -2.58 -21.77 5.80
CA LEU A 8 -3.50 -21.02 4.95
C LEU A 8 -4.78 -20.68 5.72
N LYS A 9 -4.61 -20.26 6.97
CA LYS A 9 -5.75 -19.91 7.81
C LYS A 9 -6.10 -18.44 7.65
N GLU A 10 -5.18 -17.56 8.06
CA GLU A 10 -5.41 -16.13 7.97
C GLU A 10 -4.12 -15.36 7.83
N PHE A 11 -4.28 -14.12 7.43
CA PHE A 11 -3.18 -13.26 7.13
C PHE A 11 -3.10 -12.03 8.04
N GLU A 12 -1.93 -11.82 8.63
CA GLU A 12 -1.68 -10.65 9.44
C GLU A 12 -1.17 -9.56 8.50
N VAL A 13 -1.80 -8.41 8.52
CA VAL A 13 -1.42 -7.36 7.56
C VAL A 13 -1.66 -5.93 8.04
N LEU A 14 -1.10 -4.98 7.31
CA LEU A 14 -1.26 -3.55 7.60
C LEU A 14 -2.52 -3.07 6.86
N SER A 15 -3.36 -2.24 7.49
CA SER A 15 -4.58 -1.81 6.82
C SER A 15 -5.02 -0.42 7.24
N PHE A 16 -5.85 0.17 6.37
CA PHE A 16 -6.39 1.49 6.59
C PHE A 16 -7.72 1.64 5.87
N GLU A 17 -8.46 2.68 6.22
CA GLU A 17 -9.74 2.92 5.59
C GLU A 17 -9.56 3.77 4.33
N ILE A 18 -10.27 3.39 3.29
CA ILE A 18 -10.17 4.07 2.00
C ILE A 18 -11.55 4.33 1.41
N ASP A 19 -12.09 5.51 1.70
CA ASP A 19 -13.40 5.91 1.19
C ASP A 19 -14.44 4.81 1.31
N GLU A 20 -14.67 4.39 2.54
CA GLU A 20 -15.66 3.34 2.88
C GLU A 20 -15.05 1.94 2.74
N GLN A 21 -14.27 1.71 1.69
CA GLN A 21 -13.65 0.41 1.50
C GLN A 21 -12.30 0.39 2.20
N ALA A 22 -11.91 -0.76 2.73
CA ALA A 22 -10.64 -0.86 3.44
C ALA A 22 -9.53 -1.22 2.48
N LEU A 23 -8.29 -1.07 2.94
CA LEU A 23 -7.13 -1.35 2.11
C LEU A 23 -5.97 -1.85 2.97
N ALA A 24 -5.25 -2.85 2.48
CA ALA A 24 -4.16 -3.45 3.24
C ALA A 24 -2.95 -3.84 2.37
N PHE A 25 -1.76 -3.72 2.96
CA PHE A 25 -0.50 -4.09 2.31
C PHE A 25 0.23 -5.10 3.19
N ASP A 26 0.91 -6.06 2.57
CA ASP A 26 1.64 -7.07 3.33
C ASP A 26 2.59 -6.40 4.31
N VAL A 27 2.44 -6.72 5.59
CA VAL A 27 3.29 -6.14 6.63
C VAL A 27 4.76 -6.44 6.37
N ASP A 28 5.04 -7.38 5.48
CA ASP A 28 6.41 -7.73 5.15
C ASP A 28 7.13 -6.53 4.54
N ASN A 29 6.44 -5.84 3.64
CA ASN A 29 6.99 -4.68 2.97
C ASN A 29 6.80 -3.42 3.82
N ILE A 30 5.58 -3.23 4.32
CA ILE A 30 5.25 -2.07 5.13
C ILE A 30 6.11 -2.02 6.39
N GLU A 31 6.68 -0.85 6.67
CA GLU A 31 7.52 -0.67 7.85
C GLU A 31 6.73 -0.10 9.03
N MET A 32 6.15 1.08 8.85
CA MET A 32 5.37 1.71 9.90
C MET A 32 4.60 2.93 9.36
N VAL A 33 3.52 3.29 10.03
CA VAL A 33 2.69 4.42 9.62
C VAL A 33 3.19 5.73 10.23
N ILE A 34 3.07 6.81 9.46
CA ILE A 34 3.49 8.12 9.92
C ILE A 34 2.46 9.19 9.51
N GLU A 35 2.15 10.10 10.42
CA GLU A 35 1.17 11.15 10.14
C GLU A 35 1.87 12.37 9.53
N LYS A 36 1.45 12.73 8.32
CA LYS A 36 2.02 13.88 7.62
C LYS A 36 1.10 14.33 6.49
N SER A 37 1.24 15.60 6.09
CA SER A 37 0.41 16.15 5.02
C SER A 37 0.95 17.50 4.56
N ASP A 38 2.26 17.59 4.53
CA ASP A 38 2.94 18.80 4.12
C ASP A 38 4.42 18.53 3.90
N ILE A 39 4.71 17.43 3.23
CA ILE A 39 6.09 17.03 2.94
C ILE A 39 6.55 17.53 1.57
N THR A 40 7.78 18.02 1.52
CA THR A 40 8.38 18.47 0.27
C THR A 40 7.38 19.18 -0.64
N PRO A 41 7.05 20.45 -0.33
CA PRO A 41 6.10 21.23 -1.11
C PRO A 41 6.75 21.96 -2.30
N VAL A 42 7.86 22.64 -2.04
CA VAL A 42 8.55 23.40 -3.08
C VAL A 42 9.50 22.55 -3.94
N PRO A 43 10.13 21.50 -3.38
CA PRO A 43 11.06 20.66 -4.15
C PRO A 43 10.45 20.09 -5.43
N LYS A 44 9.34 19.38 -5.28
CA LYS A 44 8.66 18.78 -6.43
C LYS A 44 9.63 17.88 -7.21
N SER A 45 9.67 18.05 -8.54
CA SER A 45 10.55 17.27 -9.41
C SER A 45 10.01 15.87 -9.68
N ARG A 46 9.55 15.18 -8.64
CA ARG A 46 9.01 13.84 -8.78
C ARG A 46 7.74 13.81 -9.63
N HIS A 47 6.97 14.89 -9.58
CA HIS A 47 5.71 15.00 -10.33
C HIS A 47 4.65 14.07 -9.75
N PHE A 48 4.90 12.76 -9.80
CA PHE A 48 3.95 11.79 -9.27
C PHE A 48 3.89 11.89 -7.75
N VAL A 49 5.07 12.00 -7.15
CA VAL A 49 5.18 12.11 -5.70
C VAL A 49 4.87 13.52 -5.21
N GLU A 50 4.09 13.59 -4.14
CA GLU A 50 3.71 14.87 -3.56
C GLU A 50 4.74 15.32 -2.53
N GLY A 51 5.21 14.36 -1.73
CA GLY A 51 6.18 14.68 -0.70
C GLY A 51 7.33 13.71 -0.62
N VAL A 52 8.42 14.14 0.01
CA VAL A 52 9.61 13.33 0.18
C VAL A 52 10.45 13.90 1.32
N ILE A 53 11.46 13.15 1.75
CA ILE A 53 12.33 13.60 2.84
C ILE A 53 13.66 12.87 2.81
N ASN A 54 14.73 13.59 3.13
CA ASN A 54 16.07 13.01 3.13
C ASN A 54 16.41 12.41 4.49
N LEU A 55 17.09 11.27 4.47
CA LEU A 55 17.49 10.58 5.69
C LEU A 55 18.49 9.48 5.37
N ARG A 56 19.57 9.42 6.14
CA ARG A 56 20.62 8.42 5.92
C ARG A 56 21.07 8.41 4.46
N GLY A 57 21.29 9.60 3.92
CA GLY A 57 21.71 9.72 2.54
C GLY A 57 20.77 9.06 1.56
N ARG A 58 19.46 9.17 1.83
CA ARG A 58 18.44 8.58 0.96
C ARG A 58 17.10 9.28 1.16
N ILE A 59 16.53 9.79 0.09
CA ILE A 59 15.25 10.48 0.14
C ILE A 59 14.09 9.51 -0.09
N ILE A 60 13.13 9.52 0.83
CA ILE A 60 11.97 8.65 0.72
C ILE A 60 10.81 9.40 0.05
N PRO A 61 10.12 8.76 -0.91
CA PRO A 61 9.02 9.37 -1.64
C PRO A 61 7.64 8.96 -1.12
N VAL A 62 6.85 9.95 -0.72
CA VAL A 62 5.49 9.71 -0.25
C VAL A 62 4.52 10.11 -1.35
N VAL A 63 3.61 9.20 -1.71
CA VAL A 63 2.67 9.48 -2.79
C VAL A 63 1.27 8.98 -2.51
N ASN A 64 0.33 9.55 -3.24
CA ASN A 64 -1.06 9.15 -3.13
C ASN A 64 -1.25 7.83 -3.85
N LEU A 65 -0.76 6.76 -3.24
CA LEU A 65 -0.84 5.43 -3.84
C LEU A 65 -2.27 5.09 -4.23
N ALA A 66 -3.22 5.48 -3.42
CA ALA A 66 -4.60 5.20 -3.72
C ALA A 66 -4.99 5.85 -5.06
N LYS A 67 -4.18 6.83 -5.49
CA LYS A 67 -4.39 7.53 -6.77
C LYS A 67 -3.75 6.75 -7.90
N ILE A 68 -2.49 6.32 -7.70
CA ILE A 68 -1.77 5.54 -8.69
C ILE A 68 -2.62 4.35 -9.05
N LEU A 69 -3.31 3.88 -8.03
CA LEU A 69 -4.23 2.78 -8.14
C LEU A 69 -5.61 3.28 -8.58
N GLY A 70 -6.14 4.23 -7.80
CA GLY A 70 -7.45 4.79 -8.08
C GLY A 70 -8.41 4.61 -6.90
N ILE A 71 -9.03 3.42 -6.82
CA ILE A 71 -9.98 3.09 -5.73
C ILE A 71 -10.97 4.22 -5.47
N SER A 72 -11.89 3.98 -4.51
CA SER A 72 -12.90 4.98 -4.15
C SER A 72 -12.20 6.29 -3.80
N PHE A 73 -11.06 6.16 -3.12
CA PHE A 73 -10.22 7.29 -2.74
C PHE A 73 -10.25 8.43 -3.77
N ASP A 74 -10.20 9.66 -3.27
CA ASP A 74 -10.22 10.85 -4.12
C ASP A 74 -9.82 12.09 -3.32
N GLU A 75 -8.86 11.91 -2.41
CA GLU A 75 -8.37 13.00 -1.57
C GLU A 75 -9.50 13.66 -0.82
N GLN A 76 -10.45 12.87 -0.34
CA GLN A 76 -11.60 13.38 0.38
C GLN A 76 -11.38 13.37 1.89
N LYS A 77 -10.96 12.21 2.42
CA LYS A 77 -10.74 12.07 3.86
C LYS A 77 -9.27 11.91 4.23
N MET A 78 -8.46 11.42 3.29
CA MET A 78 -7.03 11.19 3.52
C MET A 78 -6.39 12.27 4.41
N LYS A 79 -5.45 11.85 5.26
CA LYS A 79 -4.76 12.77 6.17
C LYS A 79 -3.43 12.21 6.66
N SER A 80 -3.40 10.92 6.99
CA SER A 80 -2.19 10.27 7.48
C SER A 80 -1.34 9.72 6.35
N ILE A 81 -0.25 9.03 6.70
CA ILE A 81 0.66 8.45 5.71
C ILE A 81 1.27 7.15 6.21
N ILE A 82 1.65 6.29 5.27
CA ILE A 82 2.26 4.99 5.60
C ILE A 82 3.65 4.89 5.01
N VAL A 83 4.56 4.24 5.73
CA VAL A 83 5.92 4.06 5.26
C VAL A 83 6.20 2.59 4.94
N ALA A 84 7.08 2.36 3.97
CA ALA A 84 7.43 1.02 3.54
C ALA A 84 8.83 0.97 2.96
N ARG A 85 9.30 -0.22 2.63
CA ARG A 85 10.62 -0.42 2.04
C ARG A 85 10.53 -1.42 0.89
N THR A 86 11.11 -1.07 -0.25
CA THR A 86 11.06 -1.95 -1.42
C THR A 86 12.35 -1.87 -2.24
N LYS A 87 13.14 -2.93 -2.20
CA LYS A 87 14.38 -3.01 -2.97
C LYS A 87 15.20 -1.74 -2.79
N ASP A 88 15.38 -1.36 -1.54
CA ASP A 88 16.13 -0.17 -1.18
C ASP A 88 15.35 1.10 -1.50
N VAL A 89 14.03 0.99 -1.41
CA VAL A 89 13.14 2.13 -1.63
C VAL A 89 12.20 2.25 -0.45
N GLU A 90 12.38 3.26 0.37
CA GLU A 90 11.47 3.43 1.47
C GLU A 90 10.33 4.27 0.95
N VAL A 91 9.28 3.56 0.59
CA VAL A 91 8.12 4.14 -0.06
C VAL A 91 7.08 4.61 0.94
N GLY A 92 6.26 5.54 0.48
CA GLY A 92 5.23 6.10 1.33
C GLY A 92 3.90 6.32 0.61
N PHE A 93 2.81 6.25 1.37
CA PHE A 93 1.47 6.43 0.81
C PHE A 93 0.58 7.23 1.76
N LEU A 94 -0.14 8.20 1.21
CA LEU A 94 -1.03 9.05 2.01
C LEU A 94 -2.43 8.45 2.14
N VAL A 95 -2.81 8.09 3.36
CA VAL A 95 -4.11 7.53 3.64
C VAL A 95 -4.86 8.37 4.67
N ASP A 96 -6.04 7.90 5.09
CA ASP A 96 -6.86 8.65 6.03
C ASP A 96 -6.72 8.14 7.45
N ARG A 97 -7.06 6.87 7.63
CA ARG A 97 -6.97 6.24 8.93
C ARG A 97 -6.49 4.82 8.77
N VAL A 98 -5.29 4.58 9.28
CA VAL A 98 -4.71 3.26 9.17
C VAL A 98 -4.88 2.49 10.46
N LEU A 99 -5.72 1.47 10.35
CA LEU A 99 -6.08 0.59 11.44
C LEU A 99 -4.87 -0.15 11.97
N GLY A 100 -3.91 -0.38 11.08
CA GLY A 100 -2.73 -1.12 11.46
C GLY A 100 -2.92 -2.60 11.24
N VAL A 101 -2.74 -3.40 12.30
CA VAL A 101 -2.92 -4.83 12.20
C VAL A 101 -4.30 -5.16 11.62
N LEU A 102 -4.35 -6.04 10.63
CA LEU A 102 -5.59 -6.40 9.99
C LEU A 102 -5.69 -7.89 9.77
N ARG A 103 -6.90 -8.41 9.93
CA ARG A 103 -7.14 -9.84 9.76
C ARG A 103 -7.49 -10.17 8.30
N ILE A 104 -6.48 -10.25 7.46
CA ILE A 104 -6.67 -10.60 6.06
C ILE A 104 -6.61 -12.12 5.96
N THR A 105 -6.81 -12.69 4.78
CA THR A 105 -6.75 -14.13 4.61
C THR A 105 -5.92 -14.45 3.38
N GLU A 106 -5.82 -15.71 3.02
CA GLU A 106 -5.02 -16.07 1.87
C GLU A 106 -5.70 -17.09 0.99
N ASN A 107 -6.61 -16.57 0.19
CA ASN A 107 -7.32 -17.36 -0.78
C ASN A 107 -7.03 -16.77 -2.15
N GLN A 108 -5.90 -16.06 -2.23
CA GLN A 108 -5.52 -15.41 -3.48
C GLN A 108 -4.00 -15.27 -3.65
N LEU A 109 -3.25 -15.29 -2.56
CA LEU A 109 -1.80 -15.15 -2.63
C LEU A 109 -1.18 -16.24 -3.52
N ASP A 110 0.13 -16.41 -3.41
CA ASP A 110 0.85 -17.41 -4.21
C ASP A 110 0.49 -18.83 -3.77
N LEU A 111 0.45 -19.07 -2.47
CA LEU A 111 0.15 -20.40 -1.95
C LEU A 111 -1.17 -20.93 -2.52
N THR A 112 -2.24 -20.15 -2.39
CA THR A 112 -3.54 -20.56 -2.91
C THR A 112 -3.47 -20.78 -4.41
N ASN A 113 -2.48 -20.16 -5.05
CA ASN A 113 -2.28 -20.26 -6.49
C ASN A 113 -3.26 -19.40 -7.27
N VAL A 114 -3.43 -18.16 -6.84
CA VAL A 114 -4.34 -17.24 -7.50
C VAL A 114 -3.86 -15.80 -7.32
N SER A 115 -2.56 -15.59 -7.51
CA SER A 115 -1.95 -14.28 -7.33
C SER A 115 -2.21 -13.33 -8.52
N ASP A 116 -3.45 -13.27 -8.99
CA ASP A 116 -3.79 -12.37 -10.09
C ASP A 116 -3.59 -10.93 -9.63
N LYS A 117 -4.24 -10.61 -8.52
CA LYS A 117 -4.15 -9.30 -7.90
C LYS A 117 -4.64 -8.17 -8.78
N PHE A 118 -5.75 -7.59 -8.36
CA PHE A 118 -6.34 -6.44 -9.04
C PHE A 118 -6.68 -6.78 -10.49
N GLY A 119 -6.79 -8.06 -10.79
CA GLY A 119 -7.09 -8.47 -12.15
C GLY A 119 -5.90 -8.33 -13.07
N LYS A 120 -5.18 -7.21 -12.95
CA LYS A 120 -4.01 -6.97 -13.79
C LYS A 120 -3.06 -5.96 -13.12
N LYS A 121 -2.93 -6.06 -11.80
CA LYS A 121 -2.06 -5.18 -11.04
C LYS A 121 -1.65 -5.81 -9.71
N SER A 122 -2.10 -5.26 -8.58
CA SER A 122 -1.75 -5.82 -7.27
C SER A 122 -2.87 -5.73 -6.28
N LYS A 123 -3.51 -4.57 -6.23
CA LYS A 123 -4.58 -4.30 -5.28
C LYS A 123 -5.67 -5.36 -5.34
N GLY A 124 -5.27 -6.61 -5.17
CA GLY A 124 -6.21 -7.71 -5.18
C GLY A 124 -7.36 -7.48 -4.23
N LEU A 125 -8.59 -7.66 -4.74
CA LEU A 125 -9.76 -7.43 -3.93
C LEU A 125 -9.92 -8.50 -2.85
N VAL A 126 -10.07 -8.04 -1.63
CA VAL A 126 -10.25 -8.89 -0.47
C VAL A 126 -11.55 -8.52 0.25
N LYS A 127 -12.09 -9.48 0.98
CA LYS A 127 -13.33 -9.28 1.71
C LYS A 127 -13.44 -10.21 2.90
N THR A 128 -14.02 -9.72 4.00
CA THR A 128 -14.18 -10.48 5.19
C THR A 128 -15.40 -9.99 5.99
N ASP A 129 -16.15 -10.92 6.56
CA ASP A 129 -17.34 -10.60 7.33
C ASP A 129 -18.19 -9.57 6.61
N GLY A 130 -18.44 -9.81 5.33
CA GLY A 130 -19.25 -8.90 4.55
C GLY A 130 -18.65 -7.52 4.51
N ARG A 131 -17.32 -7.46 4.34
CA ARG A 131 -16.62 -6.18 4.30
C ARG A 131 -15.70 -6.11 3.08
N LEU A 132 -15.70 -4.97 2.40
CA LEU A 132 -14.87 -4.78 1.22
C LEU A 132 -13.50 -4.25 1.61
N ILE A 133 -12.46 -4.78 0.97
CA ILE A 133 -11.09 -4.35 1.26
C ILE A 133 -10.15 -4.63 0.09
N ILE A 134 -9.18 -3.74 -0.13
CA ILE A 134 -8.18 -3.95 -1.16
C ILE A 134 -6.92 -4.49 -0.51
N TYR A 135 -6.18 -5.34 -1.21
CA TYR A 135 -4.95 -5.88 -0.65
C TYR A 135 -3.87 -5.99 -1.71
N LEU A 136 -2.61 -5.89 -1.29
CA LEU A 136 -1.52 -5.98 -2.25
C LEU A 136 -0.15 -6.12 -1.60
N ASP A 137 0.76 -6.78 -2.31
CA ASP A 137 2.12 -7.00 -1.85
C ASP A 137 3.05 -5.92 -2.40
N ILE A 138 2.49 -4.73 -2.57
CA ILE A 138 3.18 -3.55 -3.09
C ILE A 138 4.17 -3.87 -4.22
N ASP A 139 3.97 -4.97 -4.93
CA ASP A 139 4.88 -5.37 -6.01
C ASP A 139 4.69 -4.55 -7.28
N LYS A 140 3.50 -4.56 -7.84
CA LYS A 140 3.24 -3.83 -9.09
C LYS A 140 3.07 -2.35 -8.81
N ILE A 141 2.54 -2.04 -7.63
CA ILE A 141 2.33 -0.67 -7.24
C ILE A 141 3.67 0.04 -7.09
N ILE A 142 4.63 -0.61 -6.43
CA ILE A 142 5.94 -0.02 -6.27
C ILE A 142 6.64 0.11 -7.62
N GLU A 143 6.61 -0.95 -8.42
CA GLU A 143 7.24 -0.92 -9.73
C GLU A 143 6.83 0.33 -10.49
N GLU A 144 5.56 0.69 -10.37
CA GLU A 144 5.03 1.88 -11.00
C GLU A 144 5.62 3.13 -10.34
N ILE A 145 5.80 3.06 -9.02
CA ILE A 145 6.36 4.17 -8.27
C ILE A 145 7.70 4.61 -8.87
N THR A 146 8.53 3.64 -9.25
CA THR A 146 9.83 3.92 -9.82
C THR A 146 9.73 4.38 -11.28
N VAL A 147 8.99 3.63 -12.09
CA VAL A 147 8.82 3.95 -13.50
C VAL A 147 7.86 5.12 -13.71
N LYS A 148 7.36 5.70 -12.61
CA LYS A 148 6.43 6.81 -12.69
C LYS A 148 6.90 7.88 -13.68
N GLU A 149 8.19 8.20 -13.61
CA GLU A 149 8.79 9.18 -14.51
C GLU A 149 8.67 8.75 -15.96
N GLY A 150 8.33 9.69 -16.83
CA GLY A 150 8.19 9.39 -18.24
C GLY A 150 7.88 10.61 -19.08
N VAL A 151 6.95 11.44 -18.58
CA VAL A 151 6.55 12.66 -19.27
C VAL A 151 6.34 12.41 -20.77
N MET A 1 3.34 -21.12 13.94
CA MET A 1 4.81 -21.33 13.90
C MET A 1 5.15 -22.74 13.44
N LYS A 2 6.18 -22.86 12.61
CA LYS A 2 6.60 -24.17 12.11
C LYS A 2 7.92 -24.05 11.34
N THR A 3 7.89 -23.31 10.24
CA THR A 3 9.07 -23.09 9.41
C THR A 3 8.70 -22.38 8.11
N LEU A 4 7.62 -22.85 7.49
CA LEU A 4 7.14 -22.27 6.24
C LEU A 4 6.56 -20.88 6.48
N ALA A 5 5.82 -20.74 7.57
CA ALA A 5 5.19 -19.46 7.91
C ALA A 5 4.20 -19.03 6.84
N ASP A 6 3.33 -19.96 6.44
CA ASP A 6 2.34 -19.69 5.42
C ASP A 6 1.17 -20.67 5.52
N ALA A 7 -0.03 -20.20 5.19
CA ALA A 7 -1.21 -21.04 5.25
C ALA A 7 -2.42 -20.36 4.61
N LEU A 8 -3.13 -21.11 3.77
CA LEU A 8 -4.30 -20.60 3.08
C LEU A 8 -5.49 -20.47 4.04
N LYS A 9 -5.32 -19.67 5.08
CA LYS A 9 -6.39 -19.49 6.06
C LYS A 9 -6.49 -18.03 6.49
N GLU A 10 -5.38 -17.46 6.93
CA GLU A 10 -5.36 -16.09 7.40
C GLU A 10 -3.96 -15.51 7.38
N PHE A 11 -3.91 -14.21 7.48
CA PHE A 11 -2.67 -13.48 7.37
C PHE A 11 -2.76 -12.10 8.01
N GLU A 12 -1.69 -11.72 8.71
CA GLU A 12 -1.63 -10.41 9.35
C GLU A 12 -1.06 -9.40 8.38
N VAL A 13 -1.64 -8.21 8.38
CA VAL A 13 -1.24 -7.19 7.42
C VAL A 13 -1.53 -5.76 7.87
N LEU A 14 -0.96 -4.82 7.15
CA LEU A 14 -1.15 -3.39 7.42
C LEU A 14 -2.38 -2.90 6.66
N SER A 15 -3.31 -2.25 7.34
CA SER A 15 -4.53 -1.79 6.66
C SER A 15 -5.03 -0.45 7.18
N PHE A 16 -5.78 0.21 6.32
CA PHE A 16 -6.36 1.53 6.59
C PHE A 16 -7.69 1.65 5.89
N GLU A 17 -8.52 2.58 6.35
CA GLU A 17 -9.82 2.79 5.73
C GLU A 17 -9.71 3.80 4.60
N ILE A 18 -9.81 3.28 3.39
CA ILE A 18 -9.71 4.07 2.18
C ILE A 18 -11.07 4.61 1.75
N ASP A 19 -11.39 5.81 2.24
CA ASP A 19 -12.63 6.51 1.93
C ASP A 19 -13.83 5.58 1.79
N GLU A 20 -14.12 4.88 2.87
CA GLU A 20 -15.24 3.92 2.96
C GLU A 20 -14.77 2.49 2.79
N GLN A 21 -14.06 2.21 1.71
CA GLN A 21 -13.56 0.85 1.48
C GLN A 21 -12.20 0.72 2.14
N ALA A 22 -11.85 -0.47 2.58
CA ALA A 22 -10.57 -0.67 3.27
C ALA A 22 -9.44 -1.00 2.30
N LEU A 23 -8.22 -0.99 2.83
CA LEU A 23 -7.03 -1.26 2.02
C LEU A 23 -5.87 -1.70 2.91
N ALA A 24 -5.14 -2.73 2.46
CA ALA A 24 -4.03 -3.27 3.24
C ALA A 24 -2.85 -3.67 2.35
N PHE A 25 -1.66 -3.64 2.94
CA PHE A 25 -0.42 -4.03 2.25
C PHE A 25 0.36 -5.01 3.11
N ASP A 26 0.93 -6.05 2.50
CA ASP A 26 1.68 -7.03 3.23
C ASP A 26 2.66 -6.39 4.20
N VAL A 27 2.53 -6.71 5.48
CA VAL A 27 3.40 -6.16 6.50
C VAL A 27 4.84 -6.57 6.25
N ASP A 28 5.05 -7.53 5.35
CA ASP A 28 6.40 -7.99 5.04
C ASP A 28 7.20 -6.86 4.41
N ASN A 29 6.55 -6.13 3.51
CA ASN A 29 7.20 -5.01 2.83
C ASN A 29 7.00 -3.72 3.61
N ILE A 30 5.75 -3.47 4.01
CA ILE A 30 5.41 -2.26 4.76
C ILE A 30 6.21 -2.17 6.06
N GLU A 31 6.85 -1.03 6.28
CA GLU A 31 7.64 -0.83 7.49
C GLU A 31 6.76 -0.42 8.66
N MET A 32 6.16 0.76 8.56
CA MET A 32 5.29 1.25 9.63
C MET A 32 4.50 2.47 9.19
N VAL A 33 3.59 2.92 10.06
CA VAL A 33 2.76 4.08 9.77
C VAL A 33 3.43 5.37 10.24
N ILE A 34 3.12 6.47 9.56
CA ILE A 34 3.67 7.77 9.90
C ILE A 34 2.65 8.88 9.72
N GLU A 35 2.38 9.61 10.81
CA GLU A 35 1.44 10.72 10.76
C GLU A 35 2.17 11.99 10.40
N LYS A 36 1.79 12.60 9.28
CA LYS A 36 2.43 13.81 8.82
C LYS A 36 1.65 14.45 7.67
N SER A 37 1.93 15.71 7.41
CA SER A 37 1.26 16.45 6.35
C SER A 37 2.17 17.55 5.80
N ASP A 38 1.59 18.46 5.04
CA ASP A 38 2.33 19.56 4.44
C ASP A 38 3.69 19.12 3.93
N ILE A 39 3.72 17.92 3.38
CA ILE A 39 4.94 17.35 2.82
C ILE A 39 5.21 17.90 1.43
N THR A 40 6.48 17.82 1.01
CA THR A 40 6.93 18.27 -0.30
C THR A 40 5.77 18.40 -1.30
N PRO A 41 5.40 19.64 -1.67
CA PRO A 41 4.29 19.91 -2.60
C PRO A 41 4.64 19.68 -4.07
N VAL A 42 5.31 18.57 -4.36
CA VAL A 42 5.68 18.24 -5.73
C VAL A 42 6.42 19.40 -6.41
N PRO A 43 7.46 19.94 -5.76
CA PRO A 43 8.24 21.05 -6.30
C PRO A 43 9.22 20.59 -7.39
N LYS A 44 10.49 20.44 -7.03
CA LYS A 44 11.50 19.99 -7.99
C LYS A 44 11.04 18.73 -8.68
N SER A 45 10.44 17.85 -7.88
CA SER A 45 9.96 16.57 -8.37
C SER A 45 9.14 16.72 -9.64
N ARG A 46 8.03 17.45 -9.54
CA ARG A 46 7.15 17.66 -10.68
C ARG A 46 6.82 16.34 -11.37
N HIS A 47 6.86 15.25 -10.60
CA HIS A 47 6.58 13.93 -11.15
C HIS A 47 5.34 13.31 -10.49
N PHE A 48 5.24 11.99 -10.55
CA PHE A 48 4.12 11.26 -9.96
C PHE A 48 4.08 11.46 -8.45
N VAL A 49 5.26 11.47 -7.84
CA VAL A 49 5.36 11.63 -6.39
C VAL A 49 4.70 12.91 -5.91
N GLU A 50 3.85 12.79 -4.89
CA GLU A 50 3.16 13.94 -4.33
C GLU A 50 4.07 14.70 -3.38
N GLY A 51 4.89 13.96 -2.64
CA GLY A 51 5.81 14.57 -1.69
C GLY A 51 6.94 13.63 -1.30
N VAL A 52 7.78 14.08 -0.37
CA VAL A 52 8.90 13.28 0.09
C VAL A 52 9.36 13.76 1.47
N ILE A 53 10.32 13.05 2.05
CA ILE A 53 10.85 13.42 3.36
C ILE A 53 12.25 12.85 3.56
N ASN A 54 13.10 13.59 4.24
CA ASN A 54 14.47 13.17 4.48
C ASN A 54 14.60 12.34 5.76
N LEU A 55 15.31 11.22 5.65
CA LEU A 55 15.52 10.32 6.78
C LEU A 55 16.71 9.41 6.52
N ARG A 56 17.54 9.21 7.56
CA ARG A 56 18.71 8.35 7.44
C ARG A 56 19.53 8.70 6.20
N GLY A 57 19.80 10.00 6.03
CA GLY A 57 20.57 10.45 4.89
C GLY A 57 20.00 9.97 3.57
N ARG A 58 18.68 9.99 3.46
CA ARG A 58 18.00 9.56 2.24
C ARG A 58 16.54 10.00 2.27
N ILE A 59 16.08 10.63 1.20
CA ILE A 59 14.72 11.11 1.12
C ILE A 59 13.78 10.04 0.55
N ILE A 60 12.73 9.73 1.31
CA ILE A 60 11.75 8.73 0.88
C ILE A 60 10.60 9.39 0.13
N PRO A 61 10.24 8.86 -1.06
CA PRO A 61 9.15 9.41 -1.86
C PRO A 61 7.77 8.92 -1.41
N VAL A 62 6.92 9.87 -1.02
CA VAL A 62 5.57 9.55 -0.60
C VAL A 62 4.62 9.80 -1.76
N VAL A 63 3.68 8.90 -1.98
CA VAL A 63 2.74 9.04 -3.09
C VAL A 63 1.34 8.57 -2.74
N ASN A 64 0.38 9.12 -3.48
CA ASN A 64 -1.01 8.74 -3.31
C ASN A 64 -1.20 7.36 -3.91
N LEU A 65 -0.57 6.36 -3.30
CA LEU A 65 -0.64 5.01 -3.78
C LEU A 65 -2.09 4.60 -4.06
N ALA A 66 -3.01 5.20 -3.32
CA ALA A 66 -4.42 4.88 -3.49
C ALA A 66 -4.89 5.23 -4.91
N LYS A 67 -4.27 6.24 -5.53
CA LYS A 67 -4.63 6.64 -6.89
C LYS A 67 -3.84 5.83 -7.90
N ILE A 68 -2.57 5.53 -7.59
CA ILE A 68 -1.77 4.70 -8.50
C ILE A 68 -2.46 3.36 -8.59
N LEU A 69 -2.93 2.93 -7.43
CA LEU A 69 -3.69 1.71 -7.28
C LEU A 69 -5.11 1.98 -7.80
N GLY A 70 -5.59 3.18 -7.49
CA GLY A 70 -6.92 3.60 -7.90
C GLY A 70 -8.03 2.88 -7.17
N ILE A 71 -8.87 3.64 -6.48
CA ILE A 71 -10.00 3.12 -5.70
C ILE A 71 -11.00 4.24 -5.45
N SER A 72 -11.95 4.02 -4.54
CA SER A 72 -12.93 5.06 -4.21
C SER A 72 -12.17 6.33 -3.84
N PHE A 73 -11.02 6.13 -3.21
CA PHE A 73 -10.11 7.21 -2.81
C PHE A 73 -10.19 8.43 -3.73
N ASP A 74 -10.17 9.62 -3.11
CA ASP A 74 -10.25 10.88 -3.85
C ASP A 74 -9.73 12.02 -2.98
N GLU A 75 -8.71 11.72 -2.17
CA GLU A 75 -8.09 12.69 -1.28
C GLU A 75 -9.11 13.56 -0.56
N GLN A 76 -10.21 12.94 -0.12
CA GLN A 76 -11.25 13.67 0.58
C GLN A 76 -11.08 13.53 2.10
N LYS A 77 -10.91 12.30 2.57
CA LYS A 77 -10.73 12.06 4.01
C LYS A 77 -9.26 11.91 4.37
N MET A 78 -8.48 11.36 3.44
CA MET A 78 -7.05 11.12 3.64
C MET A 78 -6.42 12.09 4.66
N LYS A 79 -5.51 11.56 5.47
CA LYS A 79 -4.84 12.35 6.50
C LYS A 79 -3.87 11.49 7.32
N SER A 80 -3.01 10.76 6.61
CA SER A 80 -2.04 9.87 7.24
C SER A 80 -1.04 9.38 6.20
N ILE A 81 0.17 9.00 6.63
CA ILE A 81 1.19 8.55 5.69
C ILE A 81 1.75 7.19 6.09
N ILE A 82 2.03 6.34 5.11
CA ILE A 82 2.56 5.00 5.36
C ILE A 82 3.92 4.84 4.70
N VAL A 83 4.83 4.12 5.35
CA VAL A 83 6.16 3.90 4.81
C VAL A 83 6.37 2.43 4.46
N ALA A 84 7.24 2.19 3.49
CA ALA A 84 7.56 0.84 3.02
C ALA A 84 8.93 0.82 2.38
N ARG A 85 9.40 -0.38 2.02
CA ARG A 85 10.69 -0.56 1.38
C ARG A 85 10.53 -1.43 0.13
N THR A 86 11.32 -1.17 -0.90
CA THR A 86 11.23 -1.95 -2.13
C THR A 86 12.48 -1.85 -2.98
N LYS A 87 13.25 -2.93 -3.02
CA LYS A 87 14.47 -2.97 -3.84
C LYS A 87 15.29 -1.72 -3.63
N ASP A 88 15.50 -1.38 -2.37
CA ASP A 88 16.27 -0.21 -1.99
C ASP A 88 15.49 1.07 -2.26
N VAL A 89 14.18 0.98 -2.09
CA VAL A 89 13.29 2.13 -2.26
C VAL A 89 12.36 2.20 -1.08
N GLU A 90 12.52 3.20 -0.23
CA GLU A 90 11.60 3.32 0.88
C GLU A 90 10.44 4.14 0.39
N VAL A 91 9.41 3.42 0.02
CA VAL A 91 8.22 3.99 -0.60
C VAL A 91 7.20 4.41 0.43
N GLY A 92 6.40 5.38 0.04
CA GLY A 92 5.38 5.90 0.94
C GLY A 92 4.00 5.99 0.30
N PHE A 93 2.97 5.90 1.13
CA PHE A 93 1.58 5.97 0.66
C PHE A 93 0.72 6.79 1.61
N LEU A 94 0.00 7.77 1.06
CA LEU A 94 -0.86 8.64 1.87
C LEU A 94 -2.27 8.03 2.00
N VAL A 95 -2.74 7.92 3.24
CA VAL A 95 -4.05 7.36 3.52
C VAL A 95 -4.81 8.18 4.57
N ASP A 96 -5.99 7.70 4.96
CA ASP A 96 -6.84 8.43 5.91
C ASP A 96 -6.65 7.94 7.34
N ARG A 97 -7.03 6.70 7.57
CA ARG A 97 -6.92 6.10 8.89
C ARG A 97 -6.37 4.71 8.74
N VAL A 98 -5.22 4.48 9.34
CA VAL A 98 -4.60 3.18 9.24
C VAL A 98 -4.71 2.40 10.53
N LEU A 99 -5.49 1.33 10.41
CA LEU A 99 -5.80 0.42 11.50
C LEU A 99 -4.56 -0.34 11.94
N GLY A 100 -3.63 -0.52 11.02
CA GLY A 100 -2.43 -1.25 11.32
C GLY A 100 -2.61 -2.74 11.10
N VAL A 101 -2.40 -3.54 12.15
CA VAL A 101 -2.57 -4.99 12.04
C VAL A 101 -3.94 -5.33 11.48
N LEU A 102 -3.98 -6.25 10.53
CA LEU A 102 -5.24 -6.64 9.91
C LEU A 102 -5.30 -8.14 9.67
N ARG A 103 -6.47 -8.71 9.89
CA ARG A 103 -6.68 -10.14 9.69
C ARG A 103 -7.09 -10.42 8.25
N ILE A 104 -6.14 -10.31 7.32
CA ILE A 104 -6.43 -10.57 5.92
C ILE A 104 -6.24 -12.04 5.61
N THR A 105 -7.20 -12.64 4.96
CA THR A 105 -7.11 -14.02 4.58
C THR A 105 -6.46 -14.08 3.22
N GLU A 106 -5.76 -15.16 2.95
CA GLU A 106 -5.06 -15.27 1.71
C GLU A 106 -5.44 -16.50 0.91
N ASN A 107 -6.63 -16.42 0.35
CA ASN A 107 -7.15 -17.44 -0.50
C ASN A 107 -7.27 -16.85 -1.89
N GLN A 108 -6.59 -15.71 -2.09
CA GLN A 108 -6.62 -15.03 -3.39
C GLN A 108 -5.27 -14.43 -3.75
N LEU A 109 -4.24 -15.19 -3.47
CA LEU A 109 -2.87 -14.79 -3.77
C LEU A 109 -1.89 -15.80 -3.19
N ASP A 110 -2.12 -17.07 -3.49
CA ASP A 110 -1.27 -18.15 -3.02
C ASP A 110 -1.68 -19.47 -3.67
N LEU A 111 -2.97 -19.77 -3.63
CA LEU A 111 -3.50 -21.00 -4.22
C LEU A 111 -3.99 -20.73 -5.65
N THR A 112 -4.10 -19.44 -5.99
CA THR A 112 -4.56 -19.01 -7.32
C THR A 112 -5.93 -19.58 -7.68
N ASN A 113 -6.84 -19.57 -6.73
CA ASN A 113 -8.20 -20.05 -6.96
C ASN A 113 -9.13 -18.89 -7.29
N VAL A 114 -8.79 -17.72 -6.75
CA VAL A 114 -9.56 -16.53 -6.95
C VAL A 114 -8.62 -15.33 -7.09
N SER A 115 -7.96 -15.24 -8.23
CA SER A 115 -7.02 -14.17 -8.50
C SER A 115 -7.74 -12.84 -8.71
N ASP A 116 -8.60 -12.48 -7.77
CA ASP A 116 -9.33 -11.22 -7.86
C ASP A 116 -8.55 -10.09 -7.20
N LYS A 117 -7.23 -10.24 -7.20
CA LYS A 117 -6.33 -9.26 -6.60
C LYS A 117 -6.68 -7.83 -6.97
N PHE A 118 -6.82 -7.58 -8.27
CA PHE A 118 -7.14 -6.25 -8.76
C PHE A 118 -7.34 -6.27 -10.27
N GLY A 119 -6.34 -6.79 -10.97
CA GLY A 119 -6.40 -6.88 -12.42
C GLY A 119 -5.04 -6.76 -13.06
N LYS A 120 -4.42 -5.58 -12.92
CA LYS A 120 -3.10 -5.32 -13.49
C LYS A 120 -2.48 -4.10 -12.84
N LYS A 121 -2.40 -4.10 -11.50
CA LYS A 121 -1.83 -2.97 -10.78
C LYS A 121 -1.21 -3.40 -9.45
N SER A 122 -1.90 -4.26 -8.72
CA SER A 122 -1.40 -4.73 -7.43
C SER A 122 -1.37 -6.26 -7.36
N LYS A 123 -1.73 -6.83 -6.21
CA LYS A 123 -1.72 -8.29 -6.06
C LYS A 123 -2.51 -8.74 -4.83
N GLY A 124 -3.52 -7.96 -4.42
CA GLY A 124 -4.31 -8.35 -3.27
C GLY A 124 -5.74 -7.84 -3.31
N LEU A 125 -6.65 -8.64 -2.78
CA LEU A 125 -8.06 -8.30 -2.72
C LEU A 125 -8.71 -9.06 -1.57
N VAL A 126 -9.62 -8.40 -0.87
CA VAL A 126 -10.28 -9.01 0.28
C VAL A 126 -11.59 -8.31 0.65
N LYS A 127 -12.42 -9.02 1.39
CA LYS A 127 -13.71 -8.51 1.85
C LYS A 127 -14.24 -9.40 2.97
N THR A 128 -14.74 -8.78 4.04
CA THR A 128 -15.26 -9.50 5.17
C THR A 128 -16.13 -8.61 6.05
N ASP A 129 -17.09 -9.21 6.73
CA ASP A 129 -17.98 -8.45 7.61
C ASP A 129 -18.68 -7.34 6.84
N GLY A 130 -19.19 -7.68 5.66
CA GLY A 130 -19.87 -6.71 4.84
C GLY A 130 -19.02 -5.47 4.60
N ARG A 131 -17.71 -5.68 4.52
CA ARG A 131 -16.78 -4.59 4.31
C ARG A 131 -15.75 -4.98 3.23
N LEU A 132 -15.56 -4.10 2.27
CA LEU A 132 -14.61 -4.36 1.19
C LEU A 132 -13.22 -3.86 1.55
N ILE A 133 -12.22 -4.70 1.28
CA ILE A 133 -10.83 -4.34 1.58
C ILE A 133 -9.92 -4.58 0.37
N ILE A 134 -9.11 -3.59 0.04
CA ILE A 134 -8.17 -3.71 -1.06
C ILE A 134 -6.86 -4.29 -0.50
N TYR A 135 -6.13 -5.07 -1.28
CA TYR A 135 -4.88 -5.64 -0.76
C TYR A 135 -3.76 -5.56 -1.79
N LEU A 136 -2.56 -5.26 -1.31
CA LEU A 136 -1.39 -5.15 -2.17
C LEU A 136 -0.18 -5.88 -1.64
N ASP A 137 0.85 -5.91 -2.47
CA ASP A 137 2.12 -6.54 -2.14
C ASP A 137 3.24 -5.65 -2.69
N ILE A 138 2.90 -4.38 -2.85
CA ILE A 138 3.80 -3.34 -3.36
C ILE A 138 4.68 -3.80 -4.53
N ASP A 139 4.31 -4.89 -5.21
CA ASP A 139 5.11 -5.40 -6.33
C ASP A 139 4.81 -4.65 -7.65
N LYS A 140 3.57 -4.75 -8.11
CA LYS A 140 3.17 -4.09 -9.35
C LYS A 140 3.01 -2.60 -9.11
N ILE A 141 2.63 -2.27 -7.88
CA ILE A 141 2.43 -0.90 -7.48
C ILE A 141 3.77 -0.17 -7.38
N ILE A 142 4.78 -0.78 -6.75
CA ILE A 142 6.09 -0.14 -6.69
C ILE A 142 6.64 0.05 -8.09
N GLU A 143 6.51 -0.99 -8.92
CA GLU A 143 6.98 -0.95 -10.29
C GLU A 143 6.47 0.31 -10.97
N GLU A 144 5.18 0.57 -10.80
CA GLU A 144 4.55 1.74 -11.39
C GLU A 144 5.09 3.01 -10.75
N ILE A 145 5.36 2.97 -9.45
CA ILE A 145 5.88 4.12 -8.73
C ILE A 145 7.12 4.69 -9.43
N THR A 146 8.00 3.79 -9.86
CA THR A 146 9.23 4.20 -10.55
C THR A 146 9.05 4.38 -12.05
N VAL A 147 8.45 3.38 -12.70
CA VAL A 147 8.24 3.43 -14.16
C VAL A 147 7.01 4.22 -14.56
N LYS A 148 6.42 4.97 -13.63
CA LYS A 148 5.23 5.76 -13.94
C LYS A 148 5.46 6.64 -15.17
N GLU A 149 6.60 7.33 -15.20
CA GLU A 149 6.92 8.22 -16.30
C GLU A 149 6.92 7.47 -17.63
N GLY A 150 6.23 8.04 -18.61
CA GLY A 150 6.15 7.42 -19.92
C GLY A 150 5.21 8.15 -20.85
N VAL A 151 4.03 8.49 -20.35
CA VAL A 151 3.02 9.20 -21.15
C VAL A 151 2.67 8.41 -22.41
N MET A 1 1.81 -29.40 1.43
CA MET A 1 2.34 -28.01 1.56
C MET A 1 3.77 -27.92 1.01
N LYS A 2 4.00 -26.91 0.18
CA LYS A 2 5.32 -26.71 -0.41
C LYS A 2 6.35 -26.34 0.66
N THR A 3 6.28 -25.10 1.14
CA THR A 3 7.19 -24.62 2.18
C THR A 3 7.07 -23.11 2.36
N LEU A 4 7.07 -22.38 1.25
CA LEU A 4 6.97 -20.92 1.27
C LEU A 4 5.56 -20.48 1.60
N ALA A 5 4.57 -21.15 1.01
CA ALA A 5 3.16 -20.83 1.23
C ALA A 5 2.72 -21.17 2.67
N ASP A 6 3.40 -20.59 3.65
CA ASP A 6 3.06 -20.84 5.05
C ASP A 6 1.68 -20.28 5.38
N ALA A 7 0.89 -21.06 6.11
CA ALA A 7 -0.44 -20.62 6.50
C ALA A 7 -1.33 -20.40 5.28
N LEU A 8 -2.61 -20.73 5.43
CA LEU A 8 -3.57 -20.58 4.34
C LEU A 8 -4.98 -20.43 4.91
N LYS A 9 -5.14 -19.45 5.79
CA LYS A 9 -6.43 -19.20 6.42
C LYS A 9 -6.51 -17.76 6.90
N GLU A 10 -5.46 -17.31 7.57
CA GLU A 10 -5.40 -15.95 8.09
C GLU A 10 -4.01 -15.38 7.95
N PHE A 11 -3.94 -14.07 8.06
CA PHE A 11 -2.71 -13.36 7.85
C PHE A 11 -2.73 -11.96 8.43
N GLU A 12 -1.63 -11.56 9.05
CA GLU A 12 -1.52 -10.23 9.63
C GLU A 12 -1.01 -9.29 8.56
N VAL A 13 -1.52 -8.07 8.53
CA VAL A 13 -1.13 -7.15 7.47
C VAL A 13 -1.33 -5.67 7.82
N LEU A 14 -0.82 -4.81 6.97
CA LEU A 14 -0.94 -3.36 7.16
C LEU A 14 -2.25 -2.91 6.51
N SER A 15 -3.02 -2.05 7.18
CA SER A 15 -4.29 -1.63 6.62
C SER A 15 -4.71 -0.24 7.06
N PHE A 16 -5.56 0.36 6.23
CA PHE A 16 -6.09 1.68 6.48
C PHE A 16 -7.48 1.80 5.87
N GLU A 17 -8.20 2.85 6.26
CA GLU A 17 -9.53 3.05 5.73
C GLU A 17 -9.44 3.86 4.44
N ILE A 18 -10.27 3.49 3.47
CA ILE A 18 -10.25 4.13 2.17
C ILE A 18 -11.67 4.35 1.64
N ASP A 19 -12.26 5.49 2.03
CA ASP A 19 -13.59 5.85 1.58
C ASP A 19 -14.59 4.72 1.79
N GLU A 20 -14.75 4.34 3.05
CA GLU A 20 -15.65 3.26 3.44
C GLU A 20 -15.04 1.89 3.16
N GLN A 21 -14.28 1.79 2.07
CA GLN A 21 -13.62 0.56 1.70
C GLN A 21 -12.25 0.48 2.37
N ALA A 22 -11.89 -0.69 2.87
CA ALA A 22 -10.61 -0.85 3.54
C ALA A 22 -9.50 -1.20 2.56
N LEU A 23 -8.26 -1.04 3.00
CA LEU A 23 -7.11 -1.32 2.14
C LEU A 23 -5.93 -1.86 2.95
N ALA A 24 -5.24 -2.88 2.40
CA ALA A 24 -4.11 -3.51 3.12
C ALA A 24 -2.92 -3.83 2.20
N PHE A 25 -1.73 -3.90 2.82
CA PHE A 25 -0.47 -4.24 2.15
C PHE A 25 0.33 -5.18 3.02
N ASP A 26 0.95 -6.20 2.43
CA ASP A 26 1.74 -7.14 3.19
C ASP A 26 2.74 -6.41 4.08
N VAL A 27 2.64 -6.65 5.38
CA VAL A 27 3.52 -6.02 6.34
C VAL A 27 4.97 -6.41 6.08
N ASP A 28 5.18 -7.40 5.24
CA ASP A 28 6.52 -7.86 4.91
C ASP A 28 7.33 -6.74 4.27
N ASN A 29 6.67 -5.99 3.38
CA ASN A 29 7.32 -4.89 2.69
C ASN A 29 7.12 -3.57 3.43
N ILE A 30 5.88 -3.30 3.85
CA ILE A 30 5.55 -2.08 4.55
C ILE A 30 6.39 -1.94 5.82
N GLU A 31 7.06 -0.81 5.98
CA GLU A 31 7.90 -0.57 7.15
C GLU A 31 7.09 -0.08 8.35
N MET A 32 6.47 1.09 8.23
CA MET A 32 5.69 1.64 9.33
C MET A 32 4.87 2.85 8.88
N VAL A 33 4.03 3.34 9.77
CA VAL A 33 3.17 4.49 9.48
C VAL A 33 3.78 5.80 9.97
N ILE A 34 3.36 6.90 9.36
CA ILE A 34 3.84 8.23 9.71
C ILE A 34 2.87 9.30 9.22
N GLU A 35 2.39 10.13 10.15
CA GLU A 35 1.45 11.19 9.80
C GLU A 35 2.18 12.47 9.41
N LYS A 36 1.99 12.89 8.16
CA LYS A 36 2.62 14.11 7.66
C LYS A 36 2.04 14.49 6.29
N SER A 37 0.76 14.82 6.28
CA SER A 37 0.07 15.20 5.05
C SER A 37 0.74 16.39 4.38
N ASP A 38 0.43 16.60 3.10
CA ASP A 38 0.96 17.70 2.33
C ASP A 38 2.49 17.71 2.33
N ILE A 39 3.08 16.57 1.99
CA ILE A 39 4.54 16.45 1.94
C ILE A 39 5.10 17.08 0.67
N THR A 40 6.31 17.64 0.79
CA THR A 40 7.05 18.25 -0.31
C THR A 40 6.23 18.28 -1.62
N PRO A 41 5.19 19.12 -1.68
CA PRO A 41 4.33 19.23 -2.86
C PRO A 41 4.84 20.25 -3.89
N VAL A 42 5.11 21.46 -3.45
CA VAL A 42 5.57 22.52 -4.35
C VAL A 42 7.07 22.42 -4.68
N PRO A 43 7.92 21.90 -3.77
CA PRO A 43 9.35 21.78 -4.02
C PRO A 43 9.68 21.11 -5.36
N LYS A 44 9.46 19.79 -5.43
CA LYS A 44 9.72 19.05 -6.64
C LYS A 44 8.73 19.47 -7.72
N SER A 45 7.48 19.10 -7.50
CA SER A 45 6.40 19.42 -8.40
C SER A 45 6.74 19.07 -9.85
N ARG A 46 7.02 17.79 -10.11
CA ARG A 46 7.36 17.34 -11.45
C ARG A 46 6.89 15.91 -11.72
N HIS A 47 7.44 14.96 -10.96
CA HIS A 47 7.07 13.55 -11.13
C HIS A 47 5.71 13.24 -10.53
N PHE A 48 5.39 11.96 -10.47
CA PHE A 48 4.13 11.49 -9.91
C PHE A 48 4.11 11.66 -8.40
N VAL A 49 5.21 11.30 -7.75
CA VAL A 49 5.31 11.39 -6.30
C VAL A 49 4.86 12.76 -5.80
N GLU A 50 3.93 12.76 -4.85
CA GLU A 50 3.41 13.99 -4.28
C GLU A 50 4.45 14.73 -3.46
N GLY A 51 5.24 13.98 -2.69
CA GLY A 51 6.26 14.59 -1.86
C GLY A 51 7.31 13.61 -1.39
N VAL A 52 8.22 14.10 -0.55
CA VAL A 52 9.30 13.29 -0.01
C VAL A 52 9.64 13.77 1.40
N ILE A 53 10.43 12.99 2.13
CA ILE A 53 10.81 13.36 3.49
C ILE A 53 12.08 12.63 3.93
N ASN A 54 12.90 13.32 4.72
CA ASN A 54 14.14 12.75 5.22
C ASN A 54 13.91 12.00 6.53
N LEU A 55 14.51 10.82 6.64
CA LEU A 55 14.38 9.99 7.83
C LEU A 55 15.51 8.97 7.90
N ARG A 56 16.05 8.77 9.10
CA ARG A 56 17.16 7.83 9.29
C ARG A 56 18.25 8.06 8.25
N GLY A 57 18.60 9.32 8.04
CA GLY A 57 19.62 9.65 7.08
C GLY A 57 19.30 9.17 5.68
N ARG A 58 18.03 9.32 5.28
CA ARG A 58 17.59 8.89 3.96
C ARG A 58 16.21 9.43 3.64
N ILE A 59 16.06 10.00 2.44
CA ILE A 59 14.79 10.56 2.01
C ILE A 59 13.92 9.51 1.33
N ILE A 60 12.62 9.56 1.58
CA ILE A 60 11.69 8.62 0.98
C ILE A 60 10.56 9.34 0.26
N PRO A 61 10.25 8.93 -0.99
CA PRO A 61 9.18 9.55 -1.78
C PRO A 61 7.79 9.04 -1.41
N VAL A 62 6.97 9.93 -0.89
CA VAL A 62 5.61 9.60 -0.54
C VAL A 62 4.71 9.82 -1.74
N VAL A 63 3.80 8.89 -2.01
CA VAL A 63 2.94 9.01 -3.17
C VAL A 63 1.49 8.63 -2.88
N ASN A 64 0.61 9.20 -3.66
CA ASN A 64 -0.81 8.91 -3.55
C ASN A 64 -1.11 7.56 -4.18
N LEU A 65 -0.57 6.51 -3.57
CA LEU A 65 -0.75 5.15 -4.08
C LEU A 65 -2.23 4.84 -4.27
N ALA A 66 -3.08 5.34 -3.39
CA ALA A 66 -4.51 5.08 -3.51
C ALA A 66 -4.99 5.59 -4.88
N LYS A 67 -4.24 6.54 -5.44
CA LYS A 67 -4.54 7.12 -6.75
C LYS A 67 -4.01 6.24 -7.87
N ILE A 68 -2.74 5.84 -7.74
CA ILE A 68 -2.10 4.98 -8.73
C ILE A 68 -2.91 3.70 -8.81
N LEU A 69 -3.34 3.27 -7.64
CA LEU A 69 -4.16 2.08 -7.50
C LEU A 69 -5.60 2.41 -7.92
N GLY A 70 -6.13 3.51 -7.38
CA GLY A 70 -7.50 3.91 -7.69
C GLY A 70 -8.41 3.95 -6.49
N ILE A 71 -9.13 2.84 -6.23
CA ILE A 71 -10.05 2.72 -5.09
C ILE A 71 -11.00 3.90 -4.95
N SER A 72 -12.07 3.73 -4.17
CA SER A 72 -13.05 4.79 -3.93
C SER A 72 -12.32 6.09 -3.65
N PHE A 73 -11.20 5.95 -2.93
CA PHE A 73 -10.32 7.07 -2.61
C PHE A 73 -10.39 8.22 -3.62
N ASP A 74 -10.34 9.44 -3.12
CA ASP A 74 -10.39 10.62 -3.96
C ASP A 74 -9.85 11.84 -3.20
N GLU A 75 -8.90 11.59 -2.31
CA GLU A 75 -8.28 12.66 -1.53
C GLU A 75 -9.33 13.47 -0.76
N GLN A 76 -10.27 12.79 -0.13
CA GLN A 76 -11.31 13.49 0.62
C GLN A 76 -11.01 13.55 2.12
N LYS A 77 -10.41 12.50 2.67
CA LYS A 77 -10.12 12.47 4.11
C LYS A 77 -8.73 11.94 4.43
N MET A 78 -7.84 11.91 3.45
CA MET A 78 -6.48 11.43 3.68
C MET A 78 -5.85 12.19 4.85
N LYS A 79 -5.05 11.50 5.66
CA LYS A 79 -4.40 12.12 6.82
C LYS A 79 -3.41 11.17 7.48
N SER A 80 -2.65 10.45 6.66
CA SER A 80 -1.65 9.50 7.15
C SER A 80 -0.76 9.04 6.00
N ILE A 81 0.43 8.56 6.34
CA ILE A 81 1.36 8.10 5.31
C ILE A 81 2.03 6.79 5.72
N ILE A 82 2.06 5.83 4.80
CA ILE A 82 2.67 4.53 5.05
C ILE A 82 4.00 4.41 4.33
N VAL A 83 5.03 4.00 5.06
CA VAL A 83 6.35 3.84 4.46
C VAL A 83 6.62 2.38 4.12
N ALA A 84 7.43 2.16 3.09
CA ALA A 84 7.76 0.82 2.63
C ALA A 84 9.12 0.80 1.93
N ARG A 85 9.57 -0.40 1.56
CA ARG A 85 10.83 -0.57 0.86
C ARG A 85 10.61 -1.39 -0.41
N THR A 86 11.33 -1.06 -1.48
CA THR A 86 11.17 -1.77 -2.73
C THR A 86 12.36 -1.61 -3.66
N LYS A 87 13.12 -2.69 -3.80
CA LYS A 87 14.28 -2.70 -4.69
C LYS A 87 15.12 -1.45 -4.49
N ASP A 88 15.40 -1.15 -3.23
CA ASP A 88 16.18 0.01 -2.86
C ASP A 88 15.38 1.29 -3.03
N VAL A 89 14.09 1.19 -2.78
CA VAL A 89 13.18 2.33 -2.86
C VAL A 89 12.29 2.33 -1.64
N GLU A 90 12.48 3.28 -0.74
CA GLU A 90 11.61 3.35 0.40
C GLU A 90 10.43 4.19 0.00
N VAL A 91 9.38 3.48 -0.37
CA VAL A 91 8.18 4.07 -0.93
C VAL A 91 7.17 4.47 0.12
N GLY A 92 6.39 5.47 -0.23
CA GLY A 92 5.37 5.98 0.69
C GLY A 92 3.98 5.98 0.09
N PHE A 93 2.96 5.97 0.95
CA PHE A 93 1.57 5.95 0.52
C PHE A 93 0.70 6.79 1.46
N LEU A 94 0.00 7.77 0.90
CA LEU A 94 -0.86 8.62 1.70
C LEU A 94 -2.27 8.04 1.82
N VAL A 95 -2.74 7.92 3.06
CA VAL A 95 -4.07 7.39 3.34
C VAL A 95 -4.76 8.22 4.42
N ASP A 96 -5.93 7.79 4.85
CA ASP A 96 -6.70 8.52 5.85
C ASP A 96 -6.33 8.09 7.26
N ARG A 97 -6.83 6.95 7.67
CA ARG A 97 -6.53 6.41 8.98
C ARG A 97 -6.07 4.98 8.83
N VAL A 98 -4.80 4.77 9.04
CA VAL A 98 -4.23 3.46 8.90
C VAL A 98 -4.30 2.69 10.21
N LEU A 99 -5.11 1.65 10.15
CA LEU A 99 -5.38 0.77 11.28
C LEU A 99 -4.11 0.06 11.72
N GLY A 100 -3.20 -0.14 10.78
CA GLY A 100 -1.98 -0.84 11.09
C GLY A 100 -2.18 -2.34 10.99
N VAL A 101 -1.92 -3.06 12.09
CA VAL A 101 -2.10 -4.49 12.11
C VAL A 101 -3.50 -4.85 11.63
N LEU A 102 -3.60 -5.73 10.64
CA LEU A 102 -4.88 -6.09 10.08
C LEU A 102 -5.05 -7.61 10.05
N ARG A 103 -6.22 -8.07 10.45
CA ARG A 103 -6.52 -9.48 10.44
C ARG A 103 -7.08 -9.89 9.09
N ILE A 104 -6.19 -10.04 8.11
CA ILE A 104 -6.60 -10.43 6.77
C ILE A 104 -6.62 -11.94 6.68
N THR A 105 -7.39 -12.45 5.73
CA THR A 105 -7.48 -13.87 5.52
C THR A 105 -6.95 -14.17 4.15
N GLU A 106 -6.36 -15.34 4.00
CA GLU A 106 -5.79 -15.69 2.74
C GLU A 106 -6.54 -16.81 2.06
N ASN A 107 -7.73 -16.47 1.65
CA ASN A 107 -8.59 -17.38 0.93
C ASN A 107 -8.49 -17.05 -0.54
N GLN A 108 -7.53 -16.16 -0.86
CA GLN A 108 -7.29 -15.72 -2.22
C GLN A 108 -6.01 -16.34 -2.76
N LEU A 109 -4.96 -16.29 -1.94
CA LEU A 109 -3.67 -16.84 -2.32
C LEU A 109 -3.60 -18.34 -2.01
N ASP A 110 -4.73 -19.03 -2.14
CA ASP A 110 -4.79 -20.47 -1.85
C ASP A 110 -4.14 -21.27 -2.99
N LEU A 111 -3.12 -22.05 -2.63
CA LEU A 111 -2.39 -22.88 -3.59
C LEU A 111 -1.64 -22.05 -4.64
N THR A 112 -2.36 -21.16 -5.32
CA THR A 112 -1.76 -20.31 -6.33
C THR A 112 -2.80 -19.33 -6.88
N ASN A 113 -3.39 -18.55 -5.98
CA ASN A 113 -4.41 -17.58 -6.37
C ASN A 113 -5.69 -18.28 -6.80
N VAL A 114 -6.82 -17.83 -6.26
CA VAL A 114 -8.10 -18.41 -6.59
C VAL A 114 -9.13 -17.34 -6.94
N SER A 115 -8.68 -16.35 -7.71
CA SER A 115 -9.53 -15.24 -8.13
C SER A 115 -8.71 -14.22 -8.92
N ASP A 116 -9.12 -12.96 -8.89
CA ASP A 116 -8.40 -11.93 -9.59
C ASP A 116 -7.35 -11.30 -8.64
N LYS A 117 -7.38 -9.99 -8.48
CA LYS A 117 -6.46 -9.28 -7.60
C LYS A 117 -6.94 -7.86 -7.37
N PHE A 118 -7.44 -7.23 -8.43
CA PHE A 118 -7.93 -5.86 -8.36
C PHE A 118 -8.53 -5.44 -9.70
N GLY A 119 -7.74 -5.64 -10.76
CA GLY A 119 -8.18 -5.28 -12.09
C GLY A 119 -7.00 -5.12 -13.04
N LYS A 120 -5.96 -4.47 -12.56
CA LYS A 120 -4.75 -4.25 -13.34
C LYS A 120 -3.74 -3.47 -12.50
N LYS A 121 -3.65 -3.85 -11.22
CA LYS A 121 -2.75 -3.20 -10.29
C LYS A 121 -2.84 -3.88 -8.93
N SER A 122 -1.71 -4.46 -8.52
CA SER A 122 -1.63 -5.16 -7.24
C SER A 122 -2.18 -6.57 -7.35
N LYS A 123 -1.55 -7.50 -6.65
CA LYS A 123 -1.98 -8.87 -6.70
C LYS A 123 -2.73 -9.32 -5.43
N GLY A 124 -3.44 -8.40 -4.78
CA GLY A 124 -4.18 -8.77 -3.59
C GLY A 124 -5.59 -8.23 -3.57
N LEU A 125 -6.51 -9.02 -3.03
CA LEU A 125 -7.92 -8.63 -2.92
C LEU A 125 -8.57 -9.36 -1.76
N VAL A 126 -9.34 -8.63 -0.95
CA VAL A 126 -10.00 -9.21 0.20
C VAL A 126 -11.31 -8.48 0.52
N LYS A 127 -12.15 -9.14 1.31
CA LYS A 127 -13.44 -8.58 1.70
C LYS A 127 -14.03 -9.39 2.86
N THR A 128 -14.50 -8.68 3.88
CA THR A 128 -15.06 -9.31 5.05
C THR A 128 -15.85 -8.30 5.87
N ASP A 129 -16.78 -8.79 6.69
CA ASP A 129 -17.61 -7.93 7.51
C ASP A 129 -18.38 -6.93 6.66
N GLY A 130 -18.95 -7.43 5.57
CA GLY A 130 -19.70 -6.57 4.67
C GLY A 130 -18.89 -5.36 4.25
N ARG A 131 -17.58 -5.55 4.15
CA ARG A 131 -16.69 -4.47 3.76
C ARG A 131 -15.63 -4.98 2.79
N LEU A 132 -15.37 -4.21 1.74
CA LEU A 132 -14.37 -4.60 0.74
C LEU A 132 -12.99 -4.08 1.13
N ILE A 133 -11.96 -4.88 0.84
CA ILE A 133 -10.60 -4.51 1.16
C ILE A 133 -9.64 -4.84 0.02
N ILE A 134 -8.84 -3.85 -0.39
CA ILE A 134 -7.86 -4.06 -1.45
C ILE A 134 -6.55 -4.55 -0.84
N TYR A 135 -5.94 -5.57 -1.43
CA TYR A 135 -4.69 -6.10 -0.90
C TYR A 135 -3.55 -5.97 -1.90
N LEU A 136 -2.40 -5.53 -1.39
CA LEU A 136 -1.22 -5.34 -2.23
C LEU A 136 -0.01 -6.06 -1.69
N ASP A 137 1.03 -6.04 -2.51
CA ASP A 137 2.32 -6.62 -2.18
C ASP A 137 3.39 -5.72 -2.80
N ILE A 138 3.00 -4.45 -2.94
CA ILE A 138 3.84 -3.40 -3.50
C ILE A 138 4.67 -3.82 -4.71
N ASP A 139 4.33 -4.94 -5.35
CA ASP A 139 5.08 -5.42 -6.50
C ASP A 139 4.71 -4.69 -7.80
N LYS A 140 3.47 -4.79 -8.20
CA LYS A 140 3.00 -4.14 -9.43
C LYS A 140 2.80 -2.65 -9.19
N ILE A 141 2.43 -2.32 -7.96
CA ILE A 141 2.20 -0.96 -7.57
C ILE A 141 3.51 -0.18 -7.56
N ILE A 142 4.58 -0.75 -7.00
CA ILE A 142 5.87 -0.06 -7.01
C ILE A 142 6.38 0.05 -8.45
N GLU A 143 6.23 -1.05 -9.21
CA GLU A 143 6.67 -1.07 -10.60
C GLU A 143 6.19 0.18 -11.30
N GLU A 144 4.92 0.49 -11.10
CA GLU A 144 4.33 1.67 -11.70
C GLU A 144 4.90 2.94 -11.07
N ILE A 145 5.11 2.92 -9.75
CA ILE A 145 5.67 4.06 -9.04
C ILE A 145 6.92 4.60 -9.74
N THR A 146 7.80 3.69 -10.16
CA THR A 146 9.03 4.07 -10.84
C THR A 146 8.79 4.51 -12.28
N VAL A 147 8.09 3.67 -13.04
CA VAL A 147 7.81 3.99 -14.45
C VAL A 147 6.82 5.14 -14.61
N LYS A 148 6.25 5.61 -13.51
CA LYS A 148 5.29 6.71 -13.57
C LYS A 148 5.85 7.88 -14.38
N GLU A 149 7.11 8.21 -14.13
CA GLU A 149 7.77 9.31 -14.83
C GLU A 149 7.00 10.61 -14.68
N GLY A 150 7.38 11.61 -15.47
CA GLY A 150 6.73 12.90 -15.42
C GLY A 150 7.22 13.84 -16.49
N VAL A 151 8.53 13.82 -16.72
CA VAL A 151 9.14 14.68 -17.73
C VAL A 151 10.65 14.42 -17.83
N MET A 1 3.23 -23.64 6.82
CA MET A 1 4.63 -23.77 7.31
C MET A 1 5.13 -25.22 7.16
N LYS A 2 4.80 -25.83 6.03
CA LYS A 2 5.20 -27.20 5.76
C LYS A 2 6.51 -27.21 4.95
N THR A 3 6.47 -27.80 3.76
CA THR A 3 7.63 -27.89 2.88
C THR A 3 7.17 -28.16 1.45
N LEU A 4 6.26 -29.12 1.31
CA LEU A 4 5.72 -29.47 0.02
C LEU A 4 4.87 -28.32 -0.53
N ALA A 5 4.19 -27.62 0.37
CA ALA A 5 3.36 -26.49 0.00
C ALA A 5 3.51 -25.35 0.98
N ASP A 6 2.52 -24.45 0.99
CA ASP A 6 2.54 -23.31 1.89
C ASP A 6 1.12 -22.86 2.24
N ALA A 7 0.87 -22.70 3.53
CA ALA A 7 -0.43 -22.27 4.02
C ALA A 7 -0.84 -20.93 3.42
N LEU A 8 -2.13 -20.79 3.12
CA LEU A 8 -2.66 -19.56 2.55
C LEU A 8 -4.09 -19.33 3.01
N LYS A 9 -4.33 -19.56 4.30
CA LYS A 9 -5.66 -19.37 4.87
C LYS A 9 -5.83 -17.98 5.44
N GLU A 10 -4.87 -17.55 6.26
CA GLU A 10 -4.92 -16.23 6.88
C GLU A 10 -3.56 -15.58 6.87
N PHE A 11 -3.57 -14.28 7.11
CA PHE A 11 -2.38 -13.48 7.03
C PHE A 11 -2.53 -12.15 7.76
N GLU A 12 -1.47 -11.74 8.45
CA GLU A 12 -1.44 -10.48 9.18
C GLU A 12 -0.95 -9.39 8.23
N VAL A 13 -1.55 -8.21 8.29
CA VAL A 13 -1.17 -7.16 7.35
C VAL A 13 -1.45 -5.74 7.85
N LEU A 14 -0.96 -4.77 7.11
CA LEU A 14 -1.16 -3.36 7.44
C LEU A 14 -2.46 -2.90 6.78
N SER A 15 -3.31 -2.18 7.51
CA SER A 15 -4.59 -1.77 6.93
C SER A 15 -5.05 -0.41 7.40
N PHE A 16 -5.83 0.22 6.53
CA PHE A 16 -6.40 1.54 6.80
C PHE A 16 -7.73 1.68 6.08
N GLU A 17 -8.49 2.71 6.43
CA GLU A 17 -9.77 2.94 5.81
C GLU A 17 -9.59 3.80 4.57
N ILE A 18 -10.32 3.44 3.53
CA ILE A 18 -10.24 4.13 2.25
C ILE A 18 -11.64 4.32 1.64
N ASP A 19 -12.16 5.54 1.73
CA ASP A 19 -13.47 5.87 1.18
C ASP A 19 -14.51 4.79 1.46
N GLU A 20 -14.74 4.54 2.73
CA GLU A 20 -15.71 3.54 3.18
C GLU A 20 -15.13 2.13 3.13
N GLN A 21 -14.42 1.81 2.05
CA GLN A 21 -13.83 0.48 1.92
C GLN A 21 -12.44 0.46 2.54
N ALA A 22 -11.99 -0.70 2.97
CA ALA A 22 -10.68 -0.83 3.61
C ALA A 22 -9.57 -1.09 2.61
N LEU A 23 -8.33 -0.97 3.07
CA LEU A 23 -7.16 -1.18 2.21
C LEU A 23 -5.96 -1.68 3.03
N ALA A 24 -5.26 -2.69 2.53
CA ALA A 24 -4.14 -3.28 3.24
C ALA A 24 -2.96 -3.63 2.31
N PHE A 25 -1.75 -3.65 2.89
CA PHE A 25 -0.53 -3.99 2.16
C PHE A 25 0.31 -4.93 3.03
N ASP A 26 0.97 -5.90 2.40
CA ASP A 26 1.79 -6.85 3.13
C ASP A 26 2.73 -6.13 4.10
N VAL A 27 2.65 -6.50 5.37
CA VAL A 27 3.46 -5.89 6.41
C VAL A 27 4.95 -6.18 6.21
N ASP A 28 5.28 -7.06 5.29
CA ASP A 28 6.69 -7.37 5.04
C ASP A 28 7.35 -6.19 4.35
N ASN A 29 6.63 -5.66 3.37
CA ASN A 29 7.08 -4.50 2.61
C ASN A 29 6.82 -3.21 3.39
N ILE A 30 5.59 -3.07 3.88
CA ILE A 30 5.19 -1.90 4.65
C ILE A 30 6.01 -1.79 5.93
N GLU A 31 6.50 -0.58 6.22
CA GLU A 31 7.29 -0.35 7.42
C GLU A 31 6.40 0.15 8.56
N MET A 32 5.88 1.36 8.42
CA MET A 32 5.03 1.93 9.44
C MET A 32 4.35 3.21 8.95
N VAL A 33 3.42 3.72 9.76
CA VAL A 33 2.68 4.93 9.41
C VAL A 33 3.29 6.16 10.08
N ILE A 34 3.23 7.28 9.38
CA ILE A 34 3.76 8.54 9.89
C ILE A 34 2.87 9.71 9.49
N GLU A 35 2.38 10.45 10.48
CA GLU A 35 1.53 11.60 10.22
C GLU A 35 2.38 12.85 10.02
N LYS A 36 2.54 13.29 8.77
CA LYS A 36 3.34 14.46 8.47
C LYS A 36 3.03 15.04 7.10
N SER A 37 1.85 15.64 6.97
CA SER A 37 1.46 16.24 5.69
C SER A 37 2.38 17.41 5.35
N ASP A 38 2.01 18.18 4.33
CA ASP A 38 2.79 19.33 3.90
C ASP A 38 4.28 19.01 3.82
N ILE A 39 4.60 17.88 3.18
CA ILE A 39 5.99 17.45 3.02
C ILE A 39 6.66 18.15 1.83
N THR A 40 6.75 17.45 0.70
CA THR A 40 7.37 17.98 -0.50
C THR A 40 6.28 18.40 -1.51
N PRO A 41 6.28 19.68 -1.93
CA PRO A 41 5.26 20.20 -2.87
C PRO A 41 5.46 19.82 -4.33
N VAL A 42 5.94 18.61 -4.57
CA VAL A 42 6.17 18.14 -5.94
C VAL A 42 7.12 19.05 -6.69
N PRO A 43 8.26 19.42 -6.07
CA PRO A 43 9.26 20.28 -6.69
C PRO A 43 10.08 19.52 -7.73
N LYS A 44 10.97 18.67 -7.27
CA LYS A 44 11.79 17.85 -8.16
C LYS A 44 10.97 16.68 -8.67
N SER A 45 10.09 16.19 -7.82
CA SER A 45 9.25 15.06 -8.12
C SER A 45 8.73 15.07 -9.55
N ARG A 46 8.50 13.86 -10.09
CA ARG A 46 7.98 13.71 -11.45
C ARG A 46 6.46 13.82 -11.48
N HIS A 47 5.91 14.76 -10.73
CA HIS A 47 4.46 14.99 -10.68
C HIS A 47 3.70 13.87 -9.96
N PHE A 48 3.97 12.62 -10.33
CA PHE A 48 3.26 11.49 -9.72
C PHE A 48 3.39 11.50 -8.20
N VAL A 49 4.63 11.59 -7.71
CA VAL A 49 4.87 11.59 -6.27
C VAL A 49 4.35 12.87 -5.63
N GLU A 50 3.60 12.72 -4.54
CA GLU A 50 3.04 13.85 -3.82
C GLU A 50 4.11 14.53 -2.95
N GLY A 51 4.96 13.72 -2.33
CA GLY A 51 6.00 14.28 -1.48
C GLY A 51 7.18 13.34 -1.28
N VAL A 52 8.17 13.81 -0.51
CA VAL A 52 9.37 13.03 -0.21
C VAL A 52 10.07 13.64 1.00
N ILE A 53 11.10 12.97 1.50
CA ILE A 53 11.85 13.48 2.66
C ILE A 53 13.23 12.86 2.78
N ASN A 54 14.21 13.70 3.11
CA ASN A 54 15.60 13.24 3.28
C ASN A 54 16.02 13.40 4.74
N LEU A 55 16.36 12.29 5.38
CA LEU A 55 16.78 12.32 6.78
C LEU A 55 17.87 11.28 7.05
N ARG A 56 18.90 11.71 7.79
CA ARG A 56 20.02 10.82 8.15
C ARG A 56 20.45 9.96 6.97
N GLY A 57 20.69 10.61 5.84
CA GLY A 57 21.11 9.87 4.65
C GLY A 57 20.10 8.84 4.22
N ARG A 58 18.82 9.21 4.26
CA ARG A 58 17.75 8.30 3.87
C ARG A 58 16.62 9.09 3.20
N ILE A 59 16.34 8.75 1.95
CA ILE A 59 15.30 9.42 1.19
C ILE A 59 14.12 8.48 0.95
N ILE A 60 12.91 9.03 1.04
CA ILE A 60 11.70 8.25 0.82
C ILE A 60 10.65 9.05 0.08
N PRO A 61 10.01 8.45 -0.94
CA PRO A 61 9.00 9.12 -1.73
C PRO A 61 7.58 8.74 -1.32
N VAL A 62 6.84 9.72 -0.81
CA VAL A 62 5.46 9.51 -0.43
C VAL A 62 4.58 9.78 -1.63
N VAL A 63 3.61 8.91 -1.89
CA VAL A 63 2.75 9.07 -3.04
C VAL A 63 1.31 8.67 -2.78
N ASN A 64 0.42 9.26 -3.55
CA ASN A 64 -0.99 8.94 -3.46
C ASN A 64 -1.23 7.58 -4.09
N LEU A 65 -0.70 6.55 -3.44
CA LEU A 65 -0.82 5.19 -3.94
C LEU A 65 -2.28 4.83 -4.20
N ALA A 66 -3.17 5.35 -3.39
CA ALA A 66 -4.58 5.07 -3.58
C ALA A 66 -5.03 5.58 -4.96
N LYS A 67 -4.27 6.54 -5.50
CA LYS A 67 -4.54 7.12 -6.82
C LYS A 67 -3.94 6.24 -7.91
N ILE A 68 -2.66 5.90 -7.74
CA ILE A 68 -1.97 5.04 -8.69
C ILE A 68 -2.78 3.77 -8.85
N LEU A 69 -3.30 3.33 -7.71
CA LEU A 69 -4.15 2.17 -7.64
C LEU A 69 -5.57 2.55 -8.10
N GLY A 70 -6.07 3.68 -7.58
CA GLY A 70 -7.40 4.15 -7.95
C GLY A 70 -8.37 4.18 -6.77
N ILE A 71 -9.12 3.08 -6.59
CA ILE A 71 -10.10 2.97 -5.49
C ILE A 71 -11.02 4.18 -5.36
N SER A 72 -12.12 4.01 -4.62
CA SER A 72 -13.07 5.10 -4.39
C SER A 72 -12.29 6.36 -4.02
N PHE A 73 -11.20 6.16 -3.30
CA PHE A 73 -10.29 7.21 -2.91
C PHE A 73 -10.22 8.36 -3.91
N ASP A 74 -10.09 9.57 -3.39
CA ASP A 74 -10.00 10.78 -4.20
C ASP A 74 -9.71 11.98 -3.32
N GLU A 75 -8.80 11.78 -2.36
CA GLU A 75 -8.42 12.84 -1.43
C GLU A 75 -9.61 13.28 -0.58
N GLN A 76 -10.40 12.30 -0.14
CA GLN A 76 -11.58 12.56 0.66
C GLN A 76 -11.23 13.01 2.09
N LYS A 77 -10.35 12.27 2.75
CA LYS A 77 -9.99 12.61 4.12
C LYS A 77 -8.57 12.16 4.48
N MET A 78 -7.73 11.89 3.47
CA MET A 78 -6.36 11.46 3.71
C MET A 78 -5.65 12.45 4.64
N LYS A 79 -4.74 11.94 5.48
CA LYS A 79 -3.99 12.79 6.40
C LYS A 79 -2.71 12.13 6.86
N SER A 80 -2.81 10.86 7.24
CA SER A 80 -1.65 10.11 7.72
C SER A 80 -0.92 9.43 6.58
N ILE A 81 0.41 9.57 6.60
CA ILE A 81 1.27 9.00 5.57
C ILE A 81 1.71 7.58 5.93
N ILE A 82 1.96 6.76 4.92
CA ILE A 82 2.41 5.38 5.13
C ILE A 82 3.83 5.19 4.59
N VAL A 83 4.53 4.20 5.11
CA VAL A 83 5.88 3.91 4.67
C VAL A 83 6.08 2.42 4.42
N ALA A 84 6.94 2.10 3.46
CA ALA A 84 7.21 0.72 3.08
C ALA A 84 8.62 0.58 2.52
N ARG A 85 9.01 -0.66 2.22
CA ARG A 85 10.33 -0.92 1.64
C ARG A 85 10.20 -1.85 0.46
N THR A 86 10.84 -1.53 -0.64
CA THR A 86 10.79 -2.38 -1.81
C THR A 86 12.13 -2.43 -2.52
N LYS A 87 12.82 -3.52 -2.29
CA LYS A 87 14.13 -3.74 -2.92
C LYS A 87 15.03 -2.52 -2.77
N ASP A 88 15.07 -2.03 -1.53
CA ASP A 88 15.87 -0.86 -1.19
C ASP A 88 15.17 0.44 -1.55
N VAL A 89 13.86 0.38 -1.58
CA VAL A 89 13.04 1.56 -1.85
C VAL A 89 12.06 1.75 -0.71
N GLU A 90 12.26 2.77 0.10
CA GLU A 90 11.32 3.00 1.18
C GLU A 90 10.25 3.89 0.60
N VAL A 91 9.16 3.22 0.22
CA VAL A 91 8.05 3.83 -0.46
C VAL A 91 7.01 4.37 0.51
N GLY A 92 6.22 5.30 0.03
CA GLY A 92 5.19 5.90 0.87
C GLY A 92 3.83 6.01 0.21
N PHE A 93 2.79 5.81 1.02
CA PHE A 93 1.41 5.88 0.55
C PHE A 93 0.59 6.76 1.51
N LEU A 94 -0.13 7.73 0.96
CA LEU A 94 -0.93 8.63 1.79
C LEU A 94 -2.33 8.08 2.03
N VAL A 95 -2.75 8.14 3.29
CA VAL A 95 -4.06 7.67 3.71
C VAL A 95 -4.58 8.52 4.87
N ASP A 96 -5.73 8.15 5.42
CA ASP A 96 -6.33 8.94 6.50
C ASP A 96 -6.28 8.23 7.84
N ARG A 97 -6.86 7.04 7.88
CA ARG A 97 -6.90 6.28 9.11
C ARG A 97 -6.38 4.89 8.87
N VAL A 98 -5.37 4.52 9.62
CA VAL A 98 -4.76 3.23 9.47
C VAL A 98 -4.90 2.39 10.74
N LEU A 99 -5.60 1.29 10.55
CA LEU A 99 -5.91 0.35 11.60
C LEU A 99 -4.66 -0.39 12.06
N GLY A 100 -3.73 -0.55 11.13
CA GLY A 100 -2.50 -1.26 11.43
C GLY A 100 -2.64 -2.75 11.18
N VAL A 101 -2.33 -3.56 12.19
CA VAL A 101 -2.45 -5.01 12.07
C VAL A 101 -3.82 -5.39 11.52
N LEU A 102 -3.85 -6.26 10.52
CA LEU A 102 -5.11 -6.67 9.90
C LEU A 102 -5.16 -8.17 9.68
N ARG A 103 -6.33 -8.74 9.93
CA ARG A 103 -6.53 -10.17 9.75
C ARG A 103 -6.98 -10.47 8.33
N ILE A 104 -6.03 -10.43 7.39
CA ILE A 104 -6.33 -10.70 5.99
C ILE A 104 -6.19 -12.19 5.74
N THR A 105 -6.65 -12.65 4.59
CA THR A 105 -6.56 -14.05 4.24
C THR A 105 -6.00 -14.15 2.85
N GLU A 106 -5.26 -15.21 2.58
CA GLU A 106 -4.66 -15.38 1.30
C GLU A 106 -5.34 -16.43 0.47
N ASN A 107 -6.52 -16.09 0.01
CA ASN A 107 -7.29 -16.95 -0.85
C ASN A 107 -7.27 -16.31 -2.23
N GLN A 108 -6.27 -15.46 -2.43
CA GLN A 108 -6.13 -14.75 -3.70
C GLN A 108 -4.86 -13.92 -3.72
N LEU A 109 -3.74 -14.61 -3.75
CA LEU A 109 -2.43 -13.96 -3.80
C LEU A 109 -1.38 -14.87 -4.46
N ASP A 110 -1.42 -16.15 -4.12
CA ASP A 110 -0.46 -17.10 -4.67
C ASP A 110 -1.01 -18.52 -4.64
N LEU A 111 -0.51 -19.35 -5.54
CA LEU A 111 -0.94 -20.75 -5.65
C LEU A 111 -2.35 -20.84 -6.25
N THR A 112 -3.31 -20.20 -5.59
CA THR A 112 -4.68 -20.22 -6.06
C THR A 112 -4.80 -19.58 -7.45
N ASN A 113 -4.17 -18.43 -7.59
CA ASN A 113 -4.16 -17.70 -8.86
C ASN A 113 -5.56 -17.66 -9.49
N VAL A 114 -6.56 -17.34 -8.68
CA VAL A 114 -7.93 -17.28 -9.16
C VAL A 114 -8.11 -16.21 -10.23
N SER A 115 -7.56 -15.03 -9.97
CA SER A 115 -7.67 -13.92 -10.91
C SER A 115 -6.98 -12.66 -10.38
N ASP A 116 -6.79 -11.68 -11.26
CA ASP A 116 -6.14 -10.43 -10.90
C ASP A 116 -6.79 -9.80 -9.68
N LYS A 117 -8.09 -9.99 -9.54
CA LYS A 117 -8.86 -9.44 -8.42
C LYS A 117 -9.02 -7.93 -8.51
N PHE A 118 -7.91 -7.20 -8.60
CA PHE A 118 -7.98 -5.75 -8.70
C PHE A 118 -7.60 -5.29 -10.10
N GLY A 119 -6.44 -5.75 -10.56
CA GLY A 119 -5.97 -5.39 -11.89
C GLY A 119 -4.49 -5.65 -12.07
N LYS A 120 -3.84 -4.79 -12.85
CA LYS A 120 -2.41 -4.91 -13.11
C LYS A 120 -1.60 -4.20 -12.03
N LYS A 121 -2.10 -3.06 -11.58
CA LYS A 121 -1.43 -2.26 -10.57
C LYS A 121 -1.14 -3.07 -9.30
N SER A 122 -2.03 -4.01 -8.99
CA SER A 122 -1.85 -4.85 -7.81
C SER A 122 -2.48 -6.23 -8.00
N LYS A 123 -2.95 -6.84 -6.91
CA LYS A 123 -3.56 -8.17 -6.98
C LYS A 123 -4.47 -8.47 -5.79
N GLY A 124 -4.24 -7.81 -4.65
CA GLY A 124 -5.05 -8.07 -3.47
C GLY A 124 -6.44 -7.48 -3.55
N LEU A 125 -7.42 -8.28 -3.11
CA LEU A 125 -8.82 -7.86 -3.08
C LEU A 125 -9.57 -8.72 -2.07
N VAL A 126 -9.42 -8.35 -0.80
CA VAL A 126 -10.04 -9.08 0.30
C VAL A 126 -11.43 -8.57 0.61
N LYS A 127 -12.19 -9.38 1.35
CA LYS A 127 -13.56 -9.04 1.74
C LYS A 127 -14.00 -9.95 2.89
N THR A 128 -14.58 -9.35 3.93
CA THR A 128 -15.01 -10.10 5.08
C THR A 128 -16.03 -9.32 5.91
N ASP A 129 -16.81 -10.03 6.72
CA ASP A 129 -17.83 -9.43 7.59
C ASP A 129 -18.63 -8.38 6.84
N GLY A 130 -19.19 -8.76 5.70
CA GLY A 130 -19.98 -7.82 4.92
C GLY A 130 -19.24 -6.53 4.66
N ARG A 131 -17.93 -6.63 4.45
CA ARG A 131 -17.10 -5.47 4.21
C ARG A 131 -15.98 -5.82 3.24
N LEU A 132 -15.86 -5.04 2.17
CA LEU A 132 -14.83 -5.30 1.17
C LEU A 132 -13.54 -4.55 1.53
N ILE A 133 -12.41 -5.17 1.25
CA ILE A 133 -11.11 -4.60 1.55
C ILE A 133 -10.15 -4.69 0.36
N ILE A 134 -9.38 -3.64 0.14
CA ILE A 134 -8.40 -3.61 -0.94
C ILE A 134 -7.10 -4.17 -0.41
N TYR A 135 -6.35 -4.90 -1.23
CA TYR A 135 -5.08 -5.46 -0.76
C TYR A 135 -4.00 -5.35 -1.81
N LEU A 136 -2.81 -4.95 -1.37
CA LEU A 136 -1.67 -4.80 -2.26
C LEU A 136 -0.44 -5.51 -1.76
N ASP A 137 0.37 -5.94 -2.73
CA ASP A 137 1.64 -6.59 -2.44
C ASP A 137 2.76 -5.67 -2.94
N ILE A 138 2.38 -4.39 -3.11
CA ILE A 138 3.26 -3.34 -3.57
C ILE A 138 4.22 -3.78 -4.67
N ASP A 139 3.90 -4.87 -5.39
CA ASP A 139 4.76 -5.38 -6.45
C ASP A 139 4.57 -4.63 -7.77
N LYS A 140 3.36 -4.68 -8.31
CA LYS A 140 3.07 -4.02 -9.58
C LYS A 140 2.94 -2.52 -9.35
N ILE A 141 2.45 -2.17 -8.19
CA ILE A 141 2.28 -0.79 -7.80
C ILE A 141 3.64 -0.11 -7.61
N ILE A 142 4.57 -0.77 -6.92
CA ILE A 142 5.90 -0.20 -6.75
C ILE A 142 6.58 -0.03 -8.11
N GLU A 143 6.50 -1.06 -8.95
CA GLU A 143 7.10 -0.99 -10.28
C GLU A 143 6.67 0.29 -10.96
N GLU A 144 5.38 0.60 -10.84
CA GLU A 144 4.83 1.81 -11.42
C GLU A 144 5.42 3.05 -10.74
N ILE A 145 5.71 2.92 -9.45
CA ILE A 145 6.29 4.02 -8.68
C ILE A 145 7.60 4.48 -9.30
N THR A 146 8.43 3.52 -9.71
CA THR A 146 9.72 3.83 -10.32
C THR A 146 9.58 4.21 -11.79
N VAL A 147 8.86 3.40 -12.56
CA VAL A 147 8.66 3.66 -13.98
C VAL A 147 7.64 4.78 -14.22
N LYS A 148 7.10 5.35 -13.15
CA LYS A 148 6.11 6.41 -13.25
C LYS A 148 6.52 7.45 -14.29
N GLU A 149 7.79 7.87 -14.24
CA GLU A 149 8.30 8.86 -15.18
C GLU A 149 8.41 8.27 -16.57
N GLY A 150 7.95 9.03 -17.57
CA GLY A 150 7.99 8.56 -18.94
C GLY A 150 7.39 9.56 -19.91
N VAL A 151 7.71 10.83 -19.73
CA VAL A 151 7.19 11.89 -20.60
C VAL A 151 7.66 11.68 -22.03
#